data_8K97
#
_entry.id   8K97
#
_cell.length_a   1.00
_cell.length_b   1.00
_cell.length_c   1.00
_cell.angle_alpha   90.00
_cell.angle_beta   90.00
_cell.angle_gamma   90.00
#
_symmetry.space_group_name_H-M   'P 1'
#
loop_
_entity.id
_entity.type
_entity.pdbx_description
1 polymer 'endopeptidase La'
2 non-polymer 'PHOSPHATE ION'
3 non-polymer N-[(1R)-1-(DIHYDROXYBORYL)-3-METHYLBUTYL]-N-(PYRAZIN-2-YLCARBONYL)-L-PHENYLALANINAMIDE
#
_entity_poly.entity_id   1
_entity_poly.type   'polypeptide(L)'
_entity_poly.pdbx_seq_one_letter_code
;MRLSYEALEWRTPIENSTEPVSLPPPPPFFGQERAREALELAIRGGFHAYLVGPPSLGKHEALLAYLSTQSVETPPDLLY
VPLSERKVAVLTLPSGQEIHLAEAVEGLLLEVNRLDELFRQGSFLREKTQLEARFKEAREQQLEALRREAQEAGFALSTN
GERLELTGPGPVPAELSARLEEVTLGSLAASAELEVALRRLRRDWALHYLNNRFEPLFQRFPQARAYLEALRARLARYAE
TGEPLDPAQWRPNLLTSSSSGTPPPIVYEPYATAPRLFGRLDYLVDRGVWSTNVSLIRPGAVHRAQGGYLILDALSLKRE
GTWEAFKRALRNGQVEPVTEPQAPAGLEVEPFPIQMQVILVGTPEAFEGLEEDPAFSELFRIRAEFSPTLPASPENCTAL
GGWLLAQGFQLTQGGLTRLYDEARRMAEQRDRMDARLVEIRALAEEAAVLGGGLLTAESVEQAIAAREHRSFLSEEEFLR
AVQEGVIRLRTTGRAVGEVNSLVVVEAAPYWGRPARLTARAAPGRDHLISIDREAGLGGQIFHKAVLTLAGYLRSRYIEH
GSLPVTISLAFEQNYVSIEGDSAGLAELVAALSAIGNLPLRQDLAVTGAVDQTGKVLAVGAINAKVEGFFRVCKALGLSG
TQGVILPEANLANLTLRAEVLEAVRAGQFHIYAVETAEQALEILAGARMEGFRGLQEKIRAGLEAFARLEEGHDKEDREK
LAAALEHHHHHH
;
_entity_poly.pdbx_strand_id   A,F,E,D,C,B
#
loop_
_chem_comp.id
_chem_comp.type
_chem_comp.name
_chem_comp.formula
BO2 non-polymer N-[(1R)-1-(DIHYDROXYBORYL)-3-METHYLBUTYL]-N-(PYRAZIN-2-YLCARBONYL)-L-PHENYLALANINAMIDE 'C19 H25 B N4 O4'
PO4 non-polymer 'PHOSPHATE ION' 'O4 P -3'
#
# COMPACT_ATOMS: atom_id res chain seq x y z
N MET A 1 -16.54 48.40 30.93
CA MET A 1 -15.93 49.20 31.98
C MET A 1 -14.78 48.45 32.61
N ARG A 2 -13.82 49.17 33.19
CA ARG A 2 -12.65 48.57 33.77
C ARG A 2 -13.02 47.65 34.93
N LEU A 3 -12.42 46.45 34.95
CA LEU A 3 -12.68 45.50 36.02
C LEU A 3 -11.76 45.79 37.19
N SER A 4 -12.33 45.91 38.38
CA SER A 4 -11.54 46.12 39.58
C SER A 4 -10.78 44.85 39.94
N TYR A 5 -9.79 45.01 40.81
CA TYR A 5 -8.99 43.85 41.24
C TYR A 5 -9.85 42.85 41.98
N GLU A 6 -10.74 43.33 42.85
CA GLU A 6 -11.61 42.42 43.59
C GLU A 6 -12.52 41.65 42.65
N ALA A 7 -13.05 42.32 41.62
CA ALA A 7 -13.82 41.64 40.60
C ALA A 7 -12.99 40.67 39.78
N LEU A 8 -11.66 40.79 39.82
CA LEU A 8 -10.77 39.90 39.10
C LEU A 8 -10.06 38.88 39.98
N GLU A 9 -9.99 39.13 41.29
CA GLU A 9 -9.32 38.21 42.20
C GLU A 9 -10.13 36.93 42.32
N TRP A 10 -9.63 35.85 41.74
CA TRP A 10 -10.32 34.58 41.70
C TRP A 10 -9.77 33.56 42.68
N ARG A 11 -8.54 33.75 43.16
CA ARG A 11 -7.91 32.75 44.01
C ARG A 11 -8.60 32.67 45.36
N THR A 12 -8.80 31.44 45.83
CA THR A 12 -9.38 31.24 47.15
C THR A 12 -8.38 31.66 48.22
N PRO A 13 -8.78 32.50 49.17
CA PRO A 13 -7.84 32.94 50.21
C PRO A 13 -7.32 31.77 51.02
N ILE A 14 -6.06 31.88 51.44
CA ILE A 14 -5.40 30.84 52.21
C ILE A 14 -5.51 31.16 53.69
N GLU A 15 -6.05 30.21 54.46
CA GLU A 15 -6.09 30.38 55.90
C GLU A 15 -4.69 30.28 56.52
N ASN A 16 -3.93 29.26 56.12
CA ASN A 16 -2.56 29.11 56.56
C ASN A 16 -1.85 28.14 55.61
N SER A 17 -0.60 28.43 55.30
CA SER A 17 0.21 27.57 54.45
C SER A 17 0.90 26.47 55.23
N THR A 18 0.39 26.11 56.40
CA THR A 18 0.99 25.11 57.27
C THR A 18 -0.14 24.23 57.80
N GLU A 19 0.14 23.44 58.84
CA GLU A 19 -0.83 22.54 59.44
C GLU A 19 -1.32 21.56 58.39
N PRO A 20 -0.50 20.55 58.04
CA PRO A 20 -0.88 19.60 56.98
C PRO A 20 -2.30 19.09 57.09
N VAL A 21 -3.05 19.18 56.00
CA VAL A 21 -4.45 18.78 56.02
C VAL A 21 -4.58 17.28 56.22
N SER A 22 -5.64 16.89 56.90
CA SER A 22 -5.97 15.48 57.12
C SER A 22 -7.40 15.28 56.63
N LEU A 23 -7.54 14.74 55.42
CA LEU A 23 -8.85 14.57 54.82
C LEU A 23 -9.08 13.11 54.46
N PRO A 24 -10.31 12.62 54.61
CA PRO A 24 -10.61 11.24 54.24
C PRO A 24 -10.56 11.06 52.74
N PRO A 25 -10.20 9.87 52.26
CA PRO A 25 -10.20 9.63 50.81
C PRO A 25 -11.58 9.82 50.23
N PRO A 26 -11.70 10.46 49.08
CA PRO A 26 -13.00 10.68 48.47
C PRO A 26 -13.53 9.41 47.84
N PRO A 27 -14.84 9.31 47.62
CA PRO A 27 -15.38 8.14 46.94
C PRO A 27 -14.90 8.12 45.50
N PRO A 28 -14.76 6.93 44.90
CA PRO A 28 -14.38 6.86 43.48
C PRO A 28 -15.40 7.57 42.61
N PHE A 29 -14.90 8.16 41.52
CA PHE A 29 -15.70 8.99 40.62
C PHE A 29 -16.36 10.14 41.38
N PHE A 30 -15.58 10.76 42.26
CA PHE A 30 -16.08 11.94 42.96
C PHE A 30 -16.18 13.10 41.97
N GLY A 31 -17.32 13.78 41.98
CA GLY A 31 -17.62 14.78 40.99
C GLY A 31 -18.01 14.22 39.64
N GLN A 32 -18.00 12.90 39.48
CA GLN A 32 -18.39 12.24 38.24
C GLN A 32 -19.58 11.33 38.53
N GLU A 33 -20.59 11.86 39.21
CA GLU A 33 -21.72 11.05 39.63
C GLU A 33 -22.46 10.45 38.43
N ARG A 34 -22.42 11.13 37.28
CA ARG A 34 -23.05 10.56 36.09
C ARG A 34 -22.38 9.26 35.68
N ALA A 35 -21.05 9.28 35.58
CA ALA A 35 -20.31 8.07 35.25
C ALA A 35 -20.44 7.01 36.34
N ARG A 36 -20.46 7.42 37.61
CA ARG A 36 -20.63 6.46 38.68
C ARG A 36 -21.98 5.76 38.58
N GLU A 37 -23.05 6.52 38.33
CA GLU A 37 -24.37 5.93 38.19
C GLU A 37 -24.44 5.01 36.99
N ALA A 38 -23.88 5.44 35.86
CA ALA A 38 -23.87 4.58 34.68
C ALA A 38 -23.15 3.28 34.95
N LEU A 39 -22.00 3.35 35.61
CA LEU A 39 -21.24 2.14 35.87
C LEU A 39 -21.91 1.27 36.92
N GLU A 40 -22.60 1.87 37.89
CA GLU A 40 -23.37 1.09 38.84
C GLU A 40 -24.48 0.33 38.14
N LEU A 41 -25.17 1.01 37.22
CA LEU A 41 -26.20 0.33 36.43
C LEU A 41 -25.62 -0.81 35.62
N ALA A 42 -24.45 -0.59 35.03
CA ALA A 42 -23.81 -1.64 34.24
C ALA A 42 -23.43 -2.83 35.12
N ILE A 43 -22.90 -2.57 36.32
CA ILE A 43 -22.52 -3.67 37.20
C ILE A 43 -23.75 -4.43 37.66
N ARG A 44 -24.82 -3.73 38.04
CA ARG A 44 -26.02 -4.39 38.52
C ARG A 44 -26.67 -5.22 37.42
N GLY A 45 -26.79 -4.66 36.22
CA GLY A 45 -27.43 -5.33 35.12
C GLY A 45 -26.58 -6.28 34.33
N GLY A 46 -25.28 -6.34 34.62
CA GLY A 46 -24.40 -7.23 33.88
C GLY A 46 -24.19 -6.83 32.45
N PHE A 47 -24.37 -5.55 32.13
CA PHE A 47 -24.19 -5.09 30.76
C PHE A 47 -22.71 -4.88 30.46
N HIS A 48 -22.44 -4.45 29.23
CA HIS A 48 -21.13 -4.00 28.82
C HIS A 48 -21.17 -2.48 28.71
N ALA A 49 -20.32 -1.81 29.47
CA ALA A 49 -20.26 -0.36 29.48
C ALA A 49 -18.97 0.11 28.83
N TYR A 50 -18.91 1.40 28.50
CA TYR A 50 -17.68 1.99 28.00
C TYR A 50 -17.49 3.34 28.65
N LEU A 51 -16.29 3.57 29.19
CA LEU A 51 -15.96 4.81 29.88
C LEU A 51 -15.44 5.82 28.87
N VAL A 52 -16.11 6.96 28.79
CA VAL A 52 -15.73 8.04 27.88
C VAL A 52 -15.30 9.24 28.71
N GLY A 53 -14.14 9.79 28.38
CA GLY A 53 -13.67 10.98 29.03
C GLY A 53 -12.42 11.53 28.36
N PRO A 54 -12.15 12.81 28.58
CA PRO A 54 -10.95 13.43 28.03
C PRO A 54 -9.70 12.70 28.50
N PRO A 55 -8.66 12.67 27.68
CA PRO A 55 -7.49 11.86 28.01
C PRO A 55 -6.81 12.35 29.29
N SER A 56 -6.17 11.41 29.98
CA SER A 56 -5.44 11.69 31.20
C SER A 56 -6.36 12.31 32.26
N LEU A 57 -7.35 11.52 32.68
CA LEU A 57 -8.30 11.96 33.68
C LEU A 57 -8.39 11.00 34.85
N GLY A 58 -7.69 9.87 34.80
CA GLY A 58 -7.76 8.89 35.86
C GLY A 58 -8.88 7.90 35.72
N LYS A 59 -9.44 7.73 34.51
CA LYS A 59 -10.54 6.81 34.31
C LYS A 59 -10.15 5.39 34.67
N HIS A 60 -8.97 4.96 34.24
CA HIS A 60 -8.53 3.60 34.51
C HIS A 60 -8.36 3.35 36.00
N GLU A 61 -7.65 4.23 36.69
CA GLU A 61 -7.39 4.02 38.12
C GLU A 61 -8.68 4.09 38.91
N ALA A 62 -9.54 5.07 38.63
CA ALA A 62 -10.79 5.21 39.36
C ALA A 62 -11.70 4.00 39.11
N LEU A 63 -11.78 3.55 37.86
CA LEU A 63 -12.59 2.40 37.54
C LEU A 63 -12.07 1.13 38.21
N LEU A 64 -10.75 0.95 38.19
CA LEU A 64 -10.17 -0.23 38.84
C LEU A 64 -10.43 -0.21 40.35
N ALA A 65 -10.28 0.95 40.98
CA ALA A 65 -10.55 1.05 42.40
C ALA A 65 -12.02 0.75 42.70
N TYR A 66 -12.92 1.30 41.90
CA TYR A 66 -14.35 1.07 42.14
C TYR A 66 -14.71 -0.40 41.93
N LEU A 67 -14.16 -1.04 40.90
CA LEU A 67 -14.45 -2.45 40.68
C LEU A 67 -13.85 -3.32 41.78
N SER A 68 -12.70 -2.92 42.32
CA SER A 68 -12.18 -3.61 43.49
C SER A 68 -13.12 -3.46 44.68
N THR A 69 -13.76 -2.29 44.80
CA THR A 69 -14.75 -2.11 45.85
C THR A 69 -15.95 -3.05 45.66
N GLN A 70 -16.29 -3.36 44.42
CA GLN A 70 -17.42 -4.23 44.14
C GLN A 70 -17.14 -5.66 44.63
N SER A 71 -18.18 -6.49 44.55
CA SER A 71 -18.07 -7.90 44.93
C SER A 71 -19.02 -8.70 44.06
N VAL A 72 -18.71 -9.98 43.91
CA VAL A 72 -19.49 -10.88 43.06
C VAL A 72 -19.33 -12.29 43.61
N GLU A 73 -20.22 -13.18 43.19
CA GLU A 73 -20.10 -14.59 43.54
C GLU A 73 -18.79 -15.15 43.00
N THR A 74 -18.27 -16.16 43.68
CA THR A 74 -16.97 -16.73 43.31
C THR A 74 -17.04 -17.25 41.88
N PRO A 75 -16.17 -16.80 40.99
CA PRO A 75 -16.22 -17.25 39.60
C PRO A 75 -15.91 -18.73 39.50
N PRO A 76 -16.66 -19.47 38.69
CA PRO A 76 -16.35 -20.90 38.50
C PRO A 76 -15.01 -21.09 37.82
N ASP A 77 -14.31 -22.15 38.23
CA ASP A 77 -13.00 -22.44 37.66
C ASP A 77 -13.14 -22.97 36.24
N LEU A 78 -12.98 -22.09 35.25
CA LEU A 78 -13.08 -22.51 33.86
C LEU A 78 -11.79 -23.22 33.44
N LEU A 79 -11.92 -24.11 32.46
CA LEU A 79 -10.78 -24.89 32.00
C LEU A 79 -11.13 -25.47 30.63
N TYR A 80 -10.10 -25.98 29.96
CA TYR A 80 -10.22 -26.56 28.64
C TYR A 80 -10.31 -28.08 28.74
N VAL A 81 -11.35 -28.65 28.15
CA VAL A 81 -11.53 -30.09 28.07
C VAL A 81 -11.41 -30.51 26.61
N PRO A 82 -10.60 -31.51 26.29
CA PRO A 82 -10.54 -32.02 24.92
C PRO A 82 -11.72 -32.94 24.63
N LEU A 83 -12.65 -32.44 23.82
CA LEU A 83 -13.75 -33.30 23.38
C LEU A 83 -13.22 -34.41 22.47
N SER A 84 -12.10 -34.18 21.81
CA SER A 84 -11.40 -35.19 21.05
C SER A 84 -9.95 -34.77 20.91
N GLU A 85 -9.18 -35.56 20.17
CA GLU A 85 -7.83 -35.16 19.81
C GLU A 85 -7.83 -33.92 18.94
N ARG A 86 -8.98 -33.58 18.36
CA ARG A 86 -9.17 -32.41 17.50
C ARG A 86 -9.97 -31.32 18.17
N LYS A 87 -10.94 -31.67 19.01
CA LYS A 87 -11.96 -30.76 19.51
C LYS A 87 -11.71 -30.46 20.98
N VAL A 88 -11.74 -29.18 21.34
CA VAL A 88 -11.65 -28.75 22.73
C VAL A 88 -12.76 -27.74 23.01
N ALA A 89 -13.21 -27.72 24.26
CA ALA A 89 -14.23 -26.79 24.71
C ALA A 89 -13.86 -26.26 26.08
N VAL A 90 -14.39 -25.09 26.40
CA VAL A 90 -14.12 -24.45 27.69
C VAL A 90 -15.17 -24.94 28.67
N LEU A 91 -14.74 -25.64 29.71
CA LEU A 91 -15.65 -26.19 30.71
C LEU A 91 -15.50 -25.41 32.01
N THR A 92 -16.63 -24.96 32.56
CA THR A 92 -16.66 -24.19 33.80
C THR A 92 -17.17 -25.08 34.92
N LEU A 93 -16.40 -25.17 36.00
CA LEU A 93 -16.72 -26.00 37.15
C LEU A 93 -16.72 -25.16 38.43
N PRO A 94 -17.46 -25.60 39.46
CA PRO A 94 -17.42 -24.88 40.72
C PRO A 94 -16.01 -24.86 41.30
N SER A 95 -15.71 -23.79 42.04
CA SER A 95 -14.37 -23.57 42.54
C SER A 95 -13.91 -24.74 43.42
N GLY A 96 -12.64 -25.09 43.29
CA GLY A 96 -12.06 -26.20 44.02
C GLY A 96 -12.21 -27.55 43.36
N GLN A 97 -13.25 -27.76 42.55
CA GLN A 97 -13.45 -29.04 41.89
C GLN A 97 -12.43 -29.30 40.79
N GLU A 98 -11.67 -28.27 40.38
CA GLU A 98 -10.75 -28.44 39.25
C GLU A 98 -9.65 -29.44 39.57
N ILE A 99 -9.05 -29.34 40.77
CA ILE A 99 -8.00 -30.27 41.14
C ILE A 99 -8.58 -31.67 41.35
N HIS A 100 -9.79 -31.76 41.90
CA HIS A 100 -10.43 -33.06 42.06
C HIS A 100 -10.67 -33.71 40.70
N LEU A 101 -11.16 -32.94 39.74
CA LEU A 101 -11.36 -33.50 38.40
C LEU A 101 -10.04 -33.84 37.73
N ALA A 102 -8.98 -33.07 38.01
CA ALA A 102 -7.68 -33.37 37.44
C ALA A 102 -7.15 -34.71 37.94
N GLU A 103 -7.19 -34.93 39.25
CA GLU A 103 -6.74 -36.21 39.79
C GLU A 103 -7.67 -37.34 39.34
N ALA A 104 -8.97 -37.05 39.22
CA ALA A 104 -9.92 -38.06 38.77
C ALA A 104 -9.62 -38.50 37.34
N VAL A 105 -9.37 -37.55 36.44
CA VAL A 105 -9.07 -37.92 35.07
C VAL A 105 -7.70 -38.56 34.97
N GLU A 106 -6.77 -38.21 35.87
CA GLU A 106 -5.51 -38.94 35.92
C GLU A 106 -5.75 -40.41 36.23
N GLY A 107 -6.57 -40.69 37.23
CA GLY A 107 -6.92 -42.07 37.53
C GLY A 107 -7.65 -42.75 36.39
N LEU A 108 -8.55 -42.01 35.73
CA LEU A 108 -9.31 -42.56 34.62
C LEU A 108 -8.40 -42.90 33.44
N LEU A 109 -7.39 -42.08 33.19
CA LEU A 109 -6.41 -42.40 32.16
C LEU A 109 -5.57 -43.60 32.56
N LEU A 110 -5.19 -43.69 33.83
CA LEU A 110 -4.48 -44.88 34.30
C LEU A 110 -5.35 -46.13 34.26
N GLU A 111 -6.67 -45.97 34.20
CA GLU A 111 -7.59 -47.11 34.10
C GLU A 111 -7.39 -47.94 32.83
N VAL A 112 -6.51 -47.52 31.92
CA VAL A 112 -6.20 -48.36 30.76
C VAL A 112 -5.57 -49.67 31.22
N ASN A 113 -4.79 -49.63 32.30
CA ASN A 113 -4.25 -50.87 32.86
C ASN A 113 -5.37 -51.77 33.37
N ARG A 114 -6.35 -51.19 34.06
CA ARG A 114 -7.51 -51.98 34.50
C ARG A 114 -8.22 -52.59 33.30
N LEU A 115 -8.38 -51.82 32.22
CA LEU A 115 -9.11 -52.31 31.06
C LEU A 115 -8.37 -53.45 30.38
N ASP A 116 -7.08 -53.27 30.09
CA ASP A 116 -6.35 -54.33 29.39
C ASP A 116 -5.98 -55.48 30.30
N GLU A 117 -6.16 -55.34 31.62
CA GLU A 117 -6.07 -56.51 32.50
C GLU A 117 -7.41 -57.24 32.57
N LEU A 118 -8.53 -56.51 32.52
CA LEU A 118 -9.83 -57.15 32.34
C LEU A 118 -9.90 -57.88 31.01
N PHE A 119 -9.12 -57.43 30.04
CA PHE A 119 -9.03 -58.09 28.74
C PHE A 119 -8.21 -59.37 28.76
N ARG A 120 -7.95 -59.93 29.95
CA ARG A 120 -7.43 -61.29 30.06
C ARG A 120 -8.06 -62.05 31.22
N GLN A 121 -9.29 -61.70 31.59
CA GLN A 121 -9.93 -62.28 32.76
C GLN A 121 -10.77 -63.50 32.37
N GLY A 122 -11.44 -64.08 33.36
CA GLY A 122 -12.20 -65.31 33.12
C GLY A 122 -13.36 -65.12 32.17
N SER A 123 -14.16 -64.06 32.38
CA SER A 123 -15.27 -63.80 31.47
C SER A 123 -14.76 -63.42 30.08
N PHE A 124 -13.65 -62.68 30.03
CA PHE A 124 -13.02 -62.36 28.76
C PHE A 124 -12.69 -63.64 28.00
N LEU A 125 -11.99 -64.57 28.65
CA LEU A 125 -11.63 -65.82 28.00
C LEU A 125 -12.86 -66.61 27.59
N ARG A 126 -13.89 -66.63 28.45
CA ARG A 126 -15.08 -67.41 28.14
C ARG A 126 -15.80 -66.88 26.91
N GLU A 127 -16.00 -65.57 26.83
CA GLU A 127 -16.76 -65.03 25.70
C GLU A 127 -15.92 -65.01 24.42
N LYS A 128 -14.62 -64.75 24.54
CA LYS A 128 -13.78 -64.89 23.36
C LYS A 128 -13.76 -66.33 22.87
N THR A 129 -13.77 -67.31 23.78
CA THR A 129 -13.82 -68.70 23.36
C THR A 129 -15.16 -69.07 22.75
N GLN A 130 -16.27 -68.49 23.20
CA GLN A 130 -17.55 -68.83 22.58
C GLN A 130 -17.67 -68.21 21.18
N LEU A 131 -17.21 -66.97 21.02
CA LEU A 131 -17.20 -66.39 19.68
C LEU A 131 -16.24 -67.12 18.75
N GLU A 132 -15.04 -67.42 19.25
CA GLU A 132 -14.09 -68.22 18.49
C GLU A 132 -14.64 -69.61 18.23
N ALA A 133 -15.53 -70.11 19.09
CA ALA A 133 -16.13 -71.42 18.87
C ALA A 133 -17.18 -71.36 17.76
N ARG A 134 -17.92 -70.25 17.66
CA ARG A 134 -18.81 -70.07 16.53
C ARG A 134 -18.02 -70.03 15.22
N PHE A 135 -17.00 -69.18 15.17
CA PHE A 135 -16.18 -69.13 13.96
C PHE A 135 -15.43 -70.44 13.75
N LYS A 136 -15.14 -71.16 14.82
CA LYS A 136 -14.40 -72.42 14.73
C LYS A 136 -15.27 -73.53 14.21
N GLU A 137 -16.55 -73.55 14.60
CA GLU A 137 -17.45 -74.54 14.03
C GLU A 137 -17.75 -74.23 12.57
N ALA A 138 -17.77 -72.95 12.19
CA ALA A 138 -17.83 -72.62 10.77
C ALA A 138 -16.62 -73.17 10.02
N ARG A 139 -15.42 -72.85 10.50
CA ARG A 139 -14.20 -73.37 9.89
C ARG A 139 -14.15 -74.90 9.92
N GLU A 140 -14.66 -75.52 10.98
CA GLU A 140 -14.72 -76.97 11.06
C GLU A 140 -15.62 -77.55 9.99
N GLN A 141 -16.90 -77.15 9.97
CA GLN A 141 -17.80 -77.70 8.96
C GLN A 141 -17.22 -77.51 7.55
N GLN A 142 -16.52 -76.39 7.32
CA GLN A 142 -15.77 -76.26 6.08
C GLN A 142 -14.72 -77.36 5.94
N LEU A 143 -13.94 -77.60 7.00
CA LEU A 143 -12.85 -78.57 6.95
C LEU A 143 -13.37 -79.99 6.70
N GLU A 144 -14.41 -80.39 7.43
CA GLU A 144 -14.99 -81.72 7.25
C GLU A 144 -15.71 -81.87 5.91
N ALA A 145 -16.35 -80.81 5.40
CA ALA A 145 -16.89 -80.89 4.05
C ALA A 145 -15.80 -81.12 3.04
N LEU A 146 -14.68 -80.42 3.17
CA LEU A 146 -13.56 -80.65 2.27
C LEU A 146 -12.94 -82.03 2.49
N ARG A 147 -12.94 -82.51 3.73
CA ARG A 147 -12.42 -83.85 4.03
C ARG A 147 -13.24 -84.92 3.32
N ARG A 148 -14.56 -84.83 3.40
CA ARG A 148 -15.40 -85.81 2.72
C ARG A 148 -15.32 -85.65 1.20
N GLU A 149 -15.14 -84.41 0.73
CA GLU A 149 -14.93 -84.19 -0.70
C GLU A 149 -13.67 -84.89 -1.18
N ALA A 150 -12.59 -84.78 -0.41
CA ALA A 150 -11.34 -85.44 -0.77
C ALA A 150 -11.46 -86.95 -0.65
N GLN A 151 -12.15 -87.43 0.38
CA GLN A 151 -12.32 -88.86 0.60
C GLN A 151 -13.31 -89.50 -0.36
N GLU A 152 -14.05 -88.69 -1.13
CA GLU A 152 -14.87 -89.23 -2.20
C GLU A 152 -14.01 -89.97 -3.22
N ALA A 153 -12.87 -89.40 -3.57
CA ALA A 153 -11.90 -90.04 -4.44
C ALA A 153 -10.82 -90.79 -3.69
N GLY A 154 -10.84 -90.76 -2.35
CA GLY A 154 -9.87 -91.48 -1.55
C GLY A 154 -8.60 -90.71 -1.31
N PHE A 155 -8.72 -89.46 -0.89
CA PHE A 155 -7.58 -88.59 -0.63
C PHE A 155 -7.59 -88.12 0.82
N ALA A 156 -6.42 -88.10 1.44
CA ALA A 156 -6.26 -87.69 2.83
C ALA A 156 -5.84 -86.23 2.90
N LEU A 157 -6.09 -85.62 4.06
CA LEU A 157 -5.82 -84.21 4.29
C LEU A 157 -4.82 -84.03 5.43
N SER A 158 -3.97 -83.02 5.29
CA SER A 158 -3.08 -82.56 6.35
C SER A 158 -2.99 -81.03 6.25
N THR A 159 -3.86 -80.33 6.96
CA THR A 159 -3.81 -78.87 6.97
C THR A 159 -2.92 -78.38 8.11
N ASN A 160 -2.35 -77.20 7.90
CA ASN A 160 -1.43 -76.58 8.87
C ASN A 160 -1.93 -75.21 9.27
N GLY A 161 -3.25 -75.07 9.42
CA GLY A 161 -3.84 -73.80 9.78
C GLY A 161 -4.15 -72.94 8.58
N GLU A 162 -3.30 -71.94 8.32
CA GLU A 162 -3.48 -71.10 7.14
C GLU A 162 -3.32 -71.91 5.86
N ARG A 163 -2.33 -72.80 5.82
CA ARG A 163 -2.10 -73.61 4.63
C ARG A 163 -3.12 -74.74 4.56
N LEU A 164 -3.78 -74.87 3.42
CA LEU A 164 -4.71 -75.95 3.16
C LEU A 164 -4.14 -76.83 2.05
N GLU A 165 -3.99 -78.12 2.35
CA GLU A 165 -3.45 -79.07 1.39
C GLU A 165 -3.94 -80.46 1.74
N LEU A 166 -3.86 -81.36 0.75
CA LEU A 166 -4.31 -82.73 0.93
C LEU A 166 -3.24 -83.67 0.40
N THR A 167 -3.14 -84.85 1.01
CA THR A 167 -2.13 -85.83 0.65
C THR A 167 -2.77 -86.98 -0.12
N GLY A 168 -2.10 -87.43 -1.18
CA GLY A 168 -2.58 -88.52 -1.98
C GLY A 168 -1.92 -88.57 -3.35
N PRO A 169 -1.59 -89.78 -3.81
CA PRO A 169 -0.95 -89.92 -5.12
C PRO A 169 -1.88 -89.56 -6.26
N GLY A 170 -1.29 -89.09 -7.35
CA GLY A 170 -2.03 -88.72 -8.53
C GLY A 170 -2.68 -87.36 -8.40
N PRO A 171 -3.12 -86.79 -9.52
CA PRO A 171 -3.77 -85.48 -9.48
C PRO A 171 -5.17 -85.57 -8.89
N VAL A 172 -5.50 -84.59 -8.06
CA VAL A 172 -6.83 -84.52 -7.44
C VAL A 172 -7.81 -84.00 -8.48
N PRO A 173 -9.10 -84.28 -8.34
CA PRO A 173 -10.09 -83.75 -9.30
C PRO A 173 -10.11 -82.22 -9.29
N ALA A 174 -10.45 -81.66 -10.45
CA ALA A 174 -10.52 -80.20 -10.56
C ALA A 174 -11.55 -79.62 -9.61
N GLU A 175 -12.70 -80.29 -9.47
CA GLU A 175 -13.69 -79.85 -8.50
C GLU A 175 -13.15 -79.91 -7.08
N LEU A 176 -12.28 -80.88 -6.79
CA LEU A 176 -11.67 -80.96 -5.48
C LEU A 176 -10.78 -79.75 -5.20
N SER A 177 -9.97 -79.34 -6.18
CA SER A 177 -9.14 -78.15 -6.00
C SER A 177 -9.99 -76.89 -5.90
N ALA A 178 -11.07 -76.82 -6.68
CA ALA A 178 -11.98 -75.67 -6.59
C ALA A 178 -12.59 -75.57 -5.20
N ARG A 179 -13.03 -76.71 -4.65
CA ARG A 179 -13.55 -76.72 -3.29
C ARG A 179 -12.47 -76.37 -2.27
N LEU A 180 -11.24 -76.82 -2.49
CA LEU A 180 -10.13 -76.46 -1.61
C LEU A 180 -9.96 -74.95 -1.55
N GLU A 181 -9.89 -74.29 -2.72
CA GLU A 181 -9.74 -72.85 -2.76
C GLU A 181 -10.96 -72.11 -2.21
N GLU A 182 -12.18 -72.61 -2.48
CA GLU A 182 -13.37 -71.98 -1.92
C GLU A 182 -13.35 -72.04 -0.40
N VAL A 183 -12.99 -73.19 0.17
CA VAL A 183 -12.91 -73.34 1.61
C VAL A 183 -11.82 -72.45 2.18
N THR A 184 -10.68 -72.34 1.49
CA THR A 184 -9.62 -71.46 1.95
C THR A 184 -10.08 -70.01 2.00
N LEU A 185 -10.73 -69.55 0.93
CA LEU A 185 -11.22 -68.18 0.89
C LEU A 185 -12.26 -67.93 1.98
N GLY A 186 -13.17 -68.88 2.17
CA GLY A 186 -14.16 -68.74 3.23
C GLY A 186 -13.54 -68.71 4.62
N SER A 187 -12.53 -69.55 4.84
CA SER A 187 -11.87 -69.59 6.14
C SER A 187 -11.15 -68.27 6.42
N LEU A 188 -10.41 -67.75 5.45
CA LEU A 188 -9.75 -66.46 5.67
C LEU A 188 -10.75 -65.32 5.85
N ALA A 189 -11.84 -65.32 5.08
CA ALA A 189 -12.86 -64.30 5.30
C ALA A 189 -13.42 -64.38 6.71
N ALA A 190 -13.91 -65.56 7.11
CA ALA A 190 -14.48 -65.73 8.44
C ALA A 190 -13.46 -65.36 9.51
N SER A 191 -12.17 -65.59 9.26
CA SER A 191 -11.14 -65.09 10.16
C SER A 191 -11.20 -63.58 10.26
N ALA A 192 -11.28 -62.89 9.12
CA ALA A 192 -11.33 -61.44 9.14
C ALA A 192 -12.53 -60.93 9.95
N GLU A 193 -13.71 -61.49 9.68
CA GLU A 193 -14.86 -61.08 10.49
C GLU A 193 -14.72 -61.50 11.95
N LEU A 194 -13.92 -62.52 12.27
CA LEU A 194 -13.79 -62.82 13.69
C LEU A 194 -12.90 -61.79 14.39
N GLU A 195 -11.84 -61.31 13.73
CA GLU A 195 -11.12 -60.19 14.35
C GLU A 195 -12.02 -58.96 14.47
N VAL A 196 -12.83 -58.68 13.44
CA VAL A 196 -13.72 -57.53 13.51
C VAL A 196 -14.70 -57.67 14.68
N ALA A 197 -15.28 -58.87 14.83
CA ALA A 197 -16.24 -59.11 15.90
C ALA A 197 -15.60 -59.04 17.28
N LEU A 198 -14.39 -59.58 17.44
CA LEU A 198 -13.74 -59.50 18.74
C LEU A 198 -13.35 -58.06 19.07
N ARG A 199 -12.96 -57.28 18.06
CA ARG A 199 -12.71 -55.86 18.29
C ARG A 199 -13.97 -55.15 18.77
N ARG A 200 -15.10 -55.40 18.10
CA ARG A 200 -16.35 -54.77 18.49
C ARG A 200 -16.77 -55.21 19.90
N LEU A 201 -16.57 -56.49 20.23
CA LEU A 201 -16.92 -57.00 21.54
C LEU A 201 -16.06 -56.39 22.64
N ARG A 202 -14.76 -56.25 22.36
CA ARG A 202 -13.87 -55.56 23.30
C ARG A 202 -14.29 -54.11 23.49
N ARG A 203 -14.72 -53.45 22.41
CA ARG A 203 -15.25 -52.10 22.53
C ARG A 203 -16.50 -52.08 23.42
N ASP A 204 -17.38 -53.06 23.26
CA ASP A 204 -18.59 -53.11 24.08
C ASP A 204 -18.25 -53.28 25.55
N TRP A 205 -17.31 -54.17 25.87
CA TRP A 205 -16.90 -54.33 27.26
C TRP A 205 -16.19 -53.10 27.80
N ALA A 206 -15.41 -52.42 26.96
CA ALA A 206 -14.84 -51.15 27.39
C ALA A 206 -15.95 -50.16 27.74
N LEU A 207 -16.98 -50.11 26.90
CA LEU A 207 -18.12 -49.24 27.18
C LEU A 207 -18.76 -49.59 28.51
N HIS A 208 -18.99 -50.88 28.76
CA HIS A 208 -19.64 -51.31 30.00
C HIS A 208 -18.80 -50.98 31.23
N TYR A 209 -17.53 -51.41 31.21
CA TYR A 209 -16.67 -51.20 32.37
C TYR A 209 -16.43 -49.73 32.64
N LEU A 210 -16.26 -48.92 31.58
CA LEU A 210 -16.04 -47.50 31.78
C LEU A 210 -17.32 -46.77 32.14
N ASN A 211 -18.49 -47.29 31.74
CA ASN A 211 -19.73 -46.77 32.31
C ASN A 211 -19.77 -47.00 33.81
N ASN A 212 -19.38 -48.20 34.24
CA ASN A 212 -19.34 -48.50 35.67
C ASN A 212 -18.37 -47.57 36.40
N ARG A 213 -17.20 -47.32 35.79
CA ARG A 213 -16.19 -46.48 36.43
C ARG A 213 -16.45 -44.99 36.26
N PHE A 214 -17.37 -44.61 35.38
CA PHE A 214 -17.62 -43.21 35.07
C PHE A 214 -18.89 -42.67 35.69
N GLU A 215 -19.87 -43.53 35.99
CA GLU A 215 -21.09 -43.04 36.64
C GLU A 215 -20.81 -42.32 37.95
N PRO A 216 -19.95 -42.80 38.84
CA PRO A 216 -19.53 -41.95 39.97
C PRO A 216 -18.88 -40.65 39.52
N LEU A 217 -18.10 -40.71 38.44
CA LEU A 217 -17.53 -39.47 37.88
C LEU A 217 -18.62 -38.60 37.27
N PHE A 218 -19.64 -39.21 36.66
CA PHE A 218 -20.74 -38.44 36.10
C PHE A 218 -21.50 -37.68 37.19
N GLN A 219 -21.78 -38.34 38.31
CA GLN A 219 -22.50 -37.68 39.38
C GLN A 219 -21.61 -36.70 40.15
N ARG A 220 -20.30 -36.97 40.20
CA ARG A 220 -19.40 -36.07 40.90
C ARG A 220 -19.23 -34.75 40.17
N PHE A 221 -19.29 -34.77 38.84
CA PHE A 221 -19.12 -33.58 38.02
C PHE A 221 -20.30 -33.51 37.05
N PRO A 222 -21.46 -33.04 37.51
CA PRO A 222 -22.66 -33.12 36.67
C PRO A 222 -22.56 -32.37 35.35
N GLN A 223 -21.87 -31.23 35.31
CA GLN A 223 -21.80 -30.44 34.10
C GLN A 223 -20.56 -30.75 33.26
N ALA A 224 -19.73 -31.70 33.69
CA ALA A 224 -18.63 -32.19 32.88
C ALA A 224 -19.01 -33.41 32.06
N ARG A 225 -20.30 -33.56 31.75
CA ARG A 225 -20.79 -34.78 31.12
C ARG A 225 -20.14 -34.99 29.75
N ALA A 226 -20.03 -33.93 28.96
CA ALA A 226 -19.52 -34.07 27.60
C ALA A 226 -18.08 -34.55 27.58
N TYR A 227 -17.23 -33.95 28.42
CA TYR A 227 -15.83 -34.36 28.45
C TYR A 227 -15.67 -35.79 28.94
N LEU A 228 -16.43 -36.17 29.97
CA LEU A 228 -16.34 -37.53 30.49
C LEU A 228 -16.81 -38.55 29.47
N GLU A 229 -17.91 -38.28 28.78
CA GLU A 229 -18.37 -39.24 27.77
C GLU A 229 -17.43 -39.29 26.59
N ALA A 230 -16.80 -38.17 26.22
CA ALA A 230 -15.80 -38.20 25.17
C ALA A 230 -14.59 -39.03 25.58
N LEU A 231 -14.15 -38.90 26.84
CA LEU A 231 -13.05 -39.71 27.33
C LEU A 231 -13.42 -41.19 27.33
N ARG A 232 -14.66 -41.51 27.71
CA ARG A 232 -15.11 -42.89 27.69
C ARG A 232 -15.12 -43.45 26.27
N ALA A 233 -15.58 -42.65 25.30
CA ALA A 233 -15.55 -43.08 23.91
C ALA A 233 -14.11 -43.28 23.43
N ARG A 234 -13.20 -42.40 23.85
CA ARG A 234 -11.79 -42.55 23.47
C ARG A 234 -11.21 -43.83 24.07
N LEU A 235 -11.57 -44.15 25.31
CA LEU A 235 -11.11 -45.40 25.91
C LEU A 235 -11.69 -46.61 25.19
N ALA A 236 -12.95 -46.51 24.76
CA ALA A 236 -13.54 -47.59 23.97
C ALA A 236 -12.80 -47.78 22.65
N ARG A 237 -12.42 -46.68 22.00
CA ARG A 237 -11.61 -46.77 20.79
C ARG A 237 -10.24 -47.39 21.08
N TYR A 238 -9.63 -46.99 22.20
CA TYR A 238 -8.39 -47.62 22.64
C TYR A 238 -8.54 -49.14 22.75
N ALA A 239 -9.65 -49.57 23.34
CA ALA A 239 -9.87 -51.01 23.51
C ALA A 239 -10.07 -51.71 22.17
N GLU A 240 -10.94 -51.15 21.31
CA GLU A 240 -11.29 -51.85 20.09
C GLU A 240 -10.15 -51.87 19.09
N THR A 241 -9.41 -50.76 18.97
CA THR A 241 -8.42 -50.62 17.92
C THR A 241 -6.99 -50.80 18.42
N GLY A 242 -6.74 -50.58 19.71
CA GLY A 242 -5.37 -50.49 20.18
C GLY A 242 -4.71 -49.16 19.89
N GLU A 243 -5.49 -48.15 19.51
CA GLU A 243 -4.98 -46.82 19.22
C GLU A 243 -4.28 -46.24 20.44
N PRO A 244 -3.04 -45.77 20.32
CA PRO A 244 -2.35 -45.23 21.49
C PRO A 244 -3.06 -44.00 22.06
N LEU A 245 -3.01 -43.88 23.39
CA LEU A 245 -3.66 -42.80 24.10
C LEU A 245 -2.61 -42.02 24.88
N ASP A 246 -2.66 -40.70 24.77
CA ASP A 246 -1.69 -39.87 25.47
C ASP A 246 -2.39 -39.00 26.51
N PRO A 247 -1.88 -38.98 27.75
CA PRO A 247 -2.48 -38.13 28.77
C PRO A 247 -2.30 -36.65 28.48
N ALA A 248 -1.22 -36.32 27.77
CA ALA A 248 -0.93 -34.93 27.46
C ALA A 248 -2.00 -34.30 26.56
N GLN A 249 -2.78 -35.12 25.85
CA GLN A 249 -3.85 -34.63 25.01
C GLN A 249 -5.21 -34.82 25.64
N TRP A 250 -5.30 -35.46 26.81
CA TRP A 250 -6.57 -35.70 27.47
C TRP A 250 -6.54 -35.25 28.93
N ARG A 251 -5.64 -34.33 29.26
CA ARG A 251 -5.57 -33.73 30.59
C ARG A 251 -6.14 -32.32 30.50
N PRO A 252 -7.22 -32.02 31.22
CA PRO A 252 -7.79 -30.66 31.15
C PRO A 252 -6.76 -29.61 31.57
N ASN A 253 -6.78 -28.49 30.85
CA ASN A 253 -5.81 -27.43 31.07
C ASN A 253 -6.39 -26.40 32.04
N LEU A 254 -5.67 -26.13 33.12
CA LEU A 254 -6.13 -25.20 34.14
C LEU A 254 -6.01 -23.78 33.60
N LEU A 255 -7.15 -23.15 33.33
CA LEU A 255 -7.14 -21.78 32.82
C LEU A 255 -7.01 -20.77 33.95
N THR A 256 -7.99 -20.74 34.86
CA THR A 256 -8.01 -19.77 35.94
C THR A 256 -8.64 -20.42 37.16
N SER A 257 -8.02 -20.22 38.32
CA SER A 257 -8.55 -20.74 39.57
C SER A 257 -9.48 -19.71 40.21
N SER A 258 -9.91 -19.98 41.43
CA SER A 258 -10.83 -19.08 42.12
C SER A 258 -10.13 -17.78 42.50
N SER A 259 -10.91 -16.70 42.50
CA SER A 259 -10.46 -15.40 42.97
C SER A 259 -11.10 -15.02 44.31
N SER A 260 -11.62 -16.01 45.03
CA SER A 260 -12.28 -15.84 46.32
C SER A 260 -13.52 -14.95 46.24
N GLY A 261 -14.01 -14.67 45.04
CA GLY A 261 -15.21 -13.86 44.89
C GLY A 261 -14.99 -12.38 45.05
N THR A 262 -14.42 -11.97 46.19
CA THR A 262 -14.17 -10.57 46.48
C THR A 262 -12.68 -10.39 46.70
N PRO A 263 -12.01 -9.51 45.94
CA PRO A 263 -12.59 -8.69 44.88
C PRO A 263 -12.90 -9.49 43.62
N PRO A 264 -13.80 -9.00 42.78
CA PRO A 264 -14.11 -9.70 41.54
C PRO A 264 -12.88 -9.78 40.66
N PRO A 265 -12.76 -10.83 39.86
CA PRO A 265 -11.58 -10.95 38.99
C PRO A 265 -11.57 -9.88 37.92
N ILE A 266 -10.67 -8.91 38.08
CA ILE A 266 -10.52 -7.81 37.13
C ILE A 266 -9.22 -8.00 36.39
N VAL A 267 -9.29 -7.95 35.06
CA VAL A 267 -8.08 -8.01 34.25
C VAL A 267 -8.07 -6.85 33.25
N TYR A 268 -7.24 -5.86 33.52
CA TYR A 268 -7.02 -4.76 32.61
C TYR A 268 -5.95 -5.16 31.61
N GLU A 269 -6.25 -5.04 30.33
CA GLU A 269 -5.34 -5.43 29.25
C GLU A 269 -5.15 -4.24 28.32
N PRO A 270 -4.25 -3.33 28.65
CA PRO A 270 -4.01 -2.19 27.75
C PRO A 270 -3.44 -2.59 26.40
N TYR A 271 -2.79 -3.75 26.31
CA TYR A 271 -2.28 -4.26 25.05
C TYR A 271 -3.31 -5.24 24.47
N ALA A 272 -4.44 -4.66 24.05
CA ALA A 272 -5.53 -5.47 23.52
C ALA A 272 -5.17 -6.02 22.16
N THR A 273 -4.61 -7.22 22.14
CA THR A 273 -4.26 -7.91 20.92
C THR A 273 -4.78 -9.33 20.99
N ALA A 274 -5.03 -9.92 19.82
CA ALA A 274 -5.63 -11.25 19.76
C ALA A 274 -4.89 -12.30 20.57
N PRO A 275 -3.56 -12.43 20.48
CA PRO A 275 -2.88 -13.44 21.32
C PRO A 275 -3.05 -13.21 22.80
N ARG A 276 -3.13 -11.96 23.25
CA ARG A 276 -3.31 -11.67 24.67
C ARG A 276 -4.77 -11.58 25.06
N LEU A 277 -5.66 -11.24 24.12
CA LEU A 277 -7.08 -11.20 24.42
C LEU A 277 -7.66 -12.61 24.50
N PHE A 278 -7.57 -13.35 23.40
CA PHE A 278 -8.20 -14.66 23.30
C PHE A 278 -7.26 -15.80 23.66
N GLY A 279 -6.05 -15.51 24.11
CA GLY A 279 -5.09 -16.53 24.46
C GLY A 279 -4.29 -17.02 23.27
N ARG A 280 -3.40 -17.95 23.54
CA ARG A 280 -2.51 -18.50 22.54
C ARG A 280 -2.47 -20.01 22.62
N LEU A 281 -2.28 -20.64 21.46
CA LEU A 281 -2.06 -22.08 21.36
C LEU A 281 -0.59 -22.32 21.08
N ASP A 282 0.10 -22.92 22.03
CA ASP A 282 1.52 -23.19 21.87
C ASP A 282 1.73 -24.42 21.00
N TYR A 283 2.99 -24.65 20.64
CA TYR A 283 3.36 -25.71 19.71
C TYR A 283 4.72 -26.27 20.10
N LEU A 284 4.73 -27.38 20.84
CA LEU A 284 5.96 -28.06 21.18
C LEU A 284 6.34 -28.99 20.04
N VAL A 285 7.58 -28.88 19.57
CA VAL A 285 8.05 -29.66 18.42
C VAL A 285 8.75 -30.90 19.00
N ASP A 286 7.97 -31.93 19.29
CA ASP A 286 8.51 -33.19 19.78
C ASP A 286 8.74 -34.15 18.61
N ARG A 287 9.92 -34.78 18.61
CA ARG A 287 10.30 -35.73 17.57
C ARG A 287 10.32 -35.09 16.18
N GLY A 288 10.27 -33.75 16.13
CA GLY A 288 10.29 -33.02 14.87
C GLY A 288 8.94 -32.59 14.35
N VAL A 289 7.84 -33.01 14.98
CA VAL A 289 6.50 -32.63 14.56
C VAL A 289 5.97 -31.55 15.49
N TRP A 290 5.33 -30.53 14.92
CA TRP A 290 4.69 -29.51 15.72
C TRP A 290 3.41 -30.07 16.32
N SER A 291 3.56 -31.00 17.27
CA SER A 291 2.42 -31.69 17.85
C SER A 291 1.86 -30.86 19.00
N THR A 292 0.59 -30.52 18.92
CA THR A 292 -0.11 -29.75 19.94
C THR A 292 -1.17 -30.61 20.59
N ASN A 293 -1.72 -30.10 21.69
CA ASN A 293 -2.73 -30.83 22.46
C ASN A 293 -3.54 -29.81 23.25
N VAL A 294 -4.39 -30.32 24.14
CA VAL A 294 -5.20 -29.44 24.98
C VAL A 294 -4.36 -28.78 26.06
N SER A 295 -3.15 -29.29 26.33
CA SER A 295 -2.32 -28.76 27.40
C SER A 295 -1.49 -27.56 26.98
N LEU A 296 -1.56 -27.13 25.71
CA LEU A 296 -0.73 -26.04 25.21
C LEU A 296 -1.55 -24.82 24.81
N ILE A 297 -2.66 -24.56 25.49
CA ILE A 297 -3.44 -23.35 25.26
C ILE A 297 -3.22 -22.43 26.46
N ARG A 298 -2.84 -21.19 26.19
CA ARG A 298 -2.59 -20.24 27.25
C ARG A 298 -3.79 -19.33 27.39
N PRO A 299 -4.33 -19.14 28.60
CA PRO A 299 -5.49 -18.26 28.76
C PRO A 299 -5.16 -16.82 28.38
N GLY A 300 -6.12 -16.16 27.75
CA GLY A 300 -6.00 -14.75 27.45
C GLY A 300 -6.70 -13.89 28.49
N ALA A 301 -6.86 -12.62 28.16
CA ALA A 301 -7.57 -11.71 29.06
C ALA A 301 -9.01 -12.15 29.24
N VAL A 302 -9.66 -12.60 28.16
CA VAL A 302 -11.05 -13.02 28.22
C VAL A 302 -11.21 -14.22 29.14
N HIS A 303 -10.29 -15.18 29.08
CA HIS A 303 -10.40 -16.38 29.90
C HIS A 303 -10.32 -16.09 31.39
N ARG A 304 -9.44 -15.19 31.81
CA ARG A 304 -9.32 -14.84 33.21
C ARG A 304 -10.23 -13.69 33.61
N ALA A 305 -11.01 -13.15 32.66
CA ALA A 305 -12.04 -12.18 32.98
C ALA A 305 -13.37 -12.82 33.33
N GLN A 306 -13.48 -14.15 33.24
CA GLN A 306 -14.75 -14.83 33.45
C GLN A 306 -15.24 -14.62 34.88
N GLY A 307 -16.52 -14.28 35.01
CA GLY A 307 -17.11 -13.97 36.29
C GLY A 307 -16.81 -12.59 36.81
N GLY A 308 -15.94 -11.83 36.15
CA GLY A 308 -15.58 -10.52 36.61
C GLY A 308 -15.72 -9.46 35.54
N TYR A 309 -14.67 -8.68 35.34
CA TYR A 309 -14.70 -7.58 34.39
C TYR A 309 -13.42 -7.58 33.56
N LEU A 310 -13.53 -7.18 32.30
CA LEU A 310 -12.40 -7.08 31.40
C LEU A 310 -12.29 -5.63 30.95
N ILE A 311 -11.25 -4.95 31.40
CA ILE A 311 -11.04 -3.55 31.06
C ILE A 311 -10.16 -3.47 29.83
N LEU A 312 -10.63 -2.75 28.81
CA LEU A 312 -9.90 -2.60 27.57
C LEU A 312 -9.92 -1.14 27.15
N ASP A 313 -8.95 -0.77 26.31
CA ASP A 313 -8.83 0.59 25.81
C ASP A 313 -9.30 0.64 24.36
N ALA A 314 -10.03 1.69 24.01
CA ALA A 314 -10.54 1.83 22.65
C ALA A 314 -9.40 1.95 21.65
N LEU A 315 -8.33 2.65 22.02
CA LEU A 315 -7.18 2.75 21.13
C LEU A 315 -6.60 1.39 20.82
N SER A 316 -6.41 0.55 21.85
CA SER A 316 -5.79 -0.74 21.63
C SER A 316 -6.69 -1.69 20.85
N LEU A 317 -7.96 -1.35 20.66
CA LEU A 317 -8.84 -2.15 19.83
C LEU A 317 -8.90 -1.63 18.39
N LYS A 318 -9.17 -0.33 18.22
CA LYS A 318 -9.27 0.20 16.87
C LYS A 318 -7.92 0.37 16.20
N ARG A 319 -6.83 0.25 16.95
CA ARG A 319 -5.48 0.37 16.40
C ARG A 319 -4.90 -0.98 16.01
N GLU A 320 -5.07 -1.99 16.85
CA GLU A 320 -4.49 -3.30 16.62
C GLU A 320 -5.40 -4.21 15.81
N GLY A 321 -6.55 -3.72 15.38
CA GLY A 321 -7.38 -4.45 14.44
C GLY A 321 -8.10 -5.65 15.02
N THR A 322 -8.05 -5.80 16.34
CA THR A 322 -8.71 -6.91 17.02
C THR A 322 -10.14 -6.58 17.44
N TRP A 323 -10.68 -5.45 16.97
CA TRP A 323 -12.04 -5.08 17.35
C TRP A 323 -13.06 -6.04 16.77
N GLU A 324 -12.89 -6.43 15.50
CA GLU A 324 -13.85 -7.34 14.88
C GLU A 324 -13.83 -8.70 15.55
N ALA A 325 -12.64 -9.24 15.81
CA ALA A 325 -12.53 -10.52 16.50
C ALA A 325 -13.10 -10.43 17.90
N PHE A 326 -12.87 -9.31 18.58
CA PHE A 326 -13.41 -9.13 19.93
C PHE A 326 -14.93 -9.10 19.91
N LYS A 327 -15.52 -8.36 18.98
CA LYS A 327 -16.97 -8.27 18.96
C LYS A 327 -17.61 -9.56 18.48
N ARG A 328 -16.91 -10.36 17.67
CA ARG A 328 -17.40 -11.70 17.37
C ARG A 328 -17.28 -12.64 18.54
N ALA A 329 -16.25 -12.49 19.37
CA ALA A 329 -16.16 -13.27 20.60
C ALA A 329 -17.22 -12.86 21.60
N LEU A 330 -17.66 -11.61 21.55
CA LEU A 330 -18.72 -11.14 22.43
C LEU A 330 -20.08 -11.62 21.96
N ARG A 331 -20.44 -11.29 20.72
CA ARG A 331 -21.78 -11.62 20.23
C ARG A 331 -21.97 -13.12 20.11
N ASN A 332 -21.03 -13.81 19.46
CA ASN A 332 -21.18 -15.22 19.13
C ASN A 332 -20.44 -16.14 20.08
N GLY A 333 -19.81 -15.59 21.11
CA GLY A 333 -19.03 -16.43 22.02
C GLY A 333 -17.88 -17.14 21.33
N GLN A 334 -17.26 -16.51 20.35
CA GLN A 334 -16.24 -17.15 19.52
C GLN A 334 -14.87 -16.69 19.99
N VAL A 335 -14.37 -17.33 21.05
CA VAL A 335 -13.02 -17.09 21.54
C VAL A 335 -12.11 -18.18 20.99
N GLU A 336 -11.20 -17.79 20.11
CA GLU A 336 -10.32 -18.72 19.43
C GLU A 336 -8.87 -18.42 19.79
N PRO A 337 -8.20 -19.27 20.56
CA PRO A 337 -6.77 -19.08 20.80
C PRO A 337 -5.99 -19.02 19.50
N VAL A 338 -5.38 -17.87 19.21
CA VAL A 338 -4.79 -17.65 17.89
C VAL A 338 -3.55 -18.52 17.73
N THR A 339 -3.27 -18.87 16.48
CA THR A 339 -2.10 -19.67 16.12
C THR A 339 -1.38 -19.00 14.95
N GLU A 340 -0.08 -19.24 14.87
CA GLU A 340 0.69 -18.75 13.74
C GLU A 340 0.25 -19.46 12.45
N PRO A 341 0.35 -18.78 11.31
CA PRO A 341 -0.08 -19.41 10.05
C PRO A 341 0.73 -20.65 9.69
N GLN A 342 1.94 -20.80 10.22
CA GLN A 342 2.76 -21.97 9.95
C GLN A 342 2.20 -23.23 10.59
N ALA A 343 1.22 -23.10 11.47
CA ALA A 343 0.73 -24.23 12.25
C ALA A 343 0.26 -25.35 11.33
N PRO A 344 0.72 -26.58 11.55
CA PRO A 344 0.27 -27.69 10.70
C PRO A 344 -1.15 -28.13 11.01
N ALA A 345 -1.58 -27.87 12.24
CA ALA A 345 -2.93 -28.21 12.67
C ALA A 345 -3.33 -27.24 13.79
N GLY A 346 -4.61 -27.30 14.16
CA GLY A 346 -5.11 -26.46 15.22
C GLY A 346 -6.29 -27.08 15.93
N LEU A 347 -6.35 -26.93 17.26
CA LEU A 347 -7.47 -27.47 18.02
C LEU A 347 -8.76 -26.75 17.63
N GLU A 348 -9.83 -27.51 17.49
CA GLU A 348 -11.15 -26.95 17.19
C GLU A 348 -11.79 -26.54 18.52
N VAL A 349 -11.65 -25.26 18.84
CA VAL A 349 -12.16 -24.73 20.10
C VAL A 349 -13.64 -24.40 19.93
N GLU A 350 -14.49 -25.08 20.70
CA GLU A 350 -15.94 -24.93 20.67
C GLU A 350 -16.34 -23.57 21.23
N PRO A 351 -17.30 -22.89 20.61
CA PRO A 351 -17.68 -21.54 21.05
C PRO A 351 -18.11 -21.52 22.52
N PHE A 352 -17.62 -20.51 23.24
CA PHE A 352 -17.84 -20.40 24.67
C PHE A 352 -18.73 -19.21 25.02
N PRO A 353 -19.85 -19.43 25.68
CA PRO A 353 -20.66 -18.32 26.17
C PRO A 353 -19.86 -17.46 27.12
N ILE A 354 -20.04 -16.15 27.01
CA ILE A 354 -19.19 -15.17 27.69
C ILE A 354 -19.90 -14.68 28.94
N GLN A 355 -19.23 -14.84 30.08
CA GLN A 355 -19.78 -14.41 31.37
C GLN A 355 -19.19 -13.11 31.87
N MET A 356 -18.11 -12.63 31.26
CA MET A 356 -17.47 -11.41 31.71
C MET A 356 -18.27 -10.18 31.28
N GLN A 357 -17.97 -9.06 31.93
CA GLN A 357 -18.53 -7.76 31.57
C GLN A 357 -17.38 -6.86 31.16
N VAL A 358 -17.23 -6.63 29.87
CA VAL A 358 -16.15 -5.80 29.37
C VAL A 358 -16.52 -4.34 29.53
N ILE A 359 -15.54 -3.53 29.92
CA ILE A 359 -15.73 -2.10 30.15
C ILE A 359 -14.64 -1.39 29.36
N LEU A 360 -14.99 -0.90 28.17
CA LEU A 360 -14.04 -0.15 27.37
C LEU A 360 -13.77 1.21 28.00
N VAL A 361 -12.54 1.67 27.87
CA VAL A 361 -12.14 3.00 28.34
C VAL A 361 -11.45 3.71 27.19
N GLY A 362 -11.80 4.98 26.99
CA GLY A 362 -11.15 5.74 25.94
C GLY A 362 -11.71 7.14 25.86
N THR A 363 -11.04 7.96 25.07
CA THR A 363 -11.46 9.32 24.82
C THR A 363 -12.66 9.35 23.89
N PRO A 364 -13.40 10.46 23.87
CA PRO A 364 -14.50 10.58 22.90
C PRO A 364 -14.05 10.38 21.46
N GLU A 365 -12.86 10.86 21.12
CA GLU A 365 -12.32 10.62 19.79
C GLU A 365 -11.99 9.15 19.58
N ALA A 366 -11.62 8.45 20.66
CA ALA A 366 -11.34 7.02 20.56
C ALA A 366 -12.57 6.18 20.29
N PHE A 367 -13.76 6.70 20.60
CA PHE A 367 -14.99 5.96 20.43
C PHE A 367 -15.83 6.42 19.26
N GLU A 368 -15.74 7.70 18.87
CA GLU A 368 -16.43 8.14 17.67
C GLU A 368 -15.93 7.42 16.43
N GLY A 369 -14.68 6.96 16.44
CA GLY A 369 -14.18 6.07 15.41
C GLY A 369 -14.55 4.63 15.60
N LEU A 370 -15.27 4.31 16.67
CA LEU A 370 -15.75 2.96 16.94
C LEU A 370 -17.26 2.91 17.12
N GLU A 371 -17.92 4.06 17.26
CA GLU A 371 -19.37 4.12 17.36
C GLU A 371 -20.06 3.88 16.03
N GLU A 372 -19.34 3.98 14.91
CA GLU A 372 -19.94 3.80 13.60
C GLU A 372 -20.33 2.36 13.33
N ASP A 373 -19.88 1.42 14.16
CA ASP A 373 -20.24 0.01 14.02
C ASP A 373 -21.49 -0.26 14.84
N PRO A 374 -22.60 -0.65 14.22
CA PRO A 374 -23.83 -0.93 14.98
C PRO A 374 -23.64 -2.04 15.99
N ALA A 375 -22.70 -2.95 15.73
CA ALA A 375 -22.40 -4.00 16.69
C ALA A 375 -21.88 -3.41 18.00
N PHE A 376 -21.11 -2.32 17.93
CA PHE A 376 -20.67 -1.64 19.14
C PHE A 376 -21.84 -1.06 19.90
N SER A 377 -22.72 -0.33 19.20
CA SER A 377 -23.86 0.29 19.85
C SER A 377 -24.84 -0.73 20.41
N GLU A 378 -24.87 -1.95 19.86
CA GLU A 378 -25.73 -2.99 20.40
C GLU A 378 -25.06 -3.79 21.51
N LEU A 379 -23.73 -3.83 21.53
CA LEU A 379 -23.03 -4.58 22.56
C LEU A 379 -22.79 -3.71 23.80
N PHE A 380 -22.48 -2.44 23.60
CA PHE A 380 -22.16 -1.53 24.69
C PHE A 380 -23.29 -0.50 24.79
N ARG A 381 -24.22 -0.75 25.70
CA ARG A 381 -25.39 0.10 25.87
C ARG A 381 -25.17 1.21 26.88
N ILE A 382 -24.33 0.97 27.89
CA ILE A 382 -24.12 1.91 28.98
C ILE A 382 -22.94 2.82 28.62
N ARG A 383 -23.18 4.12 28.61
CA ARG A 383 -22.16 5.11 28.32
C ARG A 383 -21.83 5.87 29.59
N ALA A 384 -20.61 5.67 30.09
CA ALA A 384 -20.15 6.35 31.31
C ALA A 384 -19.25 7.51 30.89
N GLU A 385 -19.81 8.71 30.90
CA GLU A 385 -19.10 9.91 30.49
C GLU A 385 -18.51 10.61 31.71
N PHE A 386 -17.22 10.94 31.63
CA PHE A 386 -16.56 11.72 32.66
C PHE A 386 -16.61 13.19 32.27
N SER A 387 -17.16 14.02 33.15
CA SER A 387 -17.18 15.45 32.89
C SER A 387 -15.75 15.98 32.87
N PRO A 388 -15.38 16.77 31.86
CA PRO A 388 -14.04 17.35 31.85
C PRO A 388 -13.77 18.28 33.02
N THR A 389 -14.80 18.95 33.54
CA THR A 389 -14.65 19.88 34.65
C THR A 389 -15.66 19.56 35.74
N LEU A 390 -15.19 19.51 36.98
CA LEU A 390 -16.04 19.43 38.15
C LEU A 390 -16.39 20.83 38.64
N PRO A 391 -17.50 20.98 39.35
CA PRO A 391 -17.82 22.30 39.91
C PRO A 391 -16.80 22.72 40.96
N ALA A 392 -16.54 24.02 41.04
CA ALA A 392 -15.63 24.55 42.03
C ALA A 392 -16.39 24.78 43.33
N SER A 393 -16.29 23.82 44.25
CA SER A 393 -16.98 23.88 45.51
C SER A 393 -16.01 23.48 46.61
N PRO A 394 -16.21 23.96 47.84
CA PRO A 394 -15.34 23.51 48.93
C PRO A 394 -15.36 22.01 49.13
N GLU A 395 -16.49 21.37 48.87
CA GLU A 395 -16.53 19.91 48.92
C GLU A 395 -15.63 19.30 47.85
N ASN A 396 -15.62 19.88 46.65
CA ASN A 396 -14.75 19.38 45.60
C ASN A 396 -13.28 19.58 45.96
N CYS A 397 -12.94 20.74 46.55
CA CYS A 397 -11.56 20.97 46.97
C CYS A 397 -11.16 19.98 48.06
N THR A 398 -12.05 19.71 49.01
CA THR A 398 -11.75 18.73 50.05
C THR A 398 -11.58 17.34 49.47
N ALA A 399 -12.41 16.98 48.50
CA ALA A 399 -12.27 15.69 47.85
C ALA A 399 -10.95 15.59 47.10
N LEU A 400 -10.55 16.67 46.42
CA LEU A 400 -9.26 16.68 45.73
C LEU A 400 -8.11 16.53 46.73
N GLY A 401 -8.19 17.23 47.86
CA GLY A 401 -7.16 17.09 48.88
C GLY A 401 -7.09 15.68 49.44
N GLY A 402 -8.24 15.07 49.69
CA GLY A 402 -8.26 13.70 50.15
C GLY A 402 -7.67 12.75 49.13
N TRP A 403 -7.98 12.97 47.85
CA TRP A 403 -7.42 12.14 46.79
C TRP A 403 -5.90 12.27 46.74
N LEU A 404 -5.40 13.50 46.85
CA LEU A 404 -3.95 13.71 46.84
C LEU A 404 -3.30 13.05 48.04
N LEU A 405 -3.92 13.18 49.21
CA LEU A 405 -3.38 12.51 50.40
C LEU A 405 -3.39 11.00 50.24
N ALA A 406 -4.38 10.46 49.54
CA ALA A 406 -4.41 9.02 49.31
C ALA A 406 -3.25 8.57 48.43
N GLN A 407 -2.81 9.41 47.50
CA GLN A 407 -1.69 9.07 46.64
C GLN A 407 -0.39 8.90 47.41
N GLY A 408 -0.24 9.60 48.53
CA GLY A 408 0.98 9.54 49.30
C GLY A 408 1.62 10.91 49.46
N PHE A 409 0.94 11.95 48.99
CA PHE A 409 1.46 13.30 49.09
C PHE A 409 1.30 13.83 50.51
N GLN A 410 1.83 15.02 50.75
CA GLN A 410 1.72 15.71 52.03
C GLN A 410 1.29 17.15 51.73
N LEU A 411 0.01 17.42 51.87
CA LEU A 411 -0.55 18.72 51.55
C LEU A 411 -0.64 19.60 52.79
N THR A 412 -0.18 20.83 52.67
CA THR A 412 -0.57 21.87 53.61
C THR A 412 -1.87 22.50 53.12
N GLN A 413 -2.51 23.25 54.01
CA GLN A 413 -3.76 23.91 53.63
C GLN A 413 -3.52 24.88 52.49
N GLY A 414 -2.46 25.69 52.57
CA GLY A 414 -2.12 26.57 51.49
C GLY A 414 -1.74 25.85 50.21
N GLY A 415 -1.01 24.73 50.34
CA GLY A 415 -0.67 23.96 49.16
C GLY A 415 -1.88 23.37 48.48
N LEU A 416 -2.81 22.83 49.26
CA LEU A 416 -4.05 22.33 48.69
C LEU A 416 -4.84 23.45 48.04
N THR A 417 -4.88 24.62 48.68
CA THR A 417 -5.58 25.76 48.09
C THR A 417 -4.97 26.16 46.76
N ARG A 418 -3.64 26.20 46.68
CA ARG A 418 -2.98 26.57 45.44
C ARG A 418 -3.21 25.52 44.36
N LEU A 419 -3.17 24.23 44.73
CA LEU A 419 -3.43 23.19 43.75
C LEU A 419 -4.86 23.26 43.24
N TYR A 420 -5.81 23.54 44.12
CA TYR A 420 -7.21 23.66 43.71
C TYR A 420 -7.40 24.87 42.81
N ASP A 421 -6.72 25.98 43.12
CA ASP A 421 -6.79 27.14 42.25
C ASP A 421 -6.18 26.85 40.88
N GLU A 422 -5.07 26.11 40.86
CA GLU A 422 -4.48 25.74 39.57
C GLU A 422 -5.42 24.83 38.78
N ALA A 423 -6.10 23.91 39.47
CA ALA A 423 -7.08 23.07 38.80
C ALA A 423 -8.21 23.91 38.21
N ARG A 424 -8.67 24.92 38.95
CA ARG A 424 -9.67 25.83 38.40
C ARG A 424 -9.12 26.56 37.18
N ARG A 425 -7.85 26.95 37.22
CA ARG A 425 -7.25 27.66 36.10
C ARG A 425 -7.15 26.76 34.88
N MET A 426 -6.84 25.47 35.07
CA MET A 426 -6.75 24.55 33.95
C MET A 426 -8.08 24.46 33.22
N ALA A 427 -9.18 24.41 33.96
CA ALA A 427 -10.50 24.41 33.36
C ALA A 427 -10.88 25.76 32.78
N GLU A 428 -10.08 26.80 33.01
CA GLU A 428 -10.33 28.14 32.51
C GLU A 428 -11.67 28.69 32.98
N GLN A 429 -12.11 28.28 34.17
CA GLN A 429 -13.38 28.73 34.73
C GLN A 429 -13.17 29.07 36.19
N ARG A 430 -13.81 30.16 36.63
CA ARG A 430 -13.75 30.53 38.04
C ARG A 430 -14.66 29.67 38.90
N ASP A 431 -15.64 29.00 38.32
CA ASP A 431 -16.59 28.18 39.06
C ASP A 431 -16.50 26.70 38.74
N ARG A 432 -15.54 26.28 37.91
CA ARG A 432 -15.32 24.89 37.61
C ARG A 432 -13.84 24.57 37.79
N MET A 433 -13.56 23.37 38.27
CA MET A 433 -12.20 22.91 38.46
C MET A 433 -11.94 21.72 37.55
N ASP A 434 -10.73 21.68 36.99
CA ASP A 434 -10.38 20.64 36.02
C ASP A 434 -10.46 19.26 36.66
N ALA A 435 -11.10 18.33 35.96
CA ALA A 435 -11.28 16.98 36.48
C ALA A 435 -10.13 16.04 36.15
N ARG A 436 -9.16 16.48 35.35
CA ARG A 436 -8.04 15.62 35.03
C ARG A 436 -7.16 15.46 36.26
N LEU A 437 -7.43 14.41 37.03
CA LEU A 437 -6.73 14.24 38.30
C LEU A 437 -5.27 13.89 38.12
N VAL A 438 -4.90 13.26 37.00
CA VAL A 438 -3.49 12.90 36.83
C VAL A 438 -2.67 14.12 36.44
N GLU A 439 -3.27 15.12 35.80
CA GLU A 439 -2.56 16.38 35.57
C GLU A 439 -2.22 17.04 36.90
N ILE A 440 -3.20 17.10 37.80
CA ILE A 440 -2.96 17.66 39.12
C ILE A 440 -1.97 16.81 39.89
N ARG A 441 -1.99 15.49 39.70
CA ARG A 441 -1.02 14.64 40.37
C ARG A 441 0.40 14.89 39.86
N ALA A 442 0.54 15.12 38.56
CA ALA A 442 1.85 15.43 38.00
C ALA A 442 2.36 16.77 38.54
N LEU A 443 1.47 17.77 38.60
CA LEU A 443 1.87 19.04 39.19
C LEU A 443 2.23 18.87 40.66
N ALA A 444 1.51 17.99 41.37
CA ALA A 444 1.82 17.73 42.77
C ALA A 444 3.18 17.07 42.91
N GLU A 445 3.52 16.14 42.02
CA GLU A 445 4.84 15.52 42.08
C GLU A 445 5.93 16.55 41.82
N GLU A 446 5.72 17.42 40.84
CA GLU A 446 6.70 18.47 40.57
C GLU A 446 6.87 19.37 41.78
N ALA A 447 5.77 19.79 42.39
CA ALA A 447 5.85 20.65 43.56
C ALA A 447 6.47 19.93 44.75
N ALA A 448 6.23 18.63 44.87
CA ALA A 448 6.83 17.87 45.97
C ALA A 448 8.34 17.79 45.83
N VAL A 449 8.83 17.53 44.62
CA VAL A 449 10.27 17.49 44.44
C VAL A 449 10.88 18.89 44.45
N LEU A 450 10.09 19.93 44.22
CA LEU A 450 10.58 21.29 44.39
C LEU A 450 10.46 21.79 45.81
N GLY A 451 9.76 21.07 46.68
CA GLY A 451 9.58 21.50 48.06
C GLY A 451 10.10 20.50 49.06
N GLY A 452 10.82 19.49 48.59
CA GLY A 452 11.41 18.49 49.45
C GLY A 452 10.49 17.37 49.88
N GLY A 453 9.24 17.38 49.44
CA GLY A 453 8.31 16.33 49.80
C GLY A 453 7.01 16.86 50.38
N LEU A 454 6.98 18.15 50.69
CA LEU A 454 5.81 18.79 51.26
C LEU A 454 5.22 19.75 50.24
N LEU A 455 3.92 19.61 49.99
CA LEU A 455 3.23 20.42 48.98
C LEU A 455 2.78 21.74 49.62
N THR A 456 3.75 22.63 49.81
CA THR A 456 3.47 23.96 50.30
C THR A 456 2.92 24.83 49.16
N ALA A 457 2.17 25.86 49.53
CA ALA A 457 1.67 26.81 48.53
C ALA A 457 2.83 27.42 47.76
N GLU A 458 3.92 27.75 48.45
CA GLU A 458 5.11 28.23 47.76
C GLU A 458 5.69 27.14 46.86
N SER A 459 5.66 25.89 47.30
CA SER A 459 6.16 24.80 46.47
C SER A 459 5.32 24.64 45.21
N VAL A 460 3.99 24.75 45.34
CA VAL A 460 3.13 24.63 44.16
C VAL A 460 3.35 25.81 43.22
N GLU A 461 3.50 27.01 43.76
CA GLU A 461 3.80 28.16 42.90
C GLU A 461 5.13 27.97 42.19
N GLN A 462 6.12 27.42 42.88
CA GLN A 462 7.41 27.13 42.28
C GLN A 462 7.27 26.13 41.14
N ALA A 463 6.47 25.08 41.36
CA ALA A 463 6.26 24.10 40.30
C ALA A 463 5.57 24.71 39.10
N ILE A 464 4.58 25.57 39.33
CA ILE A 464 3.88 26.23 38.23
C ILE A 464 4.84 27.11 37.45
N ALA A 465 5.66 27.90 38.17
CA ALA A 465 6.60 28.79 37.50
C ALA A 465 7.65 28.00 36.73
N ALA A 466 8.14 26.90 37.30
CA ALA A 466 9.13 26.08 36.59
C ALA A 466 8.53 25.45 35.35
N ARG A 467 7.29 24.98 35.44
CA ARG A 467 6.63 24.41 34.26
C ARG A 467 6.41 25.46 33.19
N GLU A 468 6.05 26.68 33.57
CA GLU A 468 5.91 27.76 32.60
C GLU A 468 7.25 28.13 31.97
N HIS A 469 8.32 28.15 32.77
CA HIS A 469 9.63 28.55 32.27
C HIS A 469 10.27 27.48 31.40
N ARG A 470 9.97 26.21 31.65
CA ARG A 470 10.53 25.13 30.84
C ARG A 470 10.01 25.17 29.40
N SER A 471 8.87 25.81 29.16
CA SER A 471 8.31 25.95 27.82
C SER A 471 8.25 27.41 27.41
N PHE A 472 9.10 28.24 27.99
CA PHE A 472 9.09 29.68 27.76
C PHE A 472 10.05 30.11 26.66
N LEU A 473 10.80 29.18 26.05
CA LEU A 473 11.80 29.56 25.08
C LEU A 473 11.18 30.28 23.88
N SER A 474 10.06 29.76 23.38
CA SER A 474 9.40 30.39 22.24
C SER A 474 8.95 31.80 22.58
N GLU A 475 8.32 31.96 23.74
CA GLU A 475 7.87 33.29 24.15
C GLU A 475 9.04 34.20 24.47
N GLU A 476 10.12 33.65 25.01
CA GLU A 476 11.32 34.46 25.25
C GLU A 476 11.89 35.00 23.95
N GLU A 477 11.96 34.14 22.92
CA GLU A 477 12.44 34.58 21.62
C GLU A 477 11.51 35.61 21.01
N PHE A 478 10.20 35.41 21.16
CA PHE A 478 9.26 36.41 20.65
C PHE A 478 9.45 37.75 21.35
N LEU A 479 9.65 37.73 22.67
CA LEU A 479 9.87 38.96 23.42
C LEU A 479 11.15 39.65 22.95
N ARG A 480 12.21 38.88 22.74
CA ARG A 480 13.46 39.45 22.24
C ARG A 480 13.25 40.07 20.87
N ALA A 481 12.51 39.38 19.99
CA ALA A 481 12.25 39.92 18.66
C ALA A 481 11.46 41.22 18.74
N VAL A 482 10.47 41.28 19.62
CA VAL A 482 9.69 42.51 19.78
C VAL A 482 10.56 43.64 20.32
N GLN A 483 11.43 43.34 21.28
CA GLN A 483 12.32 44.36 21.83
C GLN A 483 13.28 44.88 20.78
N GLU A 484 13.82 43.98 19.95
CA GLU A 484 14.77 44.39 18.92
C GLU A 484 14.15 45.18 17.79
N GLY A 485 12.82 45.25 17.72
CA GLY A 485 12.14 45.89 16.62
C GLY A 485 11.89 45.00 15.43
N VAL A 486 12.26 43.72 15.50
CA VAL A 486 12.00 42.80 14.41
C VAL A 486 10.49 42.67 14.17
N ILE A 487 9.73 42.52 15.25
CA ILE A 487 8.28 42.47 15.20
C ILE A 487 7.79 43.77 15.83
N ARG A 488 7.52 44.77 15.01
CA ARG A 488 7.20 46.10 15.54
C ARG A 488 5.81 46.09 16.16
N LEU A 489 5.75 46.29 17.47
CA LEU A 489 4.51 46.44 18.20
C LEU A 489 4.55 47.75 18.98
N ARG A 490 3.38 48.35 19.14
CA ARG A 490 3.25 49.60 19.88
C ARG A 490 2.35 49.33 21.08
N THR A 491 2.94 49.32 22.28
CA THR A 491 2.19 49.24 23.52
C THR A 491 1.94 50.61 24.12
N THR A 492 2.26 51.67 23.39
CA THR A 492 2.01 53.05 23.81
C THR A 492 1.54 53.85 22.61
N GLY A 493 0.92 54.99 22.90
CA GLY A 493 0.52 55.91 21.85
C GLY A 493 -0.77 55.49 21.17
N ARG A 494 -1.18 56.33 20.23
CA ARG A 494 -2.43 56.14 19.48
C ARG A 494 -2.13 56.14 18.00
N ALA A 495 -2.47 55.05 17.32
CA ALA A 495 -2.28 54.91 15.89
C ALA A 495 -3.62 54.63 15.23
N VAL A 496 -3.83 55.22 14.06
CA VAL A 496 -5.08 55.07 13.32
C VAL A 496 -5.07 53.71 12.62
N GLY A 497 -6.11 52.92 12.86
CA GLY A 497 -6.27 51.67 12.15
C GLY A 497 -5.38 50.54 12.58
N GLU A 498 -4.65 50.70 13.68
CA GLU A 498 -3.78 49.65 14.19
C GLU A 498 -4.29 49.18 15.55
N VAL A 499 -4.46 47.87 15.69
CA VAL A 499 -4.96 47.27 16.93
C VAL A 499 -4.09 46.06 17.26
N ASN A 500 -3.75 45.92 18.54
CA ASN A 500 -2.94 44.80 19.01
C ASN A 500 -3.86 43.62 19.28
N SER A 501 -4.14 42.86 18.22
CA SER A 501 -4.90 41.63 18.37
C SER A 501 -4.13 40.63 19.20
N LEU A 502 -4.86 39.76 19.90
CA LEU A 502 -4.27 38.75 20.75
C LEU A 502 -4.39 37.39 20.07
N VAL A 503 -3.27 36.68 20.00
CA VAL A 503 -3.17 35.42 19.26
C VAL A 503 -2.59 34.36 20.19
N VAL A 504 -3.16 33.17 20.16
CA VAL A 504 -2.69 32.07 20.97
C VAL A 504 -2.00 31.06 20.06
N VAL A 505 -0.74 30.74 20.38
CA VAL A 505 0.01 29.82 19.53
C VAL A 505 -0.29 28.38 19.91
N GLU A 506 0.00 27.48 18.98
CA GLU A 506 -0.14 26.04 19.21
C GLU A 506 1.03 25.52 20.03
N ALA A 507 1.18 24.19 20.04
CA ALA A 507 2.28 23.50 20.73
C ALA A 507 2.07 23.49 22.23
N ALA A 508 3.03 22.93 22.96
CA ALA A 508 3.03 22.79 24.42
C ALA A 508 2.67 24.12 25.07
N PRO A 509 2.33 24.16 26.40
CA PRO A 509 1.23 25.02 26.87
C PRO A 509 1.06 26.34 26.12
N TYR A 510 -0.17 26.61 25.70
CA TYR A 510 -0.48 27.66 24.74
C TYR A 510 -0.09 29.01 25.34
N TRP A 511 0.81 29.71 24.65
CA TRP A 511 1.17 31.07 25.02
C TRP A 511 0.46 32.06 24.12
N GLY A 512 -0.24 33.01 24.74
CA GLY A 512 -0.78 34.12 23.99
C GLY A 512 0.30 35.14 23.69
N ARG A 513 0.08 35.90 22.61
CA ARG A 513 1.00 36.95 22.24
C ARG A 513 0.29 37.94 21.33
N PRO A 514 0.53 39.23 21.49
CA PRO A 514 -0.14 40.21 20.62
C PRO A 514 0.31 40.07 19.18
N ALA A 515 -0.61 40.38 18.28
CA ALA A 515 -0.31 40.43 16.86
C ALA A 515 -0.89 41.72 16.32
N ARG A 516 -0.03 42.58 15.79
CA ARG A 516 -0.50 43.86 15.27
C ARG A 516 -1.46 43.63 14.11
N LEU A 517 -2.53 44.42 14.09
CA LEU A 517 -3.55 44.32 13.06
C LEU A 517 -3.73 45.71 12.47
N THR A 518 -3.63 45.80 11.15
CA THR A 518 -3.78 47.08 10.46
C THR A 518 -4.95 47.01 9.50
N ALA A 519 -5.81 48.03 9.56
CA ALA A 519 -6.91 48.18 8.63
C ALA A 519 -6.76 49.52 7.91
N ARG A 520 -6.90 49.50 6.59
CA ARG A 520 -6.77 50.69 5.77
C ARG A 520 -8.05 50.88 4.97
N ALA A 521 -8.59 52.09 5.01
CA ALA A 521 -9.84 52.42 4.35
C ALA A 521 -9.55 53.20 3.08
N ALA A 522 -10.05 52.71 1.95
CA ALA A 522 -9.92 53.38 0.68
C ALA A 522 -11.26 53.46 -0.01
N PRO A 523 -11.50 54.49 -0.82
CA PRO A 523 -12.76 54.55 -1.56
C PRO A 523 -12.85 53.42 -2.56
N GLY A 524 -14.06 52.97 -2.82
CA GLY A 524 -14.28 51.85 -3.72
C GLY A 524 -15.56 51.13 -3.38
N ARG A 525 -16.05 50.31 -4.30
CA ARG A 525 -17.26 49.55 -4.03
C ARG A 525 -16.99 48.55 -2.91
N ASP A 526 -18.02 48.28 -2.11
CA ASP A 526 -17.88 47.54 -0.87
C ASP A 526 -17.10 46.25 -1.08
N HIS A 527 -15.94 46.16 -0.44
CA HIS A 527 -15.14 44.94 -0.46
C HIS A 527 -14.24 44.98 0.75
N LEU A 528 -14.64 44.30 1.82
CA LEU A 528 -13.83 44.25 3.03
C LEU A 528 -12.87 43.08 2.87
N ILE A 529 -11.63 43.40 2.49
CA ILE A 529 -10.65 42.41 2.09
C ILE A 529 -9.90 41.90 3.31
N SER A 530 -9.90 40.59 3.51
CA SER A 530 -9.10 39.96 4.54
C SER A 530 -7.82 39.44 3.90
N ILE A 531 -6.74 40.20 4.06
CA ILE A 531 -5.49 39.87 3.39
C ILE A 531 -4.98 38.50 3.84
N ASP A 532 -5.14 38.16 5.11
CA ASP A 532 -4.73 36.85 5.58
C ASP A 532 -5.60 35.73 5.04
N ARG A 533 -6.84 36.02 4.66
CA ARG A 533 -7.69 34.99 4.06
C ARG A 533 -7.50 34.93 2.56
N GLU A 534 -7.35 36.10 1.91
CA GLU A 534 -7.11 36.11 0.48
C GLU A 534 -5.81 35.39 0.14
N ALA A 535 -4.77 35.59 0.96
CA ALA A 535 -3.53 34.88 0.78
C ALA A 535 -3.64 33.40 1.08
N GLY A 536 -4.74 32.96 1.68
CA GLY A 536 -4.92 31.57 2.01
C GLY A 536 -4.47 31.17 3.41
N LEU A 537 -4.04 32.13 4.22
CA LEU A 537 -3.61 31.82 5.58
C LEU A 537 -4.79 31.72 6.54
N GLY A 538 -5.81 32.55 6.36
CA GLY A 538 -6.97 32.52 7.25
C GLY A 538 -7.77 31.25 7.06
N GLY A 539 -8.25 30.69 8.17
CA GLY A 539 -9.04 29.48 8.12
C GLY A 539 -10.50 29.75 7.85
N GLN A 540 -11.29 28.69 7.99
CA GLN A 540 -12.73 28.80 7.73
C GLN A 540 -13.41 29.73 8.73
N ILE A 541 -13.15 29.51 10.02
CA ILE A 541 -13.75 30.34 11.04
C ILE A 541 -13.25 31.78 10.97
N PHE A 542 -11.99 31.98 10.61
CA PHE A 542 -11.48 33.33 10.41
C PHE A 542 -12.23 34.05 9.30
N HIS A 543 -12.47 33.35 8.18
CA HIS A 543 -13.25 33.93 7.11
C HIS A 543 -14.68 34.19 7.53
N LYS A 544 -15.24 33.30 8.35
CA LYS A 544 -16.59 33.52 8.87
C LYS A 544 -16.65 34.78 9.71
N ALA A 545 -15.64 35.00 10.54
CA ALA A 545 -15.59 36.23 11.34
C ALA A 545 -15.48 37.46 10.45
N VAL A 546 -14.63 37.39 9.43
CA VAL A 546 -14.46 38.51 8.52
C VAL A 546 -15.77 38.85 7.84
N LEU A 547 -16.46 37.82 7.34
CA LEU A 547 -17.75 38.04 6.68
C LEU A 547 -18.79 38.56 7.66
N THR A 548 -18.75 38.08 8.91
CA THR A 548 -19.71 38.53 9.91
C THR A 548 -19.56 40.02 10.18
N LEU A 549 -18.32 40.46 10.42
CA LEU A 549 -18.11 41.88 10.67
C LEU A 549 -18.32 42.71 9.41
N ALA A 550 -18.08 42.13 8.23
CA ALA A 550 -18.39 42.83 6.99
C ALA A 550 -19.89 43.07 6.88
N GLY A 551 -20.69 42.06 7.23
CA GLY A 551 -22.14 42.23 7.21
C GLY A 551 -22.60 43.24 8.24
N TYR A 552 -21.99 43.22 9.42
CA TYR A 552 -22.33 44.23 10.42
C TYR A 552 -22.03 45.63 9.91
N LEU A 553 -20.88 45.81 9.25
CA LEU A 553 -20.53 47.12 8.72
C LEU A 553 -21.48 47.53 7.60
N ARG A 554 -21.85 46.57 6.74
CA ARG A 554 -22.78 46.86 5.65
C ARG A 554 -24.13 47.33 6.20
N SER A 555 -24.66 46.61 7.19
CA SER A 555 -25.99 46.91 7.69
C SER A 555 -26.01 48.04 8.70
N ARG A 556 -24.86 48.41 9.26
CA ARG A 556 -24.85 49.42 10.30
C ARG A 556 -24.85 50.83 9.69
N TYR A 557 -24.21 51.00 8.54
CA TYR A 557 -24.08 52.29 7.89
C TYR A 557 -24.84 52.23 6.57
N ILE A 558 -25.94 52.98 6.49
CA ILE A 558 -26.95 52.75 5.47
C ILE A 558 -27.23 54.05 4.73
N GLU A 559 -26.71 55.17 5.25
CA GLU A 559 -27.08 56.46 4.66
C GLU A 559 -26.40 56.71 3.32
N HIS A 560 -25.72 55.72 2.76
CA HIS A 560 -25.30 55.69 1.36
C HIS A 560 -25.83 54.39 0.76
N GLY A 561 -25.34 54.04 -0.42
CA GLY A 561 -25.73 52.78 -1.01
C GLY A 561 -24.96 51.66 -0.36
N SER A 562 -24.35 50.78 -1.15
CA SER A 562 -23.44 49.81 -0.57
C SER A 562 -22.31 50.54 0.14
N LEU A 563 -21.66 49.83 1.06
CA LEU A 563 -20.58 50.41 1.86
C LEU A 563 -19.55 51.07 0.95
N PRO A 564 -19.42 52.39 0.98
CA PRO A 564 -18.61 53.10 -0.02
C PRO A 564 -17.11 52.98 0.20
N VAL A 565 -16.65 52.05 1.04
CA VAL A 565 -15.23 51.90 1.32
C VAL A 565 -14.83 50.44 1.14
N THR A 566 -13.54 50.24 0.89
CA THR A 566 -12.93 48.93 0.92
C THR A 566 -11.88 48.90 2.02
N ILE A 567 -11.91 47.86 2.84
CA ILE A 567 -11.08 47.79 4.04
C ILE A 567 -10.15 46.59 3.89
N SER A 568 -8.86 46.81 4.12
CA SER A 568 -7.85 45.78 4.01
C SER A 568 -7.36 45.43 5.41
N LEU A 569 -7.49 44.16 5.78
CA LEU A 569 -7.15 43.68 7.11
C LEU A 569 -6.03 42.66 7.01
N ALA A 570 -4.92 42.92 7.70
CA ALA A 570 -3.78 42.01 7.65
C ALA A 570 -3.11 41.94 9.00
N PHE A 571 -2.72 40.72 9.39
CA PHE A 571 -1.88 40.51 10.56
C PHE A 571 -0.43 40.73 10.13
N GLU A 572 0.19 41.79 10.63
CA GLU A 572 1.56 42.07 10.25
C GLU A 572 2.51 41.06 10.90
N GLN A 573 3.54 40.68 10.14
CA GLN A 573 4.46 39.61 10.55
C GLN A 573 3.70 38.34 10.91
N ASN A 574 2.70 37.99 10.10
CA ASN A 574 1.89 36.80 10.39
C ASN A 574 2.61 35.55 9.91
N TYR A 575 2.78 35.40 8.60
CA TYR A 575 3.54 34.34 7.96
C TYR A 575 3.07 32.94 8.34
N VAL A 576 1.96 32.81 9.06
CA VAL A 576 1.47 31.52 9.53
C VAL A 576 -0.05 31.51 9.36
N SER A 577 -0.59 30.31 9.14
CA SER A 577 -2.03 30.17 8.95
C SER A 577 -2.79 30.61 10.19
N ILE A 578 -3.88 31.33 9.98
CA ILE A 578 -4.71 31.88 11.05
C ILE A 578 -5.98 31.03 11.14
N GLU A 579 -6.30 30.58 12.34
CA GLU A 579 -7.51 29.81 12.59
C GLU A 579 -8.23 30.36 13.80
N GLY A 580 -9.55 30.43 13.73
CA GLY A 580 -10.38 30.80 14.86
C GLY A 580 -10.95 32.20 14.72
N ASP A 581 -11.96 32.46 15.55
CA ASP A 581 -12.66 33.74 15.61
C ASP A 581 -12.49 34.30 17.03
N SER A 582 -11.36 34.94 17.27
CA SER A 582 -11.11 35.66 18.51
C SER A 582 -10.67 37.09 18.26
N ALA A 583 -10.33 37.44 17.02
CA ALA A 583 -9.93 38.79 16.67
C ALA A 583 -11.03 39.53 15.92
N GLY A 584 -12.27 39.04 16.00
CA GLY A 584 -13.37 39.74 15.33
C GLY A 584 -13.57 41.14 15.87
N LEU A 585 -13.55 41.31 17.19
CA LEU A 585 -13.72 42.63 17.77
C LEU A 585 -12.57 43.55 17.39
N ALA A 586 -11.34 43.04 17.43
CA ALA A 586 -10.18 43.83 17.04
C ALA A 586 -10.28 44.27 15.59
N GLU A 587 -10.66 43.33 14.72
CA GLU A 587 -10.83 43.66 13.31
C GLU A 587 -11.90 44.73 13.13
N LEU A 588 -13.03 44.60 13.82
CA LEU A 588 -14.11 45.56 13.67
C LEU A 588 -13.70 46.94 14.15
N VAL A 589 -13.05 47.03 15.30
CA VAL A 589 -12.65 48.34 15.81
C VAL A 589 -11.58 48.96 14.94
N ALA A 590 -10.65 48.14 14.43
CA ALA A 590 -9.63 48.67 13.52
C ALA A 590 -10.25 49.20 12.23
N ALA A 591 -11.20 48.45 11.68
CA ALA A 591 -11.87 48.91 10.47
C ALA A 591 -12.64 50.19 10.71
N LEU A 592 -13.32 50.28 11.86
CA LEU A 592 -14.06 51.49 12.18
C LEU A 592 -13.13 52.68 12.34
N SER A 593 -11.98 52.48 12.99
CA SER A 593 -11.01 53.55 13.13
C SER A 593 -10.47 54.00 11.78
N ALA A 594 -10.17 53.03 10.91
CA ALA A 594 -9.67 53.36 9.59
C ALA A 594 -10.72 54.15 8.80
N ILE A 595 -11.99 53.76 8.93
CA ILE A 595 -13.05 54.48 8.25
C ILE A 595 -13.16 55.90 8.78
N GLY A 596 -13.20 56.06 10.09
CA GLY A 596 -13.39 57.35 10.70
C GLY A 596 -12.15 58.12 11.02
N ASN A 597 -10.97 57.61 10.66
CA ASN A 597 -9.69 58.26 10.99
C ASN A 597 -9.56 58.47 12.48
N LEU A 598 -9.88 57.43 13.25
CA LEU A 598 -9.89 57.51 14.70
C LEU A 598 -8.60 56.92 15.25
N PRO A 599 -7.75 57.69 15.90
CA PRO A 599 -6.55 57.11 16.52
C PRO A 599 -6.90 56.21 17.69
N LEU A 600 -6.49 54.95 17.64
CA LEU A 600 -6.82 54.00 18.69
C LEU A 600 -5.65 53.85 19.66
N ARG A 601 -5.97 53.86 20.95
CA ARG A 601 -4.96 53.67 21.98
C ARG A 601 -4.25 52.34 21.79
N GLN A 602 -2.98 52.38 21.42
CA GLN A 602 -2.23 51.17 21.17
C GLN A 602 -1.88 50.40 22.43
N ASP A 603 -2.07 51.01 23.61
CA ASP A 603 -1.72 50.34 24.85
C ASP A 603 -2.71 49.23 25.20
N LEU A 604 -3.90 49.24 24.60
CA LEU A 604 -4.92 48.25 24.88
C LEU A 604 -4.95 47.19 23.79
N ALA A 605 -4.84 45.93 24.19
CA ALA A 605 -5.03 44.82 23.27
C ALA A 605 -6.51 44.44 23.25
N VAL A 606 -7.00 44.11 22.06
CA VAL A 606 -8.42 43.86 21.84
C VAL A 606 -8.58 42.42 21.39
N THR A 607 -9.43 41.67 22.10
CA THR A 607 -9.77 40.31 21.74
C THR A 607 -11.28 40.17 21.76
N GLY A 608 -11.76 39.00 21.38
CA GLY A 608 -13.19 38.73 21.41
C GLY A 608 -13.83 38.66 20.05
N ALA A 609 -14.71 37.67 19.85
CA ALA A 609 -15.46 37.57 18.62
C ALA A 609 -16.63 38.55 18.65
N VAL A 610 -17.19 38.81 17.47
CA VAL A 610 -18.31 39.72 17.34
C VAL A 610 -19.32 39.09 16.38
N ASP A 611 -20.60 39.26 16.68
CA ASP A 611 -21.66 38.85 15.77
C ASP A 611 -22.02 40.01 14.86
N GLN A 612 -22.83 39.74 13.85
CA GLN A 612 -23.11 40.74 12.82
C GLN A 612 -24.21 41.71 13.24
N THR A 613 -24.55 41.75 14.52
CA THR A 613 -25.36 42.84 15.08
C THR A 613 -24.53 43.77 15.95
N GLY A 614 -23.22 43.53 16.04
CA GLY A 614 -22.34 44.39 16.80
C GLY A 614 -22.34 44.11 18.29
N LYS A 615 -22.18 42.85 18.67
CA LYS A 615 -22.13 42.46 20.07
C LYS A 615 -20.95 41.51 20.26
N VAL A 616 -20.12 41.78 21.28
CA VAL A 616 -18.92 41.00 21.50
C VAL A 616 -19.30 39.63 22.01
N LEU A 617 -18.65 38.60 21.50
CA LEU A 617 -18.93 37.21 21.81
C LEU A 617 -17.75 36.60 22.55
N ALA A 618 -18.05 35.58 23.36
CA ALA A 618 -17.02 34.98 24.18
C ALA A 618 -15.97 34.28 23.32
N VAL A 619 -14.75 34.17 23.86
CA VAL A 619 -13.63 33.55 23.20
C VAL A 619 -12.90 32.64 24.18
N GLY A 620 -12.07 31.76 23.63
CA GLY A 620 -11.36 30.79 24.43
C GLY A 620 -9.94 31.22 24.74
N ALA A 621 -9.37 30.59 25.77
CA ALA A 621 -8.00 30.86 26.20
C ALA A 621 -7.77 32.34 26.47
N ILE A 622 -8.74 32.95 27.15
CA ILE A 622 -8.63 34.37 27.47
C ILE A 622 -7.48 34.63 28.44
N ASN A 623 -7.20 33.68 29.33
CA ASN A 623 -6.07 33.81 30.24
C ASN A 623 -4.77 33.91 29.47
N ALA A 624 -4.59 33.05 28.47
CA ALA A 624 -3.36 33.08 27.68
C ALA A 624 -3.20 34.41 26.96
N LYS A 625 -4.29 34.92 26.37
CA LYS A 625 -4.22 36.19 25.66
C LYS A 625 -3.84 37.33 26.60
N VAL A 626 -4.53 37.44 27.74
CA VAL A 626 -4.28 38.55 28.65
C VAL A 626 -2.86 38.46 29.20
N GLU A 627 -2.44 37.26 29.61
CA GLU A 627 -1.11 37.12 30.17
C GLU A 627 -0.02 37.37 29.13
N GLY A 628 -0.24 36.97 27.88
CA GLY A 628 0.73 37.26 26.84
C GLY A 628 0.86 38.74 26.56
N PHE A 629 -0.26 39.44 26.48
CA PHE A 629 -0.16 40.88 26.29
C PHE A 629 0.49 41.57 27.48
N PHE A 630 0.21 41.12 28.70
CA PHE A 630 0.88 41.69 29.85
C PHE A 630 2.37 41.39 29.82
N ARG A 631 2.76 40.20 29.36
CA ARG A 631 4.17 39.86 29.23
C ARG A 631 4.87 40.81 28.27
N VAL A 632 4.25 41.04 27.11
CA VAL A 632 4.86 41.93 26.13
C VAL A 632 4.93 43.36 26.67
N CYS A 633 3.86 43.82 27.33
CA CYS A 633 3.89 45.17 27.89
C CYS A 633 4.97 45.31 28.96
N LYS A 634 5.13 44.30 29.81
CA LYS A 634 6.16 44.33 30.83
C LYS A 634 7.55 44.33 30.21
N ALA A 635 7.74 43.54 29.15
CA ALA A 635 9.03 43.51 28.47
C ALA A 635 9.39 44.88 27.92
N LEU A 636 8.42 45.57 27.34
CA LEU A 636 8.61 46.95 26.90
C LEU A 636 8.52 47.95 28.03
N GLY A 637 8.19 47.50 29.24
CA GLY A 637 8.04 48.39 30.37
C GLY A 637 6.61 48.87 30.53
N LEU A 638 5.99 48.55 31.66
CA LEU A 638 4.61 48.92 31.89
C LEU A 638 4.46 50.43 31.94
N SER A 639 3.53 50.96 31.15
CA SER A 639 3.30 52.39 31.08
C SER A 639 2.28 52.89 32.10
N GLY A 640 1.66 51.99 32.86
CA GLY A 640 0.63 52.37 33.79
C GLY A 640 -0.74 52.58 33.18
N THR A 641 -0.89 52.39 31.87
CA THR A 641 -2.18 52.50 31.23
C THR A 641 -2.49 51.36 30.28
N GLN A 642 -1.56 50.45 30.01
CA GLN A 642 -1.82 49.35 29.12
C GLN A 642 -2.88 48.43 29.70
N GLY A 643 -3.71 47.86 28.83
CA GLY A 643 -4.77 46.99 29.27
C GLY A 643 -5.21 46.06 28.17
N VAL A 644 -6.23 45.26 28.48
CA VAL A 644 -6.80 44.32 27.53
C VAL A 644 -8.31 44.52 27.50
N ILE A 645 -8.87 44.63 26.31
CA ILE A 645 -10.32 44.70 26.12
C ILE A 645 -10.80 43.31 25.76
N LEU A 646 -11.62 42.72 26.62
CA LEU A 646 -12.07 41.35 26.43
C LEU A 646 -13.58 41.26 26.58
N PRO A 647 -14.22 40.21 26.06
CA PRO A 647 -15.69 40.14 26.13
C PRO A 647 -16.18 40.08 27.57
N GLU A 648 -17.31 40.75 27.82
CA GLU A 648 -17.94 40.66 29.13
C GLU A 648 -18.32 39.24 29.47
N ALA A 649 -18.60 38.42 28.46
CA ALA A 649 -19.00 37.03 28.65
C ALA A 649 -17.86 36.14 29.14
N ASN A 650 -16.62 36.63 29.13
CA ASN A 650 -15.49 35.83 29.55
C ASN A 650 -15.04 36.10 30.98
N LEU A 651 -15.82 36.87 31.75
CA LEU A 651 -15.43 37.15 33.13
C LEU A 651 -15.31 35.89 33.96
N ALA A 652 -16.20 34.92 33.73
CA ALA A 652 -16.10 33.65 34.44
C ALA A 652 -14.87 32.85 34.03
N ASN A 653 -14.22 33.22 32.92
CA ASN A 653 -13.02 32.53 32.47
C ASN A 653 -11.73 33.24 32.85
N LEU A 654 -11.81 34.42 33.46
CA LEU A 654 -10.62 35.20 33.79
C LEU A 654 -10.03 34.67 35.10
N THR A 655 -9.13 33.71 34.99
CA THR A 655 -8.32 33.25 36.13
C THR A 655 -6.89 33.66 35.84
N LEU A 656 -6.56 34.90 36.17
CA LEU A 656 -5.26 35.47 35.83
C LEU A 656 -4.19 35.05 36.83
N ARG A 657 -2.94 35.10 36.38
CA ARG A 657 -1.83 34.74 37.25
C ARG A 657 -1.63 35.80 38.33
N ALA A 658 -0.74 35.49 39.27
CA ALA A 658 -0.51 36.39 40.40
C ALA A 658 0.02 37.74 39.95
N GLU A 659 0.98 37.75 39.03
CA GLU A 659 1.61 39.00 38.63
C GLU A 659 0.63 39.91 37.90
N VAL A 660 -0.20 39.35 37.03
CA VAL A 660 -1.19 40.16 36.33
C VAL A 660 -2.17 40.77 37.31
N LEU A 661 -2.64 39.98 38.27
CA LEU A 661 -3.56 40.50 39.27
C LEU A 661 -2.91 41.59 40.12
N GLU A 662 -1.65 41.41 40.48
CA GLU A 662 -0.95 42.44 41.24
C GLU A 662 -0.82 43.72 40.43
N ALA A 663 -0.53 43.59 39.13
CA ALA A 663 -0.45 44.76 38.27
C ALA A 663 -1.80 45.47 38.18
N VAL A 664 -2.88 44.70 38.08
CA VAL A 664 -4.22 45.31 38.05
C VAL A 664 -4.50 46.03 39.35
N ARG A 665 -4.15 45.42 40.48
CA ARG A 665 -4.37 46.05 41.77
C ARG A 665 -3.58 47.34 41.89
N ALA A 666 -2.33 47.33 41.44
CA ALA A 666 -1.49 48.53 41.48
C ALA A 666 -1.91 49.57 40.46
N GLY A 667 -2.80 49.24 39.54
CA GLY A 667 -3.18 50.18 38.50
C GLY A 667 -2.23 50.24 37.33
N GLN A 668 -1.22 49.38 37.30
CA GLN A 668 -0.26 49.33 36.21
C GLN A 668 -0.79 48.59 34.99
N PHE A 669 -1.94 47.93 35.12
CA PHE A 669 -2.50 47.14 34.04
C PHE A 669 -4.01 47.09 34.20
N HIS A 670 -4.75 47.22 33.12
CA HIS A 670 -6.20 47.29 33.18
C HIS A 670 -6.81 46.10 32.44
N ILE A 671 -8.06 45.80 32.79
CA ILE A 671 -8.83 44.76 32.13
C ILE A 671 -10.21 45.33 31.89
N TYR A 672 -10.50 45.67 30.64
CA TYR A 672 -11.81 46.20 30.26
C TYR A 672 -12.69 45.06 29.77
N ALA A 673 -13.96 45.10 30.16
CA ALA A 673 -14.94 44.11 29.74
C ALA A 673 -16.06 44.81 29.00
N VAL A 674 -16.36 44.34 27.79
CA VAL A 674 -17.40 44.91 26.96
C VAL A 674 -18.27 43.79 26.41
N GLU A 675 -19.49 44.15 26.03
CA GLU A 675 -20.38 43.23 25.35
C GLU A 675 -20.74 43.67 23.94
N THR A 676 -20.57 44.93 23.59
CA THR A 676 -20.78 45.41 22.23
C THR A 676 -19.53 46.12 21.73
N ALA A 677 -19.32 46.06 20.42
CA ALA A 677 -18.15 46.69 19.83
C ALA A 677 -18.19 48.21 19.98
N GLU A 678 -19.37 48.77 20.17
CA GLU A 678 -19.49 50.20 20.41
C GLU A 678 -18.64 50.60 21.61
N GLN A 679 -18.75 49.85 22.71
CA GLN A 679 -17.99 50.16 23.91
C GLN A 679 -16.50 49.97 23.68
N ALA A 680 -16.12 48.91 22.94
CA ALA A 680 -14.70 48.67 22.71
C ALA A 680 -14.06 49.81 21.94
N LEU A 681 -14.74 50.29 20.89
CA LEU A 681 -14.19 51.42 20.15
C LEU A 681 -14.25 52.71 20.96
N GLU A 682 -15.25 52.85 21.83
CA GLU A 682 -15.28 54.00 22.72
C GLU A 682 -14.06 54.01 23.64
N ILE A 683 -13.70 52.84 24.16
CA ILE A 683 -12.53 52.74 25.04
C ILE A 683 -11.26 53.04 24.26
N LEU A 684 -11.11 52.41 23.10
CA LEU A 684 -9.87 52.57 22.33
C LEU A 684 -9.68 54.00 21.86
N ALA A 685 -10.69 54.58 21.24
CA ALA A 685 -10.58 55.94 20.75
C ALA A 685 -10.70 56.98 21.86
N GLY A 686 -11.11 56.57 23.06
CA GLY A 686 -11.19 57.50 24.16
C GLY A 686 -12.29 58.53 24.04
N ALA A 687 -13.33 58.24 23.29
CA ALA A 687 -14.47 59.15 23.13
C ALA A 687 -15.76 58.36 23.22
N ARG A 688 -16.87 59.06 23.01
CA ARG A 688 -18.20 58.47 23.05
C ARG A 688 -18.84 58.54 21.67
N MET A 689 -19.53 57.47 21.29
CA MET A 689 -20.20 57.44 19.99
C MET A 689 -21.29 58.50 19.93
N GLU A 690 -22.29 58.39 20.80
CA GLU A 690 -23.31 59.42 20.87
C GLU A 690 -22.71 60.71 21.41
N GLY A 691 -23.33 61.82 21.08
CA GLY A 691 -22.82 63.12 21.45
C GLY A 691 -22.11 63.80 20.29
N PHE A 692 -22.04 65.13 20.38
CA PHE A 692 -21.47 65.91 19.29
C PHE A 692 -19.95 65.91 19.41
N ARG A 693 -19.27 65.98 18.26
CA ARG A 693 -17.91 65.44 18.09
C ARG A 693 -17.82 63.98 18.54
N GLY A 694 -18.82 63.17 18.19
CA GLY A 694 -18.81 61.80 18.61
C GLY A 694 -18.02 60.88 17.68
N LEU A 695 -17.73 59.68 18.17
CA LEU A 695 -17.08 58.68 17.32
C LEU A 695 -17.99 58.28 16.17
N GLN A 696 -19.29 58.12 16.44
CA GLN A 696 -20.23 57.76 15.39
C GLN A 696 -20.32 58.86 14.35
N GLU A 697 -20.33 60.12 14.79
CA GLU A 697 -20.35 61.24 13.85
C GLU A 697 -19.08 61.26 13.01
N LYS A 698 -17.93 60.97 13.61
CA LYS A 698 -16.68 60.96 12.86
C LYS A 698 -16.65 59.83 11.84
N ILE A 699 -17.16 58.65 12.21
CA ILE A 699 -17.21 57.54 11.27
C ILE A 699 -18.15 57.86 10.11
N ARG A 700 -19.30 58.48 10.43
CA ARG A 700 -20.21 58.90 9.38
C ARG A 700 -19.58 59.92 8.45
N ALA A 701 -18.83 60.86 9.02
CA ALA A 701 -18.14 61.86 8.20
C ALA A 701 -17.08 61.22 7.32
N GLY A 702 -16.36 60.22 7.84
CA GLY A 702 -15.38 59.54 7.03
C GLY A 702 -15.99 58.77 5.88
N LEU A 703 -17.10 58.06 6.15
CA LEU A 703 -17.80 57.38 5.07
C LEU A 703 -18.33 58.37 4.05
N GLU A 704 -18.84 59.51 4.51
CA GLU A 704 -19.32 60.55 3.61
C GLU A 704 -18.20 61.08 2.74
N ALA A 705 -17.02 61.27 3.31
CA ALA A 705 -15.88 61.75 2.52
C ALA A 705 -15.47 60.73 1.48
N PHE A 706 -15.42 59.44 1.85
CA PHE A 706 -15.09 58.42 0.87
C PHE A 706 -16.12 58.37 -0.26
N ALA A 707 -17.39 58.46 0.09
CA ALA A 707 -18.45 58.46 -0.91
C ALA A 707 -18.33 59.68 -1.82
N ARG A 708 -18.03 60.85 -1.26
CA ARG A 708 -17.89 62.05 -2.08
C ARG A 708 -16.66 61.96 -2.99
N LEU A 709 -15.63 61.25 -2.55
CA LEU A 709 -14.45 61.10 -3.41
C LEU A 709 -14.75 60.18 -4.58
N GLU A 710 -15.43 59.06 -4.33
CA GLU A 710 -15.90 58.24 -5.45
C GLU A 710 -16.86 59.02 -6.34
N GLU A 711 -17.69 59.86 -5.73
CA GLU A 711 -18.60 60.73 -6.46
C GLU A 711 -17.87 61.73 -7.36
N GLY A 712 -16.80 62.33 -6.88
CA GLY A 712 -16.00 63.24 -7.66
C GLY A 712 -15.30 62.52 -8.80
N HIS A 713 -14.86 61.29 -8.54
CA HIS A 713 -14.29 60.48 -9.60
C HIS A 713 -15.33 60.22 -10.70
N ASP A 714 -16.57 59.90 -10.29
CA ASP A 714 -17.63 59.73 -11.28
C ASP A 714 -17.96 61.03 -12.00
N LYS A 715 -17.89 62.16 -11.30
CA LYS A 715 -18.11 63.46 -11.93
C LYS A 715 -17.08 63.72 -13.01
N GLU A 716 -15.82 63.43 -12.72
CA GLU A 716 -14.77 63.55 -13.73
C GLU A 716 -14.95 62.56 -14.86
N ASP A 717 -15.44 61.36 -14.56
CA ASP A 717 -15.72 60.38 -15.61
C ASP A 717 -16.79 60.88 -16.58
N ARG A 718 -17.88 61.43 -16.02
CA ARG A 718 -18.96 61.94 -16.86
C ARG A 718 -18.65 63.30 -17.46
N GLU A 719 -17.69 64.04 -16.88
CA GLU A 719 -17.33 65.37 -17.38
C GLU A 719 -15.84 65.61 -17.26
N MET B 1 -51.01 27.69 13.69
CA MET B 1 -51.87 27.99 14.83
C MET B 1 -51.44 27.06 15.96
N ARG B 2 -51.58 27.53 17.20
CA ARG B 2 -51.06 26.78 18.34
C ARG B 2 -51.74 25.43 18.45
N LEU B 3 -50.93 24.39 18.64
CA LEU B 3 -51.45 23.03 18.79
C LEU B 3 -51.88 22.80 20.23
N SER B 4 -53.11 22.33 20.42
CA SER B 4 -53.59 22.02 21.75
C SER B 4 -52.88 20.79 22.29
N TYR B 5 -52.99 20.60 23.61
CA TYR B 5 -52.35 19.45 24.25
C TYR B 5 -52.94 18.14 23.73
N GLU B 6 -54.27 18.10 23.57
CA GLU B 6 -54.91 16.89 23.07
C GLU B 6 -54.45 16.58 21.66
N ALA B 7 -54.30 17.60 20.81
CA ALA B 7 -53.75 17.41 19.48
C ALA B 7 -52.28 16.99 19.51
N LEU B 8 -51.61 17.19 20.64
CA LEU B 8 -50.21 16.79 20.79
C LEU B 8 -50.02 15.54 21.64
N GLU B 9 -51.02 15.16 22.43
CA GLU B 9 -50.90 13.98 23.28
C GLU B 9 -50.91 12.73 22.41
N TRP B 10 -49.78 12.06 22.30
CA TRP B 10 -49.63 10.90 21.44
C TRP B 10 -49.58 9.58 22.21
N ARG B 11 -49.29 9.63 23.50
CA ARG B 11 -49.11 8.41 24.27
C ARG B 11 -50.44 7.66 24.41
N THR B 12 -50.37 6.35 24.25
CA THR B 12 -51.56 5.53 24.42
C THR B 12 -51.93 5.48 25.90
N PRO B 13 -53.18 5.76 26.27
CA PRO B 13 -53.57 5.75 27.69
C PRO B 13 -53.36 4.37 28.30
N ILE B 14 -52.98 4.36 29.57
CA ILE B 14 -52.71 3.13 30.30
C ILE B 14 -53.96 2.73 31.07
N GLU B 15 -54.42 1.49 30.84
CA GLU B 15 -55.54 0.97 31.62
C GLU B 15 -55.14 0.70 33.06
N ASN B 16 -54.00 0.04 33.25
CA ASN B 16 -53.46 -0.19 34.58
C ASN B 16 -51.99 -0.57 34.43
N SER B 17 -51.17 -0.10 35.38
CA SER B 17 -49.74 -0.41 35.38
C SER B 17 -49.45 -1.69 36.16
N THR B 18 -50.42 -2.59 36.28
CA THR B 18 -50.29 -3.83 37.02
C THR B 18 -50.94 -4.92 36.19
N GLU B 19 -51.20 -6.08 36.82
CA GLU B 19 -51.81 -7.22 36.15
C GLU B 19 -50.94 -7.66 34.98
N PRO B 20 -49.81 -8.32 35.25
CA PRO B 20 -48.88 -8.71 34.17
C PRO B 20 -49.57 -9.32 32.96
N VAL B 21 -49.26 -8.78 31.78
CA VAL B 21 -49.93 -9.23 30.57
C VAL B 21 -49.52 -10.66 30.24
N SER B 22 -50.44 -11.40 29.63
CA SER B 22 -50.20 -12.77 29.17
C SER B 22 -50.60 -12.82 27.71
N LEU B 23 -49.62 -12.76 26.82
CA LEU B 23 -49.87 -12.73 25.39
C LEU B 23 -49.15 -13.87 24.70
N PRO B 24 -49.77 -14.46 23.67
CA PRO B 24 -49.10 -15.54 22.94
C PRO B 24 -47.93 -15.01 22.13
N PRO B 25 -46.91 -15.82 21.91
CA PRO B 25 -45.78 -15.39 21.09
C PRO B 25 -46.24 -15.06 19.68
N PRO B 26 -45.77 -13.96 19.11
CA PRO B 26 -46.19 -13.57 17.76
C PRO B 26 -45.52 -14.44 16.72
N PRO B 27 -46.07 -14.52 15.51
CA PRO B 27 -45.41 -15.27 14.45
C PRO B 27 -44.11 -14.60 14.06
N PRO B 28 -43.12 -15.37 13.61
CA PRO B 28 -41.87 -14.75 13.15
C PRO B 28 -42.12 -13.80 12.00
N PHE B 29 -41.30 -12.75 11.93
CA PHE B 29 -41.47 -11.66 10.97
C PHE B 29 -42.86 -11.03 11.09
N PHE B 30 -43.30 -10.84 12.33
CA PHE B 30 -44.56 -10.13 12.54
C PHE B 30 -44.38 -8.67 12.17
N GLY B 31 -45.33 -8.13 11.41
CA GLY B 31 -45.20 -6.82 10.85
C GLY B 31 -44.24 -6.73 9.68
N GLN B 32 -43.57 -7.82 9.33
CA GLN B 32 -42.66 -7.86 8.20
C GLN B 32 -43.16 -8.89 7.19
N GLU B 33 -44.45 -8.81 6.87
CA GLU B 33 -45.06 -9.80 5.99
C GLU B 33 -44.41 -9.83 4.61
N ARG B 34 -43.86 -8.71 4.16
CA ARG B 34 -43.14 -8.71 2.88
C ARG B 34 -41.93 -9.63 2.94
N ALA B 35 -41.10 -9.48 3.97
CA ALA B 35 -39.94 -10.34 4.13
C ALA B 35 -40.36 -11.79 4.38
N ARG B 36 -41.43 -11.99 5.14
CA ARG B 36 -41.90 -13.36 5.38
C ARG B 36 -42.32 -14.03 4.08
N GLU B 37 -43.06 -13.30 3.23
CA GLU B 37 -43.50 -13.87 1.96
C GLU B 37 -42.30 -14.14 1.05
N ALA B 38 -41.35 -13.20 0.99
CA ALA B 38 -40.16 -13.41 0.18
C ALA B 38 -39.41 -14.66 0.63
N LEU B 39 -39.24 -14.81 1.94
CA LEU B 39 -38.50 -15.95 2.45
C LEU B 39 -39.27 -17.25 2.27
N GLU B 40 -40.60 -17.21 2.37
CA GLU B 40 -41.41 -18.39 2.08
C GLU B 40 -41.23 -18.82 0.63
N LEU B 41 -41.24 -17.84 -0.28
CA LEU B 41 -41.01 -18.15 -1.69
C LEU B 41 -39.63 -18.75 -1.89
N ALA B 42 -38.62 -18.20 -1.22
CA ALA B 42 -37.27 -18.74 -1.35
C ALA B 42 -37.19 -20.16 -0.82
N ILE B 43 -37.83 -20.44 0.31
CA ILE B 43 -37.79 -21.80 0.86
C ILE B 43 -38.52 -22.77 -0.06
N ARG B 44 -39.69 -22.39 -0.57
CA ARG B 44 -40.44 -23.28 -1.44
C ARG B 44 -39.70 -23.55 -2.74
N GLY B 45 -39.15 -22.52 -3.37
CA GLY B 45 -38.47 -22.65 -4.62
C GLY B 45 -37.02 -23.08 -4.54
N GLY B 46 -36.46 -23.19 -3.35
CA GLY B 46 -35.06 -23.58 -3.22
C GLY B 46 -34.09 -22.54 -3.71
N PHE B 47 -34.50 -21.28 -3.78
CA PHE B 47 -33.62 -20.23 -4.27
C PHE B 47 -32.64 -19.81 -3.18
N HIS B 48 -31.79 -18.85 -3.53
CA HIS B 48 -30.94 -18.16 -2.58
C HIS B 48 -31.51 -16.78 -2.34
N ALA B 49 -31.82 -16.47 -1.09
CA ALA B 49 -32.39 -15.18 -0.74
C ALA B 49 -31.37 -14.39 0.07
N TYR B 50 -31.64 -13.09 0.22
CA TYR B 50 -30.82 -12.25 1.09
C TYR B 50 -31.73 -11.33 1.89
N LEU B 51 -31.50 -11.28 3.19
CA LEU B 51 -32.31 -10.49 4.10
C LEU B 51 -31.70 -9.09 4.21
N VAL B 52 -32.49 -8.08 3.88
CA VAL B 52 -32.06 -6.69 3.93
C VAL B 52 -32.90 -5.96 4.97
N GLY B 53 -32.23 -5.24 5.86
CA GLY B 53 -32.91 -4.45 6.86
C GLY B 53 -31.95 -3.57 7.62
N PRO B 54 -32.48 -2.52 8.25
CA PRO B 54 -31.65 -1.64 9.06
C PRO B 54 -30.97 -2.42 10.17
N PRO B 55 -29.77 -1.99 10.58
CA PRO B 55 -29.00 -2.79 11.54
C PRO B 55 -29.71 -2.88 12.88
N SER B 56 -29.44 -3.99 13.57
CA SER B 56 -30.00 -4.24 14.89
C SER B 56 -31.53 -4.22 14.85
N LEU B 57 -32.08 -5.19 14.11
CA LEU B 57 -33.52 -5.29 13.95
C LEU B 57 -34.02 -6.68 14.28
N GLY B 58 -33.14 -7.64 14.57
CA GLY B 58 -33.54 -8.99 14.86
C GLY B 58 -33.66 -9.89 13.67
N LYS B 59 -33.04 -9.53 12.54
CA LYS B 59 -33.16 -10.33 11.33
C LYS B 59 -32.60 -11.74 11.55
N HIS B 60 -31.44 -11.84 12.20
CA HIS B 60 -30.82 -13.14 12.39
C HIS B 60 -31.68 -14.04 13.28
N GLU B 61 -32.12 -13.52 14.42
CA GLU B 61 -32.90 -14.35 15.33
C GLU B 61 -34.24 -14.74 14.73
N ALA B 62 -34.93 -13.79 14.10
CA ALA B 62 -36.22 -14.10 13.49
C ALA B 62 -36.07 -15.11 12.37
N LEU B 63 -35.04 -14.94 11.54
CA LEU B 63 -34.81 -15.87 10.44
C LEU B 63 -34.46 -17.26 10.96
N LEU B 64 -33.62 -17.34 12.00
CA LEU B 64 -33.27 -18.63 12.56
C LEU B 64 -34.48 -19.32 13.17
N ALA B 65 -35.32 -18.58 13.88
CA ALA B 65 -36.54 -19.17 14.44
C ALA B 65 -37.46 -19.67 13.34
N TYR B 66 -37.66 -18.87 12.29
CA TYR B 66 -38.53 -19.29 11.21
C TYR B 66 -38.00 -20.51 10.49
N LEU B 67 -36.70 -20.56 10.25
CA LEU B 67 -36.13 -21.74 9.59
C LEU B 67 -36.20 -22.96 10.49
N SER B 68 -36.07 -22.79 11.80
CA SER B 68 -36.32 -23.90 12.71
C SER B 68 -37.76 -24.37 12.61
N THR B 69 -38.70 -23.45 12.41
CA THR B 69 -40.10 -23.83 12.20
C THR B 69 -40.26 -24.66 10.93
N GLN B 70 -39.44 -24.39 9.91
CA GLN B 70 -39.54 -25.11 8.65
C GLN B 70 -39.15 -26.59 8.84
N SER B 71 -39.34 -27.36 7.78
CA SER B 71 -38.99 -28.76 7.76
C SER B 71 -38.58 -29.15 6.35
N VAL B 72 -37.76 -30.20 6.25
CA VAL B 72 -37.24 -30.66 4.97
C VAL B 72 -36.96 -32.15 5.09
N GLU B 73 -36.83 -32.82 3.95
CA GLU B 73 -36.43 -34.21 3.93
C GLU B 73 -35.06 -34.36 4.58
N THR B 74 -34.83 -35.53 5.16
CA THR B 74 -33.59 -35.78 5.89
C THR B 74 -32.40 -35.61 4.96
N PRO B 75 -31.46 -34.71 5.27
CA PRO B 75 -30.31 -34.50 4.38
C PRO B 75 -29.46 -35.75 4.28
N PRO B 76 -29.00 -36.08 3.08
CA PRO B 76 -28.12 -37.25 2.93
C PRO B 76 -26.80 -37.02 3.63
N ASP B 77 -26.24 -38.10 4.18
CA ASP B 77 -24.96 -38.01 4.87
C ASP B 77 -23.83 -37.84 3.87
N LEU B 78 -23.35 -36.61 3.70
CA LEU B 78 -22.25 -36.35 2.77
C LEU B 78 -20.92 -36.66 3.43
N LEU B 79 -19.94 -36.97 2.59
CA LEU B 79 -18.61 -37.35 3.07
C LEU B 79 -17.64 -37.28 1.89
N TYR B 80 -16.35 -37.23 2.22
CA TYR B 80 -15.29 -37.26 1.23
C TYR B 80 -14.87 -38.69 0.93
N VAL B 81 -14.79 -39.03 -0.34
CA VAL B 81 -14.25 -40.30 -0.80
C VAL B 81 -12.96 -40.02 -1.57
N PRO B 82 -11.87 -40.69 -1.26
CA PRO B 82 -10.64 -40.52 -2.04
C PRO B 82 -10.72 -41.28 -3.34
N LEU B 83 -10.87 -40.54 -4.45
CA LEU B 83 -10.84 -41.17 -5.77
C LEU B 83 -9.45 -41.70 -6.07
N SER B 84 -8.42 -41.09 -5.48
CA SER B 84 -7.06 -41.58 -5.57
C SER B 84 -6.30 -41.06 -4.36
N GLU B 85 -5.00 -41.35 -4.33
CA GLU B 85 -4.15 -40.77 -3.30
C GLU B 85 -4.07 -39.25 -3.42
N ARG B 86 -4.48 -38.71 -4.56
CA ARG B 86 -4.54 -37.27 -4.81
C ARG B 86 -5.96 -36.75 -4.88
N LYS B 87 -6.89 -37.50 -5.48
CA LYS B 87 -8.21 -37.00 -5.84
C LYS B 87 -9.21 -37.39 -4.77
N VAL B 88 -9.98 -36.41 -4.31
CA VAL B 88 -11.07 -36.63 -3.36
C VAL B 88 -12.31 -35.93 -3.87
N ALA B 89 -13.47 -36.56 -3.64
CA ALA B 89 -14.75 -36.00 -4.05
C ALA B 89 -15.74 -36.13 -2.91
N VAL B 90 -16.71 -35.23 -2.89
CA VAL B 90 -17.73 -35.20 -1.84
C VAL B 90 -18.86 -36.12 -2.29
N LEU B 91 -19.05 -37.22 -1.58
CA LEU B 91 -20.07 -38.21 -1.91
C LEU B 91 -21.21 -38.13 -0.91
N THR B 92 -22.44 -38.06 -1.41
CA THR B 92 -23.63 -37.97 -0.59
C THR B 92 -24.35 -39.32 -0.59
N LEU B 93 -24.58 -39.85 0.61
CA LEU B 93 -25.23 -41.14 0.79
C LEU B 93 -26.48 -41.00 1.65
N PRO B 94 -27.44 -41.91 1.52
CA PRO B 94 -28.62 -41.85 2.38
C PRO B 94 -28.25 -42.00 3.84
N SER B 95 -29.06 -41.38 4.71
CA SER B 95 -28.74 -41.33 6.13
C SER B 95 -28.62 -42.73 6.72
N GLY B 96 -27.65 -42.90 7.60
CA GLY B 96 -27.39 -44.17 8.25
C GLY B 96 -26.46 -45.08 7.48
N GLN B 97 -26.40 -44.97 6.16
CA GLN B 97 -25.52 -45.81 5.36
C GLN B 97 -24.05 -45.47 5.54
N GLU B 98 -23.74 -44.33 6.16
CA GLU B 98 -22.35 -43.90 6.27
C GLU B 98 -21.54 -44.85 7.13
N ILE B 99 -22.08 -45.27 8.27
CA ILE B 99 -21.36 -46.21 9.13
C ILE B 99 -21.26 -47.57 8.47
N HIS B 100 -22.30 -47.99 7.75
CA HIS B 100 -22.25 -49.26 7.04
C HIS B 100 -21.17 -49.23 5.98
N LEU B 101 -21.08 -48.14 5.22
CA LEU B 101 -20.02 -48.03 4.22
C LEU B 101 -18.65 -47.94 4.88
N ALA B 102 -18.56 -47.32 6.05
CA ALA B 102 -17.28 -47.23 6.73
C ALA B 102 -16.78 -48.61 7.14
N GLU B 103 -17.64 -49.40 7.78
CA GLU B 103 -17.23 -50.76 8.15
C GLU B 103 -16.99 -51.62 6.91
N ALA B 104 -17.78 -51.39 5.85
CA ALA B 104 -17.58 -52.14 4.62
C ALA B 104 -16.22 -51.85 3.99
N VAL B 105 -15.83 -50.58 3.93
CA VAL B 105 -14.52 -50.26 3.34
C VAL B 105 -13.41 -50.68 4.28
N GLU B 106 -13.66 -50.73 5.59
CA GLU B 106 -12.67 -51.31 6.48
C GLU B 106 -12.42 -52.78 6.14
N GLY B 107 -13.50 -53.54 5.95
CA GLY B 107 -13.34 -54.92 5.52
C GLY B 107 -12.68 -55.06 4.16
N LEU B 108 -13.03 -54.16 3.24
CA LEU B 108 -12.45 -54.19 1.90
C LEU B 108 -10.95 -53.90 1.94
N LEU B 109 -10.52 -52.97 2.80
CA LEU B 109 -9.10 -52.73 2.99
C LEU B 109 -8.41 -53.91 3.63
N LEU B 110 -9.07 -54.56 4.60
CA LEU B 110 -8.51 -55.78 5.18
C LEU B 110 -8.47 -56.93 4.18
N GLU B 111 -9.24 -56.84 3.10
CA GLU B 111 -9.23 -57.88 2.07
C GLU B 111 -7.89 -58.03 1.37
N VAL B 112 -6.91 -57.19 1.69
CA VAL B 112 -5.56 -57.38 1.14
C VAL B 112 -4.98 -58.71 1.62
N ASN B 113 -5.32 -59.12 2.85
CA ASN B 113 -4.90 -60.43 3.33
C ASN B 113 -5.53 -61.55 2.51
N ARG B 114 -6.83 -61.41 2.19
CA ARG B 114 -7.48 -62.39 1.32
C ARG B 114 -6.79 -62.44 -0.04
N LEU B 115 -6.46 -61.27 -0.59
CA LEU B 115 -5.86 -61.20 -1.91
C LEU B 115 -4.48 -61.86 -1.94
N ASP B 116 -3.60 -61.49 -1.00
CA ASP B 116 -2.26 -62.04 -1.03
C ASP B 116 -2.19 -63.47 -0.48
N GLU B 117 -3.28 -63.96 0.14
CA GLU B 117 -3.36 -65.38 0.44
C GLU B 117 -3.88 -66.16 -0.77
N LEU B 118 -4.78 -65.57 -1.56
CA LEU B 118 -5.14 -66.15 -2.85
C LEU B 118 -3.95 -66.19 -3.79
N PHE B 119 -3.00 -65.26 -3.61
CA PHE B 119 -1.77 -65.24 -4.39
C PHE B 119 -0.77 -66.34 -3.97
N ARG B 120 -1.23 -67.35 -3.23
CA ARG B 120 -0.42 -68.56 -3.03
C ARG B 120 -1.28 -69.81 -3.08
N GLN B 121 -2.42 -69.77 -3.78
CA GLN B 121 -3.36 -70.89 -3.79
C GLN B 121 -3.01 -71.87 -4.91
N GLY B 122 -3.83 -72.92 -5.02
CA GLY B 122 -3.56 -73.96 -6.01
C GLY B 122 -3.66 -73.45 -7.44
N SER B 123 -4.73 -72.71 -7.75
CA SER B 123 -4.87 -72.16 -9.10
C SER B 123 -3.81 -71.10 -9.38
N PHE B 124 -3.44 -70.34 -8.34
CA PHE B 124 -2.34 -69.38 -8.50
C PHE B 124 -1.06 -70.10 -8.88
N LEU B 125 -0.73 -71.17 -8.18
CA LEU B 125 0.45 -71.95 -8.51
C LEU B 125 0.35 -72.53 -9.91
N ARG B 126 -0.85 -73.01 -10.30
CA ARG B 126 -1.00 -73.62 -11.62
C ARG B 126 -0.78 -72.60 -12.73
N GLU B 127 -1.38 -71.42 -12.62
CA GLU B 127 -1.25 -70.42 -13.68
C GLU B 127 0.15 -69.82 -13.71
N LYS B 128 0.74 -69.56 -12.53
CA LYS B 128 2.12 -69.10 -12.52
C LYS B 128 3.06 -70.15 -13.09
N THR B 129 2.81 -71.42 -12.83
CA THR B 129 3.65 -72.47 -13.39
C THR B 129 3.46 -72.63 -14.88
N GLN B 130 2.25 -72.40 -15.41
CA GLN B 130 2.10 -72.51 -16.87
C GLN B 130 2.75 -71.33 -17.59
N LEU B 131 2.62 -70.12 -17.05
CA LEU B 131 3.34 -68.99 -17.63
C LEU B 131 4.85 -69.17 -17.51
N GLU B 132 5.31 -69.59 -16.33
CA GLU B 132 6.72 -69.90 -16.14
C GLU B 132 7.15 -71.05 -17.03
N ALA B 133 6.23 -71.94 -17.40
CA ALA B 133 6.58 -73.04 -18.30
C ALA B 133 6.73 -72.57 -19.73
N ARG B 134 5.92 -71.59 -20.14
CA ARG B 134 6.14 -70.97 -21.45
C ARG B 134 7.51 -70.29 -21.50
N PHE B 135 7.78 -69.44 -20.51
CA PHE B 135 9.10 -68.79 -20.48
C PHE B 135 10.21 -69.81 -20.28
N LYS B 136 9.91 -70.92 -19.61
CA LYS B 136 10.91 -71.94 -19.31
C LYS B 136 11.23 -72.76 -20.55
N GLU B 137 10.24 -73.03 -21.39
CA GLU B 137 10.52 -73.71 -22.65
C GLU B 137 11.26 -72.79 -23.60
N ALA B 138 11.00 -71.48 -23.54
CA ALA B 138 11.83 -70.55 -24.29
C ALA B 138 13.28 -70.61 -23.83
N ARG B 139 13.50 -70.47 -22.52
CA ARG B 139 14.85 -70.57 -21.97
C ARG B 139 15.48 -71.92 -22.24
N GLU B 140 14.69 -73.00 -22.22
CA GLU B 140 15.20 -74.33 -22.53
C GLU B 140 15.67 -74.41 -23.97
N GLN B 141 14.79 -74.14 -24.94
CA GLN B 141 15.22 -74.22 -26.34
C GLN B 141 16.47 -73.37 -26.58
N GLN B 142 16.58 -72.23 -25.88
CA GLN B 142 17.84 -71.49 -25.92
C GLN B 142 18.99 -72.34 -25.37
N LEU B 143 18.78 -72.98 -24.22
CA LEU B 143 19.84 -73.74 -23.57
C LEU B 143 20.30 -74.91 -24.43
N GLU B 144 19.36 -75.67 -24.97
CA GLU B 144 19.69 -76.81 -25.83
C GLU B 144 20.29 -76.38 -27.16
N ALA B 145 19.85 -75.25 -27.73
CA ALA B 145 20.51 -74.74 -28.92
C ALA B 145 21.97 -74.41 -28.62
N LEU B 146 22.23 -73.76 -27.48
CA LEU B 146 23.60 -73.49 -27.10
C LEU B 146 24.37 -74.77 -26.78
N ARG B 147 23.69 -75.77 -26.22
CA ARG B 147 24.32 -77.06 -25.92
C ARG B 147 24.79 -77.74 -27.19
N ARG B 148 23.94 -77.79 -28.21
CA ARG B 148 24.34 -78.40 -29.48
C ARG B 148 25.40 -77.55 -30.18
N GLU B 149 25.32 -76.23 -30.03
CA GLU B 149 26.36 -75.36 -30.58
C GLU B 149 27.72 -75.68 -29.96
N ALA B 150 27.75 -75.87 -28.64
CA ALA B 150 29.00 -76.20 -27.96
C ALA B 150 29.46 -77.60 -28.31
N GLN B 151 28.53 -78.55 -28.42
CA GLN B 151 28.86 -79.93 -28.75
C GLN B 151 29.23 -80.11 -30.21
N GLU B 152 29.01 -79.09 -31.05
CA GLU B 152 29.53 -79.16 -32.42
C GLU B 152 31.04 -79.28 -32.43
N ALA B 153 31.72 -78.54 -31.55
CA ALA B 153 33.16 -78.64 -31.37
C ALA B 153 33.55 -79.58 -30.24
N GLY B 154 32.58 -80.16 -29.54
CA GLY B 154 32.87 -81.10 -28.48
C GLY B 154 33.10 -80.45 -27.13
N PHE B 155 32.24 -79.52 -26.75
CA PHE B 155 32.35 -78.79 -25.49
C PHE B 155 31.13 -79.04 -24.63
N ALA B 156 31.36 -79.22 -23.34
CA ALA B 156 30.29 -79.49 -22.37
C ALA B 156 29.88 -78.20 -21.67
N LEU B 157 28.67 -78.21 -21.12
CA LEU B 157 28.08 -77.05 -20.48
C LEU B 157 27.78 -77.34 -19.02
N SER B 158 27.95 -76.32 -18.18
CA SER B 158 27.52 -76.33 -16.78
C SER B 158 27.03 -74.93 -16.44
N THR B 159 25.74 -74.69 -16.61
CA THR B 159 25.15 -73.40 -16.26
C THR B 159 24.66 -73.42 -14.82
N ASN B 160 24.66 -72.25 -14.20
CA ASN B 160 24.25 -72.07 -12.80
C ASN B 160 23.11 -71.07 -12.70
N GLY B 161 22.19 -71.11 -13.66
CA GLY B 161 21.07 -70.18 -13.67
C GLY B 161 21.39 -68.89 -14.38
N GLU B 162 21.66 -67.83 -13.62
CA GLU B 162 22.05 -66.56 -14.22
C GLU B 162 23.38 -66.68 -14.96
N ARG B 163 24.34 -67.38 -14.37
CA ARG B 163 25.65 -67.55 -14.99
C ARG B 163 25.57 -68.59 -16.10
N LEU B 164 26.06 -68.22 -17.28
CA LEU B 164 26.15 -69.13 -18.42
C LEU B 164 27.62 -69.36 -18.73
N GLU B 165 28.02 -70.63 -18.73
CA GLU B 165 29.40 -70.99 -19.00
C GLU B 165 29.44 -72.43 -19.51
N LEU B 166 30.55 -72.76 -20.17
CA LEU B 166 30.73 -74.09 -20.74
C LEU B 166 32.11 -74.61 -20.35
N THR B 167 32.21 -75.93 -20.19
CA THR B 167 33.45 -76.57 -19.77
C THR B 167 34.10 -77.29 -20.96
N GLY B 168 35.41 -77.14 -21.07
CA GLY B 168 36.16 -77.79 -22.14
C GLY B 168 37.52 -77.16 -22.33
N PRO B 169 38.53 -77.99 -22.58
CA PRO B 169 39.88 -77.47 -22.78
C PRO B 169 40.01 -76.70 -24.09
N GLY B 170 40.92 -75.74 -24.08
CA GLY B 170 41.18 -74.93 -25.25
C GLY B 170 40.16 -73.82 -25.41
N PRO B 171 40.48 -72.83 -26.25
CA PRO B 171 39.54 -71.74 -26.48
C PRO B 171 38.35 -72.18 -27.32
N VAL B 172 37.16 -71.72 -26.93
CA VAL B 172 35.94 -72.02 -27.67
C VAL B 172 35.90 -71.16 -28.93
N PRO B 173 35.17 -71.56 -29.97
CA PRO B 173 35.07 -70.72 -31.16
C PRO B 173 34.42 -69.37 -30.84
N ALA B 174 34.81 -68.36 -31.63
CA ALA B 174 34.27 -67.02 -31.44
C ALA B 174 32.76 -67.01 -31.64
N GLU B 175 32.27 -67.74 -32.65
CA GLU B 175 30.83 -67.87 -32.84
C GLU B 175 30.16 -68.54 -31.64
N LEU B 176 30.86 -69.47 -30.99
CA LEU B 176 30.30 -70.10 -29.80
C LEU B 176 30.12 -69.09 -28.67
N SER B 177 31.10 -68.21 -28.45
CA SER B 177 30.97 -67.19 -27.42
C SER B 177 29.91 -66.17 -27.79
N ALA B 178 29.81 -65.83 -29.08
CA ALA B 178 28.76 -64.91 -29.52
C ALA B 178 27.38 -65.50 -29.26
N ARG B 179 27.20 -66.80 -29.55
CA ARG B 179 25.94 -67.45 -29.24
C ARG B 179 25.70 -67.53 -27.74
N LEU B 180 26.76 -67.75 -26.95
CA LEU B 180 26.62 -67.75 -25.49
C LEU B 180 26.07 -66.42 -25.00
N GLU B 181 26.66 -65.32 -25.44
CA GLU B 181 26.18 -64.00 -25.04
C GLU B 181 24.79 -63.69 -25.57
N GLU B 182 24.47 -64.08 -26.80
CA GLU B 182 23.13 -63.86 -27.33
C GLU B 182 22.09 -64.62 -26.52
N VAL B 183 22.38 -65.87 -26.17
CA VAL B 183 21.47 -66.66 -25.36
C VAL B 183 21.32 -66.05 -23.97
N THR B 184 22.42 -65.57 -23.39
CA THR B 184 22.33 -64.92 -22.09
C THR B 184 21.45 -63.69 -22.13
N LEU B 185 21.64 -62.84 -23.14
CA LEU B 185 20.83 -61.64 -23.27
C LEU B 185 19.36 -61.99 -23.46
N GLY B 186 19.08 -62.98 -24.32
CA GLY B 186 17.71 -63.39 -24.53
C GLY B 186 17.07 -63.96 -23.27
N SER B 187 17.84 -64.75 -22.51
CA SER B 187 17.31 -65.34 -21.28
C SER B 187 16.98 -64.26 -20.26
N LEU B 188 17.88 -63.29 -20.07
CA LEU B 188 17.60 -62.21 -19.14
C LEU B 188 16.43 -61.34 -19.60
N ALA B 189 16.33 -61.06 -20.90
CA ALA B 189 15.17 -60.32 -21.40
C ALA B 189 13.89 -61.08 -21.11
N ALA B 190 13.80 -62.34 -21.56
CA ALA B 190 12.60 -63.14 -21.33
C ALA B 190 12.28 -63.24 -19.85
N SER B 191 13.30 -63.24 -18.98
CA SER B 191 13.06 -63.15 -17.55
C SER B 191 12.32 -61.86 -17.21
N ALA B 192 12.80 -60.73 -17.75
CA ALA B 192 12.16 -59.45 -17.46
C ALA B 192 10.69 -59.46 -17.90
N GLU B 193 10.42 -59.92 -19.13
CA GLU B 193 9.02 -60.02 -19.54
C GLU B 193 8.25 -61.04 -18.74
N LEU B 194 8.90 -62.04 -18.12
CA LEU B 194 8.10 -62.95 -17.31
C LEU B 194 7.70 -62.31 -15.99
N GLU B 195 8.57 -61.48 -15.39
CA GLU B 195 8.08 -60.73 -14.23
C GLU B 195 6.98 -59.77 -14.64
N VAL B 196 7.11 -59.11 -15.79
CA VAL B 196 6.07 -58.19 -16.24
C VAL B 196 4.75 -58.93 -16.43
N ALA B 197 4.80 -60.11 -17.06
CA ALA B 197 3.59 -60.87 -17.33
C ALA B 197 2.97 -61.42 -16.05
N LEU B 198 3.78 -61.87 -15.09
CA LEU B 198 3.20 -62.35 -13.84
C LEU B 198 2.58 -61.20 -13.05
N ARG B 199 3.20 -60.02 -13.11
CA ARG B 199 2.59 -58.85 -12.48
C ARG B 199 1.24 -58.53 -13.12
N ARG B 200 1.17 -58.58 -14.45
CA ARG B 200 -0.09 -58.32 -15.13
C ARG B 200 -1.15 -59.36 -14.79
N LEU B 201 -0.74 -60.63 -14.70
CA LEU B 201 -1.69 -61.69 -14.35
C LEU B 201 -2.19 -61.52 -12.93
N ARG B 202 -1.30 -61.14 -12.00
CA ARG B 202 -1.72 -60.87 -10.63
C ARG B 202 -2.70 -59.71 -10.58
N ARG B 203 -2.45 -58.66 -11.37
CA ARG B 203 -3.39 -57.56 -11.45
C ARG B 203 -4.75 -58.01 -11.99
N ASP B 204 -4.74 -58.85 -13.02
CA ASP B 204 -5.99 -59.34 -13.59
C ASP B 204 -6.79 -60.17 -12.57
N TRP B 205 -6.10 -61.03 -11.82
CA TRP B 205 -6.80 -61.85 -10.84
C TRP B 205 -7.27 -61.01 -9.66
N ALA B 206 -6.52 -59.98 -9.29
CA ALA B 206 -7.01 -59.04 -8.29
C ALA B 206 -8.28 -58.35 -8.79
N LEU B 207 -8.28 -57.96 -10.07
CA LEU B 207 -9.48 -57.36 -10.65
C LEU B 207 -10.66 -58.31 -10.56
N HIS B 208 -10.45 -59.59 -10.91
CA HIS B 208 -11.54 -60.56 -10.86
C HIS B 208 -12.05 -60.78 -9.44
N TYR B 209 -11.14 -61.06 -8.50
CA TYR B 209 -11.56 -61.35 -7.13
C TYR B 209 -12.21 -60.14 -6.48
N LEU B 210 -11.70 -58.94 -6.73
CA LEU B 210 -12.29 -57.76 -6.15
C LEU B 210 -13.58 -57.35 -6.85
N ASN B 211 -13.77 -57.71 -8.13
CA ASN B 211 -15.09 -57.59 -8.74
C ASN B 211 -16.08 -58.48 -8.00
N ASN B 212 -15.67 -59.72 -7.72
CA ASN B 212 -16.54 -60.62 -6.97
C ASN B 212 -16.87 -60.07 -5.59
N ARG B 213 -15.87 -59.50 -4.90
CA ARG B 213 -16.09 -58.98 -3.56
C ARG B 213 -16.73 -57.60 -3.54
N PHE B 214 -16.79 -56.92 -4.69
CA PHE B 214 -17.28 -55.55 -4.75
C PHE B 214 -18.68 -55.44 -5.34
N GLU B 215 -19.10 -56.42 -6.16
CA GLU B 215 -20.46 -56.35 -6.69
C GLU B 215 -21.53 -56.29 -5.61
N PRO B 216 -21.47 -57.08 -4.53
CA PRO B 216 -22.38 -56.80 -3.40
C PRO B 216 -22.21 -55.40 -2.84
N LEU B 217 -20.98 -54.90 -2.79
CA LEU B 217 -20.77 -53.52 -2.37
C LEU B 217 -21.31 -52.55 -3.40
N PHE B 218 -21.21 -52.87 -4.68
CA PHE B 218 -21.76 -52.02 -5.73
C PHE B 218 -23.28 -51.89 -5.58
N GLN B 219 -23.97 -53.01 -5.36
CA GLN B 219 -25.42 -52.95 -5.22
C GLN B 219 -25.84 -52.37 -3.88
N ARG B 220 -25.01 -52.55 -2.84
CA ARG B 220 -25.36 -52.01 -1.53
C ARG B 220 -25.29 -50.49 -1.51
N PHE B 221 -24.36 -49.90 -2.27
CA PHE B 221 -24.17 -48.45 -2.32
C PHE B 221 -24.18 -48.03 -3.78
N PRO B 222 -25.36 -47.90 -4.38
CA PRO B 222 -25.43 -47.67 -5.83
C PRO B 222 -24.75 -46.40 -6.31
N GLN B 223 -24.80 -45.32 -5.53
CA GLN B 223 -24.22 -44.05 -5.95
C GLN B 223 -22.79 -43.86 -5.47
N ALA B 224 -22.23 -44.83 -4.77
CA ALA B 224 -20.81 -44.82 -4.42
C ALA B 224 -19.97 -45.58 -5.43
N ARG B 225 -20.43 -45.66 -6.68
CA ARG B 225 -19.76 -46.50 -7.68
C ARG B 225 -18.33 -46.03 -7.92
N ALA B 226 -18.14 -44.70 -8.04
CA ALA B 226 -16.82 -44.17 -8.38
C ALA B 226 -15.79 -44.51 -7.30
N TYR B 227 -16.14 -44.30 -6.04
CA TYR B 227 -15.19 -44.56 -4.96
C TYR B 227 -14.85 -46.04 -4.88
N LEU B 228 -15.86 -46.91 -5.01
CA LEU B 228 -15.61 -48.35 -4.96
C LEU B 228 -14.75 -48.81 -6.12
N GLU B 229 -15.02 -48.34 -7.33
CA GLU B 229 -14.19 -48.76 -8.45
C GLU B 229 -12.77 -48.20 -8.33
N ALA B 230 -12.61 -47.00 -7.78
CA ALA B 230 -11.27 -46.47 -7.53
C ALA B 230 -10.53 -47.32 -6.49
N LEU B 231 -11.23 -47.73 -5.43
CA LEU B 231 -10.61 -48.60 -4.44
C LEU B 231 -10.21 -49.94 -5.06
N ARG B 232 -11.07 -50.49 -5.93
CA ARG B 232 -10.74 -51.73 -6.61
C ARG B 232 -9.51 -51.58 -7.50
N ALA B 233 -9.42 -50.46 -8.22
CA ALA B 233 -8.23 -50.20 -9.04
C ALA B 233 -7.00 -50.06 -8.17
N ARG B 234 -7.13 -49.40 -7.02
CA ARG B 234 -5.99 -49.27 -6.10
C ARG B 234 -5.55 -50.63 -5.58
N LEU B 235 -6.50 -51.51 -5.27
CA LEU B 235 -6.15 -52.86 -4.84
C LEU B 235 -5.49 -53.64 -5.96
N ALA B 236 -5.94 -53.45 -7.20
CA ALA B 236 -5.28 -54.08 -8.33
C ALA B 236 -3.84 -53.60 -8.48
N ARG B 237 -3.62 -52.30 -8.28
CA ARG B 237 -2.26 -51.77 -8.29
C ARG B 237 -1.43 -52.35 -7.16
N TYR B 238 -2.01 -52.47 -5.97
CA TYR B 238 -1.36 -53.15 -4.86
C TYR B 238 -0.92 -54.55 -5.26
N ALA B 239 -1.79 -55.28 -5.94
CA ALA B 239 -1.45 -56.65 -6.34
C ALA B 239 -0.34 -56.68 -7.38
N GLU B 240 -0.45 -55.84 -8.40
CA GLU B 240 0.50 -55.92 -9.51
C GLU B 240 1.88 -55.40 -9.11
N THR B 241 1.93 -54.33 -8.34
CA THR B 241 3.19 -53.66 -8.05
C THR B 241 3.73 -53.95 -6.65
N GLY B 242 2.87 -54.32 -5.72
CA GLY B 242 3.28 -54.37 -4.33
C GLY B 242 3.32 -53.01 -3.66
N GLU B 243 2.73 -52.00 -4.28
CA GLU B 243 2.69 -50.65 -3.74
C GLU B 243 1.98 -50.64 -2.39
N PRO B 244 2.59 -50.08 -1.34
CA PRO B 244 1.94 -50.09 -0.03
C PRO B 244 0.64 -49.32 -0.05
N LEU B 245 -0.32 -49.81 0.74
CA LEU B 245 -1.66 -49.23 0.82
C LEU B 245 -1.93 -48.83 2.25
N ASP B 246 -2.42 -47.61 2.45
CA ASP B 246 -2.72 -47.13 3.79
C ASP B 246 -4.21 -46.89 3.96
N PRO B 247 -4.79 -47.34 5.07
CA PRO B 247 -6.21 -47.09 5.31
C PRO B 247 -6.49 -45.63 5.60
N ALA B 248 -5.52 -44.93 6.16
CA ALA B 248 -5.70 -43.54 6.52
C ALA B 248 -5.92 -42.65 5.30
N GLN B 249 -5.54 -43.12 4.11
CA GLN B 249 -5.75 -42.38 2.88
C GLN B 249 -6.92 -42.92 2.06
N TRP B 250 -7.51 -44.04 2.49
CA TRP B 250 -8.62 -44.64 1.75
C TRP B 250 -9.83 -44.90 2.65
N ARG B 251 -9.92 -44.17 3.77
CA ARG B 251 -11.07 -44.24 4.65
C ARG B 251 -11.91 -42.99 4.46
N PRO B 252 -13.16 -43.12 4.03
CA PRO B 252 -13.99 -41.92 3.83
C PRO B 252 -14.13 -41.12 5.12
N ASN B 253 -14.11 -39.79 4.98
CA ASN B 253 -14.12 -38.89 6.12
C ASN B 253 -15.55 -38.45 6.39
N LEU B 254 -16.02 -38.68 7.60
CA LEU B 254 -17.40 -38.35 7.98
C LEU B 254 -17.53 -36.84 8.10
N LEU B 255 -18.29 -36.24 7.18
CA LEU B 255 -18.51 -34.81 7.22
C LEU B 255 -19.64 -34.44 8.16
N THR B 256 -20.86 -34.91 7.87
CA THR B 256 -22.04 -34.54 8.63
C THR B 256 -23.01 -35.71 8.63
N SER B 257 -23.53 -36.05 9.80
CA SER B 257 -24.51 -37.11 9.93
C SER B 257 -25.92 -36.55 9.71
N SER B 258 -26.93 -37.37 9.96
CA SER B 258 -28.31 -36.94 9.78
C SER B 258 -28.69 -35.90 10.82
N SER B 259 -29.58 -34.99 10.40
CA SER B 259 -30.18 -34.02 11.31
C SER B 259 -31.64 -34.33 11.59
N SER B 260 -32.06 -35.58 11.32
CA SER B 260 -33.43 -36.05 11.51
C SER B 260 -34.44 -35.30 10.65
N GLY B 261 -33.98 -34.53 9.66
CA GLY B 261 -34.89 -33.84 8.77
C GLY B 261 -35.48 -32.58 9.37
N THR B 262 -36.11 -32.70 10.53
CA THR B 262 -36.76 -31.57 11.20
C THR B 262 -36.12 -31.41 12.56
N PRO B 263 -35.55 -30.24 12.88
CA PRO B 263 -35.48 -29.07 12.01
C PRO B 263 -34.43 -29.23 10.91
N PRO B 264 -34.57 -28.47 9.83
CA PRO B 264 -33.58 -28.53 8.76
C PRO B 264 -32.21 -28.13 9.27
N PRO B 265 -31.15 -28.68 8.73
CA PRO B 265 -29.80 -28.31 9.20
C PRO B 265 -29.47 -26.88 8.86
N ILE B 266 -29.46 -26.03 9.89
CA ILE B 266 -29.16 -24.61 9.74
C ILE B 266 -27.80 -24.35 10.36
N VAL B 267 -26.91 -23.72 9.60
CA VAL B 267 -25.61 -23.32 10.13
C VAL B 267 -25.37 -21.85 9.85
N TYR B 268 -25.51 -21.03 10.88
CA TYR B 268 -25.19 -19.61 10.79
C TYR B 268 -23.70 -19.44 11.05
N GLU B 269 -23.01 -18.77 10.13
CA GLU B 269 -21.56 -18.55 10.23
C GLU B 269 -21.31 -17.06 10.15
N PRO B 270 -21.37 -16.34 11.27
CA PRO B 270 -21.09 -14.90 11.25
C PRO B 270 -19.67 -14.57 10.85
N TYR B 271 -18.73 -15.49 11.06
CA TYR B 271 -17.35 -15.29 10.64
C TYR B 271 -17.14 -15.96 9.28
N ALA B 272 -17.70 -15.31 8.26
CA ALA B 272 -17.63 -15.85 6.91
C ALA B 272 -16.21 -15.71 6.36
N THR B 273 -15.41 -16.75 6.55
CA THR B 273 -14.05 -16.79 6.03
C THR B 273 -13.83 -18.13 5.36
N ALA B 274 -12.88 -18.15 4.43
CA ALA B 274 -12.64 -19.35 3.63
C ALA B 274 -12.37 -20.60 4.46
N PRO B 275 -11.47 -20.59 5.45
CA PRO B 275 -11.26 -21.82 6.23
C PRO B 275 -12.50 -22.30 6.95
N ARG B 276 -13.37 -21.40 7.40
CA ARG B 276 -14.58 -21.80 8.08
C ARG B 276 -15.74 -22.04 7.14
N LEU B 277 -15.74 -21.38 5.98
CA LEU B 277 -16.81 -21.60 5.00
C LEU B 277 -16.59 -22.91 4.26
N PHE B 278 -15.47 -23.03 3.55
CA PHE B 278 -15.21 -24.18 2.70
C PHE B 278 -14.47 -25.30 3.43
N GLY B 279 -14.17 -25.14 4.71
CA GLY B 279 -13.47 -26.15 5.46
C GLY B 279 -11.96 -25.99 5.38
N ARG B 280 -11.28 -26.83 6.14
CA ARG B 280 -9.83 -26.80 6.22
C ARG B 280 -9.26 -28.19 5.94
N LEU B 281 -8.06 -28.20 5.38
CA LEU B 281 -7.31 -29.42 5.13
C LEU B 281 -6.14 -29.46 6.11
N ASP B 282 -6.20 -30.35 7.08
CA ASP B 282 -5.16 -30.43 8.09
C ASP B 282 -3.94 -31.13 7.54
N TYR B 283 -2.84 -31.05 8.29
CA TYR B 283 -1.54 -31.55 7.85
C TYR B 283 -0.81 -32.13 9.06
N LEU B 284 -0.84 -33.45 9.20
CA LEU B 284 -0.09 -34.12 10.25
C LEU B 284 1.32 -34.41 9.73
N VAL B 285 2.32 -33.99 10.49
CA VAL B 285 3.72 -34.13 10.09
C VAL B 285 4.22 -35.43 10.70
N ASP B 286 3.98 -36.54 10.02
CA ASP B 286 4.45 -37.85 10.46
C ASP B 286 5.80 -38.15 9.81
N ARG B 287 6.73 -38.65 10.64
CA ARG B 287 8.08 -39.00 10.19
C ARG B 287 8.81 -37.79 9.60
N GLY B 288 8.28 -36.59 9.80
CA GLY B 288 8.88 -35.38 9.30
C GLY B 288 8.30 -34.85 8.00
N VAL B 289 7.39 -35.59 7.36
CA VAL B 289 6.76 -35.16 6.12
C VAL B 289 5.35 -34.67 6.42
N TRP B 290 4.98 -33.54 5.81
CA TRP B 290 3.63 -33.03 5.93
C TRP B 290 2.68 -33.89 5.10
N SER B 291 2.48 -35.13 5.52
CA SER B 291 1.68 -36.09 4.75
C SER B 291 0.21 -35.89 5.11
N THR B 292 -0.59 -35.62 4.09
CA THR B 292 -2.03 -35.44 4.24
C THR B 292 -2.75 -36.61 3.58
N ASN B 293 -4.05 -36.68 3.82
CA ASN B 293 -4.87 -37.75 3.27
C ASN B 293 -6.32 -37.27 3.26
N VAL B 294 -7.24 -38.19 2.93
CA VAL B 294 -8.66 -37.86 2.92
C VAL B 294 -9.20 -37.71 4.33
N SER B 295 -8.47 -38.17 5.34
CA SER B 295 -8.96 -38.14 6.71
C SER B 295 -8.72 -36.80 7.41
N LEU B 296 -7.95 -35.89 6.81
CA LEU B 296 -7.58 -34.64 7.45
C LEU B 296 -8.29 -33.42 6.85
N ILE B 297 -9.51 -33.60 6.37
CA ILE B 297 -10.30 -32.48 5.86
C ILE B 297 -11.35 -32.10 6.90
N ARG B 298 -11.29 -30.87 7.35
CA ARG B 298 -12.25 -30.36 8.32
C ARG B 298 -13.48 -29.85 7.59
N PRO B 299 -14.68 -30.33 7.91
CA PRO B 299 -15.88 -29.81 7.25
C PRO B 299 -16.06 -28.33 7.54
N GLY B 300 -16.54 -27.59 6.53
CA GLY B 300 -16.84 -26.20 6.67
C GLY B 300 -18.33 -25.95 6.86
N ALA B 301 -18.70 -24.67 6.88
CA ALA B 301 -20.10 -24.32 6.99
C ALA B 301 -20.90 -24.82 5.79
N VAL B 302 -20.31 -24.73 4.60
CA VAL B 302 -20.98 -25.21 3.39
C VAL B 302 -21.24 -26.69 3.47
N HIS B 303 -20.29 -27.46 3.99
CA HIS B 303 -20.45 -28.91 4.07
C HIS B 303 -21.57 -29.34 5.00
N ARG B 304 -21.73 -28.66 6.14
CA ARG B 304 -22.80 -29.00 7.07
C ARG B 304 -24.08 -28.22 6.78
N ALA B 305 -24.09 -27.37 5.77
CA ALA B 305 -25.31 -26.72 5.31
C ALA B 305 -26.06 -27.53 4.27
N GLN B 306 -25.52 -28.67 3.85
CA GLN B 306 -26.13 -29.45 2.78
C GLN B 306 -27.50 -29.96 3.19
N GLY B 307 -28.47 -29.79 2.29
CA GLY B 307 -29.84 -30.13 2.58
C GLY B 307 -30.60 -29.12 3.40
N GLY B 308 -29.92 -28.08 3.90
CA GLY B 308 -30.57 -27.09 4.73
C GLY B 308 -30.30 -25.68 4.27
N TYR B 309 -29.89 -24.81 5.19
CA TYR B 309 -29.68 -23.40 4.90
C TYR B 309 -28.37 -22.95 5.52
N LEU B 310 -27.68 -22.05 4.81
CA LEU B 310 -26.42 -21.47 5.27
C LEU B 310 -26.64 -19.98 5.43
N ILE B 311 -26.70 -19.52 6.67
CA ILE B 311 -26.92 -18.11 6.96
C ILE B 311 -25.56 -17.42 7.03
N LEU B 312 -25.40 -16.35 6.26
CA LEU B 312 -24.16 -15.60 6.22
C LEU B 312 -24.47 -14.12 6.27
N ASP B 313 -23.48 -13.35 6.71
CA ASP B 313 -23.59 -11.89 6.80
C ASP B 313 -22.87 -11.27 5.61
N ALA B 314 -23.53 -10.31 4.96
CA ALA B 314 -22.92 -9.66 3.80
C ALA B 314 -21.63 -8.95 4.17
N LEU B 315 -21.60 -8.31 5.33
CA LEU B 315 -20.38 -7.66 5.79
C LEU B 315 -19.26 -8.67 6.01
N SER B 316 -19.60 -9.85 6.55
CA SER B 316 -18.58 -10.86 6.76
C SER B 316 -18.04 -11.44 5.47
N LEU B 317 -18.73 -11.21 4.35
CA LEU B 317 -18.22 -11.61 3.04
C LEU B 317 -17.42 -10.50 2.40
N LYS B 318 -17.90 -9.26 2.50
CA LYS B 318 -17.15 -8.13 1.96
C LYS B 318 -15.84 -7.92 2.68
N ARG B 319 -15.82 -8.02 4.00
CA ARG B 319 -14.64 -7.71 4.81
C ARG B 319 -13.58 -8.80 4.74
N GLU B 320 -13.98 -10.07 4.79
CA GLU B 320 -13.04 -11.17 4.70
C GLU B 320 -12.63 -11.49 3.27
N GLY B 321 -13.22 -10.82 2.29
CA GLY B 321 -12.81 -10.96 0.91
C GLY B 321 -13.07 -12.34 0.32
N THR B 322 -13.89 -13.13 1.01
CA THR B 322 -14.23 -14.47 0.55
C THR B 322 -15.47 -14.48 -0.33
N TRP B 323 -15.94 -13.31 -0.77
CA TRP B 323 -17.14 -13.26 -1.60
C TRP B 323 -16.92 -13.92 -2.95
N GLU B 324 -15.76 -13.68 -3.58
CA GLU B 324 -15.49 -14.28 -4.88
C GLU B 324 -15.39 -15.78 -4.79
N ALA B 325 -14.68 -16.29 -3.79
CA ALA B 325 -14.58 -17.74 -3.61
C ALA B 325 -15.95 -18.34 -3.30
N PHE B 326 -16.74 -17.64 -2.50
CA PHE B 326 -18.08 -18.12 -2.18
C PHE B 326 -18.95 -18.19 -3.43
N LYS B 327 -18.93 -17.16 -4.26
CA LYS B 327 -19.78 -17.17 -5.44
C LYS B 327 -19.29 -18.15 -6.50
N ARG B 328 -17.99 -18.42 -6.55
CA ARG B 328 -17.52 -19.47 -7.45
C ARG B 328 -17.80 -20.86 -6.89
N ALA B 329 -17.96 -20.98 -5.57
CA ALA B 329 -18.43 -22.24 -5.00
C ALA B 329 -19.91 -22.42 -5.23
N LEU B 330 -20.66 -21.33 -5.33
CA LEU B 330 -22.09 -21.43 -5.59
C LEU B 330 -22.37 -21.73 -7.07
N ARG B 331 -21.82 -20.90 -7.95
CA ARG B 331 -22.09 -21.06 -9.38
C ARG B 331 -21.50 -22.36 -9.92
N ASN B 332 -20.23 -22.60 -9.65
CA ASN B 332 -19.50 -23.70 -10.25
C ASN B 332 -19.40 -24.92 -9.34
N GLY B 333 -20.00 -24.87 -8.14
CA GLY B 333 -19.86 -25.95 -7.21
C GLY B 333 -18.42 -26.20 -6.78
N GLN B 334 -17.63 -25.14 -6.68
CA GLN B 334 -16.19 -25.25 -6.42
C GLN B 334 -15.93 -24.95 -4.95
N VAL B 335 -16.13 -25.95 -4.10
CA VAL B 335 -15.82 -25.85 -2.68
C VAL B 335 -14.50 -26.59 -2.47
N GLU B 336 -13.50 -25.86 -1.96
CA GLU B 336 -12.17 -26.43 -1.77
C GLU B 336 -11.71 -26.20 -0.33
N PRO B 337 -11.35 -27.24 0.40
CA PRO B 337 -10.73 -27.03 1.71
C PRO B 337 -9.43 -26.26 1.58
N VAL B 338 -9.34 -25.10 2.21
CA VAL B 338 -8.18 -24.24 2.02
C VAL B 338 -6.97 -24.85 2.73
N THR B 339 -5.79 -24.57 2.17
CA THR B 339 -4.53 -25.03 2.72
C THR B 339 -3.57 -23.85 2.83
N GLU B 340 -2.67 -23.93 3.80
CA GLU B 340 -1.64 -22.92 3.93
C GLU B 340 -0.70 -22.97 2.74
N PRO B 341 -0.11 -21.83 2.35
CA PRO B 341 0.80 -21.83 1.19
C PRO B 341 2.02 -22.70 1.39
N GLN B 342 2.41 -22.98 2.64
CA GLN B 342 3.55 -23.83 2.91
C GLN B 342 3.30 -25.29 2.54
N ALA B 343 2.04 -25.66 2.28
CA ALA B 343 1.68 -27.05 2.07
C ALA B 343 2.49 -27.66 0.93
N PRO B 344 3.12 -28.81 1.13
CA PRO B 344 3.92 -29.42 0.06
C PRO B 344 3.05 -30.01 -1.03
N ALA B 345 1.83 -30.42 -0.68
CA ALA B 345 0.89 -30.99 -1.63
C ALA B 345 -0.52 -30.68 -1.14
N GLY B 346 -1.50 -30.96 -2.00
CA GLY B 346 -2.89 -30.73 -1.66
C GLY B 346 -3.81 -31.70 -2.35
N LEU B 347 -4.82 -32.20 -1.63
CA LEU B 347 -5.77 -33.11 -2.23
C LEU B 347 -6.55 -32.42 -3.34
N GLU B 348 -6.72 -33.11 -4.47
CA GLU B 348 -7.49 -32.57 -5.58
C GLU B 348 -8.96 -32.82 -5.30
N VAL B 349 -9.62 -31.81 -4.77
CA VAL B 349 -11.02 -31.91 -4.40
C VAL B 349 -11.87 -31.64 -5.63
N GLU B 350 -12.67 -32.63 -6.03
CA GLU B 350 -13.55 -32.57 -7.19
C GLU B 350 -14.69 -31.58 -6.93
N PRO B 351 -15.09 -30.81 -7.95
CA PRO B 351 -16.21 -29.89 -7.77
C PRO B 351 -17.45 -30.62 -7.30
N PHE B 352 -18.14 -30.03 -6.32
CA PHE B 352 -19.26 -30.68 -5.67
C PHE B 352 -20.54 -29.88 -5.87
N PRO B 353 -21.62 -30.51 -6.33
CA PRO B 353 -22.89 -29.80 -6.47
C PRO B 353 -23.37 -29.29 -5.12
N ILE B 354 -23.98 -28.11 -5.14
CA ILE B 354 -24.41 -27.42 -3.93
C ILE B 354 -25.90 -27.64 -3.75
N GLN B 355 -26.27 -28.20 -2.60
CA GLN B 355 -27.67 -28.46 -2.27
C GLN B 355 -28.23 -27.48 -1.25
N MET B 356 -27.37 -26.70 -0.60
CA MET B 356 -27.81 -25.76 0.42
C MET B 356 -28.48 -24.54 -0.21
N GLN B 357 -29.24 -23.83 0.61
CA GLN B 357 -29.83 -22.56 0.23
C GLN B 357 -29.26 -21.48 1.14
N VAL B 358 -28.33 -20.71 0.63
CA VAL B 358 -27.69 -19.66 1.41
C VAL B 358 -28.61 -18.46 1.50
N ILE B 359 -28.70 -17.89 2.69
CA ILE B 359 -29.56 -16.74 2.96
C ILE B 359 -28.68 -15.66 3.56
N LEU B 360 -28.21 -14.72 2.75
CA LEU B 360 -27.41 -13.63 3.24
C LEU B 360 -28.25 -12.69 4.10
N VAL B 361 -27.63 -12.12 5.12
CA VAL B 361 -28.26 -11.13 5.98
C VAL B 361 -27.34 -9.92 6.06
N GLY B 362 -27.91 -8.73 5.98
CA GLY B 362 -27.09 -7.54 6.10
C GLY B 362 -27.93 -6.29 5.91
N THR B 363 -27.31 -5.17 6.23
CA THR B 363 -27.93 -3.87 6.06
C THR B 363 -27.99 -3.50 4.59
N PRO B 364 -28.85 -2.55 4.20
CA PRO B 364 -28.84 -2.09 2.81
C PRO B 364 -27.48 -1.58 2.37
N GLU B 365 -26.73 -0.94 3.26
CA GLU B 365 -25.38 -0.51 2.92
C GLU B 365 -24.44 -1.70 2.76
N ALA B 366 -24.66 -2.77 3.53
CA ALA B 366 -23.82 -3.95 3.41
C ALA B 366 -24.08 -4.73 2.13
N PHE B 367 -25.15 -4.42 1.40
CA PHE B 367 -25.48 -5.09 0.16
C PHE B 367 -25.32 -4.21 -1.07
N GLU B 368 -25.51 -2.90 -0.94
CA GLU B 368 -25.29 -2.02 -2.08
C GLU B 368 -23.84 -2.04 -2.54
N GLY B 369 -22.90 -2.34 -1.65
CA GLY B 369 -21.53 -2.60 -2.04
C GLY B 369 -21.29 -3.99 -2.56
N LEU B 370 -22.33 -4.82 -2.57
CA LEU B 370 -22.25 -6.17 -3.09
C LEU B 370 -23.24 -6.41 -4.22
N GLU B 371 -24.18 -5.49 -4.44
CA GLU B 371 -25.12 -5.57 -5.55
C GLU B 371 -24.49 -5.21 -6.89
N GLU B 372 -23.31 -4.59 -6.88
CA GLU B 372 -22.66 -4.20 -8.13
C GLU B 372 -22.09 -5.38 -8.90
N ASP B 373 -22.06 -6.56 -8.29
CA ASP B 373 -21.58 -7.77 -8.95
C ASP B 373 -22.77 -8.48 -9.59
N PRO B 374 -22.80 -8.61 -10.92
CA PRO B 374 -23.94 -9.30 -11.56
C PRO B 374 -24.08 -10.73 -11.11
N ALA B 375 -22.97 -11.35 -10.67
CA ALA B 375 -23.05 -12.69 -10.13
C ALA B 375 -23.92 -12.74 -8.88
N PHE B 376 -23.87 -11.69 -8.06
CA PHE B 376 -24.76 -11.61 -6.90
C PHE B 376 -26.22 -11.52 -7.32
N SER B 377 -26.52 -10.62 -8.25
CA SER B 377 -27.90 -10.44 -8.69
C SER B 377 -28.44 -11.68 -9.41
N GLU B 378 -27.56 -12.49 -9.99
CA GLU B 378 -28.01 -13.72 -10.63
C GLU B 378 -28.08 -14.90 -9.66
N LEU B 379 -27.30 -14.85 -8.58
CA LEU B 379 -27.34 -15.94 -7.62
C LEU B 379 -28.43 -15.73 -6.58
N PHE B 380 -28.63 -14.49 -6.15
CA PHE B 380 -29.60 -14.16 -5.10
C PHE B 380 -30.73 -13.37 -5.75
N ARG B 381 -31.82 -14.07 -6.08
CA ARG B 381 -32.96 -13.47 -6.76
C ARG B 381 -34.00 -12.93 -5.79
N ILE B 382 -34.12 -13.53 -4.61
CA ILE B 382 -35.16 -13.18 -3.65
C ILE B 382 -34.61 -12.14 -2.69
N ARG B 383 -35.27 -10.99 -2.62
CA ARG B 383 -34.87 -9.90 -1.73
C ARG B 383 -35.90 -9.79 -0.62
N ALA B 384 -35.48 -10.12 0.60
CA ALA B 384 -36.35 -10.04 1.77
C ALA B 384 -36.02 -8.76 2.52
N GLU B 385 -36.84 -7.74 2.34
CA GLU B 385 -36.63 -6.44 2.96
C GLU B 385 -37.45 -6.34 4.25
N PHE B 386 -36.79 -5.94 5.33
CA PHE B 386 -37.47 -5.67 6.58
C PHE B 386 -37.82 -4.19 6.65
N SER B 387 -39.09 -3.89 6.87
CA SER B 387 -39.49 -2.50 7.02
C SER B 387 -38.86 -1.92 8.28
N PRO B 388 -38.27 -0.73 8.20
CA PRO B 388 -37.72 -0.11 9.41
C PRO B 388 -38.79 0.17 10.46
N THR B 389 -40.01 0.47 10.05
CA THR B 389 -41.10 0.78 10.97
C THR B 389 -42.32 -0.08 10.64
N LEU B 390 -42.92 -0.64 11.69
CA LEU B 390 -44.22 -1.30 11.60
C LEU B 390 -45.33 -0.31 11.88
N PRO B 391 -46.54 -0.57 11.38
CA PRO B 391 -47.66 0.33 11.72
C PRO B 391 -47.98 0.28 13.20
N ALA B 392 -48.42 1.41 13.73
CA ALA B 392 -48.81 1.49 15.13
C ALA B 392 -50.26 1.04 15.26
N SER B 393 -50.47 -0.22 15.63
CA SER B 393 -51.79 -0.78 15.76
C SER B 393 -51.84 -1.57 17.06
N PRO B 394 -53.02 -1.71 17.67
CA PRO B 394 -53.10 -2.55 18.87
C PRO B 394 -52.65 -3.97 18.63
N GLU B 395 -52.85 -4.51 17.43
CA GLU B 395 -52.32 -5.82 17.11
C GLU B 395 -50.80 -5.81 17.14
N ASN B 396 -50.17 -4.75 16.63
CA ASN B 396 -48.71 -4.65 16.67
C ASN B 396 -48.22 -4.53 18.10
N CYS B 397 -48.91 -3.76 18.94
CA CYS B 397 -48.52 -3.65 20.34
C CYS B 397 -48.64 -5.00 21.05
N THR B 398 -49.72 -5.73 20.78
CA THR B 398 -49.89 -7.05 21.36
C THR B 398 -48.80 -8.01 20.89
N ALA B 399 -48.44 -7.94 19.62
CA ALA B 399 -47.37 -8.77 19.11
C ALA B 399 -46.04 -8.43 19.77
N LEU B 400 -45.77 -7.14 19.95
CA LEU B 400 -44.55 -6.72 20.64
C LEU B 400 -44.53 -7.24 22.07
N GLY B 401 -45.67 -7.14 22.76
CA GLY B 401 -45.74 -7.66 24.11
C GLY B 401 -45.51 -9.15 24.17
N GLY B 402 -46.12 -9.89 23.24
CA GLY B 402 -45.88 -11.33 23.19
C GLY B 402 -44.43 -11.67 22.91
N TRP B 403 -43.80 -10.91 22.02
CA TRP B 403 -42.39 -11.13 21.72
C TRP B 403 -41.53 -10.89 22.95
N LEU B 404 -41.82 -9.81 23.69
CA LEU B 404 -41.07 -9.51 24.89
C LEU B 404 -41.27 -10.60 25.94
N LEU B 405 -42.51 -11.07 26.10
CA LEU B 405 -42.76 -12.15 27.04
C LEU B 405 -42.05 -13.43 26.63
N ALA B 406 -41.91 -13.66 25.33
CA ALA B 406 -41.17 -14.83 24.86
C ALA B 406 -39.70 -14.75 25.23
N GLN B 407 -39.13 -13.55 25.27
CA GLN B 407 -37.73 -13.39 25.65
C GLN B 407 -37.47 -13.80 27.10
N GLY B 408 -38.47 -13.68 27.98
CA GLY B 408 -38.29 -14.00 29.37
C GLY B 408 -38.57 -12.81 30.27
N PHE B 409 -39.05 -11.72 29.69
CA PHE B 409 -39.37 -10.53 30.45
C PHE B 409 -40.68 -10.72 31.21
N GLN B 410 -41.02 -9.73 32.02
CA GLN B 410 -42.28 -9.70 32.77
C GLN B 410 -42.90 -8.33 32.57
N LEU B 411 -43.86 -8.24 31.67
CA LEU B 411 -44.50 -6.98 31.32
C LEU B 411 -45.77 -6.77 32.12
N THR B 412 -45.93 -5.58 32.67
CA THR B 412 -47.24 -5.12 33.07
C THR B 412 -47.91 -4.44 31.89
N GLN B 413 -49.22 -4.23 32.00
CA GLN B 413 -49.93 -3.56 30.93
C GLN B 413 -49.39 -2.15 30.70
N GLY B 414 -49.18 -1.41 31.79
CA GLY B 414 -48.58 -0.10 31.66
C GLY B 414 -47.16 -0.13 31.15
N GLY B 415 -46.38 -1.13 31.57
CA GLY B 415 -45.02 -1.27 31.06
C GLY B 415 -44.99 -1.56 29.57
N LEU B 416 -45.86 -2.46 29.12
CA LEU B 416 -45.96 -2.71 27.69
C LEU B 416 -46.42 -1.48 26.94
N THR B 417 -47.36 -0.73 27.50
CA THR B 417 -47.82 0.49 26.86
C THR B 417 -46.68 1.50 26.73
N ARG B 418 -45.88 1.67 27.78
CA ARG B 418 -44.77 2.61 27.72
C ARG B 418 -43.71 2.15 26.74
N LEU B 419 -43.42 0.85 26.71
CA LEU B 419 -42.45 0.34 25.74
C LEU B 419 -42.93 0.54 24.32
N TYR B 420 -44.22 0.31 24.06
CA TYR B 420 -44.77 0.52 22.73
C TYR B 420 -44.74 1.99 22.34
N ASP B 421 -45.03 2.88 23.29
CA ASP B 421 -44.93 4.31 23.02
C ASP B 421 -43.49 4.70 22.71
N GLU B 422 -42.53 4.15 23.44
CA GLU B 422 -41.13 4.44 23.16
C GLU B 422 -40.73 3.92 21.78
N ALA B 423 -41.25 2.76 21.41
CA ALA B 423 -41.00 2.24 20.06
C ALA B 423 -41.56 3.17 19.01
N ARG B 424 -42.77 3.71 19.24
CA ARG B 424 -43.32 4.70 18.33
C ARG B 424 -42.44 5.94 18.27
N ARG B 425 -41.92 6.37 19.41
CA ARG B 425 -41.07 7.55 19.44
C ARG B 425 -39.76 7.31 18.69
N MET B 426 -39.21 6.10 18.78
CA MET B 426 -37.99 5.78 18.05
C MET B 426 -38.20 5.95 16.55
N ALA B 427 -39.34 5.51 16.05
CA ALA B 427 -39.68 5.69 14.65
C ALA B 427 -40.03 7.13 14.30
N GLU B 428 -40.14 8.01 15.31
CA GLU B 428 -40.48 9.41 15.12
C GLU B 428 -41.81 9.59 14.40
N GLN B 429 -42.73 8.65 14.57
CA GLN B 429 -44.03 8.71 13.94
C GLN B 429 -45.09 8.35 14.97
N ARG B 430 -46.22 9.06 14.92
CA ARG B 430 -47.33 8.75 15.80
C ARG B 430 -48.12 7.53 15.34
N ASP B 431 -47.99 7.13 14.08
CA ASP B 431 -48.72 6.00 13.54
C ASP B 431 -47.83 4.84 13.12
N ARG B 432 -46.53 4.93 13.38
CA ARG B 432 -45.61 3.84 13.09
C ARG B 432 -44.77 3.57 14.33
N MET B 433 -44.45 2.30 14.55
CA MET B 433 -43.63 1.90 15.68
C MET B 433 -42.36 1.23 15.18
N ASP B 434 -41.24 1.58 15.80
CA ASP B 434 -39.94 1.14 15.31
C ASP B 434 -39.83 -0.37 15.34
N ALA B 435 -39.36 -0.94 14.23
CA ALA B 435 -39.28 -2.39 14.09
C ALA B 435 -37.99 -2.98 14.65
N ARG B 436 -37.06 -2.15 15.09
CA ARG B 436 -35.83 -2.68 15.65
C ARG B 436 -36.12 -3.34 16.99
N LEU B 437 -36.40 -4.64 16.96
CA LEU B 437 -36.83 -5.33 18.17
C LEU B 437 -35.71 -5.46 19.19
N VAL B 438 -34.45 -5.48 18.76
CA VAL B 438 -33.38 -5.62 19.74
C VAL B 438 -33.13 -4.30 20.47
N GLU B 439 -33.42 -3.16 19.83
CA GLU B 439 -33.36 -1.90 20.56
C GLU B 439 -34.38 -1.88 21.69
N ILE B 440 -35.61 -2.31 21.40
CA ILE B 440 -36.64 -2.40 22.42
C ILE B 440 -36.28 -3.44 23.45
N ARG B 441 -35.61 -4.52 23.05
CA ARG B 441 -35.18 -5.53 24.02
C ARG B 441 -34.11 -4.97 24.95
N ALA B 442 -33.19 -4.17 24.42
CA ALA B 442 -32.17 -3.55 25.26
C ALA B 442 -32.81 -2.58 26.25
N LEU B 443 -33.76 -1.77 25.78
CA LEU B 443 -34.48 -0.89 26.68
C LEU B 443 -35.24 -1.69 27.73
N ALA B 444 -35.81 -2.83 27.34
CA ALA B 444 -36.50 -3.69 28.30
C ALA B 444 -35.55 -4.25 29.34
N GLU B 445 -34.35 -4.64 28.93
CA GLU B 445 -33.38 -5.13 29.91
C GLU B 445 -32.98 -4.03 30.88
N GLU B 446 -32.77 -2.82 30.37
CA GLU B 446 -32.44 -1.69 31.24
C GLU B 446 -33.56 -1.43 32.23
N ALA B 447 -34.81 -1.42 31.74
CA ALA B 447 -35.93 -1.18 32.63
C ALA B 447 -36.13 -2.32 33.62
N ALA B 448 -35.81 -3.55 33.21
CA ALA B 448 -35.95 -4.68 34.13
C ALA B 448 -34.95 -4.59 35.26
N VAL B 449 -33.69 -4.25 34.96
CA VAL B 449 -32.72 -4.10 36.02
C VAL B 449 -32.96 -2.84 36.84
N LEU B 450 -33.67 -1.85 36.28
CA LEU B 450 -34.07 -0.68 37.06
C LEU B 450 -35.36 -0.90 37.85
N GLY B 451 -36.08 -1.99 37.59
CA GLY B 451 -37.32 -2.25 38.27
C GLY B 451 -37.33 -3.56 39.02
N GLY B 452 -36.17 -4.19 39.13
CA GLY B 452 -36.03 -5.43 39.88
C GLY B 452 -36.40 -6.67 39.11
N GLY B 453 -36.82 -6.56 37.86
CA GLY B 453 -37.18 -7.73 37.07
C GLY B 453 -38.55 -7.62 36.45
N LEU B 454 -39.31 -6.60 36.85
CA LEU B 454 -40.65 -6.36 36.33
C LEU B 454 -40.67 -5.09 35.50
N LEU B 455 -41.17 -5.19 34.28
CA LEU B 455 -41.20 -4.05 33.36
C LEU B 455 -42.44 -3.21 33.62
N THR B 456 -42.36 -2.41 34.67
CA THR B 456 -43.43 -1.48 35.00
C THR B 456 -43.29 -0.21 34.15
N ALA B 457 -44.41 0.48 33.94
CA ALA B 457 -44.37 1.74 33.22
C ALA B 457 -43.41 2.72 33.89
N GLU B 458 -43.42 2.76 35.22
CA GLU B 458 -42.44 3.57 35.93
C GLU B 458 -41.02 3.07 35.68
N SER B 459 -40.84 1.75 35.63
CA SER B 459 -39.52 1.21 35.35
C SER B 459 -39.04 1.57 33.95
N VAL B 460 -39.94 1.52 32.96
CA VAL B 460 -39.56 1.89 31.60
C VAL B 460 -39.24 3.38 31.51
N GLU B 461 -40.03 4.22 32.19
CA GLU B 461 -39.72 5.64 32.21
C GLU B 461 -38.38 5.89 32.88
N GLN B 462 -38.08 5.16 33.95
CA GLN B 462 -36.79 5.27 34.61
C GLN B 462 -35.66 4.88 33.67
N ALA B 463 -35.84 3.80 32.91
CA ALA B 463 -34.81 3.39 31.96
C ALA B 463 -34.60 4.45 30.89
N ILE B 464 -35.69 5.03 30.39
CA ILE B 464 -35.57 6.09 29.38
C ILE B 464 -34.84 7.29 29.94
N ALA B 465 -35.20 7.71 31.15
CA ALA B 465 -34.54 8.87 31.75
C ALA B 465 -33.06 8.59 32.01
N ALA B 466 -32.74 7.39 32.49
CA ALA B 466 -31.34 7.05 32.74
C ALA B 466 -30.55 7.01 31.44
N ARG B 467 -31.13 6.47 30.37
CA ARG B 467 -30.45 6.46 29.09
C ARG B 467 -30.24 7.86 28.56
N GLU B 468 -31.22 8.75 28.73
CA GLU B 468 -31.04 10.14 28.33
C GLU B 468 -29.98 10.84 29.16
N HIS B 469 -29.93 10.57 30.45
CA HIS B 469 -28.98 11.24 31.34
C HIS B 469 -27.57 10.72 31.15
N ARG B 470 -27.40 9.45 30.76
CA ARG B 470 -26.08 8.91 30.54
C ARG B 470 -25.37 9.55 29.36
N SER B 471 -26.11 10.17 28.45
CA SER B 471 -25.54 10.87 27.31
C SER B 471 -25.89 12.35 27.34
N PHE B 472 -26.15 12.88 28.53
CA PHE B 472 -26.57 14.26 28.70
C PHE B 472 -25.43 15.21 29.00
N LEU B 473 -24.19 14.71 29.07
CA LEU B 473 -23.07 15.56 29.44
C LEU B 473 -22.88 16.71 28.46
N SER B 474 -22.96 16.41 27.16
CA SER B 474 -22.77 17.45 26.15
C SER B 474 -23.85 18.51 26.27
N GLU B 475 -25.10 18.08 26.41
CA GLU B 475 -26.19 19.03 26.52
C GLU B 475 -26.13 19.78 27.85
N GLU B 476 -25.66 19.12 28.91
CA GLU B 476 -25.49 19.81 30.19
C GLU B 476 -24.45 20.91 30.07
N GLU B 477 -23.33 20.62 29.40
CA GLU B 477 -22.31 21.65 29.19
C GLU B 477 -22.83 22.78 28.32
N PHE B 478 -23.62 22.45 27.29
CA PHE B 478 -24.20 23.50 26.47
C PHE B 478 -25.14 24.37 27.29
N LEU B 479 -25.95 23.76 28.15
CA LEU B 479 -26.85 24.53 28.99
C LEU B 479 -26.08 25.44 29.93
N ARG B 480 -24.99 24.92 30.53
CA ARG B 480 -24.16 25.75 31.39
C ARG B 480 -23.56 26.91 30.63
N ALA B 481 -23.09 26.66 29.41
CA ALA B 481 -22.51 27.73 28.60
C ALA B 481 -23.55 28.79 28.27
N VAL B 482 -24.77 28.37 27.94
CA VAL B 482 -25.82 29.34 27.65
C VAL B 482 -26.17 30.15 28.89
N GLN B 483 -26.23 29.50 30.05
CA GLN B 483 -26.54 30.21 31.29
C GLN B 483 -25.46 31.22 31.63
N GLU B 484 -24.19 30.85 31.43
CA GLU B 484 -23.08 31.73 31.76
C GLU B 484 -22.96 32.91 30.80
N GLY B 485 -23.71 32.92 29.70
CA GLY B 485 -23.58 33.95 28.69
C GLY B 485 -22.52 33.68 27.65
N VAL B 486 -21.83 32.54 27.73
CA VAL B 486 -20.82 32.19 26.73
C VAL B 486 -21.46 32.09 25.35
N ILE B 487 -22.60 31.41 25.27
CA ILE B 487 -23.38 31.30 24.04
C ILE B 487 -24.63 32.13 24.26
N ARG B 488 -24.63 33.37 23.80
CA ARG B 488 -25.72 34.28 24.10
C ARG B 488 -26.96 33.89 23.30
N LEU B 489 -28.01 33.47 23.99
CA LEU B 489 -29.30 33.18 23.41
C LEU B 489 -30.36 33.98 24.14
N ARG B 490 -31.40 34.36 23.41
CA ARG B 490 -32.51 35.11 23.98
C ARG B 490 -33.77 34.27 23.83
N THR B 491 -34.26 33.72 24.95
CA THR B 491 -35.53 33.02 24.99
C THR B 491 -36.67 33.95 25.40
N THR B 492 -36.39 35.24 25.54
CA THR B 492 -37.39 36.25 25.84
C THR B 492 -37.12 37.47 24.99
N GLY B 493 -38.11 38.35 24.91
CA GLY B 493 -37.94 39.61 24.21
C GLY B 493 -38.10 39.48 22.70
N ARG B 494 -37.96 40.62 22.04
CA ARG B 494 -38.15 40.72 20.60
C ARG B 494 -36.97 41.44 19.98
N ALA B 495 -36.23 40.73 19.12
CA ALA B 495 -35.06 41.26 18.45
C ALA B 495 -35.25 41.22 16.94
N VAL B 496 -34.70 42.22 16.26
CA VAL B 496 -34.89 42.38 14.82
C VAL B 496 -33.89 41.51 14.08
N GLY B 497 -34.39 40.68 13.17
CA GLY B 497 -33.51 39.87 12.35
C GLY B 497 -32.85 38.73 13.06
N GLU B 498 -33.26 38.42 14.28
CA GLU B 498 -32.64 37.39 15.10
C GLU B 498 -33.65 36.28 15.37
N VAL B 499 -33.24 35.04 15.11
CA VAL B 499 -34.14 33.89 15.21
C VAL B 499 -33.39 32.73 15.83
N ASN B 500 -34.05 32.04 16.76
CA ASN B 500 -33.47 30.86 17.42
C ASN B 500 -33.73 29.64 16.55
N SER B 501 -32.84 29.40 15.60
CA SER B 501 -32.90 28.20 14.79
C SER B 501 -32.62 26.97 15.66
N LEU B 502 -33.18 25.84 15.25
CA LEU B 502 -33.03 24.58 15.97
C LEU B 502 -32.07 23.68 15.20
N VAL B 503 -31.07 23.17 15.91
CA VAL B 503 -30.00 22.39 15.31
C VAL B 503 -29.85 21.08 16.08
N VAL B 504 -29.71 19.98 15.35
CA VAL B 504 -29.56 18.67 15.95
C VAL B 504 -28.10 18.24 15.82
N VAL B 505 -27.48 17.91 16.96
CA VAL B 505 -26.07 17.54 16.92
C VAL B 505 -25.92 16.07 16.57
N GLU B 506 -24.72 15.71 16.13
CA GLU B 506 -24.38 14.33 15.82
C GLU B 506 -24.07 13.56 17.09
N ALA B 507 -23.42 12.40 16.93
CA ALA B 507 -22.98 11.56 18.04
C ALA B 507 -24.17 10.84 18.67
N ALA B 508 -23.92 10.07 19.73
CA ALA B 508 -24.88 9.28 20.48
C ALA B 508 -26.11 10.13 20.82
N PRO B 509 -27.26 9.53 21.25
CA PRO B 509 -28.58 10.01 20.80
C PRO B 509 -28.70 11.51 20.56
N TYR B 510 -29.22 11.85 19.38
CA TYR B 510 -29.14 13.21 18.85
C TYR B 510 -29.89 14.15 19.78
N TRP B 511 -29.17 15.15 20.29
CA TRP B 511 -29.79 16.21 21.08
C TRP B 511 -29.96 17.45 20.23
N GLY B 512 -31.19 17.97 20.19
CA GLY B 512 -31.42 19.26 19.59
C GLY B 512 -30.99 20.38 20.53
N ARG B 513 -30.65 21.52 19.92
CA ARG B 513 -30.27 22.69 20.70
C ARG B 513 -30.45 23.91 19.83
N PRO B 514 -30.95 25.01 20.38
CA PRO B 514 -31.12 26.22 19.57
C PRO B 514 -29.79 26.77 19.11
N ALA B 515 -29.81 27.37 17.93
CA ALA B 515 -28.65 28.08 17.40
C ALA B 515 -29.13 29.44 16.94
N ARG B 516 -28.59 30.49 17.53
CA ARG B 516 -28.98 31.84 17.17
C ARG B 516 -28.64 32.13 15.71
N LEU B 517 -29.58 32.77 15.02
CA LEU B 517 -29.42 33.10 13.61
C LEU B 517 -29.68 34.59 13.45
N THR B 518 -28.74 35.30 12.83
CA THR B 518 -28.87 36.73 12.61
C THR B 518 -28.84 37.02 11.13
N ALA B 519 -29.79 37.85 10.69
CA ALA B 519 -29.83 38.34 9.32
C ALA B 519 -29.79 39.85 9.35
N ARG B 520 -28.93 40.44 8.52
CA ARG B 520 -28.79 41.88 8.43
C ARG B 520 -29.01 42.33 6.99
N ALA B 521 -29.84 43.33 6.81
CA ALA B 521 -30.22 43.84 5.49
C ALA B 521 -29.46 45.13 5.23
N ALA B 522 -28.73 45.18 4.12
CA ALA B 522 -28.02 46.37 3.70
C ALA B 522 -28.33 46.66 2.25
N PRO B 523 -28.33 47.94 1.85
CA PRO B 523 -28.56 48.26 0.45
C PRO B 523 -27.44 47.69 -0.41
N GLY B 524 -27.79 47.31 -1.63
CA GLY B 524 -26.83 46.71 -2.54
C GLY B 524 -27.50 45.81 -3.55
N ARG B 525 -26.80 45.48 -4.62
CA ARG B 525 -27.37 44.58 -5.62
C ARG B 525 -27.60 43.22 -5.01
N ASP B 526 -28.65 42.54 -5.47
CA ASP B 526 -29.14 41.33 -4.85
C ASP B 526 -28.03 40.32 -4.61
N HIS B 527 -27.78 40.04 -3.33
CA HIS B 527 -26.81 39.01 -2.96
C HIS B 527 -27.18 38.55 -1.56
N LEU B 528 -27.89 37.44 -1.46
CA LEU B 528 -28.27 36.89 -0.16
C LEU B 528 -27.11 36.03 0.31
N ILE B 529 -26.28 36.59 1.17
CA ILE B 529 -25.01 35.98 1.54
C ILE B 529 -25.24 35.01 2.70
N SER B 530 -24.82 33.76 2.52
CA SER B 530 -24.83 32.77 3.58
C SER B 530 -23.42 32.70 4.15
N ILE B 531 -23.22 33.33 5.30
CA ILE B 531 -21.88 33.42 5.88
C ILE B 531 -21.34 32.04 6.23
N ASP B 532 -22.18 31.16 6.77
CA ASP B 532 -21.74 29.81 7.08
C ASP B 532 -21.42 28.99 5.84
N ARG B 533 -21.95 29.37 4.68
CA ARG B 533 -21.65 28.64 3.46
C ARG B 533 -20.38 29.15 2.81
N GLU B 534 -20.25 30.46 2.68
CA GLU B 534 -19.04 31.02 2.08
C GLU B 534 -17.81 30.72 2.92
N ALA B 535 -17.99 30.65 4.24
CA ALA B 535 -16.88 30.25 5.09
C ALA B 535 -16.50 28.78 4.90
N GLY B 536 -17.32 28.02 4.18
CA GLY B 536 -17.05 26.62 3.97
C GLY B 536 -17.68 25.69 4.98
N LEU B 537 -18.48 26.21 5.91
CA LEU B 537 -19.12 25.38 6.91
C LEU B 537 -20.44 24.80 6.42
N GLY B 538 -21.21 25.58 5.66
CA GLY B 538 -22.49 25.09 5.16
C GLY B 538 -22.30 23.99 4.13
N GLY B 539 -23.11 22.95 4.23
CA GLY B 539 -23.02 21.84 3.31
C GLY B 539 -23.78 22.10 2.02
N GLN B 540 -23.89 21.04 1.22
CA GLN B 540 -24.57 21.15 -0.06
C GLN B 540 -26.05 21.46 0.12
N ILE B 541 -26.72 20.70 0.99
CA ILE B 541 -28.14 20.93 1.21
C ILE B 541 -28.39 22.26 1.89
N PHE B 542 -27.49 22.70 2.77
CA PHE B 542 -27.63 24.02 3.37
C PHE B 542 -27.56 25.11 2.31
N HIS B 543 -26.62 24.99 1.38
CA HIS B 543 -26.54 25.93 0.27
C HIS B 543 -27.79 25.86 -0.61
N LYS B 544 -28.33 24.66 -0.81
CA LYS B 544 -29.56 24.52 -1.57
C LYS B 544 -30.70 25.27 -0.90
N ALA B 545 -30.82 25.14 0.42
CA ALA B 545 -31.86 25.87 1.14
C ALA B 545 -31.66 27.38 1.03
N VAL B 546 -30.40 27.82 1.15
CA VAL B 546 -30.11 29.24 1.04
C VAL B 546 -30.53 29.77 -0.33
N LEU B 547 -30.15 29.04 -1.38
CA LEU B 547 -30.53 29.45 -2.74
C LEU B 547 -32.03 29.41 -2.94
N THR B 548 -32.69 28.41 -2.33
CA THR B 548 -34.13 28.28 -2.46
C THR B 548 -34.84 29.50 -1.88
N LEU B 549 -34.48 29.88 -0.66
CA LEU B 549 -35.13 31.03 -0.05
C LEU B 549 -34.69 32.32 -0.73
N ALA B 550 -33.48 32.36 -1.28
CA ALA B 550 -33.07 33.53 -2.06
C ALA B 550 -33.95 33.70 -3.29
N GLY B 551 -34.23 32.59 -3.98
CA GLY B 551 -35.13 32.66 -5.12
C GLY B 551 -36.54 33.04 -4.73
N TYR B 552 -37.02 32.52 -3.59
CA TYR B 552 -38.33 32.93 -3.10
C TYR B 552 -38.38 34.43 -2.85
N LEU B 553 -37.33 34.97 -2.23
CA LEU B 553 -37.29 36.41 -1.96
C LEU B 553 -37.21 37.21 -3.25
N ARG B 554 -36.43 36.73 -4.21
CA ARG B 554 -36.31 37.42 -5.49
C ARG B 554 -37.66 37.50 -6.19
N SER B 555 -38.38 36.37 -6.24
CA SER B 555 -39.62 36.32 -7.00
C SER B 555 -40.81 36.85 -6.22
N ARG B 556 -40.70 36.99 -4.90
CA ARG B 556 -41.83 37.43 -4.11
C ARG B 556 -42.00 38.95 -4.14
N TYR B 557 -40.88 39.67 -4.20
CA TYR B 557 -40.88 41.13 -4.19
C TYR B 557 -40.35 41.62 -5.52
N ILE B 558 -41.22 42.24 -6.30
CA ILE B 558 -40.98 42.42 -7.72
C ILE B 558 -41.13 43.90 -8.08
N GLU B 559 -41.66 44.70 -7.15
CA GLU B 559 -41.98 46.08 -7.49
C GLU B 559 -40.74 46.96 -7.61
N HIS B 560 -39.55 46.39 -7.56
CA HIS B 560 -38.31 47.01 -7.98
C HIS B 560 -37.65 46.09 -9.01
N GLY B 561 -36.39 46.37 -9.32
CA GLY B 561 -35.68 45.50 -10.23
C GLY B 561 -35.24 44.26 -9.48
N SER B 562 -33.97 43.89 -9.61
CA SER B 562 -33.45 42.83 -8.75
C SER B 562 -33.62 43.24 -7.29
N LEU B 563 -33.58 42.24 -6.41
CA LEU B 563 -33.77 42.46 -4.98
C LEU B 563 -32.81 43.54 -4.49
N PRO B 564 -33.31 44.71 -4.08
CA PRO B 564 -32.43 45.84 -3.79
C PRO B 564 -31.66 45.74 -2.49
N VAL B 565 -31.61 44.56 -1.87
CA VAL B 565 -30.94 44.40 -0.59
C VAL B 565 -29.99 43.21 -0.67
N THR B 566 -28.99 43.23 0.21
CA THR B 566 -28.12 42.08 0.43
C THR B 566 -28.30 41.64 1.87
N ILE B 567 -28.51 40.33 2.07
CA ILE B 567 -28.83 39.78 3.36
C ILE B 567 -27.70 38.85 3.78
N SER B 568 -27.19 39.05 4.99
CA SER B 568 -26.10 38.24 5.53
C SER B 568 -26.67 37.34 6.61
N LEU B 569 -26.50 36.03 6.44
CA LEU B 569 -27.05 35.04 7.36
C LEU B 569 -25.91 34.28 8.02
N ALA B 570 -25.89 34.29 9.35
CA ALA B 570 -24.81 33.64 10.08
C ALA B 570 -25.36 32.93 11.30
N PHE B 571 -24.85 31.73 11.56
CA PHE B 571 -25.11 31.02 12.81
C PHE B 571 -24.08 31.47 13.82
N GLU B 572 -24.52 32.21 14.84
CA GLU B 572 -23.58 32.70 15.83
C GLU B 572 -23.10 31.55 16.71
N GLN B 573 -21.84 31.62 17.12
CA GLN B 573 -21.19 30.54 17.87
C GLN B 573 -21.31 29.20 17.13
N ASN B 574 -21.15 29.24 15.81
CA ASN B 574 -21.33 28.01 15.01
C ASN B 574 -20.08 27.16 15.07
N TYR B 575 -18.98 27.66 14.50
CA TYR B 575 -17.65 27.07 14.55
C TYR B 575 -17.61 25.62 14.06
N VAL B 576 -18.71 25.10 13.50
CA VAL B 576 -18.79 23.72 13.06
C VAL B 576 -19.56 23.70 11.74
N SER B 577 -19.27 22.68 10.93
CA SER B 577 -19.92 22.56 9.63
C SER B 577 -21.42 22.35 9.79
N ILE B 578 -22.19 23.04 8.96
CA ILE B 578 -23.64 22.97 8.96
C ILE B 578 -24.08 22.12 7.78
N GLU B 579 -24.94 21.14 8.04
CA GLU B 579 -25.45 20.24 7.01
C GLU B 579 -26.95 20.13 7.15
N GLY B 580 -27.65 20.19 6.03
CA GLY B 580 -29.07 19.91 5.97
C GLY B 580 -29.90 21.16 5.72
N ASP B 581 -31.15 20.91 5.33
CA ASP B 581 -32.14 21.95 5.11
C ASP B 581 -33.17 21.83 6.24
N SER B 582 -32.92 22.55 7.32
CA SER B 582 -33.78 22.53 8.49
C SER B 582 -34.25 23.93 8.84
N ALA B 583 -33.47 24.95 8.50
CA ALA B 583 -33.72 26.33 8.91
C ALA B 583 -34.08 27.24 7.75
N GLY B 584 -34.56 26.67 6.64
CA GLY B 584 -35.02 27.52 5.56
C GLY B 584 -36.13 28.46 6.02
N LEU B 585 -37.04 27.96 6.83
CA LEU B 585 -38.08 28.83 7.40
C LEU B 585 -37.48 29.86 8.35
N ALA B 586 -36.56 29.42 9.23
CA ALA B 586 -35.94 30.34 10.17
C ALA B 586 -35.13 31.39 9.43
N GLU B 587 -34.34 30.96 8.46
CA GLU B 587 -33.55 31.89 7.66
C GLU B 587 -34.46 32.87 6.92
N LEU B 588 -35.55 32.38 6.36
CA LEU B 588 -36.46 33.23 5.61
C LEU B 588 -37.11 34.27 6.50
N VAL B 589 -37.59 33.86 7.68
CA VAL B 589 -38.24 34.82 8.56
C VAL B 589 -37.24 35.83 9.10
N ALA B 590 -36.02 35.38 9.40
CA ALA B 590 -34.99 36.31 9.84
C ALA B 590 -34.67 37.33 8.76
N ALA B 591 -34.55 36.87 7.51
CA ALA B 591 -34.28 37.77 6.40
C ALA B 591 -35.42 38.75 6.20
N LEU B 592 -36.65 38.28 6.29
CA LEU B 592 -37.80 39.16 6.12
C LEU B 592 -37.86 40.20 7.22
N SER B 593 -37.57 39.81 8.46
CA SER B 593 -37.54 40.76 9.56
C SER B 593 -36.45 41.79 9.36
N ALA B 594 -35.26 41.35 8.93
CA ALA B 594 -34.17 42.27 8.66
C ALA B 594 -34.55 43.26 7.57
N ILE B 595 -35.23 42.78 6.53
CA ILE B 595 -35.66 43.66 5.45
C ILE B 595 -36.66 44.67 5.94
N GLY B 596 -37.68 44.21 6.67
CA GLY B 596 -38.75 45.07 7.11
C GLY B 596 -38.59 45.68 8.48
N ASN B 597 -37.44 45.48 9.13
CA ASN B 597 -37.21 45.98 10.49
C ASN B 597 -38.28 45.47 11.44
N LEU B 598 -38.56 44.17 11.37
CA LEU B 598 -39.62 43.57 12.15
C LEU B 598 -39.03 42.91 13.39
N PRO B 599 -39.33 43.38 14.58
CA PRO B 599 -38.84 42.69 15.79
C PRO B 599 -39.51 41.33 15.97
N LEU B 600 -38.72 40.27 15.98
CA LEU B 600 -39.26 38.92 16.08
C LEU B 600 -39.23 38.42 17.52
N ARG B 601 -40.32 37.80 17.94
CA ARG B 601 -40.40 37.21 19.27
C ARG B 601 -39.30 36.17 19.44
N GLN B 602 -38.33 36.46 20.31
CA GLN B 602 -37.22 35.55 20.52
C GLN B 602 -37.61 34.32 21.30
N ASP B 603 -38.79 34.30 21.92
CA ASP B 603 -39.19 33.16 22.72
C ASP B 603 -39.56 31.95 21.88
N LEU B 604 -39.83 32.15 20.59
CA LEU B 604 -40.22 31.07 19.71
C LEU B 604 -39.03 30.63 18.86
N ALA B 605 -38.70 29.34 18.92
CA ALA B 605 -37.71 28.76 18.03
C ALA B 605 -38.39 28.37 16.72
N VAL B 606 -37.69 28.58 15.62
CA VAL B 606 -38.25 28.36 14.29
C VAL B 606 -37.45 27.27 13.60
N THR B 607 -38.15 26.22 13.17
CA THR B 607 -37.54 25.13 12.41
C THR B 607 -38.38 24.90 11.16
N GLY B 608 -37.91 23.99 10.32
CA GLY B 608 -38.64 23.63 9.12
C GLY B 608 -38.04 24.16 7.84
N ALA B 609 -37.99 23.32 6.82
CA ALA B 609 -37.51 23.74 5.51
C ALA B 609 -38.60 24.52 4.79
N VAL B 610 -38.19 25.27 3.78
CA VAL B 610 -39.11 26.04 2.96
C VAL B 610 -38.72 25.84 1.50
N ASP B 611 -39.73 25.76 0.64
CA ASP B 611 -39.49 25.74 -0.79
C ASP B 611 -39.53 27.16 -1.34
N GLN B 612 -39.21 27.32 -2.62
CA GLN B 612 -39.04 28.63 -3.21
C GLN B 612 -40.35 29.25 -3.66
N THR B 613 -41.49 28.65 -3.29
CA THR B 613 -42.78 29.30 -3.42
C THR B 613 -43.33 29.76 -2.08
N GLY B 614 -42.56 29.60 -1.00
CA GLY B 614 -42.97 30.06 0.31
C GLY B 614 -43.89 29.11 1.04
N LYS B 615 -43.53 27.83 1.08
CA LYS B 615 -44.30 26.82 1.79
C LYS B 615 -43.37 26.05 2.69
N VAL B 616 -43.72 25.94 3.97
CA VAL B 616 -42.88 25.25 4.94
C VAL B 616 -42.91 23.76 4.66
N LEU B 617 -41.73 23.14 4.64
CA LEU B 617 -41.60 21.73 4.29
C LEU B 617 -41.20 20.94 5.52
N ALA B 618 -41.49 19.65 5.50
CA ALA B 618 -41.21 18.82 6.66
C ALA B 618 -39.71 18.67 6.89
N VAL B 619 -39.36 18.39 8.14
CA VAL B 619 -37.97 18.21 8.56
C VAL B 619 -37.88 17.01 9.47
N GLY B 620 -36.66 16.55 9.69
CA GLY B 620 -36.40 15.37 10.50
C GLY B 620 -35.99 15.72 11.92
N ALA B 621 -36.13 14.73 12.80
CA ALA B 621 -35.76 14.85 14.20
C ALA B 621 -36.43 16.06 14.86
N ILE B 622 -37.72 16.23 14.56
CA ILE B 622 -38.46 17.34 15.13
C ILE B 622 -38.61 17.20 16.64
N ASN B 623 -38.70 15.95 17.13
CA ASN B 623 -38.76 15.74 18.58
C ASN B 623 -37.51 16.27 19.25
N ALA B 624 -36.34 15.97 18.69
CA ALA B 624 -35.10 16.44 19.28
C ALA B 624 -35.05 17.96 19.30
N LYS B 625 -35.45 18.60 18.20
CA LYS B 625 -35.45 20.06 18.15
C LYS B 625 -36.35 20.67 19.21
N VAL B 626 -37.60 20.20 19.28
CA VAL B 626 -38.55 20.80 20.22
C VAL B 626 -38.09 20.56 21.64
N GLU B 627 -37.65 19.34 21.95
CA GLU B 627 -37.21 19.04 23.31
C GLU B 627 -35.96 19.82 23.69
N GLY B 628 -35.04 20.02 22.75
CA GLY B 628 -33.86 20.81 23.05
C GLY B 628 -34.19 22.27 23.31
N PHE B 629 -35.07 22.86 22.50
CA PHE B 629 -35.45 24.23 22.78
C PHE B 629 -36.19 24.34 24.10
N PHE B 630 -37.05 23.37 24.42
CA PHE B 630 -37.71 23.40 25.71
C PHE B 630 -36.71 23.26 26.85
N ARG B 631 -35.69 22.43 26.67
CA ARG B 631 -34.64 22.29 27.68
C ARG B 631 -33.94 23.61 27.93
N VAL B 632 -33.57 24.30 26.85
CA VAL B 632 -32.89 25.58 27.01
C VAL B 632 -33.81 26.60 27.65
N CYS B 633 -35.08 26.64 27.25
CA CYS B 633 -36.02 27.58 27.86
C CYS B 633 -36.20 27.29 29.34
N LYS B 634 -36.31 26.02 29.71
CA LYS B 634 -36.45 25.66 31.11
C LYS B 634 -35.20 26.03 31.91
N ALA B 635 -34.02 25.83 31.32
CA ALA B 635 -32.78 26.21 32.01
C ALA B 635 -32.75 27.71 32.30
N LEU B 636 -33.17 28.52 31.34
CA LEU B 636 -33.30 29.95 31.56
C LEU B 636 -34.57 30.31 32.31
N GLY B 637 -35.44 29.34 32.59
CA GLY B 637 -36.69 29.61 33.26
C GLY B 637 -37.82 29.86 32.29
N LEU B 638 -38.84 29.01 32.32
CA LEU B 638 -39.95 29.14 31.39
C LEU B 638 -40.69 30.45 31.62
N SER B 639 -40.90 31.21 30.54
CA SER B 639 -41.57 32.50 30.63
C SER B 639 -43.08 32.39 30.45
N GLY B 640 -43.61 31.20 30.16
CA GLY B 640 -45.02 31.05 29.90
C GLY B 640 -45.46 31.40 28.50
N THR B 641 -44.54 31.84 27.65
CA THR B 641 -44.87 32.14 26.27
C THR B 641 -43.90 31.55 25.25
N GLN B 642 -42.81 30.94 25.69
CA GLN B 642 -41.86 30.35 24.76
C GLN B 642 -42.50 29.19 24.01
N GLY B 643 -42.13 29.02 22.75
CA GLY B 643 -42.69 27.97 21.94
C GLY B 643 -41.79 27.62 20.79
N VAL B 644 -42.27 26.71 19.94
CA VAL B 644 -41.56 26.26 18.76
C VAL B 644 -42.49 26.36 17.57
N ILE B 645 -42.00 26.94 16.48
CA ILE B 645 -42.73 26.99 15.22
C ILE B 645 -42.19 25.90 14.33
N LEU B 646 -43.02 24.92 14.01
CA LEU B 646 -42.58 23.75 13.26
C LEU B 646 -43.53 23.51 12.08
N PRO B 647 -43.10 22.77 11.05
CA PRO B 647 -43.95 22.58 9.88
C PRO B 647 -45.23 21.85 10.23
N GLU B 648 -46.33 22.24 9.59
CA GLU B 648 -47.59 21.54 9.75
C GLU B 648 -47.46 20.08 9.32
N ALA B 649 -46.57 19.80 8.37
CA ALA B 649 -46.36 18.46 7.86
C ALA B 649 -45.69 17.52 8.85
N ASN B 650 -45.17 18.04 9.97
CA ASN B 650 -44.50 17.21 10.95
C ASN B 650 -45.37 16.84 12.13
N LEU B 651 -46.68 17.12 12.08
CA LEU B 651 -47.56 16.76 13.19
C LEU B 651 -47.56 15.27 13.45
N ALA B 652 -47.50 14.46 12.40
CA ALA B 652 -47.43 13.02 12.57
C ALA B 652 -46.11 12.57 13.18
N ASN B 653 -45.12 13.46 13.25
CA ASN B 653 -43.83 13.12 13.84
C ASN B 653 -43.64 13.68 15.24
N LEU B 654 -44.60 14.44 15.75
CA LEU B 654 -44.47 15.05 17.07
C LEU B 654 -44.84 14.03 18.14
N THR B 655 -43.84 13.29 18.61
CA THR B 655 -43.98 12.41 19.77
C THR B 655 -43.11 13.00 20.87
N LEU B 656 -43.66 13.96 21.59
CA LEU B 656 -42.89 14.71 22.58
C LEU B 656 -42.82 13.96 23.90
N ARG B 657 -41.81 14.29 24.70
CA ARG B 657 -41.64 13.65 25.99
C ARG B 657 -42.73 14.13 26.96
N ALA B 658 -42.76 13.49 28.13
CA ALA B 658 -43.82 13.76 29.10
C ALA B 658 -43.74 15.21 29.58
N GLU B 659 -42.54 15.70 29.87
CA GLU B 659 -42.40 17.03 30.44
C GLU B 659 -42.83 18.11 29.45
N VAL B 660 -42.46 17.96 28.18
CA VAL B 660 -42.87 18.94 27.18
C VAL B 660 -44.38 18.96 27.03
N LEU B 661 -45.00 17.79 27.01
CA LEU B 661 -46.45 17.72 26.90
C LEU B 661 -47.13 18.35 28.12
N GLU B 662 -46.59 18.11 29.31
CA GLU B 662 -47.13 18.72 30.51
C GLU B 662 -47.01 20.24 30.45
N ALA B 663 -45.87 20.73 29.97
CA ALA B 663 -45.70 22.17 29.82
C ALA B 663 -46.70 22.75 28.83
N VAL B 664 -46.94 22.05 27.72
CA VAL B 664 -47.92 22.51 26.75
C VAL B 664 -49.31 22.54 27.36
N ARG B 665 -49.66 21.50 28.12
CA ARG B 665 -50.96 21.45 28.78
C ARG B 665 -51.12 22.59 29.78
N ALA B 666 -50.07 22.88 30.54
CA ALA B 666 -50.11 23.97 31.50
C ALA B 666 -50.05 25.34 30.85
N GLY B 667 -49.78 25.41 29.54
CA GLY B 667 -49.64 26.69 28.87
C GLY B 667 -48.29 27.34 29.04
N GLN B 668 -47.34 26.67 29.67
CA GLN B 668 -45.99 27.18 29.86
C GLN B 668 -45.13 27.04 28.61
N PHE B 669 -45.61 26.33 27.60
CA PHE B 669 -44.85 26.08 26.38
C PHE B 669 -45.82 25.86 25.23
N HIS B 670 -45.53 26.43 24.07
CA HIS B 670 -46.43 26.35 22.94
C HIS B 670 -45.77 25.61 21.79
N ILE B 671 -46.61 25.09 20.90
CA ILE B 671 -46.15 24.42 19.69
C ILE B 671 -47.01 24.95 18.55
N TYR B 672 -46.43 25.79 17.71
CA TYR B 672 -47.13 26.34 16.55
C TYR B 672 -46.83 25.50 15.33
N ALA B 673 -47.85 25.27 14.51
CA ALA B 673 -47.71 24.50 13.29
C ALA B 673 -48.13 25.38 12.11
N VAL B 674 -47.24 25.50 11.13
CA VAL B 674 -47.49 26.32 9.95
C VAL B 674 -47.13 25.50 8.72
N GLU B 675 -47.70 25.90 7.59
CA GLU B 675 -47.34 25.32 6.30
C GLU B 675 -46.75 26.33 5.32
N THR B 676 -46.97 27.62 5.52
CA THR B 676 -46.34 28.66 4.73
C THR B 676 -45.54 29.59 5.63
N ALA B 677 -44.47 30.17 5.07
CA ALA B 677 -43.63 31.07 5.84
C ALA B 677 -44.37 32.34 6.23
N GLU B 678 -45.44 32.67 5.51
CA GLU B 678 -46.25 33.82 5.86
C GLU B 678 -46.79 33.68 7.28
N GLN B 679 -47.30 32.49 7.62
CA GLN B 679 -47.83 32.27 8.97
C GLN B 679 -46.73 32.33 10.02
N ALA B 680 -45.56 31.77 9.73
CA ALA B 680 -44.48 31.80 10.70
C ALA B 680 -44.04 33.23 10.98
N LEU B 681 -43.93 34.05 9.94
CA LEU B 681 -43.59 35.45 10.15
C LEU B 681 -44.69 36.17 10.92
N GLU B 682 -45.95 35.88 10.62
CA GLU B 682 -47.04 36.51 11.34
C GLU B 682 -46.98 36.16 12.82
N ILE B 683 -46.66 34.90 13.14
CA ILE B 683 -46.55 34.49 14.54
C ILE B 683 -45.39 35.19 15.22
N LEU B 684 -44.22 35.17 14.59
CA LEU B 684 -43.02 35.72 15.22
C LEU B 684 -43.16 37.22 15.43
N ALA B 685 -43.51 37.95 14.38
CA ALA B 685 -43.64 39.40 14.51
C ALA B 685 -44.89 39.80 15.28
N GLY B 686 -45.80 38.87 15.55
CA GLY B 686 -46.97 39.19 16.33
C GLY B 686 -47.94 40.10 15.62
N ALA B 687 -47.91 40.14 14.30
CA ALA B 687 -48.82 40.98 13.52
C ALA B 687 -49.37 40.16 12.37
N ARG B 688 -50.31 40.74 11.64
CA ARG B 688 -50.92 40.12 10.48
C ARG B 688 -50.26 40.65 9.21
N MET B 689 -49.84 39.75 8.34
CA MET B 689 -49.12 40.14 7.14
C MET B 689 -49.99 41.01 6.24
N GLU B 690 -51.14 40.50 5.83
CA GLU B 690 -52.06 41.32 5.05
C GLU B 690 -52.75 42.33 5.97
N GLY B 691 -53.19 43.42 5.37
CA GLY B 691 -53.92 44.42 6.10
C GLY B 691 -53.11 45.69 6.31
N PHE B 692 -53.82 46.76 6.67
CA PHE B 692 -53.19 48.05 6.90
C PHE B 692 -52.32 47.98 8.15
N ARG B 693 -51.16 48.65 8.10
CA ARG B 693 -50.08 48.41 9.07
C ARG B 693 -49.75 46.92 9.16
N GLY B 694 -49.71 46.24 8.01
CA GLY B 694 -49.38 44.83 8.00
C GLY B 694 -47.90 44.58 7.90
N LEU B 695 -47.52 43.31 8.09
CA LEU B 695 -46.12 42.93 7.93
C LEU B 695 -45.66 43.09 6.50
N GLN B 696 -46.52 42.74 5.53
CA GLN B 696 -46.15 42.87 4.13
C GLN B 696 -45.90 44.33 3.76
N GLU B 697 -46.75 45.24 4.27
CA GLU B 697 -46.54 46.65 3.99
C GLU B 697 -45.22 47.14 4.57
N LYS B 698 -44.89 46.69 5.79
CA LYS B 698 -43.62 47.08 6.40
C LYS B 698 -42.43 46.53 5.61
N ILE B 699 -42.54 45.29 5.13
CA ILE B 699 -41.44 44.70 4.37
C ILE B 699 -41.25 45.45 3.06
N ARG B 700 -42.34 45.78 2.36
CA ARG B 700 -42.20 46.53 1.12
C ARG B 700 -41.70 47.94 1.38
N ALA B 701 -42.06 48.53 2.52
CA ALA B 701 -41.53 49.84 2.86
C ALA B 701 -40.03 49.78 3.12
N GLY B 702 -39.57 48.71 3.79
CA GLY B 702 -38.15 48.54 4.00
C GLY B 702 -37.39 48.34 2.71
N LEU B 703 -37.93 47.51 1.80
CA LEU B 703 -37.30 47.35 0.50
C LEU B 703 -37.28 48.66 -0.26
N GLU B 704 -38.37 49.43 -0.19
CA GLU B 704 -38.42 50.73 -0.86
C GLU B 704 -37.38 51.67 -0.28
N ALA B 705 -37.18 51.66 1.03
CA ALA B 705 -36.18 52.51 1.65
C ALA B 705 -34.78 52.12 1.19
N PHE B 706 -34.48 50.82 1.15
CA PHE B 706 -33.17 50.39 0.67
C PHE B 706 -32.96 50.79 -0.79
N ALA B 707 -33.98 50.61 -1.62
CA ALA B 707 -33.89 51.01 -3.02
C ALA B 707 -33.68 52.51 -3.15
N ARG B 708 -34.38 53.31 -2.35
CA ARG B 708 -34.21 54.75 -2.42
C ARG B 708 -32.83 55.17 -1.93
N LEU B 709 -32.24 54.41 -1.01
CA LEU B 709 -30.90 54.76 -0.56
C LEU B 709 -29.86 54.48 -1.63
N GLU B 710 -29.97 53.32 -2.29
CA GLU B 710 -29.11 53.08 -3.45
C GLU B 710 -29.38 54.11 -4.55
N GLU B 711 -30.64 54.50 -4.70
CA GLU B 711 -31.04 55.53 -5.66
C GLU B 711 -30.42 56.89 -5.35
N GLY B 712 -30.37 57.28 -4.08
CA GLY B 712 -29.74 58.52 -3.68
C GLY B 712 -28.25 58.46 -3.88
N HIS B 713 -27.65 57.29 -3.65
CA HIS B 713 -26.24 57.12 -3.96
C HIS B 713 -25.98 57.34 -5.44
N ASP B 714 -26.84 56.78 -6.30
CA ASP B 714 -26.71 57.00 -7.74
C ASP B 714 -26.98 58.46 -8.10
N LYS B 715 -27.92 59.11 -7.41
CA LYS B 715 -28.18 60.54 -7.66
C LYS B 715 -26.94 61.38 -7.37
N GLU B 716 -26.27 61.09 -6.26
CA GLU B 716 -25.00 61.74 -5.97
C GLU B 716 -23.95 61.42 -7.02
N ASP B 717 -23.85 60.15 -7.43
CA ASP B 717 -22.84 59.75 -8.42
C ASP B 717 -23.02 60.51 -9.73
N ARG B 718 -24.27 60.64 -10.20
CA ARG B 718 -24.53 61.36 -11.43
C ARG B 718 -24.44 62.87 -11.27
N GLU B 719 -24.70 63.39 -10.08
CA GLU B 719 -24.67 64.83 -9.85
C GLU B 719 -24.02 65.17 -8.51
N MET C 1 -50.33 14.82 -28.30
CA MET C 1 -51.75 14.50 -28.33
C MET C 1 -51.94 13.19 -27.57
N ARG C 2 -53.09 13.02 -26.92
CA ARG C 2 -53.30 11.88 -26.05
C ARG C 2 -53.21 10.58 -26.83
N LEU C 3 -52.47 9.61 -26.28
CA LEU C 3 -52.33 8.31 -26.91
C LEU C 3 -53.50 7.43 -26.53
N SER C 4 -54.15 6.83 -27.53
CA SER C 4 -55.24 5.92 -27.25
C SER C 4 -54.71 4.63 -26.66
N TYR C 5 -55.62 3.85 -26.07
CA TYR C 5 -55.23 2.58 -25.47
C TYR C 5 -54.68 1.62 -26.51
N GLU C 6 -55.33 1.57 -27.68
CA GLU C 6 -54.86 0.68 -28.73
C GLU C 6 -53.46 1.08 -29.20
N ALA C 7 -53.21 2.39 -29.30
CA ALA C 7 -51.87 2.86 -29.61
C ALA C 7 -50.87 2.57 -28.49
N LEU C 8 -51.35 2.26 -27.29
CA LEU C 8 -50.49 1.94 -26.17
C LEU C 8 -50.46 0.45 -25.83
N GLU C 9 -51.45 -0.32 -26.26
CA GLU C 9 -51.49 -1.74 -25.96
C GLU C 9 -50.38 -2.45 -26.71
N TRP C 10 -49.36 -2.89 -25.98
CA TRP C 10 -48.19 -3.51 -26.58
C TRP C 10 -48.17 -5.02 -26.41
N ARG C 11 -48.94 -5.57 -25.48
CA ARG C 11 -48.88 -7.00 -25.19
C ARG C 11 -49.42 -7.81 -26.36
N THR C 12 -48.72 -8.88 -26.68
CA THR C 12 -49.20 -9.78 -27.72
C THR C 12 -50.44 -10.53 -27.22
N PRO C 13 -51.52 -10.53 -28.00
CA PRO C 13 -52.74 -11.22 -27.54
C PRO C 13 -52.50 -12.71 -27.33
N ILE C 14 -53.19 -13.27 -26.34
CA ILE C 14 -53.04 -14.67 -25.99
C ILE C 14 -54.13 -15.47 -26.68
N GLU C 15 -53.74 -16.50 -27.45
CA GLU C 15 -54.72 -17.38 -28.05
C GLU C 15 -55.39 -18.26 -27.01
N ASN C 16 -54.61 -18.85 -26.12
CA ASN C 16 -55.14 -19.64 -25.02
C ASN C 16 -54.05 -19.81 -23.97
N SER C 17 -54.44 -19.74 -22.70
CA SER C 17 -53.52 -19.93 -21.60
C SER C 17 -53.35 -21.39 -21.21
N THR C 18 -53.63 -22.31 -22.13
CA THR C 18 -53.57 -23.74 -21.89
C THR C 18 -52.90 -24.37 -23.11
N GLU C 19 -53.03 -25.70 -23.22
CA GLU C 19 -52.43 -26.46 -24.33
C GLU C 19 -50.93 -26.24 -24.34
N PRO C 20 -50.19 -26.89 -23.42
CA PRO C 20 -48.74 -26.68 -23.33
C PRO C 20 -48.03 -26.71 -24.67
N VAL C 21 -47.22 -25.68 -24.94
CA VAL C 21 -46.57 -25.57 -26.24
C VAL C 21 -45.52 -26.66 -26.38
N SER C 22 -45.35 -27.12 -27.62
CA SER C 22 -44.32 -28.11 -27.97
C SER C 22 -43.49 -27.51 -29.09
N LEU C 23 -42.32 -26.99 -28.75
CA LEU C 23 -41.48 -26.32 -29.72
C LEU C 23 -40.10 -26.97 -29.76
N PRO C 24 -39.49 -27.06 -30.94
CA PRO C 24 -38.15 -27.63 -31.03
C PRO C 24 -37.12 -26.70 -30.41
N PRO C 25 -36.04 -27.25 -29.85
CA PRO C 25 -34.99 -26.40 -29.28
C PRO C 25 -34.40 -25.49 -30.34
N PRO C 26 -34.15 -24.23 -30.02
CA PRO C 26 -33.59 -23.31 -31.01
C PRO C 26 -32.11 -23.56 -31.21
N PRO C 27 -31.54 -23.12 -32.33
CA PRO C 27 -30.10 -23.26 -32.51
C PRO C 27 -29.35 -22.40 -31.51
N PRO C 28 -28.15 -22.80 -31.12
CA PRO C 28 -27.36 -21.96 -30.22
C PRO C 28 -27.08 -20.61 -30.84
N PHE C 29 -27.00 -19.59 -29.98
CA PHE C 29 -26.86 -18.19 -30.41
C PHE C 29 -27.99 -17.79 -31.33
N PHE C 30 -29.21 -18.21 -30.99
CA PHE C 30 -30.37 -17.77 -31.74
C PHE C 30 -30.61 -16.28 -31.48
N GLY C 31 -30.84 -15.54 -32.56
CA GLY C 31 -30.90 -14.09 -32.47
C GLY C 31 -29.56 -13.43 -32.30
N GLN C 32 -28.48 -14.20 -32.17
CA GLN C 32 -27.13 -13.66 -32.04
C GLN C 32 -26.29 -14.15 -33.21
N GLU C 33 -26.82 -14.01 -34.42
CA GLU C 33 -26.14 -14.55 -35.60
C GLU C 33 -24.78 -13.91 -35.81
N ARG C 34 -24.58 -12.67 -35.35
CA ARG C 34 -23.26 -12.05 -35.45
C ARG C 34 -22.23 -12.82 -34.64
N ALA C 35 -22.56 -13.11 -33.37
CA ALA C 35 -21.65 -13.89 -32.54
C ALA C 35 -21.47 -15.29 -33.08
N ARG C 36 -22.53 -15.91 -33.61
CA ARG C 36 -22.41 -17.24 -34.17
C ARG C 36 -21.46 -17.24 -35.36
N GLU C 37 -21.59 -16.26 -36.25
CA GLU C 37 -20.71 -16.19 -37.41
C GLU C 37 -19.27 -15.95 -36.99
N ALA C 38 -19.05 -15.03 -36.04
CA ALA C 38 -17.71 -14.76 -35.56
C ALA C 38 -17.09 -16.02 -34.95
N LEU C 39 -17.85 -16.73 -34.13
CA LEU C 39 -17.30 -17.92 -33.50
C LEU C 39 -17.09 -19.05 -34.50
N GLU C 40 -17.95 -19.15 -35.53
CA GLU C 40 -17.72 -20.12 -36.59
C GLU C 40 -16.42 -19.82 -37.32
N LEU C 41 -16.17 -18.54 -37.59
CA LEU C 41 -14.92 -18.14 -38.23
C LEU C 41 -13.73 -18.50 -37.34
N ALA C 42 -13.86 -18.27 -36.04
CA ALA C 42 -12.78 -18.61 -35.12
C ALA C 42 -12.52 -20.11 -35.09
N ILE C 43 -13.58 -20.92 -35.09
CA ILE C 43 -13.39 -22.36 -35.07
C ILE C 43 -12.76 -22.84 -36.36
N ARG C 44 -13.22 -22.33 -37.50
CA ARG C 44 -12.69 -22.76 -38.79
C ARG C 44 -11.23 -22.36 -38.95
N GLY C 45 -10.90 -21.13 -38.59
CA GLY C 45 -9.54 -20.62 -38.73
C GLY C 45 -8.60 -20.95 -37.60
N GLY C 46 -9.09 -21.54 -36.52
CA GLY C 46 -8.23 -21.85 -35.39
C GLY C 46 -7.73 -20.64 -34.65
N PHE C 47 -8.44 -19.52 -34.73
CA PHE C 47 -8.03 -18.30 -34.05
C PHE C 47 -8.41 -18.35 -32.58
N HIS C 48 -8.06 -17.29 -31.86
CA HIS C 48 -8.52 -17.06 -30.50
C HIS C 48 -9.59 -15.97 -30.55
N ALA C 49 -10.77 -16.28 -30.05
CA ALA C 49 -11.88 -15.35 -30.05
C ALA C 49 -12.19 -14.94 -28.61
N TYR C 50 -12.99 -13.88 -28.48
CA TYR C 50 -13.46 -13.47 -27.17
C TYR C 50 -14.93 -13.08 -27.28
N LEU C 51 -15.74 -13.61 -26.38
CA LEU C 51 -17.18 -13.37 -26.38
C LEU C 51 -17.48 -12.15 -25.53
N VAL C 52 -18.11 -11.15 -26.14
CA VAL C 52 -18.48 -9.90 -25.47
C VAL C 52 -19.99 -9.80 -25.43
N GLY C 53 -20.53 -9.52 -24.25
CA GLY C 53 -21.95 -9.34 -24.10
C GLY C 53 -22.31 -8.84 -22.72
N PRO C 54 -23.49 -8.25 -22.59
CA PRO C 54 -23.94 -7.77 -21.29
C PRO C 54 -24.01 -8.91 -20.29
N PRO C 55 -23.79 -8.64 -19.01
CA PRO C 55 -23.72 -9.72 -18.02
C PRO C 55 -25.03 -10.47 -17.91
N SER C 56 -24.91 -11.74 -17.55
CA SER C 56 -26.06 -12.63 -17.35
C SER C 56 -26.91 -12.70 -18.62
N LEU C 57 -26.31 -13.24 -19.67
CA LEU C 57 -26.99 -13.37 -20.94
C LEU C 57 -26.95 -14.80 -21.47
N GLY C 58 -26.24 -15.70 -20.80
CA GLY C 58 -26.12 -17.07 -21.25
C GLY C 58 -24.98 -17.33 -22.20
N LYS C 59 -23.97 -16.46 -22.22
CA LYS C 59 -22.85 -16.62 -23.14
C LYS C 59 -22.12 -17.92 -22.87
N HIS C 60 -21.87 -18.23 -21.61
CA HIS C 60 -21.12 -19.44 -21.27
C HIS C 60 -21.87 -20.70 -21.68
N GLU C 61 -23.15 -20.79 -21.32
CA GLU C 61 -23.91 -22.00 -21.63
C GLU C 61 -24.09 -22.16 -23.14
N ALA C 62 -24.42 -21.07 -23.83
CA ALA C 62 -24.61 -21.15 -25.27
C ALA C 62 -23.31 -21.54 -25.98
N LEU C 63 -22.20 -20.93 -25.56
CA LEU C 63 -20.91 -21.24 -26.16
C LEU C 63 -20.52 -22.69 -25.89
N LEU C 64 -20.73 -23.17 -24.67
CA LEU C 64 -20.39 -24.55 -24.35
C LEU C 64 -21.24 -25.52 -25.17
N ALA C 65 -22.54 -25.25 -25.30
CA ALA C 65 -23.38 -26.11 -26.11
C ALA C 65 -22.94 -26.11 -27.56
N TYR C 66 -22.63 -24.93 -28.12
CA TYR C 66 -22.23 -24.86 -29.51
C TYR C 66 -20.90 -25.58 -29.74
N LEU C 67 -19.95 -25.44 -28.82
CA LEU C 67 -18.68 -26.13 -28.96
C LEU C 67 -18.86 -27.64 -28.80
N SER C 68 -19.78 -28.06 -27.96
CA SER C 68 -20.12 -29.49 -27.91
C SER C 68 -20.68 -29.96 -29.23
N THR C 69 -21.46 -29.12 -29.91
CA THR C 69 -21.94 -29.45 -31.24
C THR C 69 -20.81 -29.62 -32.24
N GLN C 70 -19.73 -28.86 -32.07
CA GLN C 70 -18.59 -28.94 -32.97
C GLN C 70 -17.90 -30.30 -32.85
N SER C 71 -16.94 -30.53 -33.75
CA SER C 71 -16.14 -31.73 -33.76
C SER C 71 -14.74 -31.41 -34.27
N VAL C 72 -13.78 -32.23 -33.88
CA VAL C 72 -12.39 -32.01 -34.26
C VAL C 72 -11.70 -33.38 -34.28
N GLU C 73 -10.54 -33.43 -34.93
CA GLU C 73 -9.73 -34.63 -34.90
C GLU C 73 -9.34 -34.98 -33.47
N THR C 74 -9.13 -36.27 -33.22
CA THR C 74 -8.83 -36.74 -31.88
C THR C 74 -7.56 -36.07 -31.37
N PRO C 75 -7.61 -35.35 -30.25
CA PRO C 75 -6.41 -34.67 -29.75
C PRO C 75 -5.34 -35.67 -29.38
N PRO C 76 -4.08 -35.38 -29.70
CA PRO C 76 -2.99 -36.28 -29.30
C PRO C 76 -2.83 -36.31 -27.79
N ASP C 77 -2.43 -37.48 -27.28
CA ASP C 77 -2.23 -37.62 -25.85
C ASP C 77 -0.94 -36.94 -25.42
N LEU C 78 -1.05 -35.73 -24.88
CA LEU C 78 0.13 -35.00 -24.43
C LEU C 78 0.57 -35.50 -23.06
N LEU C 79 1.85 -35.34 -22.78
CA LEU C 79 2.43 -35.80 -21.52
C LEU C 79 3.79 -35.15 -21.34
N TYR C 80 4.27 -35.16 -20.10
CA TYR C 80 5.60 -34.68 -19.77
C TYR C 80 6.63 -35.78 -19.92
N VAL C 81 7.72 -35.48 -20.61
CA VAL C 81 8.87 -36.36 -20.70
C VAL C 81 10.04 -35.67 -20.01
N PRO C 82 10.72 -36.33 -19.09
CA PRO C 82 11.92 -35.75 -18.47
C PRO C 82 13.11 -35.83 -19.42
N LEU C 83 13.49 -34.68 -19.99
CA LEU C 83 14.70 -34.64 -20.80
C LEU C 83 15.94 -34.84 -19.93
N SER C 84 15.81 -34.60 -18.64
CA SER C 84 16.87 -34.86 -17.68
C SER C 84 16.24 -35.04 -16.31
N GLU C 85 17.08 -35.25 -15.30
CA GLU C 85 16.62 -35.21 -13.92
C GLU C 85 16.17 -33.81 -13.54
N ARG C 86 16.50 -32.81 -14.34
CA ARG C 86 16.25 -31.40 -14.08
C ARG C 86 15.25 -30.78 -15.04
N LYS C 87 15.26 -31.21 -16.30
CA LYS C 87 14.51 -30.55 -17.36
C LYS C 87 13.43 -31.50 -17.89
N VAL C 88 12.22 -30.96 -18.10
CA VAL C 88 11.12 -31.71 -18.65
C VAL C 88 10.50 -30.94 -19.81
N ALA C 89 9.88 -31.67 -20.73
CA ALA C 89 9.17 -31.08 -21.85
C ALA C 89 7.85 -31.83 -22.04
N VAL C 90 6.89 -31.13 -22.64
CA VAL C 90 5.57 -31.71 -22.88
C VAL C 90 5.60 -32.35 -24.27
N LEU C 91 5.40 -33.66 -24.31
CA LEU C 91 5.46 -34.42 -25.54
C LEU C 91 4.06 -34.89 -25.94
N THR C 92 3.69 -34.67 -27.19
CA THR C 92 2.38 -35.04 -27.71
C THR C 92 2.52 -36.28 -28.58
N LEU C 93 1.73 -37.31 -28.27
CA LEU C 93 1.76 -38.58 -28.97
C LEU C 93 0.36 -38.93 -29.50
N PRO C 94 0.29 -39.75 -30.55
CA PRO C 94 -1.03 -40.17 -31.04
C PRO C 94 -1.78 -40.95 -29.97
N SER C 95 -3.11 -40.84 -30.02
CA SER C 95 -3.96 -41.42 -28.99
C SER C 95 -3.73 -42.93 -28.88
N GLY C 96 -3.73 -43.41 -27.64
CA GLY C 96 -3.50 -44.82 -27.36
C GLY C 96 -2.06 -45.21 -27.21
N GLN C 97 -1.13 -44.51 -27.85
CA GLN C 97 0.28 -44.83 -27.74
C GLN C 97 0.86 -44.50 -26.36
N GLU C 98 0.13 -43.75 -25.54
CA GLU C 98 0.67 -43.32 -24.25
C GLU C 98 0.92 -44.51 -23.33
N ILE C 99 -0.03 -45.43 -23.25
CA ILE C 99 0.15 -46.60 -22.39
C ILE C 99 1.24 -47.51 -22.96
N HIS C 100 1.31 -47.62 -24.28
CA HIS C 100 2.37 -48.42 -24.91
C HIS C 100 3.74 -47.84 -24.59
N LEU C 101 3.88 -46.51 -24.69
CA LEU C 101 5.15 -45.89 -24.34
C LEU C 101 5.44 -46.01 -22.85
N ALA C 102 4.41 -45.99 -22.01
CA ALA C 102 4.63 -46.14 -20.57
C ALA C 102 5.19 -47.52 -20.25
N GLU C 103 4.56 -48.57 -20.79
CA GLU C 103 5.09 -49.92 -20.53
C GLU C 103 6.45 -50.09 -21.19
N ALA C 104 6.66 -49.47 -22.35
CA ALA C 104 7.95 -49.56 -23.02
C ALA C 104 9.06 -48.92 -22.18
N VAL C 105 8.81 -47.74 -21.63
CA VAL C 105 9.85 -47.10 -20.82
C VAL C 105 10.00 -47.82 -19.49
N GLU C 106 8.95 -48.48 -19.00
CA GLU C 106 9.12 -49.34 -17.83
C GLU C 106 10.10 -50.47 -18.12
N GLY C 107 9.94 -51.13 -19.27
CA GLY C 107 10.88 -52.16 -19.67
C GLY C 107 12.28 -51.60 -19.88
N LEU C 108 12.37 -50.41 -20.48
CA LEU C 108 13.67 -49.79 -20.73
C LEU C 108 14.38 -49.45 -19.42
N LEU C 109 13.64 -48.98 -18.42
CA LEU C 109 14.22 -48.76 -17.11
C LEU C 109 14.65 -50.05 -16.45
N LEU C 110 13.86 -51.12 -16.61
CA LEU C 110 14.27 -52.42 -16.10
C LEU C 110 15.47 -52.98 -16.84
N GLU C 111 15.76 -52.48 -18.04
CA GLU C 111 16.91 -52.91 -18.81
C GLU C 111 18.24 -52.63 -18.12
N VAL C 112 18.24 -51.96 -16.97
CA VAL C 112 19.48 -51.79 -16.21
C VAL C 112 20.02 -53.13 -15.76
N ASN C 113 19.13 -54.08 -15.46
CA ASN C 113 19.56 -55.44 -15.15
C ASN C 113 20.23 -56.09 -16.35
N ARG C 114 19.65 -55.91 -17.55
CA ARG C 114 20.30 -56.43 -18.75
C ARG C 114 21.68 -55.81 -18.93
N LEU C 115 21.79 -54.50 -18.68
CA LEU C 115 23.06 -53.80 -18.90
C LEU C 115 24.13 -54.29 -17.92
N ASP C 116 23.81 -54.31 -16.62
CA ASP C 116 24.82 -54.71 -15.65
C ASP C 116 25.04 -56.22 -15.63
N GLU C 117 24.19 -57.01 -16.32
CA GLU C 117 24.52 -58.41 -16.53
C GLU C 117 25.39 -58.59 -17.77
N LEU C 118 25.18 -57.76 -18.80
CA LEU C 118 26.12 -57.71 -19.92
C LEU C 118 27.49 -57.24 -19.44
N PHE C 119 27.53 -56.47 -18.36
CA PHE C 119 28.78 -56.02 -17.76
C PHE C 119 29.51 -57.12 -16.98
N ARG C 120 29.12 -58.38 -17.17
CA ARG C 120 29.92 -59.50 -16.69
C ARG C 120 29.97 -60.63 -17.71
N GLN C 121 29.83 -60.33 -19.00
CA GLN C 121 29.75 -61.35 -20.03
C GLN C 121 31.12 -61.66 -20.61
N GLY C 122 31.14 -62.55 -21.61
CA GLY C 122 32.41 -62.99 -22.17
C GLY C 122 33.17 -61.89 -22.88
N SER C 123 32.49 -61.13 -23.74
CA SER C 123 33.14 -60.01 -24.41
C SER C 123 33.53 -58.93 -23.43
N PHE C 124 32.71 -58.71 -22.41
CA PHE C 124 33.07 -57.79 -21.34
C PHE C 124 34.39 -58.19 -20.70
N LEU C 125 34.50 -59.45 -20.28
CA LEU C 125 35.72 -59.92 -19.65
C LEU C 125 36.90 -59.82 -20.61
N ARG C 126 36.69 -60.14 -21.89
CA ARG C 126 37.78 -60.12 -22.85
C ARG C 126 38.32 -58.71 -23.05
N GLU C 127 37.45 -57.72 -23.22
CA GLU C 127 37.92 -56.37 -23.51
C GLU C 127 38.46 -55.70 -22.24
N LYS C 128 37.82 -55.93 -21.10
CA LYS C 128 38.41 -55.46 -19.85
C LYS C 128 39.78 -56.08 -19.62
N THR C 129 39.95 -57.36 -19.96
CA THR C 129 41.27 -57.97 -19.81
C THR C 129 42.29 -57.42 -20.79
N GLN C 130 41.88 -57.05 -22.01
CA GLN C 130 42.88 -56.49 -22.93
C GLN C 130 43.28 -55.07 -22.53
N LEU C 131 42.32 -54.25 -22.08
CA LEU C 131 42.69 -52.94 -21.57
C LEU C 131 43.53 -53.04 -20.30
N GLU C 132 43.12 -53.91 -19.37
CA GLU C 132 43.91 -54.18 -18.18
C GLU C 132 45.27 -54.76 -18.55
N ALA C 133 45.37 -55.43 -19.70
CA ALA C 133 46.66 -55.98 -20.13
C ALA C 133 47.56 -54.89 -20.67
N ARG C 134 47.00 -53.89 -21.34
CA ARG C 134 47.78 -52.73 -21.73
C ARG C 134 48.33 -52.01 -20.50
N PHE C 135 47.44 -51.68 -19.56
CA PHE C 135 47.89 -51.03 -18.34
C PHE C 135 48.81 -51.95 -17.53
N LYS C 136 48.62 -53.26 -17.66
CA LYS C 136 49.40 -54.23 -16.91
C LYS C 136 50.80 -54.37 -17.47
N GLU C 137 50.93 -54.31 -18.80
CA GLU C 137 52.28 -54.31 -19.38
C GLU C 137 53.00 -53.00 -19.10
N ALA C 138 52.26 -51.89 -19.01
CA ALA C 138 52.89 -50.65 -18.53
C ALA C 138 53.43 -50.81 -17.11
N ARG C 139 52.56 -51.28 -16.19
CA ARG C 139 52.99 -51.53 -14.82
C ARG C 139 54.10 -52.56 -14.75
N GLU C 140 54.07 -53.58 -15.61
CA GLU C 140 55.13 -54.58 -15.64
C GLU C 140 56.45 -53.97 -16.05
N GLN C 141 56.53 -53.34 -17.24
CA GLN C 141 57.79 -52.75 -17.66
C GLN C 141 58.33 -51.80 -16.59
N GLN C 142 57.44 -51.09 -15.89
CA GLN C 142 57.89 -50.34 -14.71
C GLN C 142 58.51 -51.26 -13.66
N LEU C 143 57.83 -52.37 -13.35
CA LEU C 143 58.29 -53.27 -12.30
C LEU C 143 59.63 -53.88 -12.64
N GLU C 144 59.80 -54.38 -13.86
CA GLU C 144 61.05 -54.97 -14.29
C GLU C 144 62.17 -53.95 -14.44
N ALA C 145 61.86 -52.71 -14.86
CA ALA C 145 62.88 -51.67 -14.85
C ALA C 145 63.36 -51.41 -13.43
N LEU C 146 62.44 -51.34 -12.47
CA LEU C 146 62.85 -51.18 -11.08
C LEU C 146 63.59 -52.41 -10.56
N ARG C 147 63.21 -53.60 -11.03
CA ARG C 147 63.89 -54.84 -10.63
C ARG C 147 65.35 -54.82 -11.07
N ARG C 148 65.59 -54.46 -12.33
CA ARG C 148 66.97 -54.40 -12.81
C ARG C 148 67.73 -53.25 -12.15
N GLU C 149 67.04 -52.15 -11.84
CA GLU C 149 67.68 -51.06 -11.10
C GLU C 149 68.14 -51.54 -9.73
N ALA C 150 67.30 -52.30 -9.03
CA ALA C 150 67.67 -52.82 -7.73
C ALA C 150 68.76 -53.87 -7.83
N GLN C 151 68.69 -54.72 -8.86
CA GLN C 151 69.68 -55.77 -9.05
C GLN C 151 71.00 -55.24 -9.59
N GLU C 152 71.06 -53.97 -10.00
CA GLU C 152 72.35 -53.37 -10.32
C GLU C 152 73.27 -53.38 -9.12
N ALA C 153 72.74 -53.06 -7.94
CA ALA C 153 73.49 -53.13 -6.69
C ALA C 153 73.30 -54.46 -5.97
N GLY C 154 72.49 -55.36 -6.51
CA GLY C 154 72.27 -56.66 -5.90
C GLY C 154 71.19 -56.67 -4.84
N PHE C 155 70.03 -56.11 -5.15
CA PHE C 155 68.91 -56.02 -4.22
C PHE C 155 67.70 -56.72 -4.81
N ALA C 156 66.99 -57.46 -3.96
CA ALA C 156 65.80 -58.20 -4.36
C ALA C 156 64.54 -57.41 -4.06
N LEU C 157 63.46 -57.75 -4.75
CA LEU C 157 62.18 -57.06 -4.63
C LEU C 157 61.10 -58.00 -4.15
N SER C 158 60.19 -57.47 -3.34
CA SER C 158 58.95 -58.15 -2.94
C SER C 158 57.85 -57.09 -2.86
N THR C 159 57.13 -56.89 -3.96
CA THR C 159 56.02 -55.95 -3.97
C THR C 159 54.72 -56.66 -3.60
N ASN C 160 53.80 -55.89 -3.01
CA ASN C 160 52.52 -56.41 -2.56
C ASN C 160 51.38 -55.65 -3.22
N GLY C 161 51.54 -55.30 -4.49
CA GLY C 161 50.53 -54.56 -5.22
C GLY C 161 50.69 -53.06 -5.06
N GLU C 162 49.87 -52.45 -4.20
CA GLU C 162 50.00 -51.02 -3.94
C GLU C 162 51.33 -50.70 -3.27
N ARG C 163 51.76 -51.53 -2.32
CA ARG C 163 53.01 -51.30 -1.63
C ARG C 163 54.18 -51.72 -2.50
N LEU C 164 55.15 -50.82 -2.67
CA LEU C 164 56.37 -51.10 -3.40
C LEU C 164 57.54 -51.07 -2.43
N GLU C 165 58.29 -52.17 -2.37
CA GLU C 165 59.43 -52.27 -1.47
C GLU C 165 60.39 -53.30 -2.01
N LEU C 166 61.64 -53.23 -1.54
CA LEU C 166 62.68 -54.13 -1.98
C LEU C 166 63.42 -54.67 -0.76
N THR C 167 63.90 -55.91 -0.87
CA THR C 167 64.58 -56.57 0.23
C THR C 167 66.09 -56.64 -0.04
N GLY C 168 66.86 -56.37 1.01
CA GLY C 168 68.31 -56.40 0.91
C GLY C 168 68.98 -55.66 2.05
N PRO C 169 70.07 -56.22 2.56
CA PRO C 169 70.78 -55.57 3.66
C PRO C 169 71.46 -54.28 3.23
N GLY C 170 71.60 -53.36 4.18
CA GLY C 170 72.24 -52.09 3.93
C GLY C 170 71.32 -51.11 3.25
N PRO C 171 71.69 -49.83 3.27
CA PRO C 171 70.86 -48.82 2.61
C PRO C 171 70.95 -48.91 1.10
N VAL C 172 69.81 -48.76 0.44
CA VAL C 172 69.74 -48.78 -1.02
C VAL C 172 70.26 -47.44 -1.54
N PRO C 173 70.74 -47.37 -2.78
CA PRO C 173 71.18 -46.08 -3.33
C PRO C 173 70.04 -45.07 -3.39
N ALA C 174 70.41 -43.79 -3.28
CA ALA C 174 69.41 -42.73 -3.34
C ALA C 174 68.68 -42.73 -4.68
N GLU C 175 69.42 -42.95 -5.77
CA GLU C 175 68.78 -43.07 -7.07
C GLU C 175 67.82 -44.26 -7.11
N LEU C 176 68.13 -45.34 -6.40
CA LEU C 176 67.23 -46.48 -6.34
C LEU C 176 65.91 -46.11 -5.67
N SER C 177 65.97 -45.37 -4.56
CA SER C 177 64.74 -44.93 -3.89
C SER C 177 63.97 -43.93 -4.75
N ALA C 178 64.69 -43.05 -5.44
CA ALA C 178 64.02 -42.11 -6.34
C ALA C 178 63.28 -42.85 -7.45
N ARG C 179 63.91 -43.88 -8.02
CA ARG C 179 63.24 -44.68 -9.03
C ARG C 179 62.07 -45.45 -8.43
N LEU C 180 62.21 -45.94 -7.20
CA LEU C 180 61.11 -46.61 -6.53
C LEU C 180 59.89 -45.70 -6.43
N GLU C 181 60.09 -44.47 -5.94
CA GLU C 181 58.99 -43.52 -5.83
C GLU C 181 58.43 -43.10 -7.19
N GLU C 182 59.29 -42.91 -8.20
CA GLU C 182 58.81 -42.56 -9.53
C GLU C 182 57.94 -43.68 -10.10
N VAL C 183 58.38 -44.93 -9.94
CA VAL C 183 57.60 -46.07 -10.43
C VAL C 183 56.28 -46.18 -9.67
N THR C 184 56.30 -45.93 -8.36
CA THR C 184 55.07 -45.97 -7.59
C THR C 184 54.08 -44.90 -8.06
N LEU C 185 54.56 -43.68 -8.27
CA LEU C 185 53.69 -42.61 -8.75
C LEU C 185 53.13 -42.93 -10.12
N GLY C 186 53.99 -43.44 -11.02
CA GLY C 186 53.51 -43.81 -12.35
C GLY C 186 52.49 -44.93 -12.31
N SER C 187 52.71 -45.92 -11.45
CA SER C 187 51.77 -47.04 -11.34
C SER C 187 50.42 -46.57 -10.82
N LEU C 188 50.40 -45.74 -9.78
CA LEU C 188 49.13 -45.22 -9.28
C LEU C 188 48.44 -44.32 -10.30
N ALA C 189 49.20 -43.49 -11.01
CA ALA C 189 48.58 -42.68 -12.06
C ALA C 189 47.95 -43.57 -13.12
N ALA C 190 48.73 -44.48 -13.71
CA ALA C 190 48.20 -45.39 -14.72
C ALA C 190 47.00 -46.16 -14.21
N SER C 191 46.99 -46.49 -12.92
CA SER C 191 45.79 -47.08 -12.34
C SER C 191 44.60 -46.13 -12.48
N ALA C 192 44.79 -44.87 -12.13
CA ALA C 192 43.70 -43.90 -12.21
C ALA C 192 43.17 -43.80 -13.64
N GLU C 193 44.07 -43.66 -14.62
CA GLU C 193 43.60 -43.64 -16.00
C GLU C 193 42.99 -44.98 -16.43
N LEU C 194 43.34 -46.10 -15.79
CA LEU C 194 42.68 -47.33 -16.20
C LEU C 194 41.24 -47.38 -15.68
N GLU C 195 40.99 -46.87 -14.47
CA GLU C 195 39.58 -46.76 -14.08
C GLU C 195 38.83 -45.80 -14.99
N VAL C 196 39.47 -44.68 -15.35
CA VAL C 196 38.80 -43.72 -16.23
C VAL C 196 38.47 -44.37 -17.57
N ALA C 197 39.44 -45.10 -18.14
CA ALA C 197 39.24 -45.74 -19.43
C ALA C 197 38.19 -46.83 -19.38
N LEU C 198 38.17 -47.63 -18.30
CA LEU C 198 37.15 -48.67 -18.21
C LEU C 198 35.76 -48.06 -18.02
N ARG C 199 35.67 -46.94 -17.29
CA ARG C 199 34.40 -46.24 -17.19
C ARG C 199 33.92 -45.75 -18.55
N ARG C 200 34.83 -45.15 -19.33
CA ARG C 200 34.46 -44.67 -20.66
C ARG C 200 34.06 -45.83 -21.58
N LEU C 201 34.77 -46.95 -21.47
CA LEU C 201 34.46 -48.11 -22.30
C LEU C 201 33.11 -48.71 -21.93
N ARG C 202 32.80 -48.78 -20.64
CA ARG C 202 31.48 -49.24 -20.21
C ARG C 202 30.40 -48.30 -20.71
N ARG C 203 30.67 -46.99 -20.71
CA ARG C 203 29.72 -46.03 -21.28
C ARG C 203 29.52 -46.29 -22.77
N ASP C 204 30.59 -46.61 -23.49
CA ASP C 204 30.48 -46.87 -24.92
C ASP C 204 29.64 -48.11 -25.18
N TRP C 205 29.84 -49.18 -24.41
CA TRP C 205 29.02 -50.37 -24.56
C TRP C 205 27.57 -50.12 -24.15
N ALA C 206 27.35 -49.30 -23.12
CA ALA C 206 25.99 -48.92 -22.80
C ALA C 206 25.34 -48.22 -23.98
N LEU C 207 26.07 -47.31 -24.61
CA LEU C 207 25.56 -46.62 -25.79
C LEU C 207 25.21 -47.61 -26.89
N HIS C 208 26.09 -48.56 -27.15
CA HIS C 208 25.85 -49.53 -28.23
C HIS C 208 24.63 -50.41 -27.93
N TYR C 209 24.61 -51.02 -26.74
CA TYR C 209 23.52 -51.94 -26.40
C TYR C 209 22.19 -51.20 -26.32
N LEU C 210 22.18 -49.99 -25.78
CA LEU C 210 20.93 -49.26 -25.70
C LEU C 210 20.52 -48.67 -27.04
N ASN C 211 21.46 -48.41 -27.95
CA ASN C 211 21.07 -48.13 -29.33
C ASN C 211 20.35 -49.32 -29.94
N ASN C 212 20.90 -50.52 -29.71
CA ASN C 212 20.24 -51.72 -30.21
C ASN C 212 18.85 -51.88 -29.63
N ARG C 213 18.70 -51.62 -28.33
CA ARG C 213 17.41 -51.79 -27.67
C ARG C 213 16.46 -50.62 -27.89
N PHE C 214 16.96 -49.49 -28.40
CA PHE C 214 16.17 -48.28 -28.55
C PHE C 214 15.74 -48.01 -29.99
N GLU C 215 16.47 -48.53 -30.97
CA GLU C 215 16.05 -48.32 -32.35
C GLU C 215 14.64 -48.83 -32.63
N PRO C 216 14.23 -50.03 -32.16
CA PRO C 216 12.80 -50.36 -32.24
C PRO C 216 11.92 -49.37 -31.50
N LEU C 217 12.39 -48.85 -30.36
CA LEU C 217 11.65 -47.81 -29.67
C LEU C 217 11.66 -46.51 -30.46
N PHE C 218 12.77 -46.21 -31.14
CA PHE C 218 12.83 -45.01 -31.97
C PHE C 218 11.82 -45.06 -33.10
N GLN C 219 11.71 -46.21 -33.78
CA GLN C 219 10.76 -46.32 -34.87
C GLN C 219 9.32 -46.45 -34.37
N ARG C 220 9.13 -47.02 -33.18
CA ARG C 220 7.79 -47.17 -32.64
C ARG C 220 7.20 -45.83 -32.23
N PHE C 221 8.03 -44.90 -31.77
CA PHE C 221 7.58 -43.57 -31.33
C PHE C 221 8.43 -42.53 -32.04
N PRO C 222 8.12 -42.22 -33.30
CA PRO C 222 9.03 -41.36 -34.09
C PRO C 222 9.23 -39.98 -33.51
N GLN C 223 8.20 -39.38 -32.90
CA GLN C 223 8.32 -38.02 -32.39
C GLN C 223 8.72 -37.97 -30.93
N ALA C 224 8.95 -39.11 -30.29
CA ALA C 224 9.51 -39.18 -28.95
C ALA C 224 11.02 -39.31 -28.97
N ARG C 225 11.68 -38.84 -30.03
CA ARG C 225 13.11 -39.08 -30.19
C ARG C 225 13.92 -38.45 -29.06
N ALA C 226 13.56 -37.21 -28.68
CA ALA C 226 14.34 -36.50 -27.68
C ALA C 226 14.31 -37.22 -26.33
N TYR C 227 13.12 -37.65 -25.89
CA TYR C 227 13.03 -38.31 -24.60
C TYR C 227 13.76 -39.63 -24.60
N LEU C 228 13.64 -40.40 -25.68
CA LEU C 228 14.33 -41.69 -25.76
C LEU C 228 15.84 -41.50 -25.77
N GLU C 229 16.34 -40.53 -26.53
CA GLU C 229 17.79 -40.33 -26.54
C GLU C 229 18.28 -39.81 -25.21
N ALA C 230 17.49 -38.99 -24.52
CA ALA C 230 17.87 -38.55 -23.17
C ALA C 230 17.91 -39.72 -22.21
N LEU C 231 16.93 -40.63 -22.29
CA LEU C 231 16.94 -41.81 -21.44
C LEU C 231 18.15 -42.68 -21.75
N ARG C 232 18.50 -42.83 -23.03
CA ARG C 232 19.68 -43.59 -23.39
C ARG C 232 20.95 -42.97 -22.83
N ALA C 233 21.06 -41.64 -22.90
CA ALA C 233 22.22 -40.96 -22.33
C ALA C 233 22.25 -41.14 -20.82
N ARG C 234 21.10 -41.09 -20.16
CA ARG C 234 21.05 -41.33 -18.72
C ARG C 234 21.49 -42.74 -18.37
N LEU C 235 21.08 -43.73 -19.18
CA LEU C 235 21.53 -45.10 -18.94
C LEU C 235 23.02 -45.24 -19.17
N ALA C 236 23.56 -44.53 -20.17
CA ALA C 236 25.00 -44.54 -20.38
C ALA C 236 25.73 -43.94 -19.18
N ARG C 237 25.20 -42.86 -18.62
CA ARG C 237 25.78 -42.29 -17.41
C ARG C 237 25.69 -43.26 -16.24
N TYR C 238 24.55 -43.95 -16.10
CA TYR C 238 24.42 -45.01 -15.11
C TYR C 238 25.52 -46.04 -15.26
N ALA C 239 25.80 -46.45 -16.49
CA ALA C 239 26.82 -47.47 -16.72
C ALA C 239 28.22 -46.94 -16.37
N GLU C 240 28.55 -45.74 -16.85
CA GLU C 240 29.92 -45.25 -16.69
C GLU C 240 30.21 -44.87 -15.25
N THR C 241 29.25 -44.26 -14.55
CA THR C 241 29.51 -43.70 -13.24
C THR C 241 28.95 -44.55 -12.10
N GLY C 242 27.94 -45.36 -12.37
CA GLY C 242 27.21 -46.01 -11.30
C GLY C 242 26.21 -45.11 -10.61
N GLU C 243 25.89 -43.96 -11.21
CA GLU C 243 24.94 -43.01 -10.66
C GLU C 243 23.57 -43.67 -10.52
N PRO C 244 22.94 -43.63 -9.35
CA PRO C 244 21.64 -44.28 -9.18
C PRO C 244 20.59 -43.67 -10.09
N LEU C 245 19.69 -44.53 -10.56
CA LEU C 245 18.62 -44.14 -11.48
C LEU C 245 17.29 -44.46 -10.82
N ASP C 246 16.37 -43.49 -10.85
CA ASP C 246 15.06 -43.69 -10.27
C ASP C 246 13.98 -43.67 -11.34
N PRO C 247 13.06 -44.63 -11.33
CA PRO C 247 11.97 -44.63 -12.31
C PRO C 247 11.00 -43.48 -12.07
N ALA C 248 10.88 -43.05 -10.82
CA ALA C 248 9.96 -41.98 -10.47
C ALA C 248 10.34 -40.66 -11.13
N GLN C 249 11.59 -40.50 -11.55
CA GLN C 249 12.03 -39.29 -12.24
C GLN C 249 12.17 -39.50 -13.73
N TRP C 250 11.93 -40.71 -14.23
CA TRP C 250 12.06 -40.99 -15.66
C TRP C 250 10.83 -41.71 -16.20
N ARG C 251 9.69 -41.58 -15.52
CA ARG C 251 8.43 -42.13 -15.98
C ARG C 251 7.57 -40.99 -16.51
N PRO C 252 7.20 -40.99 -17.79
CA PRO C 252 6.37 -39.89 -18.32
C PRO C 252 5.06 -39.78 -17.57
N ASN C 253 4.63 -38.54 -17.33
CA ASN C 253 3.45 -38.26 -16.54
C ASN C 253 2.25 -38.09 -17.47
N LEU C 254 1.21 -38.89 -17.26
CA LEU C 254 0.02 -38.86 -18.11
C LEU C 254 -0.75 -37.58 -17.83
N LEU C 255 -0.77 -36.68 -18.81
CA LEU C 255 -1.52 -35.44 -18.65
C LEU C 255 -2.99 -35.61 -18.99
N THR C 256 -3.29 -35.96 -20.25
CA THR C 256 -4.66 -36.08 -20.71
C THR C 256 -4.74 -37.18 -21.76
N SER C 257 -5.73 -38.05 -21.62
CA SER C 257 -5.93 -39.13 -22.58
C SER C 257 -6.82 -38.62 -23.72
N SER C 258 -7.24 -39.54 -24.59
CA SER C 258 -8.07 -39.17 -25.73
C SER C 258 -9.47 -38.75 -25.26
N SER C 259 -10.05 -37.81 -26.01
CA SER C 259 -11.43 -37.39 -25.81
C SER C 259 -12.33 -37.91 -26.93
N SER C 260 -11.89 -38.92 -27.67
CA SER C 260 -12.61 -39.52 -28.79
C SER C 260 -12.88 -38.54 -29.91
N GLY C 261 -12.24 -37.37 -29.91
CA GLY C 261 -12.42 -36.41 -30.98
C GLY C 261 -13.70 -35.61 -30.87
N THR C 262 -14.84 -36.29 -30.79
CA THR C 262 -16.14 -35.64 -30.70
C THR C 262 -16.81 -36.08 -29.42
N PRO C 263 -17.19 -35.16 -28.52
CA PRO C 263 -17.01 -33.71 -28.68
C PRO C 263 -15.57 -33.27 -28.45
N PRO C 264 -15.19 -32.11 -28.98
CA PRO C 264 -13.83 -31.62 -28.77
C PRO C 264 -13.59 -31.39 -27.29
N PRO C 265 -12.35 -31.57 -26.84
CA PRO C 265 -12.07 -31.36 -25.41
C PRO C 265 -12.23 -29.90 -25.01
N ILE C 266 -13.29 -29.61 -24.28
CA ILE C 266 -13.59 -28.27 -23.80
C ILE C 266 -13.35 -28.23 -22.30
N VAL C 267 -12.56 -27.26 -21.85
CA VAL C 267 -12.37 -27.06 -20.42
C VAL C 267 -12.63 -25.61 -20.06
N TYR C 268 -13.78 -25.35 -19.45
CA TYR C 268 -14.10 -24.03 -18.95
C TYR C 268 -13.50 -23.91 -17.55
N GLU C 269 -12.73 -22.83 -17.33
CA GLU C 269 -12.04 -22.59 -16.06
C GLU C 269 -12.43 -21.22 -15.56
N PRO C 270 -13.57 -21.09 -14.88
CA PRO C 270 -13.94 -19.77 -14.33
C PRO C 270 -12.96 -19.27 -13.29
N TYR C 271 -12.29 -20.15 -12.56
CA TYR C 271 -11.26 -19.76 -11.60
C TYR C 271 -9.92 -19.73 -12.33
N ALA C 272 -9.79 -18.75 -13.23
CA ALA C 272 -8.61 -18.62 -14.06
C ALA C 272 -7.44 -18.10 -13.25
N THR C 273 -6.74 -19.01 -12.56
CA THR C 273 -5.57 -18.67 -11.79
C THR C 273 -4.40 -19.51 -12.27
N ALA C 274 -3.19 -19.02 -12.03
CA ALA C 274 -1.98 -19.67 -12.53
C ALA C 274 -1.87 -21.14 -12.12
N PRO C 275 -2.05 -21.53 -10.86
CA PRO C 275 -1.95 -22.96 -10.53
C PRO C 275 -2.97 -23.82 -11.26
N ARG C 276 -4.15 -23.29 -11.54
CA ARG C 276 -5.16 -24.07 -12.25
C ARG C 276 -5.07 -23.92 -13.75
N LEU C 277 -4.54 -22.78 -14.23
CA LEU C 277 -4.36 -22.60 -15.66
C LEU C 277 -3.19 -23.41 -16.17
N PHE C 278 -1.99 -23.13 -15.66
CA PHE C 278 -0.77 -23.76 -16.15
C PHE C 278 -0.39 -25.01 -15.39
N GLY C 279 -1.20 -25.44 -14.42
CA GLY C 279 -0.91 -26.63 -13.65
C GLY C 279 -0.06 -26.34 -12.43
N ARG C 280 0.14 -27.39 -11.64
CA ARG C 280 0.90 -27.30 -10.41
C ARG C 280 1.99 -28.36 -10.38
N LEU C 281 3.09 -28.03 -9.71
CA LEU C 281 4.20 -28.95 -9.51
C LEU C 281 4.19 -29.35 -8.03
N ASP C 282 3.84 -30.61 -7.77
CA ASP C 282 3.76 -31.09 -6.39
C ASP C 282 5.15 -31.35 -5.84
N TYR C 283 5.22 -31.53 -4.53
CA TYR C 283 6.47 -31.69 -3.81
C TYR C 283 6.27 -32.69 -2.69
N LEU C 284 6.69 -33.93 -2.91
CA LEU C 284 6.65 -34.96 -1.87
C LEU C 284 7.93 -34.89 -1.07
N VAL C 285 7.80 -34.77 0.25
CA VAL C 285 8.95 -34.61 1.13
C VAL C 285 9.35 -36.02 1.60
N ASP C 286 10.11 -36.71 0.78
CA ASP C 286 10.62 -38.03 1.12
C ASP C 286 11.97 -37.91 1.82
N ARG C 287 12.13 -38.67 2.90
CA ARG C 287 13.36 -38.68 3.69
C ARG C 287 13.71 -37.30 4.24
N GLY C 288 12.77 -36.36 4.17
CA GLY C 288 12.97 -35.01 4.65
C GLY C 288 13.35 -34.00 3.60
N VAL C 289 13.58 -34.42 2.35
CA VAL C 289 13.92 -33.51 1.26
C VAL C 289 12.71 -33.30 0.38
N TRP C 290 12.46 -32.05 0.00
CA TRP C 290 11.39 -31.73 -0.94
C TRP C 290 11.80 -32.17 -2.34
N SER C 291 11.88 -33.48 -2.56
CA SER C 291 12.35 -34.03 -3.83
C SER C 291 11.18 -34.13 -4.80
N THR C 292 11.33 -33.47 -5.94
CA THR C 292 10.33 -33.49 -7.00
C THR C 292 10.87 -34.27 -8.19
N ASN C 293 9.99 -34.55 -9.13
CA ASN C 293 10.35 -35.30 -10.33
C ASN C 293 9.33 -34.97 -11.42
N VAL C 294 9.40 -35.71 -12.52
CA VAL C 294 8.45 -35.51 -13.62
C VAL C 294 7.08 -36.08 -13.26
N SER C 295 6.99 -36.90 -12.21
CA SER C 295 5.73 -37.54 -11.86
C SER C 295 4.84 -36.68 -10.97
N LEU C 296 5.29 -35.50 -10.55
CA LEU C 296 4.55 -34.67 -9.61
C LEU C 296 4.07 -33.36 -10.24
N ILE C 297 3.79 -33.36 -11.54
CA ILE C 297 3.23 -32.19 -12.21
C ILE C 297 1.74 -32.41 -12.42
N ARG C 298 0.95 -31.48 -11.90
CA ARG C 298 -0.49 -31.56 -12.05
C ARG C 298 -0.91 -30.86 -13.34
N PRO C 299 -1.63 -31.53 -14.24
CA PRO C 299 -2.09 -30.85 -15.45
C PRO C 299 -2.99 -29.68 -15.12
N GLY C 300 -2.85 -28.61 -15.89
CA GLY C 300 -3.69 -27.44 -15.76
C GLY C 300 -4.78 -27.41 -16.82
N ALA C 301 -5.52 -26.29 -16.82
CA ALA C 301 -6.56 -26.11 -17.84
C ALA C 301 -5.96 -26.08 -19.23
N VAL C 302 -4.82 -25.41 -19.39
CA VAL C 302 -4.16 -25.33 -20.69
C VAL C 302 -3.76 -26.72 -21.17
N HIS C 303 -3.26 -27.58 -20.28
CA HIS C 303 -2.82 -28.90 -20.67
C HIS C 303 -3.95 -29.77 -21.18
N ARG C 304 -5.12 -29.73 -20.55
CA ARG C 304 -6.25 -30.52 -20.99
C ARG C 304 -7.10 -29.80 -22.02
N ALA C 305 -6.73 -28.57 -22.38
CA ALA C 305 -7.38 -27.87 -23.48
C ALA C 305 -6.73 -28.15 -24.83
N GLN C 306 -5.66 -28.94 -24.86
CA GLN C 306 -4.93 -29.18 -26.09
C GLN C 306 -5.80 -29.90 -27.10
N GLY C 307 -5.79 -29.41 -28.34
CA GLY C 307 -6.63 -29.94 -29.39
C GLY C 307 -8.06 -29.46 -29.34
N GLY C 308 -8.47 -28.75 -28.30
CA GLY C 308 -9.83 -28.29 -28.17
C GLY C 308 -9.94 -26.81 -27.89
N TYR C 309 -10.72 -26.44 -26.89
CA TYR C 309 -10.97 -25.05 -26.58
C TYR C 309 -10.85 -24.82 -25.09
N LEU C 310 -10.30 -23.67 -24.71
CA LEU C 310 -10.14 -23.27 -23.32
C LEU C 310 -10.99 -22.03 -23.10
N ILE C 311 -12.06 -22.18 -22.34
CA ILE C 311 -12.97 -21.08 -22.07
C ILE C 311 -12.54 -20.39 -20.78
N LEU C 312 -12.33 -19.08 -20.84
CA LEU C 312 -11.90 -18.31 -19.69
C LEU C 312 -12.71 -17.04 -19.59
N ASP C 313 -12.76 -16.49 -18.39
CA ASP C 313 -13.48 -15.24 -18.12
C ASP C 313 -12.48 -14.10 -18.04
N ALA C 314 -12.80 -12.99 -18.70
CA ALA C 314 -11.93 -11.83 -18.64
C ALA C 314 -11.82 -11.30 -17.22
N LEU C 315 -12.91 -11.35 -16.47
CA LEU C 315 -12.87 -10.92 -15.08
C LEU C 315 -11.87 -11.74 -14.27
N SER C 316 -11.88 -13.06 -14.44
CA SER C 316 -10.98 -13.93 -13.70
C SER C 316 -9.53 -13.72 -14.09
N LEU C 317 -9.27 -13.16 -15.28
CA LEU C 317 -7.89 -12.89 -15.69
C LEU C 317 -7.41 -11.52 -15.20
N LYS C 318 -8.18 -10.46 -15.46
CA LYS C 318 -7.72 -9.15 -15.04
C LYS C 318 -7.81 -8.97 -13.53
N ARG C 319 -8.62 -9.77 -12.85
CA ARG C 319 -8.74 -9.68 -11.40
C ARG C 319 -7.63 -10.45 -10.69
N GLU C 320 -7.32 -11.65 -11.14
CA GLU C 320 -6.35 -12.50 -10.46
C GLU C 320 -4.93 -12.32 -10.98
N GLY C 321 -4.72 -11.39 -11.90
CA GLY C 321 -3.38 -10.98 -12.27
C GLY C 321 -2.60 -12.00 -13.09
N THR C 322 -3.26 -13.06 -13.53
CA THR C 322 -2.62 -14.07 -14.36
C THR C 322 -2.73 -13.77 -15.84
N TRP C 323 -3.13 -12.55 -16.20
CA TRP C 323 -3.26 -12.20 -17.61
C TRP C 323 -1.92 -12.16 -18.30
N GLU C 324 -0.89 -11.62 -17.64
CA GLU C 324 0.44 -11.54 -18.24
C GLU C 324 1.03 -12.93 -18.43
N ALA C 325 0.90 -13.79 -17.41
CA ALA C 325 1.39 -15.16 -17.56
C ALA C 325 0.64 -15.88 -18.67
N PHE C 326 -0.67 -15.64 -18.78
CA PHE C 326 -1.45 -16.29 -19.82
C PHE C 326 -1.02 -15.83 -21.21
N LYS C 327 -0.84 -14.51 -21.39
CA LYS C 327 -0.43 -14.01 -22.69
C LYS C 327 0.97 -14.43 -23.06
N ARG C 328 1.88 -14.56 -22.08
CA ARG C 328 3.20 -15.08 -22.41
C ARG C 328 3.19 -16.59 -22.63
N ALA C 329 2.19 -17.30 -22.10
CA ALA C 329 2.03 -18.70 -22.44
C ALA C 329 1.42 -18.86 -23.83
N LEU C 330 0.63 -17.89 -24.27
CA LEU C 330 0.03 -17.95 -25.59
C LEU C 330 1.04 -17.56 -26.67
N ARG C 331 1.64 -16.37 -26.54
CA ARG C 331 2.55 -15.88 -27.57
C ARG C 331 3.80 -16.74 -27.67
N ASN C 332 4.44 -17.01 -26.53
CA ASN C 332 5.74 -17.69 -26.51
C ASN C 332 5.64 -19.16 -26.18
N GLY C 333 4.43 -19.69 -26.02
CA GLY C 333 4.28 -21.08 -25.62
C GLY C 333 4.90 -21.39 -24.29
N GLN C 334 4.87 -20.44 -23.35
CA GLN C 334 5.56 -20.57 -22.07
C GLN C 334 4.54 -20.95 -21.00
N VAL C 335 4.23 -22.24 -20.92
CA VAL C 335 3.36 -22.77 -19.87
C VAL C 335 4.27 -23.42 -18.83
N GLU C 336 4.21 -22.93 -17.60
CA GLU C 336 5.06 -23.42 -16.53
C GLU C 336 4.22 -23.85 -15.34
N PRO C 337 4.33 -25.08 -14.87
CA PRO C 337 3.67 -25.46 -13.62
C PRO C 337 4.20 -24.62 -12.47
N VAL C 338 3.32 -23.87 -11.80
CA VAL C 338 3.76 -22.96 -10.77
C VAL C 338 4.23 -23.74 -9.55
N THR C 339 5.17 -23.15 -8.82
CA THR C 339 5.70 -23.74 -7.59
C THR C 339 5.70 -22.68 -6.50
N GLU C 340 5.57 -23.14 -5.26
CA GLU C 340 5.65 -22.23 -4.14
C GLU C 340 7.06 -21.67 -4.01
N PRO C 341 7.20 -20.44 -3.50
CA PRO C 341 8.55 -19.86 -3.38
C PRO C 341 9.48 -20.64 -2.47
N GLN C 342 8.94 -21.43 -1.54
CA GLN C 342 9.74 -22.24 -0.64
C GLN C 342 10.45 -23.37 -1.37
N ALA C 343 10.06 -23.67 -2.61
CA ALA C 343 10.56 -24.83 -3.32
C ALA C 343 12.08 -24.79 -3.42
N PRO C 344 12.78 -25.86 -3.06
CA PRO C 344 14.24 -25.85 -3.11
C PRO C 344 14.77 -25.94 -4.53
N ALA C 345 13.98 -26.54 -5.42
CA ALA C 345 14.35 -26.70 -6.82
C ALA C 345 13.08 -26.70 -7.65
N GLY C 346 13.26 -26.65 -8.97
CA GLY C 346 12.13 -26.66 -9.88
C GLY C 346 12.47 -27.28 -11.22
N LEU C 347 11.56 -28.08 -11.76
CA LEU C 347 11.79 -28.71 -13.06
C LEU C 347 11.87 -27.65 -14.14
N GLU C 348 12.83 -27.82 -15.06
CA GLU C 348 12.97 -26.91 -16.19
C GLU C 348 11.99 -27.35 -17.28
N VAL C 349 10.82 -26.73 -17.25
CA VAL C 349 9.77 -27.06 -18.21
C VAL C 349 10.03 -26.29 -19.50
N GLU C 350 10.30 -27.01 -20.57
CA GLU C 350 10.60 -26.48 -21.89
C GLU C 350 9.35 -25.83 -22.49
N PRO C 351 9.51 -24.72 -23.22
CA PRO C 351 8.36 -24.06 -23.84
C PRO C 351 7.58 -25.03 -24.74
N PHE C 352 6.26 -24.94 -24.65
CA PHE C 352 5.36 -25.85 -25.34
C PHE C 352 4.49 -25.13 -26.35
N PRO C 353 4.56 -25.50 -27.63
CA PRO C 353 3.64 -24.92 -28.61
C PRO C 353 2.20 -25.18 -28.23
N ILE C 354 1.35 -24.17 -28.42
CA ILE C 354 -0.01 -24.19 -27.93
C ILE C 354 -0.94 -24.56 -29.08
N GLN C 355 -1.71 -25.63 -28.90
CA GLN C 355 -2.64 -26.10 -29.90
C GLN C 355 -4.09 -25.73 -29.60
N MET C 356 -4.38 -25.29 -28.38
CA MET C 356 -5.73 -24.95 -27.99
C MET C 356 -6.17 -23.64 -28.61
N GLN C 357 -7.49 -23.43 -28.63
CA GLN C 357 -8.09 -22.18 -29.05
C GLN C 357 -8.83 -21.59 -27.86
N VAL C 358 -8.27 -20.59 -27.24
CA VAL C 358 -8.87 -19.98 -26.06
C VAL C 358 -9.97 -19.03 -26.50
N ILE C 359 -11.09 -19.06 -25.79
CA ILE C 359 -12.25 -18.24 -26.09
C ILE C 359 -12.60 -17.50 -24.80
N LEU C 360 -12.15 -16.25 -24.69
CA LEU C 360 -12.49 -15.45 -23.52
C LEU C 360 -13.96 -15.06 -23.55
N VAL C 361 -14.54 -14.99 -22.36
CA VAL C 361 -15.93 -14.55 -22.20
C VAL C 361 -15.96 -13.45 -21.14
N GLY C 362 -16.69 -12.39 -21.41
CA GLY C 362 -16.81 -11.33 -20.43
C GLY C 362 -17.66 -10.20 -20.95
N THR C 363 -18.01 -9.32 -20.04
CA THR C 363 -18.78 -8.13 -20.36
C THR C 363 -17.91 -7.12 -21.11
N PRO C 364 -18.52 -6.16 -21.81
CA PRO C 364 -17.71 -5.11 -22.45
C PRO C 364 -16.83 -4.37 -21.46
N GLU C 365 -17.31 -4.15 -20.24
CA GLU C 365 -16.47 -3.53 -19.23
C GLU C 365 -15.33 -4.45 -18.81
N ALA C 366 -15.58 -5.76 -18.77
CA ALA C 366 -14.52 -6.70 -18.41
C ALA C 366 -13.44 -6.82 -19.48
N PHE C 367 -13.68 -6.30 -20.68
CA PHE C 367 -12.70 -6.37 -21.75
C PHE C 367 -12.09 -5.02 -22.09
N GLU C 368 -12.81 -3.91 -21.89
CA GLU C 368 -12.22 -2.60 -22.12
C GLU C 368 -11.06 -2.33 -21.17
N GLY C 369 -11.05 -2.98 -20.01
CA GLY C 369 -9.89 -2.97 -19.14
C GLY C 369 -8.81 -3.94 -19.53
N LEU C 370 -9.04 -4.71 -20.60
CA LEU C 370 -8.06 -5.65 -21.10
C LEU C 370 -7.74 -5.40 -22.56
N GLU C 371 -8.50 -4.54 -23.26
CA GLU C 371 -8.22 -4.17 -24.62
C GLU C 371 -7.06 -3.20 -24.75
N GLU C 372 -6.66 -2.54 -23.66
CA GLU C 372 -5.57 -1.58 -23.71
C GLU C 372 -4.21 -2.22 -23.93
N ASP C 373 -4.12 -3.54 -23.82
CA ASP C 373 -2.89 -4.27 -24.08
C ASP C 373 -2.85 -4.65 -25.55
N PRO C 374 -1.89 -4.14 -26.32
CA PRO C 374 -1.84 -4.47 -27.75
C PRO C 374 -1.68 -5.96 -28.01
N ALA C 375 -1.03 -6.67 -27.07
CA ALA C 375 -0.88 -8.11 -27.23
C ALA C 375 -2.23 -8.81 -27.16
N PHE C 376 -3.19 -8.25 -26.42
CA PHE C 376 -4.54 -8.81 -26.44
C PHE C 376 -5.16 -8.65 -27.82
N SER C 377 -5.07 -7.46 -28.40
CA SER C 377 -5.64 -7.23 -29.72
C SER C 377 -4.93 -8.03 -30.80
N GLU C 378 -3.67 -8.40 -30.59
CA GLU C 378 -2.96 -9.23 -31.56
C GLU C 378 -3.20 -10.72 -31.34
N LEU C 379 -3.56 -11.13 -30.12
CA LEU C 379 -3.81 -12.53 -29.85
C LEU C 379 -5.26 -12.89 -30.13
N PHE C 380 -6.19 -12.00 -29.78
CA PHE C 380 -7.62 -12.25 -29.92
C PHE C 380 -8.15 -11.34 -31.03
N ARG C 381 -8.23 -11.88 -32.24
CA ARG C 381 -8.65 -11.13 -33.41
C ARG C 381 -10.16 -11.17 -33.64
N ILE C 382 -10.81 -12.24 -33.21
CA ILE C 382 -12.23 -12.44 -33.47
C ILE C 382 -13.02 -11.91 -32.28
N ARG C 383 -13.92 -10.97 -32.54
CA ARG C 383 -14.77 -10.38 -31.51
C ARG C 383 -16.19 -10.86 -31.72
N ALA C 384 -16.68 -11.68 -30.80
CA ALA C 384 -18.04 -12.22 -30.85
C ALA C 384 -18.90 -11.40 -29.90
N GLU C 385 -19.68 -10.47 -30.45
CA GLU C 385 -20.53 -9.60 -29.65
C GLU C 385 -21.95 -10.14 -29.62
N PHE C 386 -22.51 -10.22 -28.41
CA PHE C 386 -23.90 -10.61 -28.22
C PHE C 386 -24.75 -9.35 -28.16
N SER C 387 -25.76 -9.27 -29.02
CA SER C 387 -26.66 -8.13 -28.98
C SER C 387 -27.44 -8.15 -27.67
N PRO C 388 -27.51 -7.02 -26.96
CA PRO C 388 -28.30 -6.99 -25.73
C PRO C 388 -29.78 -7.26 -25.97
N THR C 389 -30.32 -6.90 -27.13
CA THR C 389 -31.72 -7.11 -27.45
C THR C 389 -31.86 -7.80 -28.79
N LEU C 390 -32.69 -8.83 -28.83
CA LEU C 390 -33.10 -9.48 -30.06
C LEU C 390 -34.36 -8.80 -30.61
N PRO C 391 -34.59 -8.89 -31.92
CA PRO C 391 -35.83 -8.33 -32.47
C PRO C 391 -37.04 -9.07 -31.94
N ALA C 392 -38.14 -8.34 -31.76
CA ALA C 392 -39.39 -8.93 -31.31
C ALA C 392 -40.13 -9.48 -32.52
N SER C 393 -40.00 -10.78 -32.76
CA SER C 393 -40.62 -11.42 -33.89
C SER C 393 -41.24 -12.73 -33.41
N PRO C 394 -42.29 -13.20 -34.08
CA PRO C 394 -42.86 -14.50 -33.68
C PRO C 394 -41.85 -15.63 -33.73
N GLU C 395 -40.90 -15.57 -34.67
CA GLU C 395 -39.83 -16.56 -34.69
C GLU C 395 -38.98 -16.47 -33.43
N ASN C 396 -38.69 -15.25 -32.98
CA ASN C 396 -37.91 -15.09 -31.74
C ASN C 396 -38.69 -15.60 -30.54
N CYS C 397 -40.00 -15.34 -30.49
CA CYS C 397 -40.80 -15.87 -29.40
C CYS C 397 -40.84 -17.38 -29.40
N THR C 398 -40.96 -17.99 -30.58
CA THR C 398 -40.94 -19.45 -30.68
C THR C 398 -39.59 -20.00 -30.26
N ALA C 399 -38.51 -19.33 -30.64
CA ALA C 399 -37.18 -19.77 -30.21
C ALA C 399 -37.03 -19.67 -28.71
N LEU C 400 -37.54 -18.60 -28.11
CA LEU C 400 -37.49 -18.45 -26.66
C LEU C 400 -38.29 -19.56 -25.98
N GLY C 401 -39.46 -19.88 -26.52
CA GLY C 401 -40.25 -20.97 -25.96
C GLY C 401 -39.54 -22.29 -26.06
N GLY C 402 -38.92 -22.56 -27.21
CA GLY C 402 -38.16 -23.79 -27.36
C GLY C 402 -36.99 -23.85 -26.40
N TRP C 403 -36.31 -22.73 -26.19
CA TRP C 403 -35.19 -22.69 -25.25
C TRP C 403 -35.68 -22.98 -23.84
N LEU C 404 -36.81 -22.38 -23.44
CA LEU C 404 -37.36 -22.63 -22.13
C LEU C 404 -37.76 -24.08 -21.95
N LEU C 405 -38.40 -24.66 -22.98
CA LEU C 405 -38.77 -26.07 -22.92
C LEU C 405 -37.54 -26.97 -22.84
N ALA C 406 -36.43 -26.56 -23.46
CA ALA C 406 -35.20 -27.33 -23.35
C ALA C 406 -34.66 -27.34 -21.94
N GLN C 407 -34.85 -26.25 -21.20
CA GLN C 407 -34.39 -26.18 -19.81
C GLN C 407 -35.11 -27.19 -18.92
N GLY C 408 -36.33 -27.56 -19.25
CA GLY C 408 -37.10 -28.47 -18.43
C GLY C 408 -38.39 -27.85 -17.92
N PHE C 409 -38.68 -26.64 -18.39
CA PHE C 409 -39.89 -25.95 -17.99
C PHE C 409 -41.11 -26.55 -18.69
N GLN C 410 -42.29 -26.08 -18.29
CA GLN C 410 -43.56 -26.48 -18.92
C GLN C 410 -44.33 -25.21 -19.23
N LEU C 411 -44.27 -24.77 -20.48
CA LEU C 411 -44.92 -23.54 -20.91
C LEU C 411 -46.29 -23.82 -21.48
N THR C 412 -47.26 -23.02 -21.05
CA THR C 412 -48.49 -22.89 -21.80
C THR C 412 -48.32 -21.78 -22.84
N GLN C 413 -49.24 -21.74 -23.81
CA GLN C 413 -49.16 -20.71 -24.83
C GLN C 413 -49.27 -19.32 -24.20
N GLY C 414 -50.22 -19.14 -23.28
CA GLY C 414 -50.31 -17.87 -22.58
C GLY C 414 -49.11 -17.58 -21.72
N GLY C 415 -48.54 -18.60 -21.07
CA GLY C 415 -47.35 -18.39 -20.26
C GLY C 415 -46.16 -17.97 -21.10
N LEU C 416 -45.97 -18.62 -22.26
CA LEU C 416 -44.91 -18.21 -23.17
C LEU C 416 -45.15 -16.79 -23.67
N THR C 417 -46.40 -16.46 -23.99
CA THR C 417 -46.70 -15.12 -24.44
C THR C 417 -46.38 -14.08 -23.38
N ARG C 418 -46.73 -14.36 -22.13
CA ARG C 418 -46.44 -13.42 -21.04
C ARG C 418 -44.94 -13.30 -20.80
N LEU C 419 -44.22 -14.42 -20.87
CA LEU C 419 -42.77 -14.37 -20.70
C LEU C 419 -42.11 -13.57 -21.81
N TYR C 420 -42.59 -13.74 -23.05
CA TYR C 420 -42.06 -12.99 -24.18
C TYR C 420 -42.37 -11.50 -24.04
N ASP C 421 -43.58 -11.17 -23.57
CA ASP C 421 -43.90 -9.78 -23.32
C ASP C 421 -43.02 -9.19 -22.23
N GLU C 422 -42.75 -9.95 -21.18
CA GLU C 422 -41.86 -9.47 -20.13
C GLU C 422 -40.44 -9.27 -20.66
N ALA C 423 -39.99 -10.16 -21.55
CA ALA C 423 -38.69 -9.99 -22.18
C ALA C 423 -38.66 -8.71 -23.01
N ARG C 424 -39.74 -8.43 -23.73
CA ARG C 424 -39.83 -7.17 -24.46
C ARG C 424 -39.79 -5.98 -23.51
N ARG C 425 -40.45 -6.10 -22.37
CA ARG C 425 -40.47 -5.00 -21.40
C ARG C 425 -39.09 -4.78 -20.79
N MET C 426 -38.35 -5.85 -20.56
CA MET C 426 -37.00 -5.71 -20.00
C MET C 426 -36.12 -4.89 -20.94
N ALA C 427 -36.23 -5.13 -22.23
CA ALA C 427 -35.50 -4.34 -23.23
C ALA C 427 -36.06 -2.94 -23.39
N GLU C 428 -37.20 -2.64 -22.76
CA GLU C 428 -37.84 -1.33 -22.84
C GLU C 428 -38.17 -0.94 -24.28
N GLN C 429 -38.44 -1.91 -25.13
CA GLN C 429 -38.77 -1.67 -26.53
C GLN C 429 -39.96 -2.52 -26.91
N ARG C 430 -40.85 -1.95 -27.72
CA ARG C 430 -41.99 -2.69 -28.21
C ARG C 430 -41.63 -3.62 -29.37
N ASP C 431 -40.49 -3.38 -30.03
CA ASP C 431 -40.07 -4.19 -31.17
C ASP C 431 -38.80 -4.96 -30.91
N ARG C 432 -38.26 -4.93 -29.69
CA ARG C 432 -37.09 -5.71 -29.33
C ARG C 432 -37.38 -6.46 -28.05
N MET C 433 -36.80 -7.65 -27.92
CA MET C 433 -36.97 -8.47 -26.73
C MET C 433 -35.60 -8.71 -26.10
N ASP C 434 -35.56 -8.65 -24.77
CA ASP C 434 -34.30 -8.73 -24.05
C ASP C 434 -33.62 -10.07 -24.30
N ALA C 435 -32.33 -10.03 -24.61
CA ALA C 435 -31.58 -11.23 -24.94
C ALA C 435 -30.99 -11.93 -23.73
N ARG C 436 -31.11 -11.34 -22.53
CA ARG C 436 -30.57 -11.98 -21.35
C ARG C 436 -31.43 -13.20 -21.02
N LEU C 437 -31.04 -14.36 -21.55
CA LEU C 437 -31.85 -15.55 -21.39
C LEU C 437 -31.88 -16.06 -19.96
N VAL C 438 -30.85 -15.80 -19.17
CA VAL C 438 -30.87 -16.30 -17.80
C VAL C 438 -31.77 -15.44 -16.93
N GLU C 439 -31.97 -14.16 -17.26
CA GLU C 439 -32.96 -13.37 -16.56
C GLU C 439 -34.35 -13.93 -16.77
N ILE C 440 -34.68 -14.25 -18.02
CA ILE C 440 -35.96 -14.88 -18.33
C ILE C 440 -36.05 -16.25 -17.69
N ARG C 441 -34.94 -16.98 -17.61
CA ARG C 441 -34.96 -18.27 -16.94
C ARG C 441 -35.23 -18.15 -15.45
N ALA C 442 -34.66 -17.12 -14.81
CA ALA C 442 -34.93 -16.89 -13.39
C ALA C 442 -36.39 -16.52 -13.18
N LEU C 443 -36.94 -15.66 -14.04
CA LEU C 443 -38.35 -15.34 -13.94
C LEU C 443 -39.21 -16.58 -14.17
N ALA C 444 -38.79 -17.45 -15.09
CA ALA C 444 -39.51 -18.70 -15.33
C ALA C 444 -39.47 -19.60 -14.11
N GLU C 445 -38.33 -19.68 -13.43
CA GLU C 445 -38.27 -20.49 -12.21
C GLU C 445 -39.18 -19.94 -11.13
N GLU C 446 -39.19 -18.61 -10.98
CA GLU C 446 -40.09 -18.00 -10.00
C GLU C 446 -41.54 -18.30 -10.34
N ALA C 447 -41.92 -18.14 -11.60
CA ALA C 447 -43.29 -18.42 -12.00
C ALA C 447 -43.63 -19.89 -11.87
N ALA C 448 -42.66 -20.78 -12.09
CA ALA C 448 -42.91 -22.20 -11.95
C ALA C 448 -43.19 -22.57 -10.50
N VAL C 449 -42.39 -22.05 -9.57
CA VAL C 449 -42.66 -22.34 -8.17
C VAL C 449 -43.89 -21.61 -7.66
N LEU C 450 -44.31 -20.52 -8.33
CA LEU C 450 -45.57 -19.89 -7.98
C LEU C 450 -46.77 -20.53 -8.65
N GLY C 451 -46.55 -21.41 -9.63
CA GLY C 451 -47.65 -22.03 -10.34
C GLY C 451 -47.66 -23.54 -10.20
N GLY C 452 -46.81 -24.08 -9.33
CA GLY C 452 -46.75 -25.50 -9.08
C GLY C 452 -45.92 -26.29 -10.07
N GLY C 453 -45.32 -25.63 -11.06
CA GLY C 453 -44.49 -26.33 -12.02
C GLY C 453 -44.89 -26.05 -13.45
N LEU C 454 -46.02 -25.37 -13.63
CA LEU C 454 -46.52 -25.03 -14.95
C LEU C 454 -46.46 -23.52 -15.14
N LEU C 455 -45.84 -23.09 -16.23
CA LEU C 455 -45.67 -21.66 -16.50
C LEU C 455 -46.91 -21.12 -17.20
N THR C 456 -47.95 -20.90 -16.40
CA THR C 456 -49.16 -20.28 -16.91
C THR C 456 -48.99 -18.77 -16.98
N ALA C 457 -49.78 -18.13 -17.85
CA ALA C 457 -49.76 -16.68 -17.94
C ALA C 457 -50.07 -16.05 -16.59
N GLU C 458 -51.03 -16.62 -15.86
CA GLU C 458 -51.31 -16.16 -14.51
C GLU C 458 -50.11 -16.40 -13.60
N SER C 459 -49.43 -17.53 -13.76
CA SER C 459 -48.25 -17.80 -12.96
C SER C 459 -47.14 -16.80 -13.24
N VAL C 460 -46.93 -16.45 -14.50
CA VAL C 460 -45.90 -15.48 -14.84
C VAL C 460 -46.26 -14.10 -14.31
N GLU C 461 -47.54 -13.71 -14.41
CA GLU C 461 -47.97 -12.44 -13.85
C GLU C 461 -47.77 -12.42 -12.33
N GLN C 462 -48.06 -13.56 -11.68
CA GLN C 462 -47.83 -13.66 -10.24
C GLN C 462 -46.36 -13.50 -9.90
N ALA C 463 -45.48 -14.13 -10.68
CA ALA C 463 -44.05 -13.99 -10.44
C ALA C 463 -43.59 -12.55 -10.63
N ILE C 464 -44.10 -11.88 -11.66
CA ILE C 464 -43.73 -10.48 -11.89
C ILE C 464 -44.20 -9.61 -10.74
N ALA C 465 -45.45 -9.82 -10.29
CA ALA C 465 -45.97 -9.02 -9.19
C ALA C 465 -45.20 -9.28 -7.90
N ALA C 466 -44.85 -10.54 -7.64
CA ALA C 466 -44.09 -10.85 -6.44
C ALA C 466 -42.70 -10.23 -6.49
N ARG C 467 -42.06 -10.27 -7.66
CA ARG C 467 -40.75 -9.65 -7.80
C ARG C 467 -40.83 -8.15 -7.61
N GLU C 468 -41.88 -7.51 -8.13
CA GLU C 468 -42.06 -6.08 -7.91
C GLU C 468 -42.33 -5.76 -6.44
N HIS C 469 -43.11 -6.59 -5.76
CA HIS C 469 -43.47 -6.34 -4.37
C HIS C 469 -42.31 -6.62 -3.41
N ARG C 470 -41.43 -7.55 -3.77
CA ARG C 470 -40.29 -7.84 -2.91
C ARG C 470 -39.31 -6.68 -2.84
N SER C 471 -39.34 -5.76 -3.80
CA SER C 471 -38.49 -4.59 -3.80
C SER C 471 -39.31 -3.31 -3.75
N PHE C 472 -40.53 -3.41 -3.21
CA PHE C 472 -41.45 -2.29 -3.17
C PHE C 472 -41.40 -1.50 -1.87
N LEU C 473 -40.53 -1.90 -0.92
CA LEU C 473 -40.51 -1.23 0.37
C LEU C 473 -40.16 0.24 0.23
N SER C 474 -39.16 0.56 -0.59
CA SER C 474 -38.77 1.95 -0.77
C SER C 474 -39.90 2.77 -1.36
N GLU C 475 -40.56 2.24 -2.39
CA GLU C 475 -41.66 2.95 -3.01
C GLU C 475 -42.87 3.01 -2.08
N GLU C 476 -43.08 1.98 -1.28
CA GLU C 476 -44.17 2.02 -0.29
C GLU C 476 -43.93 3.13 0.73
N GLU C 477 -42.69 3.26 1.21
CA GLU C 477 -42.37 4.33 2.14
C GLU C 477 -42.52 5.69 1.49
N PHE C 478 -42.11 5.82 0.22
CA PHE C 478 -42.28 7.09 -0.48
C PHE C 478 -43.76 7.43 -0.61
N LEU C 479 -44.58 6.43 -0.93
CA LEU C 479 -46.02 6.67 -1.05
C LEU C 479 -46.62 7.10 0.29
N ARG C 480 -46.20 6.45 1.37
CA ARG C 480 -46.67 6.85 2.69
C ARG C 480 -46.26 8.27 3.02
N ALA C 481 -45.02 8.62 2.70
CA ALA C 481 -44.54 9.98 2.96
C ALA C 481 -45.35 11.00 2.16
N VAL C 482 -45.65 10.69 0.90
CA VAL C 482 -46.44 11.61 0.09
C VAL C 482 -47.85 11.75 0.65
N GLN C 483 -48.45 10.63 1.09
CA GLN C 483 -49.79 10.68 1.65
C GLN C 483 -49.82 11.50 2.93
N GLU C 484 -48.80 11.34 3.78
CA GLU C 484 -48.75 12.06 5.05
C GLU C 484 -48.48 13.55 4.88
N GLY C 485 -48.13 14.01 3.69
CA GLY C 485 -47.76 15.39 3.48
C GLY C 485 -46.30 15.70 3.73
N VAL C 486 -45.49 14.69 4.09
CA VAL C 486 -44.06 14.92 4.29
C VAL C 486 -43.42 15.40 3.00
N ILE C 487 -43.75 14.77 1.88
CA ILE C 487 -43.28 15.18 0.57
C ILE C 487 -44.51 15.71 -0.16
N ARG C 488 -44.69 17.04 -0.14
CA ARG C 488 -45.92 17.62 -0.66
C ARG C 488 -45.90 17.56 -2.18
N LEU C 489 -46.82 16.79 -2.75
CA LEU C 489 -47.03 16.73 -4.19
C LEU C 489 -48.48 17.03 -4.49
N ARG C 490 -48.72 17.65 -5.64
CA ARG C 490 -50.07 17.97 -6.08
C ARG C 490 -50.34 17.20 -7.36
N THR C 491 -51.21 16.19 -7.28
CA THR C 491 -51.68 15.48 -8.46
C THR C 491 -53.01 16.01 -8.95
N THR C 492 -53.47 17.13 -8.39
CA THR C 492 -54.68 17.80 -8.83
C THR C 492 -54.43 19.31 -8.83
N GLY C 493 -55.28 20.03 -9.53
CA GLY C 493 -55.23 21.49 -9.51
C GLY C 493 -54.14 22.04 -10.42
N ARG C 494 -54.04 23.36 -10.42
CA ARG C 494 -53.10 24.09 -11.26
C ARG C 494 -52.26 25.01 -10.39
N ALA C 495 -50.95 24.90 -10.52
CA ALA C 495 -50.01 25.74 -9.80
C ALA C 495 -49.04 26.39 -10.78
N VAL C 496 -48.72 27.65 -10.53
CA VAL C 496 -47.86 28.43 -11.42
C VAL C 496 -46.42 28.06 -11.17
N GLY C 497 -45.70 27.71 -12.24
CA GLY C 497 -44.30 27.40 -12.11
C GLY C 497 -43.99 26.11 -11.40
N GLU C 498 -44.97 25.25 -11.21
CA GLU C 498 -44.80 24.01 -10.47
C GLU C 498 -45.11 22.83 -11.39
N VAL C 499 -44.17 21.90 -11.49
CA VAL C 499 -44.28 20.76 -12.41
C VAL C 499 -43.83 19.50 -11.69
N ASN C 500 -44.58 18.42 -11.89
CA ASN C 500 -44.24 17.12 -11.31
C ASN C 500 -43.27 16.40 -12.23
N SER C 501 -41.98 16.70 -12.06
CA SER C 501 -40.95 15.99 -12.79
C SER C 501 -40.90 14.53 -12.37
N LEU C 502 -40.47 13.68 -13.30
CA LEU C 502 -40.38 12.25 -13.05
C LEU C 502 -38.92 11.86 -12.88
N VAL C 503 -38.63 11.16 -11.80
CA VAL C 503 -37.27 10.80 -11.41
C VAL C 503 -37.21 9.31 -11.17
N VAL C 504 -36.14 8.68 -11.65
CA VAL C 504 -35.93 7.24 -11.49
C VAL C 504 -34.83 7.03 -10.46
N VAL C 505 -35.12 6.25 -9.42
CA VAL C 505 -34.12 6.03 -8.38
C VAL C 505 -33.19 4.89 -8.78
N GLU C 506 -32.02 4.87 -8.14
CA GLU C 506 -31.06 3.79 -8.30
C GLU C 506 -31.50 2.56 -7.52
N ALA C 507 -30.55 1.63 -7.34
CA ALA C 507 -30.75 0.41 -6.56
C ALA C 507 -31.58 -0.60 -7.34
N ALA C 508 -31.87 -1.75 -6.72
CA ALA C 508 -32.63 -2.86 -7.28
C ALA C 508 -33.92 -2.34 -7.90
N PRO C 509 -34.66 -3.16 -8.74
CA PRO C 509 -35.28 -2.61 -9.95
C PRO C 509 -35.78 -1.17 -9.86
N TYR C 510 -35.39 -0.36 -10.84
CA TYR C 510 -35.52 1.09 -10.78
C TYR C 510 -36.99 1.46 -10.68
N TRP C 511 -37.35 2.16 -9.61
CA TRP C 511 -38.69 2.70 -9.45
C TRP C 511 -38.71 4.18 -9.78
N GLY C 512 -39.56 4.57 -10.72
CA GLY C 512 -39.81 5.97 -10.95
C GLY C 512 -40.68 6.57 -9.87
N ARG C 513 -40.54 7.87 -9.66
CA ARG C 513 -41.37 8.58 -8.69
C ARG C 513 -41.35 10.05 -9.04
N PRO C 514 -42.50 10.72 -8.94
CA PRO C 514 -42.52 12.15 -9.25
C PRO C 514 -41.68 12.94 -8.27
N ALA C 515 -41.06 14.01 -8.77
CA ALA C 515 -40.35 14.96 -7.93
C ALA C 515 -40.86 16.34 -8.29
N ARG C 516 -41.35 17.08 -7.29
CA ARG C 516 -41.87 18.40 -7.55
C ARG C 516 -40.77 19.32 -8.04
N LEU C 517 -41.10 20.16 -9.02
CA LEU C 517 -40.16 21.11 -9.59
C LEU C 517 -40.81 22.48 -9.52
N THR C 518 -40.08 23.46 -8.99
CA THR C 518 -40.59 24.82 -8.87
C THR C 518 -39.64 25.77 -9.59
N ALA C 519 -40.22 26.66 -10.39
CA ALA C 519 -39.47 27.71 -11.06
C ALA C 519 -40.09 29.05 -10.70
N ARG C 520 -39.26 30.01 -10.31
CA ARG C 520 -39.71 31.34 -9.95
C ARG C 520 -38.99 32.37 -10.82
N ALA C 521 -39.76 33.30 -11.37
CA ALA C 521 -39.24 34.31 -12.27
C ALA C 521 -39.15 35.64 -11.53
N ALA C 522 -37.96 36.23 -11.52
CA ALA C 522 -37.74 37.52 -10.92
C ALA C 522 -37.01 38.43 -11.89
N PRO C 523 -37.23 39.74 -11.83
CA PRO C 523 -36.48 40.65 -12.70
C PRO C 523 -34.99 40.60 -12.36
N GLY C 524 -34.17 40.81 -13.38
CA GLY C 524 -32.74 40.75 -13.20
C GLY C 524 -32.05 40.37 -14.50
N ARG C 525 -30.75 40.60 -14.58
CA ARG C 525 -30.01 40.24 -15.78
C ARG C 525 -30.02 38.73 -15.93
N ASP C 526 -30.02 38.27 -17.19
CA ASP C 526 -30.24 36.88 -17.54
C ASP C 526 -29.36 35.96 -16.71
N HIS C 527 -30.00 35.12 -15.89
CA HIS C 527 -29.28 34.11 -15.11
C HIS C 527 -30.29 33.04 -14.77
N LEU C 528 -30.29 31.94 -15.51
CA LEU C 528 -31.19 30.83 -15.23
C LEU C 528 -30.49 29.94 -14.21
N ILE C 529 -30.87 30.13 -12.95
CA ILE C 529 -30.18 29.50 -11.82
C ILE C 529 -30.74 28.10 -11.61
N SER C 530 -29.85 27.11 -11.62
CA SER C 530 -30.21 25.73 -11.28
C SER C 530 -29.79 25.50 -9.84
N ILE C 531 -30.75 25.59 -8.92
CA ILE C 531 -30.45 25.47 -7.50
C ILE C 531 -29.85 24.12 -7.17
N ASP C 532 -30.35 23.05 -7.78
CA ASP C 532 -29.79 21.73 -7.54
C ASP C 532 -28.39 21.57 -8.13
N ARG C 533 -28.00 22.42 -9.08
CA ARG C 533 -26.66 22.32 -9.64
C ARG C 533 -25.67 23.15 -8.85
N GLU C 534 -26.02 24.41 -8.55
CA GLU C 534 -25.12 25.27 -7.80
C GLU C 534 -24.89 24.72 -6.40
N ALA C 535 -25.88 24.03 -5.83
CA ALA C 535 -25.68 23.36 -4.56
C ALA C 535 -24.71 22.19 -4.67
N GLY C 536 -24.38 21.77 -5.89
CA GLY C 536 -23.49 20.64 -6.10
C GLY C 536 -24.17 19.31 -6.26
N LEU C 537 -25.51 19.29 -6.30
CA LEU C 537 -26.24 18.05 -6.46
C LEU C 537 -26.44 17.66 -7.91
N GLY C 538 -26.67 18.65 -8.78
CA GLY C 538 -26.85 18.36 -10.19
C GLY C 538 -25.56 17.89 -10.83
N GLY C 539 -25.66 16.84 -11.64
CA GLY C 539 -24.50 16.29 -12.30
C GLY C 539 -24.14 17.04 -13.57
N GLN C 540 -23.19 16.47 -14.30
CA GLN C 540 -22.73 17.10 -15.53
C GLN C 540 -23.84 17.18 -16.57
N ILE C 541 -24.53 16.06 -16.81
CA ILE C 541 -25.60 16.05 -17.79
C ILE C 541 -26.77 16.92 -17.36
N PHE C 542 -27.07 16.95 -16.07
CA PHE C 542 -28.11 17.84 -15.57
C PHE C 542 -27.77 19.30 -15.85
N HIS C 543 -26.51 19.68 -15.61
CA HIS C 543 -26.08 21.03 -15.93
C HIS C 543 -26.13 21.29 -17.43
N LYS C 544 -25.80 20.28 -18.24
CA LYS C 544 -25.92 20.43 -19.68
C LYS C 544 -27.36 20.71 -20.09
N ALA C 545 -28.31 19.99 -19.49
CA ALA C 545 -29.72 20.23 -19.78
C ALA C 545 -30.13 21.64 -19.36
N VAL C 546 -29.68 22.07 -18.18
CA VAL C 546 -30.02 23.40 -17.70
C VAL C 546 -29.50 24.46 -18.66
N LEU C 547 -28.25 24.32 -19.08
CA LEU C 547 -27.67 25.28 -20.02
C LEU C 547 -28.37 25.23 -21.37
N THR C 548 -28.76 24.04 -21.80
CA THR C 548 -29.44 23.89 -23.09
C THR C 548 -30.76 24.64 -23.08
N LEU C 549 -31.57 24.44 -22.05
CA LEU C 549 -32.85 25.14 -22.00
C LEU C 549 -32.65 26.63 -21.72
N ALA C 550 -31.58 27.01 -21.03
CA ALA C 550 -31.26 28.42 -20.87
C ALA C 550 -30.97 29.06 -22.21
N GLY C 551 -30.19 28.38 -23.05
CA GLY C 551 -29.92 28.89 -24.38
C GLY C 551 -31.17 28.96 -25.24
N TYR C 552 -32.03 27.95 -25.12
CA TYR C 552 -33.30 28.00 -25.85
C TYR C 552 -34.11 29.20 -25.43
N LEU C 553 -34.19 29.47 -24.13
CA LEU C 553 -34.94 30.63 -23.65
C LEU C 553 -34.31 31.93 -24.11
N ARG C 554 -32.98 32.00 -24.09
CA ARG C 554 -32.29 33.21 -24.55
C ARG C 554 -32.59 33.49 -26.01
N SER C 555 -32.52 32.46 -26.86
CA SER C 555 -32.68 32.65 -28.29
C SER C 555 -34.15 32.71 -28.71
N ARG C 556 -35.07 32.26 -27.85
CA ARG C 556 -36.47 32.22 -28.24
C ARG C 556 -37.14 33.58 -28.08
N TYR C 557 -36.75 34.34 -27.07
CA TYR C 557 -37.36 35.62 -26.76
C TYR C 557 -36.31 36.70 -26.94
N ILE C 558 -36.50 37.53 -27.97
CA ILE C 558 -35.43 38.36 -28.48
C ILE C 558 -35.88 39.82 -28.48
N GLU C 559 -37.17 40.05 -28.23
CA GLU C 559 -37.68 41.42 -28.39
C GLU C 559 -37.26 42.33 -27.25
N HIS C 560 -36.37 41.89 -26.37
CA HIS C 560 -35.61 42.73 -25.45
C HIS C 560 -34.13 42.44 -25.66
N GLY C 561 -33.30 42.91 -24.75
CA GLY C 561 -31.89 42.59 -24.85
C GLY C 561 -31.66 41.17 -24.36
N SER C 562 -30.69 40.99 -23.48
CA SER C 562 -30.56 39.70 -22.81
C SER C 562 -31.85 39.37 -22.07
N LEU C 563 -32.06 38.09 -21.80
CA LEU C 563 -33.27 37.62 -21.14
C LEU C 563 -33.51 38.41 -19.87
N PRO C 564 -34.56 39.23 -19.80
CA PRO C 564 -34.72 40.17 -18.69
C PRO C 564 -35.17 39.54 -17.38
N VAL C 565 -35.10 38.21 -17.26
CA VAL C 565 -35.55 37.52 -16.05
C VAL C 565 -34.46 36.57 -15.58
N THR C 566 -34.50 36.27 -14.29
CA THR C 566 -33.70 35.22 -13.69
C THR C 566 -34.65 34.15 -13.16
N ILE C 567 -34.36 32.89 -13.50
CA ILE C 567 -35.25 31.78 -13.19
C ILE C 567 -34.52 30.84 -12.24
N SER C 568 -35.15 30.51 -11.13
CA SER C 568 -34.60 29.61 -10.13
C SER C 568 -35.30 28.27 -10.26
N LEU C 569 -34.53 27.20 -10.46
CA LEU C 569 -35.06 25.87 -10.66
C LEU C 569 -34.59 24.97 -9.53
N ALA C 570 -35.52 24.35 -8.82
CA ALA C 570 -35.16 23.51 -7.69
C ALA C 570 -36.06 22.29 -7.62
N PHE C 571 -35.46 21.14 -7.34
CA PHE C 571 -36.21 19.94 -7.02
C PHE C 571 -36.52 19.96 -5.54
N GLU C 572 -37.79 20.11 -5.19
CA GLU C 572 -38.15 20.20 -3.78
C GLU C 572 -38.04 18.83 -3.11
N GLN C 573 -37.63 18.85 -1.84
CA GLN C 573 -37.33 17.63 -1.09
C GLN C 573 -36.35 16.74 -1.84
N ASN C 574 -35.32 17.34 -2.44
CA ASN C 574 -34.41 16.58 -3.28
C ASN C 574 -33.38 15.85 -2.42
N TYR C 575 -32.52 16.62 -1.75
CA TYR C 575 -31.54 16.13 -0.78
C TYR C 575 -30.60 15.07 -1.34
N VAL C 576 -30.58 14.85 -2.65
CA VAL C 576 -29.78 13.79 -3.26
C VAL C 576 -29.23 14.29 -4.58
N SER C 577 -28.02 13.84 -4.91
CA SER C 577 -27.38 14.23 -6.16
C SER C 577 -28.25 13.84 -7.36
N ILE C 578 -28.36 14.77 -8.31
CA ILE C 578 -29.17 14.59 -9.51
C ILE C 578 -28.24 14.30 -10.67
N GLU C 579 -28.55 13.25 -11.43
CA GLU C 579 -27.80 12.90 -12.62
C GLU C 579 -28.77 12.61 -13.76
N GLY C 580 -28.45 13.12 -14.94
CA GLY C 580 -29.20 12.80 -16.14
C GLY C 580 -30.01 13.97 -16.65
N ASP C 581 -30.46 13.83 -17.89
CA ASP C 581 -31.29 14.82 -18.57
C ASP C 581 -32.61 14.16 -18.93
N SER C 582 -33.55 14.18 -17.98
CA SER C 582 -34.88 13.64 -18.18
C SER C 582 -35.94 14.70 -17.95
N ALA C 583 -35.61 15.76 -17.21
CA ALA C 583 -36.54 16.79 -16.82
C ALA C 583 -36.30 18.10 -17.55
N GLY C 584 -35.58 18.05 -18.67
CA GLY C 584 -35.38 19.26 -19.45
C GLY C 584 -36.69 19.86 -19.92
N LEU C 585 -37.60 19.02 -20.39
CA LEU C 585 -38.92 19.52 -20.79
C LEU C 585 -39.68 20.05 -19.60
N ALA C 586 -39.64 19.35 -18.46
CA ALA C 586 -40.33 19.81 -17.27
C ALA C 586 -39.75 21.13 -16.79
N GLU C 587 -38.42 21.24 -16.78
CA GLU C 587 -37.78 22.49 -16.39
C GLU C 587 -38.18 23.62 -17.33
N LEU C 588 -38.20 23.35 -18.64
CA LEU C 588 -38.51 24.39 -19.60
C LEU C 588 -39.96 24.86 -19.44
N VAL C 589 -40.90 23.94 -19.28
CA VAL C 589 -42.30 24.34 -19.15
C VAL C 589 -42.52 25.07 -17.82
N ALA C 590 -41.85 24.63 -16.76
CA ALA C 590 -41.96 25.32 -15.48
C ALA C 590 -41.43 26.74 -15.58
N ALA C 591 -40.28 26.90 -16.23
CA ALA C 591 -39.70 28.23 -16.41
C ALA C 591 -40.62 29.11 -17.24
N LEU C 592 -41.19 28.56 -18.31
CA LEU C 592 -42.10 29.34 -19.14
C LEU C 592 -43.35 29.76 -18.38
N SER C 593 -43.89 28.86 -17.55
CA SER C 593 -45.05 29.20 -16.73
C SER C 593 -44.71 30.29 -15.73
N ALA C 594 -43.54 30.17 -15.08
CA ALA C 594 -43.12 31.19 -14.14
C ALA C 594 -42.96 32.53 -14.82
N ILE C 595 -42.41 32.54 -16.03
CA ILE C 595 -42.25 33.78 -16.78
C ILE C 595 -43.61 34.38 -17.12
N GLY C 596 -44.50 33.58 -17.67
CA GLY C 596 -45.79 34.07 -18.11
C GLY C 596 -46.90 33.99 -17.11
N ASN C 597 -46.62 33.59 -15.87
CA ASN C 597 -47.65 33.43 -14.85
C ASN C 597 -48.73 32.46 -15.32
N LEU C 598 -48.30 31.32 -15.85
CA LEU C 598 -49.21 30.35 -16.42
C LEU C 598 -49.48 29.24 -15.41
N PRO C 599 -50.70 29.08 -14.91
CA PRO C 599 -51.00 27.96 -14.03
C PRO C 599 -50.95 26.64 -14.76
N LEU C 600 -50.06 25.75 -14.36
CA LEU C 600 -49.88 24.47 -15.03
C LEU C 600 -50.67 23.38 -14.33
N ARG C 601 -51.36 22.56 -15.12
CA ARG C 601 -52.10 21.43 -14.59
C ARG C 601 -51.18 20.50 -13.81
N GLN C 602 -51.36 20.42 -12.50
CA GLN C 602 -50.50 19.60 -11.68
C GLN C 602 -50.79 18.11 -11.82
N ASP C 603 -51.90 17.74 -12.45
CA ASP C 603 -52.24 16.33 -12.60
C ASP C 603 -51.36 15.63 -13.61
N LEU C 604 -50.68 16.37 -14.48
CA LEU C 604 -49.83 15.79 -15.50
C LEU C 604 -48.36 15.88 -15.08
N ALA C 605 -47.69 14.73 -15.07
CA ALA C 605 -46.24 14.70 -14.88
C ALA C 605 -45.56 14.89 -16.22
N VAL C 606 -44.44 15.59 -16.20
CA VAL C 606 -43.72 15.97 -17.42
C VAL C 606 -42.33 15.37 -17.35
N THR C 607 -41.97 14.63 -18.40
CA THR C 607 -40.64 14.06 -18.54
C THR C 607 -40.14 14.37 -19.95
N GLY C 608 -38.89 13.99 -20.21
CA GLY C 608 -38.34 14.18 -21.54
C GLY C 608 -37.29 15.27 -21.61
N ALA C 609 -36.20 14.99 -22.30
CA ALA C 609 -35.16 15.97 -22.53
C ALA C 609 -35.58 16.92 -23.65
N VAL C 610 -34.92 18.08 -23.71
CA VAL C 610 -35.20 19.07 -24.73
C VAL C 610 -33.88 19.60 -25.26
N ASP C 611 -33.83 19.86 -26.56
CA ASP C 611 -32.68 20.52 -27.15
C ASP C 611 -32.94 22.02 -27.23
N GLN C 612 -31.89 22.78 -27.51
CA GLN C 612 -31.96 24.23 -27.45
C GLN C 612 -32.64 24.85 -28.66
N THR C 613 -33.33 24.05 -29.47
CA THR C 613 -34.26 24.59 -30.46
C THR C 613 -35.70 24.37 -30.06
N GLY C 614 -35.93 23.84 -28.86
CA GLY C 614 -37.28 23.63 -28.35
C GLY C 614 -37.96 22.41 -28.91
N LYS C 615 -37.28 21.27 -28.89
CA LYS C 615 -37.83 20.01 -29.36
C LYS C 615 -37.55 18.92 -28.34
N VAL C 616 -38.60 18.20 -27.95
CA VAL C 616 -38.47 17.19 -26.91
C VAL C 616 -37.66 16.01 -27.43
N LEU C 617 -36.73 15.54 -26.60
CA LEU C 617 -35.83 14.46 -26.98
C LEU C 617 -36.15 13.21 -26.17
N ALA C 618 -35.77 12.06 -26.70
CA ALA C 618 -36.09 10.81 -26.04
C ALA C 618 -35.34 10.69 -24.71
N VAL C 619 -35.93 9.91 -23.80
CA VAL C 619 -35.36 9.65 -22.48
C VAL C 619 -35.48 8.16 -22.18
N GLY C 620 -34.73 7.73 -21.17
CA GLY C 620 -34.68 6.33 -20.79
C GLY C 620 -35.57 6.02 -19.60
N ALA C 621 -35.88 4.73 -19.45
CA ALA C 621 -36.70 4.23 -18.36
C ALA C 621 -38.03 4.96 -18.30
N ILE C 622 -38.65 5.15 -19.47
CA ILE C 622 -39.93 5.84 -19.53
C ILE C 622 -41.02 5.01 -18.84
N ASN C 623 -40.92 3.68 -18.92
CA ASN C 623 -41.89 2.84 -18.22
C ASN C 623 -41.86 3.09 -16.73
N ALA C 624 -40.66 3.17 -16.15
CA ALA C 624 -40.54 3.40 -14.72
C ALA C 624 -41.15 4.74 -14.34
N LYS C 625 -40.88 5.79 -15.13
CA LYS C 625 -41.43 7.11 -14.83
C LYS C 625 -42.95 7.10 -14.87
N VAL C 626 -43.52 6.57 -15.95
CA VAL C 626 -44.97 6.59 -16.10
C VAL C 626 -45.63 5.77 -15.01
N GLU C 627 -45.09 4.58 -14.73
CA GLU C 627 -45.69 3.73 -13.71
C GLU C 627 -45.55 4.32 -12.33
N GLY C 628 -44.43 5.00 -12.03
CA GLY C 628 -44.29 5.65 -10.75
C GLY C 628 -45.28 6.79 -10.55
N PHE C 629 -45.46 7.62 -11.59
CA PHE C 629 -46.45 8.67 -11.46
C PHE C 629 -47.86 8.10 -11.33
N PHE C 630 -48.16 7.03 -12.06
CA PHE C 630 -49.48 6.41 -11.89
C PHE C 630 -49.64 5.84 -10.49
N ARG C 631 -48.58 5.26 -9.94
CA ARG C 631 -48.64 4.74 -8.57
C ARG C 631 -48.96 5.85 -7.59
N VAL C 632 -48.27 6.98 -7.72
CA VAL C 632 -48.51 8.09 -6.80
C VAL C 632 -49.93 8.64 -6.98
N CYS C 633 -50.38 8.77 -8.23
CA CYS C 633 -51.74 9.25 -8.47
C CYS C 633 -52.78 8.31 -7.88
N LYS C 634 -52.57 7.01 -8.04
CA LYS C 634 -53.51 6.03 -7.47
C LYS C 634 -53.50 6.09 -5.95
N ALA C 635 -52.32 6.27 -5.34
CA ALA C 635 -52.24 6.38 -3.89
C ALA C 635 -53.04 7.58 -3.39
N LEU C 636 -52.93 8.71 -4.08
CA LEU C 636 -53.75 9.87 -3.77
C LEU C 636 -55.16 9.76 -4.32
N GLY C 637 -55.46 8.71 -5.08
CA GLY C 637 -56.77 8.55 -5.69
C GLY C 637 -56.84 9.14 -7.08
N LEU C 638 -57.13 8.30 -8.06
CA LEU C 638 -57.15 8.77 -9.44
C LEU C 638 -58.27 9.78 -9.66
N SER C 639 -57.92 10.93 -10.22
CA SER C 639 -58.89 11.99 -10.45
C SER C 639 -59.60 11.87 -11.79
N GLY C 640 -59.20 10.91 -12.63
CA GLY C 640 -59.77 10.79 -13.95
C GLY C 640 -59.19 11.73 -14.99
N THR C 641 -58.23 12.56 -14.61
CA THR C 641 -57.56 13.45 -15.56
C THR C 641 -56.05 13.45 -15.44
N GLN C 642 -55.47 12.76 -14.46
CA GLN C 642 -54.03 12.72 -14.33
C GLN C 642 -53.41 11.99 -15.51
N GLY C 643 -52.22 12.45 -15.91
CA GLY C 643 -51.55 11.85 -17.04
C GLY C 643 -50.06 12.13 -16.99
N VAL C 644 -49.37 11.67 -18.03
CA VAL C 644 -47.93 11.87 -18.16
C VAL C 644 -47.66 12.43 -19.54
N ILE C 645 -46.85 13.48 -19.62
CA ILE C 645 -46.40 14.06 -20.87
C ILE C 645 -45.01 13.52 -21.14
N LEU C 646 -44.85 12.74 -22.20
CA LEU C 646 -43.59 12.09 -22.50
C LEU C 646 -43.20 12.34 -23.95
N PRO C 647 -41.92 12.19 -24.30
CA PRO C 647 -41.51 12.50 -25.68
C PRO C 647 -42.19 11.60 -26.69
N GLU C 648 -42.52 12.17 -27.85
CA GLU C 648 -43.08 11.38 -28.94
C GLU C 648 -42.10 10.30 -29.38
N ALA C 649 -40.80 10.54 -29.22
CA ALA C 649 -39.79 9.59 -29.63
C ALA C 649 -39.72 8.36 -28.74
N ASN C 650 -40.43 8.34 -27.61
CA ASN C 650 -40.40 7.21 -26.70
C ASN C 650 -41.59 6.27 -26.86
N LEU C 651 -42.41 6.46 -27.89
CA LEU C 651 -43.56 5.58 -28.09
C LEU C 651 -43.14 4.14 -28.26
N ALA C 652 -42.02 3.89 -28.95
CA ALA C 652 -41.52 2.54 -29.11
C ALA C 652 -41.02 1.96 -27.79
N ASN C 653 -40.85 2.78 -26.76
CA ASN C 653 -40.39 2.31 -25.47
C ASN C 653 -41.50 2.16 -24.44
N LEU C 654 -42.73 2.54 -24.77
CA LEU C 654 -43.84 2.49 -23.83
C LEU C 654 -44.39 1.08 -23.75
N THR C 655 -43.85 0.28 -22.83
CA THR C 655 -44.38 -1.04 -22.51
C THR C 655 -44.89 -0.97 -21.07
N LEU C 656 -46.12 -0.50 -20.91
CA LEU C 656 -46.68 -0.25 -19.60
C LEU C 656 -47.28 -1.52 -19.01
N ARG C 657 -47.42 -1.53 -17.68
CA ARG C 657 -48.01 -2.68 -17.01
C ARG C 657 -49.51 -2.76 -17.31
N ALA C 658 -50.11 -3.86 -16.86
CA ALA C 658 -51.53 -4.10 -17.13
C ALA C 658 -52.40 -3.04 -16.49
N GLU C 659 -52.10 -2.66 -15.25
CA GLU C 659 -52.95 -1.71 -14.54
C GLU C 659 -52.93 -0.33 -15.18
N VAL C 660 -51.75 0.13 -15.60
CA VAL C 660 -51.67 1.44 -16.26
C VAL C 660 -52.45 1.43 -17.56
N LEU C 661 -52.31 0.35 -18.34
CA LEU C 661 -53.04 0.26 -19.60
C LEU C 661 -54.54 0.21 -19.37
N GLU C 662 -54.98 -0.51 -18.34
CA GLU C 662 -56.41 -0.54 -18.02
C GLU C 662 -56.90 0.84 -17.61
N ALA C 663 -56.09 1.57 -16.84
CA ALA C 663 -56.48 2.93 -16.47
C ALA C 663 -56.58 3.83 -17.69
N VAL C 664 -55.65 3.68 -18.64
CA VAL C 664 -55.72 4.47 -19.87
C VAL C 664 -56.97 4.11 -20.66
N ARG C 665 -57.28 2.82 -20.75
CA ARG C 665 -58.48 2.40 -21.48
C ARG C 665 -59.74 2.95 -20.83
N ALA C 666 -59.79 2.93 -19.50
CA ALA C 666 -60.94 3.47 -18.78
C ALA C 666 -60.99 4.98 -18.80
N GLY C 667 -59.94 5.65 -19.26
CA GLY C 667 -59.90 7.10 -19.23
C GLY C 667 -59.51 7.69 -17.91
N GLN C 668 -59.13 6.86 -16.93
CA GLN C 668 -58.71 7.33 -15.63
C GLN C 668 -57.27 7.83 -15.62
N PHE C 669 -56.54 7.63 -16.70
CA PHE C 669 -55.14 8.02 -16.78
C PHE C 669 -54.78 8.27 -18.24
N HIS C 670 -54.02 9.33 -18.51
CA HIS C 670 -53.71 9.71 -19.87
C HIS C 670 -52.22 9.61 -20.12
N ILE C 671 -51.85 9.51 -21.39
CA ILE C 671 -50.47 9.48 -21.82
C ILE C 671 -50.36 10.40 -23.02
N TYR C 672 -49.83 11.60 -22.80
CA TYR C 672 -49.62 12.56 -23.87
C TYR C 672 -48.24 12.40 -24.46
N ALA C 673 -48.15 12.51 -25.79
CA ALA C 673 -46.88 12.40 -26.49
C ALA C 673 -46.64 13.69 -27.27
N VAL C 674 -45.48 14.30 -27.05
CA VAL C 674 -45.12 15.54 -27.72
C VAL C 674 -43.71 15.40 -28.26
N GLU C 675 -43.40 16.23 -29.26
CA GLU C 675 -42.05 16.33 -29.78
C GLU C 675 -41.42 17.70 -29.60
N THR C 676 -42.22 18.74 -29.37
CA THR C 676 -41.71 20.06 -29.05
C THR C 676 -42.28 20.53 -27.72
N ALA C 677 -41.50 21.36 -27.02
CA ALA C 677 -41.94 21.87 -25.72
C ALA C 677 -43.16 22.77 -25.86
N GLU C 678 -43.39 23.30 -27.07
CA GLU C 678 -44.56 24.13 -27.29
C GLU C 678 -45.84 23.35 -27.00
N GLN C 679 -45.90 22.11 -27.50
CA GLN C 679 -47.07 21.28 -27.26
C GLN C 679 -47.21 20.93 -25.79
N ALA C 680 -46.09 20.64 -25.12
CA ALA C 680 -46.16 20.28 -23.71
C ALA C 680 -46.70 21.44 -22.87
N LEU C 681 -46.23 22.66 -23.15
CA LEU C 681 -46.77 23.82 -22.44
C LEU C 681 -48.23 24.03 -22.78
N GLU C 682 -48.62 23.83 -24.05
CA GLU C 682 -50.02 23.98 -24.40
C GLU C 682 -50.90 23.00 -23.64
N ILE C 683 -50.43 21.75 -23.48
CA ILE C 683 -51.19 20.75 -22.74
C ILE C 683 -51.28 21.14 -21.27
N LEU C 684 -50.14 21.49 -20.67
CA LEU C 684 -50.13 21.76 -19.23
C LEU C 684 -50.97 22.99 -18.89
N ALA C 685 -50.75 24.10 -19.58
CA ALA C 685 -51.51 25.30 -19.29
C ALA C 685 -52.93 25.23 -19.79
N GLY C 686 -53.28 24.22 -20.58
CA GLY C 686 -54.64 24.07 -21.05
C GLY C 686 -55.08 25.14 -22.03
N ALA C 687 -54.14 25.79 -22.69
CA ALA C 687 -54.45 26.81 -23.68
C ALA C 687 -53.66 26.54 -24.94
N ARG C 688 -53.90 27.35 -25.96
CA ARG C 688 -53.23 27.22 -27.25
C ARG C 688 -52.15 28.28 -27.36
N MET C 689 -50.94 27.86 -27.75
CA MET C 689 -49.80 28.77 -27.74
C MET C 689 -50.05 29.97 -28.64
N GLU C 690 -50.19 29.73 -29.94
CA GLU C 690 -50.49 30.81 -30.87
C GLU C 690 -51.95 31.25 -30.73
N GLY C 691 -52.21 32.46 -31.17
CA GLY C 691 -53.56 33.00 -31.16
C GLY C 691 -53.74 34.07 -30.10
N PHE C 692 -54.85 34.79 -30.22
CA PHE C 692 -55.18 35.84 -29.25
C PHE C 692 -55.39 35.22 -27.88
N ARG C 693 -54.90 35.92 -26.85
CA ARG C 693 -54.92 35.42 -25.47
C ARG C 693 -54.22 34.06 -25.38
N GLY C 694 -53.19 33.87 -26.21
CA GLY C 694 -52.46 32.62 -26.22
C GLY C 694 -51.37 32.57 -25.17
N LEU C 695 -50.78 31.39 -25.02
CA LEU C 695 -49.69 31.23 -24.07
C LEU C 695 -48.49 32.08 -24.46
N GLN C 696 -48.17 32.14 -25.76
CA GLN C 696 -47.04 32.93 -26.21
C GLN C 696 -47.25 34.41 -25.91
N GLU C 697 -48.46 34.91 -26.12
CA GLU C 697 -48.74 36.31 -25.83
C GLU C 697 -48.56 36.61 -24.35
N LYS C 698 -49.02 35.70 -23.49
CA LYS C 698 -48.89 35.92 -22.05
C LYS C 698 -47.44 35.82 -21.59
N ILE C 699 -46.66 34.91 -22.18
CA ILE C 699 -45.24 34.83 -21.85
C ILE C 699 -44.53 36.10 -22.28
N ARG C 700 -44.84 36.60 -23.47
CA ARG C 700 -44.26 37.86 -23.93
C ARG C 700 -44.66 39.01 -23.00
N ALA C 701 -45.91 39.03 -22.56
CA ALA C 701 -46.36 40.08 -21.64
C ALA C 701 -45.62 39.98 -20.31
N GLY C 702 -45.39 38.76 -19.81
CA GLY C 702 -44.65 38.62 -18.57
C GLY C 702 -43.21 39.07 -18.68
N LEU C 703 -42.55 38.70 -19.78
CA LEU C 703 -41.19 39.19 -20.01
C LEU C 703 -41.18 40.70 -20.13
N GLU C 704 -42.18 41.27 -20.82
CA GLU C 704 -42.27 42.72 -20.95
C GLU C 704 -42.44 43.39 -19.59
N ALA C 705 -43.27 42.79 -18.72
CA ALA C 705 -43.46 43.36 -17.39
C ALA C 705 -42.17 43.30 -16.57
N PHE C 706 -41.45 42.18 -16.63
CA PHE C 706 -40.18 42.10 -15.92
C PHE C 706 -39.18 43.13 -16.43
N ALA C 707 -39.11 43.28 -17.76
CA ALA C 707 -38.22 44.27 -18.35
C ALA C 707 -38.62 45.68 -17.93
N ARG C 708 -39.92 45.97 -17.89
CA ARG C 708 -40.36 47.30 -17.49
C ARG C 708 -40.10 47.55 -16.01
N LEU C 709 -40.10 46.49 -15.19
CA LEU C 709 -39.79 46.69 -13.78
C LEU C 709 -38.31 47.00 -13.58
N GLU C 710 -37.43 46.26 -14.26
CA GLU C 710 -36.01 46.64 -14.23
C GLU C 710 -35.81 48.03 -14.82
N GLU C 711 -36.59 48.37 -15.85
CA GLU C 711 -36.57 49.68 -16.47
C GLU C 711 -36.99 50.79 -15.51
N GLY C 712 -38.02 50.57 -14.71
CA GLY C 712 -38.46 51.52 -13.71
C GLY C 712 -37.43 51.67 -12.61
N HIS C 713 -36.78 50.57 -12.25
CA HIS C 713 -35.67 50.65 -11.29
C HIS C 713 -34.55 51.54 -11.84
N ASP C 714 -34.22 51.38 -13.12
CA ASP C 714 -33.23 52.25 -13.74
C ASP C 714 -33.71 53.69 -13.85
N LYS C 715 -35.00 53.89 -14.10
CA LYS C 715 -35.57 55.24 -14.14
C LYS C 715 -35.40 55.94 -12.80
N GLU C 716 -35.70 55.23 -11.71
CA GLU C 716 -35.44 55.76 -10.38
C GLU C 716 -33.95 56.02 -10.16
N ASP C 717 -33.08 55.10 -10.58
CA ASP C 717 -31.65 55.27 -10.37
C ASP C 717 -31.14 56.53 -11.07
N ARG C 718 -31.59 56.77 -12.30
CA ARG C 718 -31.15 57.95 -13.03
C ARG C 718 -31.85 59.22 -12.57
N GLU C 719 -33.01 59.11 -11.94
CA GLU C 719 -33.75 60.29 -11.49
C GLU C 719 -34.44 60.05 -10.15
N MET D 1 -14.81 22.76 -53.25
CA MET D 1 -15.55 22.28 -54.40
C MET D 1 -15.71 20.77 -54.32
N ARG D 2 -16.75 20.23 -54.96
CA ARG D 2 -17.04 18.82 -54.90
C ARG D 2 -15.90 18.01 -55.52
N LEU D 3 -15.50 16.94 -54.83
CA LEU D 3 -14.45 16.07 -55.33
C LEU D 3 -15.04 15.03 -56.27
N SER D 4 -14.46 14.91 -57.46
CA SER D 4 -14.90 13.91 -58.41
C SER D 4 -14.50 12.52 -57.93
N TYR D 5 -15.11 11.51 -58.53
CA TYR D 5 -14.79 10.12 -58.16
C TYR D 5 -13.34 9.80 -58.50
N GLU D 6 -12.86 10.24 -59.66
CA GLU D 6 -11.47 9.98 -60.02
C GLU D 6 -10.51 10.64 -59.05
N ALA D 7 -10.82 11.87 -58.62
CA ALA D 7 -10.03 12.51 -57.59
C ALA D 7 -10.12 11.80 -56.24
N LEU D 8 -11.13 10.95 -56.05
CA LEU D 8 -11.30 10.21 -54.81
C LEU D 8 -10.92 8.74 -54.92
N GLU D 9 -10.85 8.20 -56.13
CA GLU D 9 -10.51 6.79 -56.31
C GLU D 9 -9.04 6.58 -55.96
N TRP D 10 -8.78 5.94 -54.84
CA TRP D 10 -7.44 5.73 -54.34
C TRP D 10 -6.92 4.32 -54.56
N ARG D 11 -7.81 3.35 -54.80
CA ARG D 11 -7.38 1.96 -54.90
C ARG D 11 -6.55 1.73 -56.15
N THR D 12 -5.48 0.97 -56.00
CA THR D 12 -4.65 0.61 -57.14
C THR D 12 -5.41 -0.36 -58.04
N PRO D 13 -5.50 -0.09 -59.34
CA PRO D 13 -6.24 -0.99 -60.23
C PRO D 13 -5.63 -2.38 -60.24
N ILE D 14 -6.50 -3.38 -60.38
CA ILE D 14 -6.08 -4.78 -60.38
C ILE D 14 -5.90 -5.24 -61.82
N GLU D 15 -4.72 -5.77 -62.13
CA GLU D 15 -4.50 -6.35 -63.44
C GLU D 15 -5.27 -7.65 -63.62
N ASN D 16 -5.20 -8.53 -62.62
CA ASN D 16 -5.96 -9.77 -62.62
C ASN D 16 -5.99 -10.32 -61.21
N SER D 17 -7.14 -10.87 -60.81
CA SER D 17 -7.30 -11.47 -59.50
C SER D 17 -6.87 -12.93 -59.47
N THR D 18 -6.01 -13.34 -60.41
CA THR D 18 -5.57 -14.72 -60.52
C THR D 18 -4.06 -14.69 -60.79
N GLU D 19 -3.50 -15.82 -61.23
CA GLU D 19 -2.08 -15.94 -61.51
C GLU D 19 -1.29 -15.64 -60.25
N PRO D 20 -1.25 -16.57 -59.29
CA PRO D 20 -0.57 -16.33 -58.01
C PRO D 20 0.80 -15.69 -58.16
N VAL D 21 1.04 -14.60 -57.43
CA VAL D 21 2.29 -13.87 -57.56
C VAL D 21 3.44 -14.70 -57.03
N SER D 22 4.60 -14.53 -57.64
CA SER D 22 5.84 -15.18 -57.21
C SER D 22 6.87 -14.08 -57.01
N LEU D 23 7.08 -13.68 -55.76
CA LEU D 23 7.98 -12.60 -55.44
C LEU D 23 9.06 -13.07 -54.47
N PRO D 24 10.29 -12.57 -54.63
CA PRO D 24 11.36 -12.94 -53.71
C PRO D 24 11.12 -12.34 -52.34
N PRO D 25 11.58 -13.00 -51.28
CA PRO D 25 11.43 -12.44 -49.93
C PRO D 25 12.15 -11.11 -49.82
N PRO D 26 11.55 -10.12 -49.19
CA PRO D 26 12.18 -8.81 -49.06
C PRO D 26 13.28 -8.84 -48.02
N PRO D 27 14.22 -7.90 -48.07
CA PRO D 27 15.24 -7.84 -47.03
C PRO D 27 14.62 -7.48 -45.70
N PRO D 28 15.20 -7.93 -44.59
CA PRO D 28 14.68 -7.55 -43.27
C PRO D 28 14.72 -6.04 -43.09
N PHE D 29 13.74 -5.53 -42.34
CA PHE D 29 13.55 -4.09 -42.16
C PHE D 29 13.37 -3.38 -43.49
N PHE D 30 12.61 -4.00 -44.39
CA PHE D 30 12.29 -3.35 -45.65
C PHE D 30 11.37 -2.17 -45.39
N GLY D 31 11.70 -1.03 -45.99
CA GLY D 31 11.01 0.21 -45.69
C GLY D 31 11.39 0.82 -44.36
N GLN D 32 12.24 0.17 -43.58
CA GLN D 32 12.70 0.68 -42.29
C GLN D 32 14.21 0.85 -42.35
N GLU D 33 14.71 1.50 -43.41
CA GLU D 33 16.14 1.62 -43.60
C GLU D 33 16.81 2.38 -42.46
N ARG D 34 16.08 3.29 -41.79
CA ARG D 34 16.65 3.98 -40.65
C ARG D 34 16.98 3.00 -39.52
N ALA D 35 16.01 2.15 -39.17
CA ALA D 35 16.25 1.15 -38.14
C ALA D 35 17.29 0.14 -38.58
N ARG D 36 17.30 -0.24 -39.85
CA ARG D 36 18.31 -1.17 -40.34
C ARG D 36 19.71 -0.58 -40.21
N GLU D 37 19.87 0.68 -40.58
CA GLU D 37 21.18 1.32 -40.47
C GLU D 37 21.60 1.45 -39.02
N ALA D 38 20.67 1.85 -38.15
CA ALA D 38 20.99 1.95 -36.73
C ALA D 38 21.44 0.61 -36.17
N LEU D 39 20.72 -0.46 -36.52
CA LEU D 39 21.07 -1.76 -35.99
C LEU D 39 22.36 -2.29 -36.60
N GLU D 40 22.64 -1.96 -37.87
CA GLU D 40 23.91 -2.32 -38.46
C GLU D 40 25.06 -1.65 -37.73
N LEU D 41 24.89 -0.36 -37.42
CA LEU D 41 25.90 0.36 -36.65
C LEU D 41 26.09 -0.27 -35.28
N ALA D 42 24.99 -0.66 -34.64
CA ALA D 42 25.10 -1.29 -33.32
C ALA D 42 25.83 -2.62 -33.41
N ILE D 43 25.54 -3.42 -34.44
CA ILE D 43 26.22 -4.71 -34.57
C ILE D 43 27.69 -4.52 -34.85
N ARG D 44 28.04 -3.59 -35.75
CA ARG D 44 29.44 -3.36 -36.09
C ARG D 44 30.22 -2.84 -34.90
N GLY D 45 29.67 -1.87 -34.18
CA GLY D 45 30.35 -1.26 -33.06
C GLY D 45 30.22 -1.99 -31.74
N GLY D 46 29.42 -3.04 -31.68
CA GLY D 46 29.25 -3.77 -30.44
C GLY D 46 28.52 -3.00 -29.36
N PHE D 47 27.71 -2.02 -29.75
CA PHE D 47 26.97 -1.22 -28.78
C PHE D 47 25.73 -1.96 -28.31
N HIS D 48 24.98 -1.32 -27.42
CA HIS D 48 23.67 -1.76 -27.01
C HIS D 48 22.64 -0.86 -27.66
N ALA D 49 21.75 -1.44 -28.45
CA ALA D 49 20.72 -0.69 -29.15
C ALA D 49 19.36 -1.00 -28.55
N TYR D 50 18.37 -0.18 -28.88
CA TYR D 50 17.00 -0.45 -28.49
C TYR D 50 16.08 -0.15 -29.65
N LEU D 51 15.20 -1.11 -29.96
CA LEU D 51 14.28 -1.00 -31.07
C LEU D 51 13.01 -0.31 -30.60
N VAL D 52 12.68 0.82 -31.23
CA VAL D 52 11.49 1.59 -30.90
C VAL D 52 10.54 1.55 -32.10
N GLY D 53 9.29 1.23 -31.83
CA GLY D 53 8.29 1.23 -32.87
C GLY D 53 6.89 1.02 -32.30
N PRO D 54 5.88 1.42 -33.05
CA PRO D 54 4.50 1.21 -32.62
C PRO D 54 4.22 -0.26 -32.40
N PRO D 55 3.34 -0.60 -31.47
CA PRO D 55 3.14 -2.00 -31.11
C PRO D 55 2.61 -2.81 -32.28
N SER D 56 2.95 -4.10 -32.26
CA SER D 56 2.51 -5.04 -33.29
C SER D 56 2.96 -4.58 -34.68
N LEU D 57 4.27 -4.55 -34.87
CA LEU D 57 4.86 -4.14 -36.14
C LEU D 57 5.83 -5.18 -36.68
N GLY D 58 6.10 -6.24 -35.94
CA GLY D 58 7.04 -7.24 -36.37
C GLY D 58 8.48 -6.95 -36.01
N LYS D 59 8.71 -6.09 -35.03
CA LYS D 59 10.07 -5.72 -34.66
C LYS D 59 10.84 -6.95 -34.17
N HIS D 60 10.22 -7.77 -33.34
CA HIS D 60 10.90 -8.94 -32.81
C HIS D 60 11.27 -9.93 -33.91
N GLU D 61 10.32 -10.26 -34.79
CA GLU D 61 10.60 -11.24 -35.83
C GLU D 61 11.62 -10.71 -36.82
N ALA D 62 11.48 -9.45 -37.25
CA ALA D 62 12.43 -8.88 -38.20
C ALA D 62 13.82 -8.81 -37.61
N LEU D 63 13.91 -8.39 -36.34
CA LEU D 63 15.21 -8.31 -35.68
C LEU D 63 15.84 -9.69 -35.52
N LEU D 64 15.05 -10.69 -35.15
CA LEU D 64 15.57 -12.04 -34.99
C LEU D 64 16.07 -12.58 -36.33
N ALA D 65 15.31 -12.36 -37.40
CA ALA D 65 15.74 -12.81 -38.72
C ALA D 65 17.03 -12.12 -39.13
N TYR D 66 17.11 -10.82 -38.92
CA TYR D 66 18.32 -10.08 -39.30
C TYR D 66 19.54 -10.55 -38.50
N LEU D 67 19.36 -10.76 -37.20
CA LEU D 67 20.47 -11.24 -36.38
C LEU D 67 20.88 -12.65 -36.77
N SER D 68 19.92 -13.49 -37.17
CA SER D 68 20.27 -14.79 -37.72
C SER D 68 21.09 -14.64 -39.01
N THR D 69 20.77 -13.62 -39.81
CA THR D 69 21.57 -13.35 -41.00
C THR D 69 23.00 -12.97 -40.64
N GLN D 70 23.19 -12.29 -39.51
CA GLN D 70 24.52 -11.87 -39.09
C GLN D 70 25.39 -13.07 -38.75
N SER D 71 26.67 -12.80 -38.51
CA SER D 71 27.63 -13.81 -38.12
C SER D 71 28.66 -13.19 -37.19
N VAL D 72 29.28 -14.03 -36.36
CA VAL D 72 30.26 -13.58 -35.38
C VAL D 72 31.22 -14.72 -35.12
N GLU D 73 32.37 -14.40 -34.53
CA GLU D 73 33.32 -15.43 -34.12
C GLU D 73 32.67 -16.36 -33.11
N THR D 74 33.14 -17.60 -33.07
CA THR D 74 32.55 -18.60 -32.21
C THR D 74 32.64 -18.16 -30.76
N PRO D 75 31.52 -18.06 -30.04
CA PRO D 75 31.57 -17.60 -28.66
C PRO D 75 32.33 -18.58 -27.79
N PRO D 76 33.18 -18.09 -26.89
CA PRO D 76 33.89 -18.99 -25.98
C PRO D 76 32.94 -19.69 -25.04
N ASP D 77 33.26 -20.93 -24.69
CA ASP D 77 32.43 -21.71 -23.79
C ASP D 77 32.59 -21.21 -22.37
N LEU D 78 31.63 -20.41 -21.89
CA LEU D 78 31.71 -19.88 -20.54
C LEU D 78 31.18 -20.92 -19.54
N LEU D 79 31.66 -20.82 -18.31
CA LEU D 79 31.30 -21.76 -17.27
C LEU D 79 31.68 -21.17 -15.92
N TYR D 80 31.11 -21.72 -14.86
CA TYR D 80 31.43 -21.34 -13.49
C TYR D 80 32.58 -22.20 -12.97
N VAL D 81 33.55 -21.54 -12.35
CA VAL D 81 34.64 -22.20 -11.64
C VAL D 81 34.55 -21.80 -10.17
N PRO D 82 34.58 -22.75 -9.25
CA PRO D 82 34.60 -22.40 -7.82
C PRO D 82 36.00 -21.96 -7.40
N LEU D 83 36.14 -20.66 -7.15
CA LEU D 83 37.42 -20.17 -6.64
C LEU D 83 37.64 -20.62 -5.20
N SER D 84 36.57 -20.98 -4.50
CA SER D 84 36.66 -21.60 -3.20
C SER D 84 35.42 -22.45 -3.00
N GLU D 85 35.20 -22.89 -1.77
CA GLU D 85 33.97 -23.58 -1.44
C GLU D 85 32.77 -22.66 -1.48
N ARG D 86 33.00 -21.34 -1.52
CA ARG D 86 31.95 -20.34 -1.57
C ARG D 86 32.10 -19.38 -2.74
N LYS D 87 33.33 -19.03 -3.10
CA LYS D 87 33.60 -18.09 -4.18
C LYS D 87 33.52 -18.81 -5.52
N VAL D 88 32.73 -18.27 -6.44
CA VAL D 88 32.63 -18.79 -7.80
C VAL D 88 32.71 -17.63 -8.78
N ALA D 89 33.35 -17.89 -9.92
CA ALA D 89 33.47 -16.90 -10.98
C ALA D 89 33.17 -17.58 -12.31
N VAL D 90 32.71 -16.78 -13.26
CA VAL D 90 32.37 -17.28 -14.59
C VAL D 90 33.63 -17.22 -15.44
N LEU D 91 34.10 -18.39 -15.89
CA LEU D 91 35.32 -18.50 -16.66
C LEU D 91 34.98 -18.84 -18.11
N THR D 92 35.58 -18.09 -19.04
CA THR D 92 35.35 -18.26 -20.46
C THR D 92 36.56 -18.96 -21.09
N LEU D 93 36.30 -20.06 -21.79
CA LEU D 93 37.34 -20.85 -22.42
C LEU D 93 37.05 -21.03 -23.91
N PRO D 94 38.09 -21.27 -24.72
CA PRO D 94 37.85 -21.52 -26.15
C PRO D 94 36.97 -22.75 -26.34
N SER D 95 36.20 -22.71 -27.44
CA SER D 95 35.22 -23.76 -27.69
C SER D 95 35.89 -25.13 -27.77
N GLY D 96 35.21 -26.13 -27.21
CA GLY D 96 35.71 -27.49 -27.18
C GLY D 96 36.59 -27.81 -26.00
N GLN D 97 37.29 -26.82 -25.44
CA GLN D 97 38.16 -27.06 -24.30
C GLN D 97 37.38 -27.37 -23.02
N GLU D 98 36.07 -27.12 -23.01
CA GLU D 98 35.30 -27.29 -21.78
C GLU D 98 35.27 -28.75 -21.33
N ILE D 99 35.05 -29.67 -22.26
CA ILE D 99 35.02 -31.09 -21.91
C ILE D 99 36.42 -31.56 -21.52
N HIS D 100 37.46 -31.06 -22.20
CA HIS D 100 38.83 -31.40 -21.84
C HIS D 100 39.15 -30.94 -20.43
N LEU D 101 38.76 -29.71 -20.09
CA LEU D 101 38.98 -29.23 -18.73
C LEU D 101 38.15 -30.00 -17.72
N ALA D 102 36.94 -30.43 -18.10
CA ALA D 102 36.12 -31.21 -17.18
C ALA D 102 36.78 -32.54 -16.84
N GLU D 103 37.23 -33.28 -17.87
CA GLU D 103 37.91 -34.54 -17.60
C GLU D 103 39.23 -34.31 -16.87
N ALA D 104 39.91 -33.20 -17.19
CA ALA D 104 41.16 -32.89 -16.51
C ALA D 104 40.95 -32.64 -15.03
N VAL D 105 39.93 -31.85 -14.67
CA VAL D 105 39.68 -31.59 -13.26
C VAL D 105 39.14 -32.83 -12.57
N GLU D 106 38.45 -33.71 -13.31
CA GLU D 106 38.07 -34.99 -12.74
C GLU D 106 39.30 -35.79 -12.33
N GLY D 107 40.29 -35.86 -13.23
CA GLY D 107 41.54 -36.53 -12.87
C GLY D 107 42.27 -35.84 -11.74
N LEU D 108 42.26 -34.52 -11.73
CA LEU D 108 42.92 -33.76 -10.68
C LEU D 108 42.27 -33.99 -9.32
N LEU D 109 40.94 -34.09 -9.28
CA LEU D 109 40.26 -34.45 -8.05
C LEU D 109 40.57 -35.87 -7.63
N LEU D 110 40.65 -36.81 -8.59
CA LEU D 110 41.06 -38.16 -8.26
C LEU D 110 42.51 -38.24 -7.79
N GLU D 111 43.32 -37.22 -8.10
CA GLU D 111 44.71 -37.17 -7.66
C GLU D 111 44.87 -37.15 -6.14
N VAL D 112 43.77 -37.08 -5.38
CA VAL D 112 43.88 -37.19 -3.93
C VAL D 112 44.43 -38.55 -3.55
N ASN D 113 44.09 -39.59 -4.32
CA ASN D 113 44.67 -40.91 -4.08
C ASN D 113 46.17 -40.89 -4.32
N ARG D 114 46.63 -40.23 -5.40
CA ARG D 114 48.06 -40.08 -5.63
C ARG D 114 48.72 -39.36 -4.46
N LEU D 115 48.08 -38.30 -3.96
CA LEU D 115 48.66 -37.51 -2.90
C LEU D 115 48.79 -38.31 -1.60
N ASP D 116 47.70 -38.95 -1.17
CA ASP D 116 47.76 -39.68 0.10
C ASP D 116 48.49 -41.01 -0.05
N GLU D 117 48.80 -41.45 -1.26
CA GLU D 117 49.72 -42.57 -1.43
C GLU D 117 51.17 -42.10 -1.41
N LEU D 118 51.44 -40.91 -1.96
CA LEU D 118 52.75 -40.29 -1.78
C LEU D 118 53.02 -40.00 -0.32
N PHE D 119 51.95 -39.80 0.46
CA PHE D 119 52.06 -39.60 1.90
C PHE D 119 52.37 -40.87 2.68
N ARG D 120 52.82 -41.93 1.99
CA ARG D 120 53.40 -43.09 2.67
C ARG D 120 54.61 -43.63 1.92
N GLN D 121 55.31 -42.78 1.18
CA GLN D 121 56.41 -43.22 0.33
C GLN D 121 57.74 -43.14 1.08
N GLY D 122 58.82 -43.48 0.37
CA GLY D 122 60.13 -43.52 1.01
C GLY D 122 60.61 -42.16 1.48
N SER D 123 60.50 -41.14 0.61
CA SER D 123 60.90 -39.80 1.02
C SER D 123 59.99 -39.26 2.12
N PHE D 124 58.70 -39.60 2.04
CA PHE D 124 57.78 -39.23 3.11
C PHE D 124 58.24 -39.78 4.45
N LEU D 125 58.53 -41.09 4.48
CA LEU D 125 58.99 -41.70 5.72
C LEU D 125 60.29 -41.10 6.18
N ARG D 126 61.21 -40.83 5.25
CA ARG D 126 62.52 -40.29 5.64
C ARG D 126 62.40 -38.90 6.27
N GLU D 127 61.62 -38.02 5.66
CA GLU D 127 61.55 -36.65 6.19
C GLU D 127 60.68 -36.60 7.44
N LYS D 128 59.61 -37.39 7.50
CA LYS D 128 58.85 -37.48 8.74
C LYS D 128 59.73 -38.04 9.87
N THR D 129 60.60 -39.01 9.57
CA THR D 129 61.49 -39.53 10.58
C THR D 129 62.55 -38.53 11.00
N GLN D 130 63.04 -37.67 10.09
CA GLN D 130 64.02 -36.69 10.52
C GLN D 130 63.39 -35.59 11.37
N LEU D 131 62.19 -35.14 11.01
CA LEU D 131 61.50 -34.17 11.86
C LEU D 131 61.12 -34.78 13.21
N GLU D 132 60.59 -36.01 13.18
CA GLU D 132 60.31 -36.72 14.42
C GLU D 132 61.59 -36.98 15.20
N ALA D 133 62.74 -37.06 14.52
CA ALA D 133 64.00 -37.26 15.22
C ALA D 133 64.46 -35.99 15.90
N ARG D 134 64.20 -34.83 15.29
CA ARG D 134 64.46 -33.57 15.97
C ARG D 134 63.60 -33.45 17.24
N PHE D 135 62.29 -33.65 17.08
CA PHE D 135 61.43 -33.59 18.25
C PHE D 135 61.76 -34.72 19.23
N LYS D 136 62.27 -35.84 18.73
CA LYS D 136 62.59 -36.99 19.58
C LYS D 136 63.85 -36.75 20.37
N GLU D 137 64.84 -36.08 19.79
CA GLU D 137 66.02 -35.73 20.55
C GLU D 137 65.70 -34.65 21.58
N ALA D 138 64.76 -33.75 21.27
CA ALA D 138 64.28 -32.83 22.30
C ALA D 138 63.65 -33.60 23.46
N ARG D 139 62.70 -34.48 23.16
CA ARG D 139 62.06 -35.29 24.19
C ARG D 139 63.08 -36.18 24.92
N GLU D 140 64.09 -36.68 24.21
CA GLU D 140 65.13 -37.48 24.83
C GLU D 140 65.92 -36.66 25.83
N GLN D 141 66.55 -35.56 25.38
CA GLN D 141 67.33 -34.75 26.31
C GLN D 141 66.49 -34.37 27.53
N GLN D 142 65.20 -34.12 27.34
CA GLN D 142 64.32 -33.95 28.49
C GLN D 142 64.30 -35.21 29.36
N LEU D 143 64.15 -36.38 28.74
CA LEU D 143 64.03 -37.63 29.49
C LEU D 143 65.31 -37.94 30.28
N GLU D 144 66.47 -37.80 29.64
CA GLU D 144 67.74 -38.05 30.31
C GLU D 144 68.06 -36.98 31.37
N ALA D 145 67.68 -35.72 31.14
CA ALA D 145 67.83 -34.74 32.21
C ALA D 145 67.00 -35.13 33.42
N LEU D 146 65.76 -35.57 33.20
CA LEU D 146 64.95 -36.02 34.32
C LEU D 146 65.50 -37.30 34.93
N ARG D 147 66.10 -38.17 34.12
CA ARG D 147 66.71 -39.40 34.63
C ARG D 147 67.86 -39.09 35.58
N ARG D 148 68.74 -38.17 35.18
CA ARG D 148 69.85 -37.81 36.05
C ARG D 148 69.36 -37.04 37.28
N GLU D 149 68.29 -36.25 37.11
CA GLU D 149 67.69 -35.58 38.26
C GLU D 149 67.17 -36.59 39.27
N ALA D 150 66.51 -37.64 38.80
CA ALA D 150 66.01 -38.68 39.70
C ALA D 150 67.15 -39.48 40.31
N GLN D 151 68.18 -39.78 39.51
CA GLN D 151 69.32 -40.55 39.99
C GLN D 151 70.24 -39.75 40.90
N GLU D 152 70.04 -38.43 40.99
CA GLU D 152 70.76 -37.66 41.99
C GLU D 152 70.44 -38.15 43.40
N ALA D 153 69.18 -38.45 43.66
CA ALA D 153 68.75 -39.03 44.92
C ALA D 153 68.67 -40.55 44.88
N GLY D 154 68.95 -41.16 43.73
CA GLY D 154 68.93 -42.61 43.61
C GLY D 154 67.57 -43.17 43.30
N PHE D 155 66.89 -42.61 42.30
CA PHE D 155 65.56 -43.03 41.91
C PHE D 155 65.55 -43.47 40.45
N ALA D 156 64.85 -44.56 40.17
CA ALA D 156 64.76 -45.12 38.82
C ALA D 156 63.48 -44.64 38.14
N LEU D 157 63.49 -44.70 36.81
CA LEU D 157 62.40 -44.23 35.99
C LEU D 157 61.81 -45.36 35.15
N SER D 158 60.50 -45.32 34.96
CA SER D 158 59.79 -46.19 34.01
C SER D 158 58.66 -45.37 33.39
N THR D 159 58.94 -44.73 32.26
CA THR D 159 57.92 -43.97 31.56
C THR D 159 57.21 -44.86 30.54
N ASN D 160 55.95 -44.50 30.27
CA ASN D 160 55.10 -45.26 29.35
C ASN D 160 54.61 -44.36 28.23
N GLY D 161 55.46 -43.46 27.76
CA GLY D 161 55.08 -42.54 26.71
C GLY D 161 54.45 -41.27 27.24
N GLU D 162 53.12 -41.18 27.16
CA GLU D 162 52.43 -40.03 27.71
C GLU D 162 52.59 -39.96 29.22
N ARG D 163 52.50 -41.09 29.90
CA ARG D 163 52.63 -41.12 31.36
C ARG D 163 54.10 -41.01 31.75
N LEU D 164 54.41 -40.08 32.63
CA LEU D 164 55.75 -39.91 33.18
C LEU D 164 55.71 -40.24 34.67
N GLU D 165 56.54 -41.19 35.07
CA GLU D 165 56.60 -41.62 36.46
C GLU D 165 57.97 -42.21 36.73
N LEU D 166 58.32 -42.28 38.02
CA LEU D 166 59.60 -42.81 38.44
C LEU D 166 59.39 -43.80 39.58
N THR D 167 60.24 -44.81 39.65
CA THR D 167 60.13 -45.85 40.65
C THR D 167 61.21 -45.68 41.72
N GLY D 168 60.81 -45.87 42.99
CA GLY D 168 61.72 -45.75 44.09
C GLY D 168 61.00 -45.57 45.42
N PRO D 169 61.49 -46.23 46.46
CA PRO D 169 60.86 -46.11 47.78
C PRO D 169 61.03 -44.72 48.37
N GLY D 170 60.05 -44.33 49.19
CA GLY D 170 60.07 -43.05 49.85
C GLY D 170 59.63 -41.93 48.94
N PRO D 171 59.31 -40.77 49.53
CA PRO D 171 58.88 -39.63 48.72
C PRO D 171 60.04 -39.02 47.97
N VAL D 172 59.79 -38.66 46.71
CA VAL D 172 60.80 -38.01 45.87
C VAL D 172 60.91 -36.56 46.29
N PRO D 173 62.03 -35.89 46.03
CA PRO D 173 62.16 -34.47 46.37
C PRO D 173 61.13 -33.62 45.62
N ALA D 174 60.74 -32.52 46.25
CA ALA D 174 59.77 -31.61 45.64
C ALA D 174 60.30 -31.05 44.32
N GLU D 175 61.59 -30.70 44.28
CA GLU D 175 62.19 -30.26 43.04
C GLU D 175 62.16 -31.36 41.98
N LEU D 176 62.27 -32.62 42.39
CA LEU D 176 62.18 -33.72 41.44
C LEU D 176 60.79 -33.79 40.81
N SER D 177 59.74 -33.64 41.61
CA SER D 177 58.38 -33.65 41.06
C SER D 177 58.14 -32.43 40.18
N ALA D 178 58.68 -31.27 40.58
CA ALA D 178 58.55 -30.07 39.76
C ALA D 178 59.21 -30.28 38.40
N ARG D 179 60.41 -30.87 38.39
CA ARG D 179 61.07 -31.18 37.13
C ARG D 179 60.30 -32.21 36.32
N LEU D 180 59.70 -33.20 37.00
CA LEU D 180 58.85 -34.18 36.32
C LEU D 180 57.72 -33.49 35.56
N GLU D 181 56.99 -32.62 36.25
CA GLU D 181 55.89 -31.91 35.62
C GLU D 181 56.35 -30.94 34.53
N GLU D 182 57.48 -30.26 34.73
CA GLU D 182 58.01 -29.37 33.70
C GLU D 182 58.36 -30.15 32.45
N VAL D 183 59.02 -31.30 32.61
CA VAL D 183 59.37 -32.14 31.47
C VAL D 183 58.12 -32.67 30.78
N THR D 184 57.10 -33.05 31.56
CA THR D 184 55.85 -33.52 30.97
C THR D 184 55.20 -32.43 30.13
N LEU D 185 55.11 -31.22 30.67
CA LEU D 185 54.52 -30.11 29.93
C LEU D 185 55.31 -29.80 28.67
N GLY D 186 56.63 -29.79 28.77
CA GLY D 186 57.45 -29.55 27.60
C GLY D 186 57.29 -30.63 26.54
N SER D 187 57.21 -31.89 26.97
CA SER D 187 57.05 -32.99 26.03
C SER D 187 55.71 -32.90 25.30
N LEU D 188 54.63 -32.65 26.03
CA LEU D 188 53.33 -32.50 25.37
C LEU D 188 53.30 -31.28 24.44
N ALA D 189 53.89 -30.16 24.86
CA ALA D 189 53.96 -29.01 23.96
C ALA D 189 54.71 -29.36 22.69
N ALA D 190 55.94 -29.86 22.82
CA ALA D 190 56.74 -30.22 21.65
C ALA D 190 56.00 -31.23 20.78
N SER D 191 55.21 -32.11 21.39
CA SER D 191 54.34 -32.98 20.60
C SER D 191 53.37 -32.16 19.76
N ALA D 192 52.72 -31.17 20.38
CA ALA D 192 51.76 -30.36 19.65
C ALA D 192 52.42 -29.65 18.46
N GLU D 193 53.57 -29.02 18.70
CA GLU D 193 54.27 -28.41 17.58
C GLU D 193 54.77 -29.44 16.57
N LEU D 194 54.99 -30.70 16.96
CA LEU D 194 55.40 -31.65 15.93
C LEU D 194 54.23 -32.02 15.04
N GLU D 195 53.01 -32.15 15.58
CA GLU D 195 51.88 -32.34 14.68
C GLU D 195 51.69 -31.11 13.78
N VAL D 196 51.86 -29.91 14.34
CA VAL D 196 51.71 -28.70 13.54
C VAL D 196 52.74 -28.69 12.40
N ALA D 197 53.99 -29.02 12.73
CA ALA D 197 55.06 -29.01 11.74
C ALA D 197 54.85 -30.08 10.67
N LEU D 198 54.41 -31.28 11.06
CA LEU D 198 54.18 -32.31 10.05
C LEU D 198 53.00 -31.94 9.16
N ARG D 199 51.98 -31.29 9.72
CA ARG D 199 50.88 -30.80 8.89
C ARG D 199 51.38 -29.78 7.87
N ARG D 200 52.20 -28.83 8.31
CA ARG D 200 52.73 -27.82 7.41
C ARG D 200 53.63 -28.46 6.34
N LEU D 201 54.43 -29.45 6.73
CA LEU D 201 55.30 -30.13 5.78
C LEU D 201 54.51 -30.92 4.74
N ARG D 202 53.44 -31.59 5.19
CA ARG D 202 52.56 -32.28 4.25
C ARG D 202 51.91 -31.28 3.29
N ARG D 203 51.53 -30.11 3.79
CA ARG D 203 51.00 -29.07 2.93
C ARG D 203 52.05 -28.63 1.90
N ASP D 204 53.30 -28.50 2.32
CA ASP D 204 54.35 -28.10 1.39
C ASP D 204 54.56 -29.14 0.29
N TRP D 205 54.56 -30.42 0.66
CA TRP D 205 54.69 -31.46 -0.35
C TRP D 205 53.47 -31.53 -1.26
N ALA D 206 52.28 -31.28 -0.71
CA ALA D 206 51.10 -31.18 -1.57
C ALA D 206 51.28 -30.06 -2.58
N LEU D 207 51.78 -28.92 -2.12
CA LEU D 207 52.05 -27.80 -3.02
C LEU D 207 53.03 -28.20 -4.12
N HIS D 208 54.12 -28.88 -3.75
CA HIS D 208 55.13 -29.26 -4.73
C HIS D 208 54.58 -30.25 -5.74
N TYR D 209 53.98 -31.35 -5.26
CA TYR D 209 53.48 -32.38 -6.16
C TYR D 209 52.37 -31.87 -7.05
N LEU D 210 51.48 -31.03 -6.50
CA LEU D 210 50.40 -30.51 -7.31
C LEU D 210 50.87 -29.40 -8.25
N ASN D 211 51.96 -28.69 -7.91
CA ASN D 211 52.59 -27.84 -8.91
C ASN D 211 53.10 -28.67 -10.08
N ASN D 212 53.74 -29.80 -9.77
CA ASN D 212 54.22 -30.68 -10.83
C ASN D 212 53.06 -31.19 -11.69
N ARG D 213 51.94 -31.56 -11.06
CA ARG D 213 50.80 -32.10 -11.79
C ARG D 213 49.93 -31.02 -12.42
N PHE D 214 50.12 -29.75 -12.06
CA PHE D 214 49.28 -28.67 -12.52
C PHE D 214 49.94 -27.80 -13.59
N GLU D 215 51.27 -27.76 -13.63
CA GLU D 215 51.92 -26.98 -14.67
C GLU D 215 51.52 -27.40 -16.08
N PRO D 216 51.44 -28.69 -16.42
CA PRO D 216 50.81 -29.05 -17.70
C PRO D 216 49.37 -28.57 -17.81
N LEU D 217 48.62 -28.61 -16.70
CA LEU D 217 47.28 -28.04 -16.70
C LEU D 217 47.30 -26.53 -16.84
N PHE D 218 48.31 -25.88 -16.25
CA PHE D 218 48.44 -24.43 -16.39
C PHE D 218 48.68 -24.03 -17.83
N GLN D 219 49.57 -24.74 -18.52
CA GLN D 219 49.85 -24.40 -19.91
C GLN D 219 48.72 -24.85 -20.83
N ARG D 220 48.00 -25.92 -20.48
CA ARG D 220 46.91 -26.38 -21.32
C ARG D 220 45.73 -25.41 -21.31
N PHE D 221 45.50 -24.74 -20.18
CA PHE D 221 44.40 -23.80 -20.02
C PHE D 221 44.96 -22.50 -19.48
N PRO D 222 45.55 -21.67 -20.35
CA PRO D 222 46.27 -20.48 -19.86
C PRO D 222 45.41 -19.51 -19.08
N GLN D 223 44.14 -19.33 -19.46
CA GLN D 223 43.28 -18.36 -18.79
C GLN D 223 42.46 -18.97 -17.67
N ALA D 224 42.62 -20.26 -17.39
CA ALA D 224 42.01 -20.90 -16.24
C ALA D 224 42.94 -20.90 -15.03
N ARG D 225 43.88 -19.96 -14.97
CA ARG D 225 44.92 -19.99 -13.95
C ARG D 225 44.33 -19.88 -12.55
N ALA D 226 43.35 -18.98 -12.36
CA ALA D 226 42.80 -18.74 -11.03
C ALA D 226 42.12 -19.99 -10.49
N TYR D 227 41.30 -20.65 -11.30
CA TYR D 227 40.60 -21.83 -10.83
C TYR D 227 41.57 -22.96 -10.51
N LEU D 228 42.58 -23.15 -11.36
CA LEU D 228 43.55 -24.22 -11.13
C LEU D 228 44.36 -23.97 -9.86
N GLU D 229 44.80 -22.71 -9.65
CA GLU D 229 45.56 -22.45 -8.44
C GLU D 229 44.67 -22.55 -7.20
N ALA D 230 43.40 -22.19 -7.30
CA ALA D 230 42.48 -22.38 -6.18
C ALA D 230 42.29 -23.85 -5.87
N LEU D 231 42.17 -24.68 -6.91
CA LEU D 231 42.05 -26.12 -6.69
C LEU D 231 43.32 -26.68 -6.05
N ARG D 232 44.49 -26.19 -6.49
CA ARG D 232 45.74 -26.64 -5.89
C ARG D 232 45.81 -26.24 -4.42
N ALA D 233 45.39 -25.02 -4.09
CA ALA D 233 45.37 -24.60 -2.69
C ALA D 233 44.40 -25.46 -1.87
N ARG D 234 43.25 -25.79 -2.46
CA ARG D 234 42.29 -26.65 -1.77
C ARG D 234 42.87 -28.03 -1.52
N LEU D 235 43.60 -28.57 -2.50
CA LEU D 235 44.25 -29.87 -2.30
C LEU D 235 45.34 -29.78 -1.23
N ALA D 236 46.06 -28.67 -1.18
CA ALA D 236 47.04 -28.47 -0.12
C ALA D 236 46.37 -28.44 1.25
N ARG D 237 45.22 -27.78 1.34
CA ARG D 237 44.46 -27.79 2.59
C ARG D 237 43.98 -29.19 2.94
N TYR D 238 43.52 -29.93 1.94
CA TYR D 238 43.17 -31.33 2.14
C TYR D 238 44.32 -32.11 2.74
N ALA D 239 45.53 -31.89 2.21
CA ALA D 239 46.70 -32.62 2.72
C ALA D 239 47.03 -32.21 4.15
N GLU D 240 47.08 -30.91 4.41
CA GLU D 240 47.55 -30.45 5.72
C GLU D 240 46.54 -30.75 6.83
N THR D 241 45.25 -30.59 6.54
CA THR D 241 44.23 -30.68 7.58
C THR D 241 43.46 -31.99 7.55
N GLY D 242 43.40 -32.67 6.41
CA GLY D 242 42.48 -33.77 6.26
C GLY D 242 41.05 -33.36 5.99
N GLU D 243 40.82 -32.09 5.66
CA GLU D 243 39.50 -31.57 5.37
C GLU D 243 38.88 -32.31 4.19
N PRO D 244 37.67 -32.85 4.33
CA PRO D 244 37.07 -33.59 3.22
C PRO D 244 36.86 -32.71 2.00
N LEU D 245 37.01 -33.33 0.83
CA LEU D 245 36.89 -32.64 -0.44
C LEU D 245 35.80 -33.31 -1.26
N ASP D 246 34.90 -32.51 -1.81
CA ASP D 246 33.80 -33.05 -2.61
C ASP D 246 33.93 -32.61 -4.06
N PRO D 247 33.82 -33.53 -5.01
CA PRO D 247 33.88 -33.16 -6.43
C PRO D 247 32.69 -32.32 -6.85
N ALA D 248 31.55 -32.53 -6.19
CA ALA D 248 30.33 -31.80 -6.54
C ALA D 248 30.48 -30.30 -6.31
N GLN D 249 31.41 -29.88 -5.46
CA GLN D 249 31.65 -28.48 -5.20
C GLN D 249 32.86 -27.94 -5.96
N TRP D 250 33.61 -28.81 -6.65
CA TRP D 250 34.80 -28.38 -7.37
C TRP D 250 34.78 -28.86 -8.81
N ARG D 251 33.59 -29.13 -9.34
CA ARG D 251 33.42 -29.49 -10.76
C ARG D 251 32.83 -28.29 -11.48
N PRO D 252 33.52 -27.73 -12.47
CA PRO D 252 32.96 -26.57 -13.19
C PRO D 252 31.64 -26.91 -13.84
N ASN D 253 30.71 -25.95 -13.79
CA ASN D 253 29.36 -26.15 -14.28
C ASN D 253 29.26 -25.65 -15.71
N LEU D 254 28.84 -26.53 -16.61
CA LEU D 254 28.74 -26.19 -18.04
C LEU D 254 27.57 -25.24 -18.25
N LEU D 255 27.89 -23.99 -18.60
CA LEU D 255 26.83 -23.01 -18.86
C LEU D 255 26.31 -23.12 -20.28
N THR D 256 27.17 -22.88 -21.26
CA THR D 256 26.76 -22.85 -22.66
C THR D 256 27.91 -23.36 -23.51
N SER D 257 27.60 -24.26 -24.45
CA SER D 257 28.59 -24.79 -25.36
C SER D 257 28.68 -23.88 -26.59
N SER D 258 29.44 -24.32 -27.60
CA SER D 258 29.60 -23.53 -28.80
C SER D 258 28.30 -23.46 -29.59
N SER D 259 28.11 -22.34 -30.29
CA SER D 259 27.01 -22.15 -31.22
C SER D 259 27.48 -22.17 -32.66
N SER D 260 28.67 -22.70 -32.93
CA SER D 260 29.30 -22.77 -34.24
C SER D 260 29.54 -21.41 -34.86
N GLY D 261 29.43 -20.33 -34.08
CA GLY D 261 29.69 -19.00 -34.58
C GLY D 261 28.55 -18.43 -35.40
N THR D 262 28.13 -19.14 -36.44
CA THR D 262 27.06 -18.69 -37.31
C THR D 262 25.93 -19.70 -37.27
N PRO D 263 24.71 -19.32 -36.89
CA PRO D 263 24.33 -17.96 -36.52
C PRO D 263 24.82 -17.58 -35.13
N PRO D 264 24.93 -16.28 -34.85
CA PRO D 264 25.36 -15.86 -33.52
C PRO D 264 24.37 -16.32 -32.47
N PRO D 265 24.82 -16.58 -31.26
CA PRO D 265 23.89 -17.02 -30.21
C PRO D 265 22.93 -15.93 -29.83
N ILE D 266 21.67 -16.09 -30.23
CA ILE D 266 20.62 -15.13 -29.93
C ILE D 266 19.67 -15.76 -28.93
N VAL D 267 19.42 -15.04 -27.83
CA VAL D 267 18.44 -15.51 -26.86
C VAL D 267 17.43 -14.41 -26.57
N TYR D 268 16.23 -14.54 -27.13
CA TYR D 268 15.14 -13.64 -26.83
C TYR D 268 14.45 -14.11 -25.57
N GLU D 269 14.29 -13.20 -24.60
CA GLU D 269 13.70 -13.53 -23.31
C GLU D 269 12.55 -12.56 -23.06
N PRO D 270 11.36 -12.84 -23.59
CA PRO D 270 10.23 -11.94 -23.33
C PRO D 270 9.82 -11.89 -21.88
N TYR D 271 10.13 -12.93 -21.10
CA TYR D 271 9.86 -12.94 -19.66
C TYR D 271 11.11 -12.49 -18.91
N ALA D 272 11.42 -11.20 -19.08
CA ALA D 272 12.63 -10.65 -18.48
C ALA D 272 12.45 -10.53 -16.98
N THR D 273 12.88 -11.56 -16.25
CA THR D 273 12.84 -11.58 -14.80
C THR D 273 14.19 -12.04 -14.29
N ALA D 274 14.52 -11.62 -13.08
CA ALA D 274 15.83 -11.91 -12.50
C ALA D 274 16.20 -13.38 -12.52
N PRO D 275 15.34 -14.32 -12.09
CA PRO D 275 15.74 -15.73 -12.17
C PRO D 275 16.02 -16.22 -13.58
N ARG D 276 15.31 -15.68 -14.57
CA ARG D 276 15.55 -16.10 -15.95
C ARG D 276 16.59 -15.24 -16.64
N LEU D 277 16.77 -13.99 -16.22
CA LEU D 277 17.80 -13.15 -16.80
C LEU D 277 19.18 -13.56 -16.31
N PHE D 278 19.39 -13.48 -14.99
CA PHE D 278 20.71 -13.73 -14.41
C PHE D 278 20.91 -15.17 -13.97
N GLY D 279 19.93 -16.04 -14.19
CA GLY D 279 20.05 -17.43 -13.81
C GLY D 279 19.56 -17.68 -12.39
N ARG D 280 19.55 -18.95 -12.03
CA ARG D 280 19.08 -19.38 -10.72
C ARG D 280 20.13 -20.24 -10.04
N LEU D 281 20.17 -20.17 -8.72
CA LEU D 281 21.03 -20.99 -7.89
C LEU D 281 20.15 -22.01 -7.18
N ASP D 282 20.24 -23.26 -7.61
CA ASP D 282 19.40 -24.31 -7.04
C ASP D 282 19.92 -24.74 -5.68
N TYR D 283 19.10 -25.52 -4.97
CA TYR D 283 19.37 -25.90 -3.59
C TYR D 283 18.89 -27.33 -3.37
N LEU D 284 19.82 -28.28 -3.40
CA LEU D 284 19.48 -29.66 -3.09
C LEU D 284 19.61 -29.87 -1.59
N VAL D 285 18.56 -30.42 -0.98
CA VAL D 285 18.52 -30.62 0.47
C VAL D 285 18.99 -32.04 0.73
N ASP D 286 20.30 -32.23 0.82
CA ASP D 286 20.87 -33.52 1.13
C ASP D 286 21.11 -33.65 2.63
N ARG D 287 20.74 -34.80 3.18
CA ARG D 287 20.90 -35.08 4.61
C ARG D 287 20.14 -34.09 5.47
N GLY D 288 19.27 -33.29 4.87
CA GLY D 288 18.49 -32.30 5.59
C GLY D 288 19.04 -30.88 5.54
N VAL D 289 20.22 -30.68 4.98
CA VAL D 289 20.82 -29.35 4.86
C VAL D 289 20.66 -28.85 3.43
N TRP D 290 20.29 -27.57 3.30
CA TRP D 290 20.22 -26.95 1.98
C TRP D 290 21.62 -26.69 1.47
N SER D 291 22.36 -27.74 1.17
CA SER D 291 23.75 -27.63 0.75
C SER D 291 23.81 -27.37 -0.74
N THR D 292 24.45 -26.27 -1.12
CA THR D 292 24.63 -25.88 -2.50
C THR D 292 26.10 -25.99 -2.88
N ASN D 293 26.37 -25.85 -4.17
CA ASN D 293 27.72 -25.93 -4.69
C ASN D 293 27.78 -25.19 -6.02
N VAL D 294 28.91 -25.32 -6.71
CA VAL D 294 29.05 -24.68 -8.01
C VAL D 294 28.25 -25.42 -9.08
N SER D 295 27.79 -26.64 -8.79
CA SER D 295 27.07 -27.45 -9.77
C SER D 295 25.58 -27.15 -9.82
N LEU D 296 25.07 -26.27 -8.96
CA LEU D 296 23.64 -25.99 -8.89
C LEU D 296 23.29 -24.57 -9.31
N ILE D 297 24.02 -24.00 -10.27
CA ILE D 297 23.70 -22.69 -10.81
C ILE D 297 23.09 -22.89 -12.19
N ARG D 298 21.90 -22.35 -12.39
CA ARG D 298 21.21 -22.45 -13.66
C ARG D 298 21.61 -21.28 -14.54
N PRO D 299 22.08 -21.51 -15.77
CA PRO D 299 22.38 -20.39 -16.65
C PRO D 299 21.14 -19.58 -16.95
N GLY D 300 21.32 -18.26 -17.02
CA GLY D 300 20.25 -17.36 -17.39
C GLY D 300 20.34 -16.92 -18.84
N ALA D 301 19.48 -15.97 -19.20
CA ALA D 301 19.53 -15.42 -20.54
C ALA D 301 20.86 -14.73 -20.80
N VAL D 302 21.35 -13.98 -19.81
CA VAL D 302 22.62 -13.29 -19.96
C VAL D 302 23.76 -14.28 -20.19
N HIS D 303 23.75 -15.41 -19.49
CA HIS D 303 24.83 -16.38 -19.60
C HIS D 303 24.89 -17.01 -20.99
N ARG D 304 23.75 -17.32 -21.60
CA ARG D 304 23.75 -17.89 -22.93
C ARG D 304 23.69 -16.83 -24.03
N ALA D 305 23.66 -15.55 -23.65
CA ALA D 305 23.79 -14.46 -24.62
C ALA D 305 25.23 -14.07 -24.88
N GLN D 306 26.19 -14.69 -24.19
CA GLN D 306 27.58 -14.29 -24.32
C GLN D 306 28.09 -14.53 -25.74
N GLY D 307 28.78 -13.54 -26.29
CA GLY D 307 29.25 -13.59 -27.65
C GLY D 307 28.20 -13.30 -28.69
N GLY D 308 26.94 -13.15 -28.31
CA GLY D 308 25.89 -12.90 -29.26
C GLY D 308 25.04 -11.71 -28.88
N TYR D 309 23.72 -11.90 -28.88
CA TYR D 309 22.78 -10.82 -28.62
C TYR D 309 21.71 -11.29 -27.65
N LEU D 310 21.27 -10.39 -26.78
CA LEU D 310 20.22 -10.67 -25.80
C LEU D 310 19.06 -9.73 -26.12
N ILE D 311 17.97 -10.28 -26.62
CA ILE D 311 16.80 -9.49 -26.97
C ILE D 311 15.86 -9.45 -25.78
N LEU D 312 15.47 -8.24 -25.36
CA LEU D 312 14.59 -8.06 -24.23
C LEU D 312 13.52 -7.04 -24.59
N ASP D 313 12.42 -7.09 -23.85
CA ASP D 313 11.30 -6.19 -24.05
C ASP D 313 11.29 -5.14 -22.94
N ALA D 314 11.00 -3.89 -23.33
CA ALA D 314 10.98 -2.81 -22.34
C ALA D 314 9.88 -3.03 -21.31
N LEU D 315 8.73 -3.57 -21.73
CA LEU D 315 7.66 -3.86 -20.79
C LEU D 315 8.12 -4.86 -19.74
N SER D 316 8.78 -5.93 -20.16
CA SER D 316 9.19 -6.97 -19.22
C SER D 316 10.29 -6.50 -18.28
N LEU D 317 10.90 -5.34 -18.56
CA LEU D 317 11.88 -4.77 -17.65
C LEU D 317 11.26 -3.75 -16.71
N LYS D 318 10.54 -2.78 -17.24
CA LYS D 318 9.96 -1.75 -16.38
C LYS D 318 8.75 -2.25 -15.61
N ARG D 319 8.23 -3.43 -15.96
CA ARG D 319 7.09 -4.02 -15.25
C ARG D 319 7.52 -4.97 -14.15
N GLU D 320 8.51 -5.82 -14.40
CA GLU D 320 8.94 -6.81 -13.45
C GLU D 320 10.02 -6.32 -12.51
N GLY D 321 10.40 -5.05 -12.63
CA GLY D 321 11.28 -4.41 -11.66
C GLY D 321 12.72 -4.87 -11.73
N THR D 322 13.08 -5.62 -12.77
CA THR D 322 14.44 -6.11 -12.93
C THR D 322 15.30 -5.15 -13.75
N TRP D 323 14.80 -3.95 -14.03
CA TRP D 323 15.58 -2.99 -14.82
C TRP D 323 16.83 -2.54 -14.08
N GLU D 324 16.71 -2.27 -12.78
CA GLU D 324 17.86 -1.82 -12.00
C GLU D 324 18.93 -2.90 -11.92
N ALA D 325 18.51 -4.13 -11.62
CA ALA D 325 19.47 -5.23 -11.56
C ALA D 325 20.11 -5.48 -12.91
N PHE D 326 19.32 -5.37 -13.98
CA PHE D 326 19.87 -5.57 -15.32
C PHE D 326 20.90 -4.50 -15.65
N LYS D 327 20.60 -3.23 -15.35
CA LYS D 327 21.53 -2.16 -15.67
C LYS D 327 22.77 -2.21 -14.79
N ARG D 328 22.66 -2.73 -13.57
CA ARG D 328 23.85 -2.98 -12.78
C ARG D 328 24.68 -4.14 -13.30
N ALA D 329 24.02 -5.17 -13.84
CA ALA D 329 24.75 -6.25 -14.48
C ALA D 329 25.43 -5.79 -15.76
N LEU D 330 24.87 -4.78 -16.42
CA LEU D 330 25.48 -4.23 -17.62
C LEU D 330 26.66 -3.33 -17.29
N ARG D 331 26.42 -2.30 -16.46
CA ARG D 331 27.47 -1.32 -16.16
C ARG D 331 28.60 -1.95 -15.38
N ASN D 332 28.29 -2.66 -14.30
CA ASN D 332 29.29 -3.16 -13.38
C ASN D 332 29.61 -4.64 -13.59
N GLY D 333 29.02 -5.28 -14.59
CA GLY D 333 29.23 -6.70 -14.79
C GLY D 333 28.77 -7.53 -13.62
N GLN D 334 27.70 -7.13 -12.96
CA GLN D 334 27.23 -7.78 -11.74
C GLN D 334 26.06 -8.70 -12.08
N VAL D 335 26.39 -9.89 -12.59
CA VAL D 335 25.39 -10.91 -12.88
C VAL D 335 25.42 -11.89 -11.70
N GLU D 336 24.29 -11.99 -11.01
CA GLU D 336 24.18 -12.82 -9.81
C GLU D 336 23.00 -13.79 -9.95
N PRO D 337 23.23 -15.09 -9.87
CA PRO D 337 22.12 -16.04 -9.81
C PRO D 337 21.27 -15.81 -8.57
N VAL D 338 19.99 -15.53 -8.76
CA VAL D 338 19.15 -15.17 -7.63
C VAL D 338 18.89 -16.40 -6.76
N THR D 339 18.69 -16.15 -5.47
CA THR D 339 18.36 -17.19 -4.51
C THR D 339 17.16 -16.74 -3.69
N GLU D 340 16.38 -17.72 -3.24
CA GLU D 340 15.25 -17.41 -2.37
C GLU D 340 15.76 -16.88 -1.03
N PRO D 341 14.98 -16.01 -0.37
CA PRO D 341 15.44 -15.46 0.92
C PRO D 341 15.62 -16.51 2.00
N GLN D 342 15.00 -17.68 1.87
CA GLN D 342 15.16 -18.76 2.84
C GLN D 342 16.56 -19.36 2.78
N ALA D 343 17.34 -19.05 1.77
CA ALA D 343 18.63 -19.70 1.55
C ALA D 343 19.53 -19.56 2.77
N PRO D 344 20.09 -20.65 3.29
CA PRO D 344 20.98 -20.54 4.45
C PRO D 344 22.33 -19.96 4.10
N ALA D 345 22.73 -20.13 2.84
CA ALA D 345 23.99 -19.58 2.35
C ALA D 345 23.83 -19.31 0.86
N GLY D 346 24.87 -18.73 0.27
CA GLY D 346 24.85 -18.44 -1.14
C GLY D 346 26.24 -18.36 -1.74
N LEU D 347 26.40 -18.90 -2.95
CA LEU D 347 27.69 -18.81 -3.63
C LEU D 347 28.01 -17.35 -3.94
N GLU D 348 29.25 -16.95 -3.69
CA GLU D 348 29.68 -15.59 -3.96
C GLU D 348 30.17 -15.52 -5.41
N VAL D 349 29.27 -15.04 -6.27
CA VAL D 349 29.57 -14.94 -7.70
C VAL D 349 30.39 -13.69 -7.96
N GLU D 350 31.60 -13.87 -8.47
CA GLU D 350 32.51 -12.79 -8.80
C GLU D 350 32.00 -12.03 -10.02
N PRO D 351 32.11 -10.70 -10.03
CA PRO D 351 31.57 -9.92 -11.16
C PRO D 351 32.15 -10.35 -12.49
N PHE D 352 31.27 -10.48 -13.48
CA PHE D 352 31.63 -11.02 -14.78
C PHE D 352 31.53 -9.96 -15.87
N PRO D 353 32.63 -9.68 -16.57
CA PRO D 353 32.56 -8.77 -17.72
C PRO D 353 31.58 -9.29 -18.76
N ILE D 354 30.82 -8.37 -19.35
CA ILE D 354 29.69 -8.70 -20.20
C ILE D 354 30.13 -8.56 -21.66
N GLN D 355 30.00 -9.63 -22.43
CA GLN D 355 30.36 -9.64 -23.83
C GLN D 355 29.16 -9.56 -24.76
N MET D 356 27.95 -9.75 -24.24
CA MET D 356 26.76 -9.73 -25.07
C MET D 356 26.40 -8.31 -25.48
N GLN D 357 25.58 -8.21 -26.52
CA GLN D 357 25.01 -6.94 -26.97
C GLN D 357 23.50 -7.04 -26.82
N VAL D 358 22.96 -6.39 -25.80
CA VAL D 358 21.54 -6.42 -25.54
C VAL D 358 20.83 -5.46 -26.47
N ILE D 359 19.68 -5.87 -26.97
CA ILE D 359 18.88 -5.07 -27.91
C ILE D 359 17.47 -5.03 -27.35
N LEU D 360 17.13 -3.95 -26.65
CA LEU D 360 15.78 -3.80 -26.14
C LEU D 360 14.80 -3.54 -27.28
N VAL D 361 13.59 -4.06 -27.12
CA VAL D 361 12.50 -3.85 -28.07
C VAL D 361 11.30 -3.36 -27.30
N GLY D 362 10.63 -2.33 -27.82
CA GLY D 362 9.44 -1.85 -27.16
C GLY D 362 8.86 -0.66 -27.90
N THR D 363 7.66 -0.28 -27.48
CA THR D 363 6.97 0.87 -28.02
C THR D 363 7.59 2.15 -27.51
N PRO D 364 7.35 3.28 -28.19
CA PRO D 364 7.83 4.57 -27.65
C PRO D 364 7.34 4.84 -26.24
N GLU D 365 6.11 4.46 -25.93
CA GLU D 365 5.62 4.61 -24.56
C GLU D 365 6.34 3.68 -23.61
N ALA D 366 6.79 2.52 -24.10
CA ALA D 366 7.55 1.59 -23.26
C ALA D 366 8.93 2.11 -22.90
N PHE D 367 9.47 3.05 -23.65
CA PHE D 367 10.80 3.57 -23.42
C PHE D 367 10.82 4.96 -22.83
N GLU D 368 9.80 5.79 -23.10
CA GLU D 368 9.73 7.08 -22.45
C GLU D 368 9.60 6.94 -20.94
N GLY D 369 9.04 5.83 -20.46
CA GLY D 369 9.07 5.50 -19.05
C GLY D 369 10.36 4.88 -18.58
N LEU D 370 11.31 4.68 -19.49
CA LEU D 370 12.61 4.13 -19.16
C LEU D 370 13.74 5.04 -19.61
N GLU D 371 13.47 6.05 -20.44
CA GLU D 371 14.46 7.03 -20.86
C GLU D 371 14.81 8.02 -19.76
N GLU D 372 14.01 8.12 -18.70
CA GLU D 372 14.27 9.07 -17.63
C GLU D 372 15.47 8.67 -16.79
N ASP D 373 15.97 7.46 -16.94
CA ASP D 373 17.15 7.00 -16.22
C ASP D 373 18.38 7.31 -17.06
N PRO D 374 19.29 8.17 -16.57
CA PRO D 374 20.50 8.50 -17.35
C PRO D 374 21.36 7.27 -17.64
N ALA D 375 21.28 6.26 -16.77
CA ALA D 375 22.00 5.03 -17.02
C ALA D 375 21.51 4.34 -18.29
N PHE D 376 20.21 4.45 -18.58
CA PHE D 376 19.70 3.91 -19.84
C PHE D 376 20.27 4.67 -21.03
N SER D 377 20.24 6.00 -20.97
CA SER D 377 20.76 6.80 -22.09
C SER D 377 22.26 6.62 -22.27
N GLU D 378 22.98 6.25 -21.22
CA GLU D 378 24.42 6.00 -21.36
C GLU D 378 24.73 4.57 -21.75
N LEU D 379 23.82 3.63 -21.46
CA LEU D 379 24.06 2.24 -21.83
C LEU D 379 23.58 1.96 -23.25
N PHE D 380 22.44 2.53 -23.63
CA PHE D 380 21.82 2.29 -24.93
C PHE D 380 21.93 3.56 -25.75
N ARG D 381 22.96 3.62 -26.60
CA ARG D 381 23.22 4.81 -27.41
C ARG D 381 22.53 4.76 -28.75
N ILE D 382 22.33 3.58 -29.31
CA ILE D 382 21.77 3.42 -30.65
C ILE D 382 20.25 3.29 -30.54
N ARG D 383 19.52 4.17 -31.21
CA ARG D 383 18.08 4.17 -31.22
C ARG D 383 17.60 3.73 -32.60
N ALA D 384 16.99 2.55 -32.67
CA ALA D 384 16.46 2.01 -33.93
C ALA D 384 14.96 2.24 -33.95
N GLU D 385 14.53 3.28 -34.66
CA GLU D 385 13.13 3.64 -34.74
C GLU D 385 12.50 3.04 -35.99
N PHE D 386 11.36 2.38 -35.81
CA PHE D 386 10.58 1.85 -36.92
C PHE D 386 9.53 2.88 -37.31
N SER D 387 9.54 3.28 -38.57
CA SER D 387 8.52 4.21 -39.06
C SER D 387 7.15 3.53 -38.99
N PRO D 388 6.14 4.20 -38.44
CA PRO D 388 4.80 3.61 -38.42
C PRO D 388 4.24 3.37 -39.81
N THR D 389 4.61 4.19 -40.80
CA THR D 389 4.11 4.05 -42.16
C THR D 389 5.27 4.04 -43.14
N LEU D 390 5.24 3.09 -44.06
CA LEU D 390 6.13 3.05 -45.20
C LEU D 390 5.53 3.82 -46.37
N PRO D 391 6.35 4.32 -47.29
CA PRO D 391 5.80 4.99 -48.47
C PRO D 391 5.02 4.01 -49.34
N ALA D 392 3.98 4.51 -49.99
CA ALA D 392 3.19 3.69 -50.89
C ALA D 392 3.85 3.71 -52.26
N SER D 393 4.63 2.67 -52.56
CA SER D 393 5.33 2.56 -53.81
C SER D 393 5.16 1.15 -54.34
N PRO D 394 5.24 0.94 -55.65
CA PRO D 394 5.17 -0.42 -56.18
C PRO D 394 6.25 -1.32 -55.62
N GLU D 395 7.42 -0.78 -55.33
CA GLU D 395 8.46 -1.57 -54.67
C GLU D 395 8.01 -2.00 -53.28
N ASN D 396 7.35 -1.11 -52.54
CA ASN D 396 6.86 -1.47 -51.22
C ASN D 396 5.77 -2.53 -51.31
N CYS D 397 4.88 -2.41 -52.29
CA CYS D 397 3.84 -3.44 -52.47
C CYS D 397 4.46 -4.78 -52.83
N THR D 398 5.48 -4.78 -53.70
CA THR D 398 6.16 -6.03 -54.04
C THR D 398 6.86 -6.62 -52.83
N ALA D 399 7.48 -5.78 -52.01
CA ALA D 399 8.12 -6.27 -50.80
C ALA D 399 7.10 -6.86 -49.84
N LEU D 400 5.94 -6.22 -49.70
CA LEU D 400 4.88 -6.75 -48.85
C LEU D 400 4.40 -8.10 -49.37
N GLY D 401 4.22 -8.21 -50.69
CA GLY D 401 3.81 -9.48 -51.26
C GLY D 401 4.84 -10.58 -51.04
N GLY D 402 6.12 -10.25 -51.21
CA GLY D 402 7.16 -11.21 -50.93
C GLY D 402 7.18 -11.63 -49.48
N TRP D 403 6.97 -10.68 -48.57
CA TRP D 403 6.92 -11.01 -47.14
C TRP D 403 5.76 -11.95 -46.84
N LEU D 404 4.59 -11.66 -47.42
CA LEU D 404 3.43 -12.53 -47.21
C LEU D 404 3.68 -13.93 -47.77
N LEU D 405 4.28 -14.00 -48.95
CA LEU D 405 4.61 -15.31 -49.52
C LEU D 405 5.61 -16.05 -48.66
N ALA D 406 6.53 -15.33 -48.01
CA ALA D 406 7.48 -15.98 -47.13
C ALA D 406 6.79 -16.60 -45.91
N GLN D 407 5.71 -15.99 -45.44
CA GLN D 407 4.97 -16.52 -44.30
C GLN D 407 4.34 -17.87 -44.60
N GLY D 408 4.00 -18.13 -45.86
CA GLY D 408 3.35 -19.37 -46.22
C GLY D 408 2.00 -19.14 -46.88
N PHE D 409 1.67 -17.88 -47.13
CA PHE D 409 0.40 -17.54 -47.77
C PHE D 409 0.47 -17.83 -49.26
N GLN D 410 -0.67 -17.66 -49.92
CA GLN D 410 -0.79 -17.82 -51.37
C GLN D 410 -1.54 -16.60 -51.90
N LEU D 411 -0.79 -15.64 -52.43
CA LEU D 411 -1.36 -14.39 -52.91
C LEU D 411 -1.63 -14.46 -54.41
N THR D 412 -2.82 -14.04 -54.80
CA THR D 412 -3.05 -13.65 -56.19
C THR D 412 -2.68 -12.19 -56.36
N GLN D 413 -2.54 -11.77 -57.61
CA GLN D 413 -2.21 -10.38 -57.88
C GLN D 413 -3.28 -9.45 -57.33
N GLY D 414 -4.55 -9.78 -57.56
CA GLY D 414 -5.62 -8.99 -57.00
C GLY D 414 -5.67 -9.03 -55.49
N GLY D 415 -5.39 -10.20 -54.90
CA GLY D 415 -5.36 -10.29 -53.45
C GLY D 415 -4.25 -9.45 -52.85
N LEU D 416 -3.06 -9.49 -53.45
CA LEU D 416 -1.98 -8.64 -52.98
C LEU D 416 -2.33 -7.17 -53.14
N THR D 417 -2.96 -6.82 -54.27
CA THR D 417 -3.37 -5.43 -54.47
C THR D 417 -4.36 -4.99 -53.40
N ARG D 418 -5.33 -5.83 -53.07
CA ARG D 418 -6.31 -5.47 -52.06
C ARG D 418 -5.66 -5.37 -50.68
N LEU D 419 -4.74 -6.28 -50.36
CA LEU D 419 -4.06 -6.21 -49.08
C LEU D 419 -3.21 -4.94 -48.98
N TYR D 420 -2.54 -4.57 -50.07
CA TYR D 420 -1.74 -3.35 -50.08
C TYR D 420 -2.62 -2.12 -49.95
N ASP D 421 -3.79 -2.12 -50.60
CA ASP D 421 -4.71 -1.01 -50.44
C ASP D 421 -5.23 -0.93 -49.01
N GLU D 422 -5.51 -2.07 -48.39
CA GLU D 422 -5.94 -2.06 -47.00
C GLU D 422 -4.84 -1.53 -46.09
N ALA D 423 -3.60 -1.90 -46.37
CA ALA D 423 -2.48 -1.37 -45.60
C ALA D 423 -2.38 0.15 -45.75
N ARG D 424 -2.59 0.65 -46.97
CA ARG D 424 -2.63 2.09 -47.16
C ARG D 424 -3.78 2.71 -46.37
N ARG D 425 -4.92 2.04 -46.31
CA ARG D 425 -6.06 2.57 -45.57
C ARG D 425 -5.78 2.59 -44.08
N MET D 426 -5.08 1.59 -43.56
CA MET D 426 -4.75 1.57 -42.14
C MET D 426 -3.92 2.78 -41.76
N ALA D 427 -2.95 3.14 -42.61
CA ALA D 427 -2.16 4.34 -42.38
C ALA D 427 -2.93 5.61 -42.62
N GLU D 428 -4.16 5.52 -43.15
CA GLU D 428 -5.00 6.68 -43.43
C GLU D 428 -4.34 7.66 -44.38
N GLN D 429 -3.49 7.16 -45.28
CA GLN D 429 -2.79 7.99 -46.25
C GLN D 429 -2.86 7.33 -47.61
N ARG D 430 -3.06 8.15 -48.65
CA ARG D 430 -3.06 7.62 -50.01
C ARG D 430 -1.65 7.35 -50.51
N ASP D 431 -0.63 7.95 -49.91
CA ASP D 431 0.75 7.78 -50.34
C ASP D 431 1.63 7.06 -49.33
N ARG D 432 1.06 6.58 -48.22
CA ARG D 432 1.79 5.81 -47.24
C ARG D 432 1.02 4.55 -46.92
N MET D 433 1.74 3.47 -46.69
CA MET D 433 1.14 2.19 -46.34
C MET D 433 1.57 1.80 -44.93
N ASP D 434 0.64 1.23 -44.17
CA ASP D 434 0.90 0.89 -42.78
C ASP D 434 2.02 -0.12 -42.68
N ALA D 435 2.96 0.15 -41.76
CA ALA D 435 4.12 -0.72 -41.58
C ALA D 435 3.88 -1.86 -40.60
N ARG D 436 2.73 -1.89 -39.93
CA ARG D 436 2.47 -2.97 -39.00
C ARG D 436 2.23 -4.25 -39.77
N LEU D 437 3.29 -5.02 -39.98
CA LEU D 437 3.19 -6.20 -40.82
C LEU D 437 2.37 -7.31 -40.18
N VAL D 438 2.30 -7.36 -38.85
CA VAL D 438 1.52 -8.43 -38.23
C VAL D 438 0.03 -8.14 -38.32
N GLU D 439 -0.37 -6.87 -38.39
CA GLU D 439 -1.77 -6.56 -38.66
C GLU D 439 -2.17 -7.06 -40.03
N ILE D 440 -1.33 -6.80 -41.03
CA ILE D 440 -1.61 -7.30 -42.37
C ILE D 440 -1.55 -8.82 -42.40
N ARG D 441 -0.68 -9.43 -41.60
CA ARG D 441 -0.63 -10.88 -41.55
C ARG D 441 -1.91 -11.46 -40.94
N ALA D 442 -2.44 -10.80 -39.91
CA ALA D 442 -3.69 -11.26 -39.31
C ALA D 442 -4.84 -11.13 -40.30
N LEU D 443 -4.90 -10.01 -41.03
CA LEU D 443 -5.91 -9.87 -42.07
C LEU D 443 -5.73 -10.93 -43.15
N ALA D 444 -4.48 -11.26 -43.49
CA ALA D 444 -4.21 -12.29 -44.48
C ALA D 444 -4.69 -13.65 -43.98
N GLU D 445 -4.48 -13.95 -42.71
CA GLU D 445 -4.97 -15.22 -42.18
C GLU D 445 -6.49 -15.28 -42.22
N GLU D 446 -7.15 -14.18 -41.86
CA GLU D 446 -8.61 -14.14 -41.93
C GLU D 446 -9.09 -14.35 -43.36
N ALA D 447 -8.46 -13.67 -44.31
CA ALA D 447 -8.86 -13.82 -45.71
C ALA D 447 -8.55 -15.22 -46.23
N ALA D 448 -7.47 -15.83 -45.75
CA ALA D 448 -7.13 -17.18 -46.19
C ALA D 448 -8.16 -18.19 -45.70
N VAL D 449 -8.59 -18.07 -44.44
CA VAL D 449 -9.61 -19.00 -43.97
C VAL D 449 -10.99 -18.66 -44.54
N LEU D 450 -11.20 -17.43 -45.00
CA LEU D 450 -12.42 -17.10 -45.70
C LEU D 450 -12.38 -17.44 -47.18
N GLY D 451 -11.21 -17.77 -47.72
CA GLY D 451 -11.09 -18.08 -49.13
C GLY D 451 -10.55 -19.47 -49.38
N GLY D 452 -10.47 -20.29 -48.34
CA GLY D 452 -10.02 -21.66 -48.46
C GLY D 452 -8.52 -21.85 -48.47
N GLY D 453 -7.74 -20.77 -48.37
CA GLY D 453 -6.30 -20.90 -48.37
C GLY D 453 -5.63 -20.00 -49.39
N LEU D 454 -6.42 -19.43 -50.29
CA LEU D 454 -5.92 -18.56 -51.34
C LEU D 454 -6.37 -17.12 -51.06
N LEU D 455 -5.42 -16.19 -51.06
CA LEU D 455 -5.71 -14.79 -50.75
C LEU D 455 -6.16 -14.08 -52.03
N THR D 456 -7.40 -14.34 -52.41
CA THR D 456 -8.00 -13.66 -53.53
C THR D 456 -8.46 -12.26 -53.11
N ALA D 457 -8.55 -11.36 -54.08
CA ALA D 457 -9.07 -10.02 -53.81
C ALA D 457 -10.46 -10.10 -53.19
N GLU D 458 -11.30 -11.00 -53.70
CA GLU D 458 -12.61 -11.21 -53.10
C GLU D 458 -12.46 -11.76 -51.68
N SER D 459 -11.49 -12.64 -51.46
CA SER D 459 -11.28 -13.17 -50.12
C SER D 459 -10.85 -12.08 -49.15
N VAL D 460 -9.97 -11.17 -49.60
CA VAL D 460 -9.54 -10.08 -48.73
C VAL D 460 -10.69 -9.13 -48.45
N GLU D 461 -11.51 -8.83 -49.46
CA GLU D 461 -12.68 -7.99 -49.22
C GLU D 461 -13.64 -8.66 -48.25
N GLN D 462 -13.80 -9.98 -48.36
CA GLN D 462 -14.64 -10.71 -47.43
C GLN D 462 -14.10 -10.61 -46.01
N ALA D 463 -12.78 -10.75 -45.85
CA ALA D 463 -12.19 -10.63 -44.53
C ALA D 463 -12.39 -9.25 -43.95
N ILE D 464 -12.22 -8.22 -44.77
CA ILE D 464 -12.42 -6.84 -44.31
C ILE D 464 -13.87 -6.63 -43.88
N ALA D 465 -14.82 -7.10 -44.69
CA ALA D 465 -16.23 -6.94 -44.36
C ALA D 465 -16.58 -7.71 -43.10
N ALA D 466 -16.06 -8.92 -42.94
CA ALA D 466 -16.35 -9.70 -41.74
C ALA D 466 -15.76 -9.04 -40.50
N ARG D 467 -14.55 -8.49 -40.61
CA ARG D 467 -13.95 -7.78 -39.48
C ARG D 467 -14.75 -6.53 -39.12
N GLU D 468 -15.25 -5.80 -40.12
CA GLU D 468 -16.09 -4.66 -39.85
C GLU D 468 -17.42 -5.06 -39.21
N HIS D 469 -18.01 -6.16 -39.67
CA HIS D 469 -19.30 -6.59 -39.16
C HIS D 469 -19.21 -7.19 -37.77
N ARG D 470 -18.08 -7.81 -37.43
CA ARG D 470 -17.91 -8.37 -36.09
C ARG D 470 -17.88 -7.31 -35.01
N SER D 471 -17.56 -6.07 -35.35
CA SER D 471 -17.55 -4.97 -34.40
C SER D 471 -18.60 -3.92 -34.78
N PHE D 472 -19.64 -4.33 -35.49
CA PHE D 472 -20.66 -3.42 -35.99
C PHE D 472 -21.86 -3.31 -35.07
N LEU D 473 -21.87 -4.03 -33.95
CA LEU D 473 -23.05 -4.03 -33.08
C LEU D 473 -23.36 -2.64 -32.55
N SER D 474 -22.33 -1.91 -32.12
CA SER D 474 -22.54 -0.57 -31.60
C SER D 474 -23.11 0.35 -32.67
N GLU D 475 -22.54 0.31 -33.86
CA GLU D 475 -23.04 1.14 -34.95
C GLU D 475 -24.41 0.69 -35.42
N GLU D 476 -24.68 -0.61 -35.37
CA GLU D 476 -26.02 -1.09 -35.72
C GLU D 476 -27.05 -0.56 -34.75
N GLU D 477 -26.74 -0.59 -33.45
CA GLU D 477 -27.66 -0.04 -32.46
C GLU D 477 -27.84 1.46 -32.64
N PHE D 478 -26.75 2.17 -32.95
CA PHE D 478 -26.88 3.60 -33.20
C PHE D 478 -27.77 3.87 -34.40
N LEU D 479 -27.62 3.08 -35.47
CA LEU D 479 -28.46 3.24 -36.65
C LEU D 479 -29.92 2.97 -36.32
N ARG D 480 -30.18 1.93 -35.53
CA ARG D 480 -31.55 1.63 -35.12
C ARG D 480 -32.12 2.78 -34.31
N ALA D 481 -31.33 3.34 -33.39
CA ALA D 481 -31.80 4.45 -32.58
C ALA D 481 -32.12 5.66 -33.44
N VAL D 482 -31.27 5.94 -34.44
CA VAL D 482 -31.53 7.07 -35.33
C VAL D 482 -32.80 6.84 -36.15
N GLN D 483 -32.99 5.61 -36.63
CA GLN D 483 -34.19 5.30 -37.40
C GLN D 483 -35.44 5.44 -36.57
N GLU D 484 -35.39 4.98 -35.31
CA GLU D 484 -36.55 5.05 -34.43
C GLU D 484 -36.89 6.46 -33.99
N GLY D 485 -36.03 7.43 -34.25
CA GLY D 485 -36.22 8.78 -33.77
C GLY D 485 -35.69 9.05 -32.38
N VAL D 486 -35.07 8.06 -31.74
CA VAL D 486 -34.49 8.26 -30.42
C VAL D 486 -33.40 9.33 -30.49
N ILE D 487 -32.53 9.25 -31.48
CA ILE D 487 -31.50 10.24 -31.73
C ILE D 487 -31.90 10.97 -33.00
N ARG D 488 -32.57 12.11 -32.85
CA ARG D 488 -33.14 12.79 -34.01
C ARG D 488 -32.03 13.43 -34.83
N LEU D 489 -31.85 12.95 -36.05
CA LEU D 489 -30.92 13.53 -37.01
C LEU D 489 -31.67 13.83 -38.29
N ARG D 490 -31.23 14.88 -38.97
CA ARG D 490 -31.83 15.29 -40.24
C ARG D 490 -30.77 15.17 -41.32
N THR D 491 -30.92 14.18 -42.19
CA THR D 491 -30.07 14.04 -43.36
C THR D 491 -30.70 14.67 -44.59
N THR D 492 -31.81 15.38 -44.42
CA THR D 492 -32.46 16.10 -45.49
C THR D 492 -32.93 17.46 -44.98
N GLY D 493 -33.24 18.35 -45.89
CA GLY D 493 -33.81 19.63 -45.54
C GLY D 493 -32.77 20.63 -45.06
N ARG D 494 -33.25 21.83 -44.74
CA ARG D 494 -32.41 22.93 -44.29
C ARG D 494 -32.94 23.46 -42.97
N ALA D 495 -32.10 23.43 -41.94
CA ALA D 495 -32.43 23.92 -40.62
C ALA D 495 -31.45 24.99 -40.20
N VAL D 496 -31.96 26.03 -39.55
CA VAL D 496 -31.14 27.15 -39.11
C VAL D 496 -30.38 26.75 -37.87
N GLY D 497 -29.05 26.91 -37.90
CA GLY D 497 -28.24 26.69 -36.72
C GLY D 497 -28.00 25.24 -36.35
N GLU D 498 -28.39 24.30 -37.20
CA GLU D 498 -28.16 22.89 -36.94
C GLU D 498 -27.19 22.32 -37.98
N VAL D 499 -26.16 21.63 -37.50
CA VAL D 499 -25.14 21.05 -38.35
C VAL D 499 -24.85 19.63 -37.87
N ASN D 500 -24.72 18.70 -38.81
CA ASN D 500 -24.43 17.30 -38.49
C ASN D 500 -22.91 17.15 -38.34
N SER D 501 -22.43 17.45 -37.14
CA SER D 501 -21.03 17.22 -36.83
C SER D 501 -20.70 15.73 -36.88
N LEU D 502 -19.46 15.43 -37.20
CA LEU D 502 -18.99 14.05 -37.31
C LEU D 502 -18.14 13.71 -36.11
N VAL D 503 -18.46 12.61 -35.45
CA VAL D 503 -17.83 12.21 -34.19
C VAL D 503 -17.32 10.78 -34.35
N VAL D 504 -16.11 10.53 -33.88
CA VAL D 504 -15.50 9.22 -33.92
C VAL D 504 -15.51 8.63 -32.51
N VAL D 505 -16.08 7.44 -32.35
CA VAL D 505 -16.16 6.84 -31.04
C VAL D 505 -14.89 6.07 -30.73
N GLU D 506 -14.68 5.82 -29.43
CA GLU D 506 -13.56 5.03 -28.95
C GLU D 506 -13.83 3.54 -29.14
N ALA D 507 -13.03 2.71 -28.48
CA ALA D 507 -13.19 1.25 -28.49
C ALA D 507 -12.71 0.66 -29.81
N ALA D 508 -12.84 -0.66 -29.94
CA ALA D 508 -12.43 -1.44 -31.11
C ALA D 508 -12.96 -0.79 -32.39
N PRO D 509 -12.46 -1.18 -33.61
CA PRO D 509 -12.17 -0.18 -34.66
C PRO D 509 -13.12 1.02 -34.70
N TYR D 510 -12.52 2.21 -34.74
CA TYR D 510 -13.23 3.46 -34.51
C TYR D 510 -14.29 3.65 -35.57
N TRP D 511 -15.55 3.75 -35.14
CA TRP D 511 -16.65 4.07 -36.04
C TRP D 511 -17.01 5.54 -35.92
N GLY D 512 -17.04 6.23 -37.05
CA GLY D 512 -17.59 7.57 -37.07
C GLY D 512 -19.10 7.54 -37.08
N ARG D 513 -19.70 8.63 -36.58
CA ARG D 513 -21.14 8.75 -36.58
C ARG D 513 -21.49 10.22 -36.44
N PRO D 514 -22.51 10.69 -37.15
CA PRO D 514 -22.90 12.09 -37.04
C PRO D 514 -23.43 12.40 -35.65
N ALA D 515 -23.20 13.64 -35.22
CA ALA D 515 -23.75 14.16 -33.98
C ALA D 515 -24.34 15.52 -34.28
N ARG D 516 -25.65 15.66 -34.06
CA ARG D 516 -26.29 16.94 -34.34
C ARG D 516 -25.70 18.03 -33.45
N LEU D 517 -25.49 19.20 -34.06
CA LEU D 517 -24.92 20.35 -33.37
C LEU D 517 -25.87 21.52 -33.57
N THR D 518 -26.27 22.16 -32.49
CA THR D 518 -27.18 23.30 -32.56
C THR D 518 -26.50 24.53 -31.96
N ALA D 519 -26.60 25.64 -32.68
CA ALA D 519 -26.12 26.92 -32.20
C ALA D 519 -27.28 27.89 -32.17
N ARG D 520 -27.42 28.63 -31.07
CA ARG D 520 -28.50 29.59 -30.89
C ARG D 520 -27.91 30.97 -30.62
N ALA D 521 -28.39 31.96 -31.36
CA ALA D 521 -27.89 33.33 -31.25
C ALA D 521 -28.91 34.17 -30.50
N ALA D 522 -28.46 34.78 -29.41
CA ALA D 522 -29.30 35.66 -28.61
C ALA D 522 -28.57 36.96 -28.35
N PRO D 523 -29.27 38.08 -28.21
CA PRO D 523 -28.61 39.33 -27.88
C PRO D 523 -27.98 39.25 -26.49
N GLY D 524 -26.88 39.97 -26.33
CA GLY D 524 -26.15 39.93 -25.07
C GLY D 524 -24.68 40.24 -25.28
N ARG D 525 -23.98 40.59 -24.21
CA ARG D 525 -22.56 40.85 -24.32
C ARG D 525 -21.83 39.58 -24.73
N ASP D 526 -20.76 39.75 -25.50
CA ASP D 526 -20.07 38.64 -26.15
C ASP D 526 -19.78 37.52 -25.19
N HIS D 527 -20.40 36.35 -25.45
CA HIS D 527 -20.13 35.16 -24.67
C HIS D 527 -20.52 33.97 -25.53
N LEU D 528 -19.55 33.37 -26.19
CA LEU D 528 -19.81 32.20 -27.03
C LEU D 528 -19.75 30.98 -26.12
N ILE D 529 -20.92 30.50 -25.72
CA ILE D 529 -21.04 29.49 -24.68
C ILE D 529 -20.94 28.11 -25.31
N SER D 530 -20.02 27.30 -24.80
CA SER D 530 -19.91 25.89 -25.20
C SER D 530 -20.59 25.07 -24.12
N ILE D 531 -21.83 24.66 -24.39
CA ILE D 531 -22.61 23.93 -23.39
C ILE D 531 -21.94 22.63 -23.01
N ASP D 532 -21.35 21.93 -24.00
CA ASP D 532 -20.66 20.69 -23.71
C ASP D 532 -19.39 20.90 -22.90
N ARG D 533 -18.84 22.11 -22.90
CA ARG D 533 -17.63 22.36 -22.12
C ARG D 533 -17.97 22.81 -20.72
N GLU D 534 -18.90 23.76 -20.58
CA GLU D 534 -19.28 24.23 -19.26
C GLU D 534 -19.90 23.12 -18.43
N ALA D 535 -20.61 22.19 -19.08
CA ALA D 535 -21.11 21.03 -18.39
C ALA D 535 -20.00 20.10 -17.92
N GLY D 536 -18.78 20.31 -18.38
CA GLY D 536 -17.66 19.46 -18.01
C GLY D 536 -17.40 18.31 -18.95
N LEU D 537 -18.13 18.22 -20.06
CA LEU D 537 -17.94 17.13 -21.01
C LEU D 537 -16.84 17.44 -22.02
N GLY D 538 -16.76 18.69 -22.48
CA GLY D 538 -15.74 19.05 -23.45
C GLY D 538 -14.35 19.01 -22.84
N GLY D 539 -13.41 18.46 -23.59
CA GLY D 539 -12.04 18.36 -23.13
C GLY D 539 -11.26 19.64 -23.35
N GLN D 540 -9.95 19.53 -23.11
CA GLN D 540 -9.07 20.70 -23.25
C GLN D 540 -9.02 21.17 -24.69
N ILE D 541 -8.79 20.25 -25.63
CA ILE D 541 -8.70 20.62 -27.04
C ILE D 541 -10.05 21.12 -27.56
N PHE D 542 -11.14 20.54 -27.07
CA PHE D 542 -12.47 21.03 -27.46
C PHE D 542 -12.66 22.48 -27.03
N HIS D 543 -12.26 22.80 -25.79
CA HIS D 543 -12.33 24.17 -25.32
C HIS D 543 -11.41 25.07 -26.12
N LYS D 544 -10.24 24.57 -26.50
CA LYS D 544 -9.34 25.35 -27.35
C LYS D 544 -9.99 25.68 -28.69
N ALA D 545 -10.68 24.70 -29.28
CA ALA D 545 -11.39 24.95 -30.53
C ALA D 545 -12.49 25.98 -30.35
N VAL D 546 -13.24 25.86 -29.26
CA VAL D 546 -14.32 26.81 -29.00
C VAL D 546 -13.77 28.22 -28.87
N LEU D 547 -12.69 28.37 -28.09
CA LEU D 547 -12.08 29.68 -27.92
C LEU D 547 -11.50 30.21 -29.23
N THR D 548 -10.93 29.31 -30.04
CA THR D 548 -10.35 29.72 -31.32
C THR D 548 -11.42 30.30 -32.23
N LEU D 549 -12.52 29.58 -32.39
CA LEU D 549 -13.59 30.10 -33.25
C LEU D 549 -14.27 31.29 -32.64
N ALA D 550 -14.31 31.39 -31.31
CA ALA D 550 -14.82 32.58 -30.66
C ALA D 550 -13.97 33.80 -30.99
N GLY D 551 -12.64 33.63 -30.96
CA GLY D 551 -11.75 34.71 -31.34
C GLY D 551 -11.90 35.09 -32.80
N TYR D 552 -12.06 34.08 -33.67
CA TYR D 552 -12.31 34.38 -35.07
C TYR D 552 -13.57 35.19 -35.26
N LEU D 553 -14.64 34.82 -34.54
CA LEU D 553 -15.89 35.57 -34.66
C LEU D 553 -15.75 36.97 -34.10
N ARG D 554 -15.01 37.12 -32.99
CA ARG D 554 -14.79 38.45 -32.41
C ARG D 554 -14.06 39.35 -33.39
N SER D 555 -12.98 38.84 -33.99
CA SER D 555 -12.14 39.67 -34.84
C SER D 555 -12.68 39.81 -36.26
N ARG D 556 -13.62 38.96 -36.66
CA ARG D 556 -14.10 39.00 -38.03
C ARG D 556 -15.18 40.06 -38.20
N TYR D 557 -15.99 40.28 -37.17
CA TYR D 557 -17.11 41.22 -37.22
C TYR D 557 -16.81 42.34 -36.23
N ILE D 558 -16.58 43.54 -36.76
CA ILE D 558 -15.93 44.59 -36.01
C ILE D 558 -16.78 45.86 -36.06
N GLU D 559 -17.80 45.87 -36.94
CA GLU D 559 -18.54 47.11 -37.14
C GLU D 559 -19.47 47.44 -35.99
N HIS D 560 -19.39 46.71 -34.88
CA HIS D 560 -19.96 47.08 -33.59
C HIS D 560 -18.83 47.02 -32.57
N GLY D 561 -19.20 47.07 -31.29
CA GLY D 561 -18.19 46.93 -30.26
C GLY D 561 -17.83 45.47 -30.11
N SER D 562 -17.81 44.96 -28.88
CA SER D 562 -17.66 43.54 -28.71
C SER D 562 -18.81 42.81 -29.42
N LEU D 563 -18.59 41.53 -29.72
CA LEU D 563 -19.56 40.73 -30.45
C LEU D 563 -20.92 40.84 -29.78
N PRO D 564 -21.91 41.45 -30.42
CA PRO D 564 -23.17 41.77 -29.74
C PRO D 564 -24.09 40.58 -29.55
N VAL D 565 -23.61 39.35 -29.71
CA VAL D 565 -24.44 38.16 -29.57
C VAL D 565 -23.76 37.18 -28.62
N THR D 566 -24.58 36.32 -28.03
CA THR D 566 -24.11 35.17 -27.29
C THR D 566 -24.58 33.91 -28.00
N ILE D 567 -23.66 32.97 -28.20
CA ILE D 567 -23.93 31.78 -28.99
C ILE D 567 -23.79 30.56 -28.08
N SER D 568 -24.81 29.70 -28.10
CA SER D 568 -24.83 28.49 -27.30
C SER D 568 -24.63 27.30 -28.22
N LEU D 569 -23.58 26.52 -27.97
CA LEU D 569 -23.21 25.40 -28.81
C LEU D 569 -23.40 24.11 -28.01
N ALA D 570 -24.18 23.18 -28.56
CA ALA D 570 -24.54 21.98 -27.82
C ALA D 570 -24.55 20.78 -28.74
N PHE D 571 -23.94 19.69 -28.29
CA PHE D 571 -24.08 18.40 -28.96
C PHE D 571 -25.32 17.72 -28.41
N GLU D 572 -26.37 17.61 -29.23
CA GLU D 572 -27.60 17.00 -28.76
C GLU D 572 -27.43 15.49 -28.62
N GLN D 573 -28.05 14.93 -27.58
CA GLN D 573 -27.87 13.54 -27.22
C GLN D 573 -26.39 13.19 -27.06
N ASN D 574 -25.63 14.07 -26.41
CA ASN D 574 -24.19 13.84 -26.26
C ASN D 574 -23.93 12.89 -25.10
N TYR D 575 -24.24 13.33 -23.88
CA TYR D 575 -24.18 12.53 -22.66
C TYR D 575 -22.82 11.89 -22.41
N VAL D 576 -21.80 12.23 -23.19
CA VAL D 576 -20.47 11.63 -23.07
C VAL D 576 -19.44 12.73 -23.24
N SER D 577 -18.29 12.55 -22.59
CA SER D 577 -17.23 13.54 -22.66
C SER D 577 -16.73 13.71 -24.08
N ILE D 578 -16.52 14.96 -24.49
CA ILE D 578 -16.08 15.31 -25.83
C ILE D 578 -14.60 15.67 -25.78
N GLU D 579 -13.82 15.06 -26.66
CA GLU D 579 -12.39 15.34 -26.75
C GLU D 579 -12.02 15.55 -28.22
N GLY D 580 -11.17 16.54 -28.47
CA GLY D 580 -10.59 16.76 -29.78
C GLY D 580 -11.15 18.00 -30.45
N ASP D 581 -10.44 18.41 -31.50
CA ASP D 581 -10.80 19.57 -32.32
C ASP D 581 -10.99 19.09 -33.76
N SER D 582 -12.15 18.51 -34.04
CA SER D 582 -12.55 18.16 -35.39
C SER D 582 -13.88 18.76 -35.77
N ALA D 583 -14.65 19.27 -34.79
CA ALA D 583 -15.93 19.91 -35.06
C ALA D 583 -15.83 21.43 -35.02
N GLY D 584 -14.61 21.96 -35.13
CA GLY D 584 -14.46 23.41 -35.14
C GLY D 584 -15.16 24.07 -36.32
N LEU D 585 -15.01 23.50 -37.51
CA LEU D 585 -15.66 24.07 -38.69
C LEU D 585 -17.18 23.97 -38.56
N ALA D 586 -17.68 22.83 -38.09
CA ALA D 586 -19.12 22.67 -37.91
C ALA D 586 -19.65 23.68 -36.90
N GLU D 587 -18.93 23.85 -35.80
CA GLU D 587 -19.34 24.84 -34.79
C GLU D 587 -19.36 26.24 -35.39
N LEU D 588 -18.33 26.59 -36.15
CA LEU D 588 -18.26 27.93 -36.72
C LEU D 588 -19.39 28.18 -37.71
N VAL D 589 -19.66 27.21 -38.59
CA VAL D 589 -20.71 27.42 -39.58
C VAL D 589 -22.08 27.45 -38.90
N ALA D 590 -22.28 26.62 -37.88
CA ALA D 590 -23.55 26.65 -37.15
C ALA D 590 -23.75 27.99 -36.44
N ALA D 591 -22.69 28.50 -35.82
CA ALA D 591 -22.79 29.79 -35.15
C ALA D 591 -23.07 30.90 -36.15
N LEU D 592 -22.42 30.86 -37.31
CA LEU D 592 -22.66 31.88 -38.33
C LEU D 592 -24.09 31.81 -38.84
N SER D 593 -24.61 30.60 -39.05
CA SER D 593 -25.99 30.45 -39.48
C SER D 593 -26.96 30.98 -38.44
N ALA D 594 -26.71 30.66 -37.17
CA ALA D 594 -27.55 31.16 -36.09
C ALA D 594 -27.53 32.69 -36.04
N ILE D 595 -26.35 33.27 -36.23
CA ILE D 595 -26.24 34.73 -36.23
C ILE D 595 -27.03 35.33 -37.39
N GLY D 596 -26.82 34.79 -38.59
CA GLY D 596 -27.44 35.34 -39.78
C GLY D 596 -28.77 34.76 -40.16
N ASN D 597 -29.32 33.85 -39.35
CA ASN D 597 -30.58 33.17 -39.66
C ASN D 597 -30.50 32.47 -41.01
N LEU D 598 -29.40 31.75 -41.22
CA LEU D 598 -29.14 31.09 -42.49
C LEU D 598 -29.52 29.63 -42.38
N PRO D 599 -30.51 29.15 -43.13
CA PRO D 599 -30.82 27.72 -43.10
C PRO D 599 -29.71 26.90 -43.76
N LEU D 600 -29.14 25.95 -43.01
CA LEU D 600 -28.04 25.14 -43.51
C LEU D 600 -28.55 23.80 -44.02
N ARG D 601 -28.06 23.39 -45.18
CA ARG D 601 -28.41 22.10 -45.75
C ARG D 601 -28.04 20.99 -44.79
N GLN D 602 -29.04 20.31 -44.22
CA GLN D 602 -28.79 19.26 -43.26
C GLN D 602 -28.25 18.00 -43.88
N ASP D 603 -28.28 17.88 -45.22
CA ASP D 603 -27.80 16.68 -45.86
C ASP D 603 -26.27 16.57 -45.84
N LEU D 604 -25.58 17.68 -45.59
CA LEU D 604 -24.12 17.70 -45.57
C LEU D 604 -23.61 17.66 -44.13
N ALA D 605 -22.75 16.71 -43.83
CA ALA D 605 -22.05 16.68 -42.55
C ALA D 605 -20.77 17.49 -42.67
N VAL D 606 -20.46 18.22 -41.61
CA VAL D 606 -19.33 19.15 -41.60
C VAL D 606 -18.34 18.70 -40.56
N THR D 607 -17.09 18.52 -40.97
CA THR D 607 -15.99 18.18 -40.08
C THR D 607 -14.84 19.12 -40.35
N GLY D 608 -13.77 19.00 -39.57
CA GLY D 608 -12.59 19.81 -39.78
C GLY D 608 -12.38 20.87 -38.72
N ALA D 609 -11.15 21.01 -38.25
CA ALA D 609 -10.80 22.07 -37.33
C ALA D 609 -10.65 23.39 -38.08
N VAL D 610 -10.71 24.48 -37.33
CA VAL D 610 -10.56 25.81 -37.90
C VAL D 610 -9.64 26.62 -36.99
N ASP D 611 -8.80 27.44 -37.60
CA ASP D 611 -7.98 28.38 -36.85
C ASP D 611 -8.71 29.71 -36.72
N GLN D 612 -8.17 30.61 -35.90
CA GLN D 612 -8.85 31.85 -35.58
C GLN D 612 -8.66 32.92 -36.64
N THR D 613 -8.19 32.55 -37.82
CA THR D 613 -8.24 33.43 -38.98
C THR D 613 -9.26 32.94 -40.01
N GLY D 614 -10.00 31.88 -39.69
CA GLY D 614 -11.04 31.38 -40.57
C GLY D 614 -10.53 30.50 -41.69
N LYS D 615 -9.70 29.51 -41.36
CA LYS D 615 -9.18 28.59 -42.34
C LYS D 615 -9.31 27.18 -41.80
N VAL D 616 -9.86 26.28 -42.62
CA VAL D 616 -10.11 24.92 -42.18
C VAL D 616 -8.80 24.16 -42.03
N LEU D 617 -8.68 23.41 -40.94
CA LEU D 617 -7.46 22.69 -40.60
C LEU D 617 -7.71 21.19 -40.68
N ALA D 618 -6.63 20.45 -40.93
CA ALA D 618 -6.77 19.02 -41.12
C ALA D 618 -7.21 18.34 -39.82
N VAL D 619 -7.86 17.19 -39.98
CA VAL D 619 -8.37 16.40 -38.86
C VAL D 619 -8.04 14.94 -39.11
N GLY D 620 -8.15 14.15 -38.03
CA GLY D 620 -7.82 12.74 -38.08
C GLY D 620 -9.04 11.85 -38.24
N ALA D 621 -8.80 10.63 -38.70
CA ALA D 621 -9.84 9.63 -38.90
C ALA D 621 -10.94 10.16 -39.80
N ILE D 622 -10.55 10.82 -40.88
CA ILE D 622 -11.52 11.37 -41.81
C ILE D 622 -12.29 10.26 -42.51
N ASN D 623 -11.65 9.11 -42.75
CA ASN D 623 -12.33 7.98 -43.34
C ASN D 623 -13.48 7.52 -42.46
N ALA D 624 -13.23 7.41 -41.15
CA ALA D 624 -14.28 6.97 -40.23
C ALA D 624 -15.45 7.94 -40.24
N LYS D 625 -15.16 9.25 -40.22
CA LYS D 625 -16.23 10.24 -40.23
C LYS D 625 -17.07 10.14 -41.49
N VAL D 626 -16.42 10.12 -42.65
CA VAL D 626 -17.16 10.12 -43.91
C VAL D 626 -17.97 8.84 -44.04
N GLU D 627 -17.36 7.69 -43.71
CA GLU D 627 -18.08 6.43 -43.83
C GLU D 627 -19.22 6.34 -42.84
N GLY D 628 -19.06 6.88 -41.64
CA GLY D 628 -20.17 6.87 -40.68
C GLY D 628 -21.33 7.73 -41.13
N PHE D 629 -21.04 8.92 -41.65
CA PHE D 629 -22.13 9.74 -42.17
C PHE D 629 -22.80 9.09 -43.37
N PHE D 630 -22.04 8.44 -44.24
CA PHE D 630 -22.65 7.74 -45.35
C PHE D 630 -23.51 6.57 -44.85
N ARG D 631 -23.06 5.88 -43.81
CA ARG D 631 -23.84 4.79 -43.24
C ARG D 631 -25.18 5.31 -42.73
N VAL D 632 -25.15 6.41 -42.00
CA VAL D 632 -26.40 6.96 -41.46
C VAL D 632 -27.30 7.44 -42.60
N CYS D 633 -26.73 8.10 -43.61
CA CYS D 633 -27.55 8.54 -44.74
C CYS D 633 -28.17 7.37 -45.48
N LYS D 634 -27.41 6.29 -45.68
CA LYS D 634 -27.94 5.11 -46.34
C LYS D 634 -29.04 4.46 -45.51
N ALA D 635 -28.86 4.42 -44.19
CA ALA D 635 -29.90 3.85 -43.33
C ALA D 635 -31.20 4.63 -43.45
N LEU D 636 -31.11 5.94 -43.50
CA LEU D 636 -32.29 6.78 -43.75
C LEU D 636 -32.65 6.84 -45.22
N GLY D 637 -31.86 6.23 -46.09
CA GLY D 637 -32.12 6.28 -47.51
C GLY D 637 -31.41 7.43 -48.19
N LEU D 638 -30.52 7.13 -49.13
CA LEU D 638 -29.75 8.17 -49.80
C LEU D 638 -30.67 9.07 -50.60
N SER D 639 -30.54 10.38 -50.38
CA SER D 639 -31.37 11.35 -51.07
C SER D 639 -30.78 11.82 -52.40
N GLY D 640 -29.57 11.39 -52.73
CA GLY D 640 -28.91 11.85 -53.93
C GLY D 640 -28.23 13.19 -53.81
N THR D 641 -28.28 13.82 -52.64
CA THR D 641 -27.58 15.08 -52.43
C THR D 641 -26.80 15.12 -51.13
N GLN D 642 -26.88 14.12 -50.27
CA GLN D 642 -26.14 14.13 -49.02
C GLN D 642 -24.64 14.06 -49.30
N GLY D 643 -23.87 14.74 -48.46
CA GLY D 643 -22.44 14.78 -48.64
C GLY D 643 -21.73 15.10 -47.35
N VAL D 644 -20.40 15.21 -47.45
CA VAL D 644 -19.56 15.54 -46.31
C VAL D 644 -18.65 16.69 -46.70
N ILE D 645 -18.58 17.71 -45.86
CA ILE D 645 -17.66 18.83 -46.04
C ILE D 645 -16.46 18.57 -45.17
N LEU D 646 -15.30 18.39 -45.78
CA LEU D 646 -14.09 18.03 -45.06
C LEU D 646 -12.94 18.95 -45.47
N PRO D 647 -11.88 19.06 -44.65
CA PRO D 647 -10.80 19.99 -44.99
C PRO D 647 -10.11 19.60 -46.29
N GLU D 648 -9.72 20.60 -47.06
CA GLU D 648 -8.93 20.36 -48.26
C GLU D 648 -7.62 19.67 -47.95
N ALA D 649 -7.09 19.90 -46.75
CA ALA D 649 -5.83 19.32 -46.33
C ALA D 649 -5.91 17.82 -46.06
N ASN D 650 -7.11 17.25 -46.03
CA ASN D 650 -7.26 15.83 -45.75
C ASN D 650 -7.46 14.98 -47.00
N LEU D 651 -7.28 15.56 -48.19
CA LEU D 651 -7.45 14.78 -49.42
C LEU D 651 -6.49 13.61 -49.48
N ALA D 652 -5.26 13.79 -49.01
CA ALA D 652 -4.31 12.69 -48.97
C ALA D 652 -4.71 11.61 -47.97
N ASN D 653 -5.66 11.90 -47.07
CA ASN D 653 -6.12 10.93 -46.10
C ASN D 653 -7.43 10.25 -46.49
N LEU D 654 -8.04 10.66 -47.60
CA LEU D 654 -9.33 10.11 -48.01
C LEU D 654 -9.11 8.79 -48.73
N THR D 655 -9.11 7.69 -47.98
CA THR D 655 -9.12 6.34 -48.54
C THR D 655 -10.47 5.73 -48.19
N LEU D 656 -11.46 6.03 -49.01
CA LEU D 656 -12.83 5.62 -48.71
C LEU D 656 -13.08 4.17 -49.13
N ARG D 657 -14.09 3.57 -48.51
CA ARG D 657 -14.44 2.19 -48.84
C ARG D 657 -15.07 2.11 -50.22
N ALA D 658 -15.29 0.87 -50.67
CA ALA D 658 -15.81 0.67 -52.02
C ALA D 658 -17.20 1.26 -52.19
N GLU D 659 -18.07 1.05 -51.20
CA GLU D 659 -19.46 1.50 -51.33
C GLU D 659 -19.54 3.02 -51.37
N VAL D 660 -18.76 3.71 -50.54
CA VAL D 660 -18.78 5.16 -50.55
C VAL D 660 -18.30 5.70 -51.88
N LEU D 661 -17.23 5.11 -52.42
CA LEU D 661 -16.72 5.54 -53.71
C LEU D 661 -17.73 5.29 -54.83
N GLU D 662 -18.42 4.15 -54.77
CA GLU D 662 -19.45 3.87 -55.76
C GLU D 662 -20.59 4.87 -55.67
N ALA D 663 -20.97 5.24 -54.44
CA ALA D 663 -22.02 6.24 -54.27
C ALA D 663 -21.57 7.59 -54.83
N VAL D 664 -20.31 7.96 -54.59
CA VAL D 664 -19.80 9.21 -55.15
C VAL D 664 -19.81 9.18 -56.67
N ARG D 665 -19.41 8.05 -57.25
CA ARG D 665 -19.40 7.91 -58.70
C ARG D 665 -20.81 8.03 -59.26
N ALA D 666 -21.77 7.39 -58.60
CA ALA D 666 -23.17 7.46 -59.04
C ALA D 666 -23.81 8.80 -58.77
N GLY D 667 -23.15 9.68 -58.02
CA GLY D 667 -23.75 10.96 -57.67
C GLY D 667 -24.70 10.90 -56.51
N GLN D 668 -24.83 9.76 -55.85
CA GLN D 668 -25.70 9.61 -54.70
C GLN D 668 -25.09 10.16 -53.42
N PHE D 669 -23.81 10.52 -53.45
CA PHE D 669 -23.10 10.99 -52.27
C PHE D 669 -21.98 11.92 -52.71
N HIS D 670 -21.78 13.02 -52.01
CA HIS D 670 -20.80 14.01 -52.41
C HIS D 670 -19.73 14.14 -51.33
N ILE D 671 -18.57 14.65 -51.75
CA ILE D 671 -17.47 14.93 -50.85
C ILE D 671 -16.93 16.30 -51.22
N TYR D 672 -17.24 17.30 -50.39
CA TYR D 672 -16.76 18.66 -50.60
C TYR D 672 -15.47 18.88 -49.82
N ALA D 673 -14.53 19.57 -50.44
CA ALA D 673 -13.26 19.90 -49.81
C ALA D 673 -13.11 21.41 -49.77
N VAL D 674 -12.84 21.94 -48.58
CA VAL D 674 -12.68 23.38 -48.38
C VAL D 674 -11.42 23.61 -47.55
N GLU D 675 -10.89 24.83 -47.66
CA GLU D 675 -9.79 25.26 -46.83
C GLU D 675 -10.12 26.42 -45.92
N THR D 676 -11.19 27.17 -46.21
CA THR D 676 -11.66 28.23 -45.33
C THR D 676 -13.13 28.01 -44.98
N ALA D 677 -13.51 28.48 -43.80
CA ALA D 677 -14.89 28.32 -43.35
C ALA D 677 -15.86 29.10 -44.23
N GLU D 678 -15.37 30.13 -44.92
CA GLU D 678 -16.21 30.87 -45.84
C GLU D 678 -16.83 29.92 -46.87
N GLN D 679 -16.01 29.07 -47.46
CA GLN D 679 -16.49 28.12 -48.46
C GLN D 679 -17.46 27.11 -47.86
N ALA D 680 -17.16 26.63 -46.64
CA ALA D 680 -18.04 25.64 -46.02
C ALA D 680 -19.43 26.21 -45.78
N LEU D 681 -19.50 27.44 -45.27
CA LEU D 681 -20.81 28.05 -45.07
C LEU D 681 -21.47 28.40 -46.40
N GLU D 682 -20.68 28.74 -47.42
CA GLU D 682 -21.26 28.95 -48.74
C GLU D 682 -21.92 27.68 -49.26
N ILE D 683 -21.27 26.54 -49.06
CA ILE D 683 -21.83 25.27 -49.51
C ILE D 683 -23.09 24.94 -48.72
N LEU D 684 -23.01 25.06 -47.39
CA LEU D 684 -24.15 24.67 -46.55
C LEU D 684 -25.36 25.54 -46.83
N ALA D 685 -25.18 26.86 -46.78
CA ALA D 685 -26.30 27.77 -47.01
C ALA D 685 -26.68 27.88 -48.47
N GLY D 686 -25.86 27.35 -49.38
CA GLY D 686 -26.21 27.39 -50.78
C GLY D 686 -26.17 28.75 -51.41
N ALA D 687 -25.39 29.67 -50.87
CA ALA D 687 -25.26 31.02 -51.41
C ALA D 687 -23.79 31.43 -51.38
N ARG D 688 -23.53 32.67 -51.78
CA ARG D 688 -22.19 33.23 -51.81
C ARG D 688 -22.09 34.37 -50.81
N MET D 689 -20.96 34.44 -50.12
CA MET D 689 -20.75 35.52 -49.15
C MET D 689 -20.72 36.87 -49.84
N GLU D 690 -19.76 37.07 -50.74
CA GLU D 690 -19.73 38.29 -51.52
C GLU D 690 -20.92 38.32 -52.48
N GLY D 691 -21.31 39.52 -52.86
CA GLY D 691 -22.47 39.71 -53.70
C GLY D 691 -23.68 40.16 -52.89
N PHE D 692 -24.62 40.79 -53.60
CA PHE D 692 -25.78 41.36 -52.93
C PHE D 692 -26.82 40.27 -52.71
N ARG D 693 -27.59 40.40 -51.63
CA ARG D 693 -28.21 39.26 -50.92
C ARG D 693 -27.17 38.18 -50.60
N GLY D 694 -26.00 38.58 -50.12
CA GLY D 694 -24.97 37.63 -49.80
C GLY D 694 -25.11 37.04 -48.39
N LEU D 695 -24.38 35.94 -48.16
CA LEU D 695 -24.34 35.37 -46.82
C LEU D 695 -23.68 36.32 -45.84
N GLN D 696 -22.60 36.99 -46.27
CA GLN D 696 -21.93 37.94 -45.40
C GLN D 696 -22.84 39.11 -45.08
N GLU D 697 -23.59 39.60 -46.07
CA GLU D 697 -24.55 40.67 -45.82
C GLU D 697 -25.63 40.24 -44.84
N LYS D 698 -26.11 38.99 -44.97
CA LYS D 698 -27.14 38.51 -44.07
C LYS D 698 -26.60 38.36 -42.64
N ILE D 699 -25.37 37.88 -42.49
CA ILE D 699 -24.78 37.77 -41.16
C ILE D 699 -24.58 39.15 -40.55
N ARG D 700 -24.14 40.12 -41.36
CA ARG D 700 -24.00 41.48 -40.88
C ARG D 700 -25.35 42.05 -40.45
N ALA D 701 -26.40 41.79 -41.22
CA ALA D 701 -27.73 42.27 -40.87
C ALA D 701 -28.22 41.63 -39.58
N GLY D 702 -27.93 40.34 -39.39
CA GLY D 702 -28.33 39.68 -38.15
C GLY D 702 -27.61 40.25 -36.94
N LEU D 703 -26.30 40.48 -37.07
CA LEU D 703 -25.56 41.11 -35.98
C LEU D 703 -26.09 42.51 -35.71
N GLU D 704 -26.42 43.26 -36.77
CA GLU D 704 -26.99 44.59 -36.59
C GLU D 704 -28.32 44.52 -35.85
N ALA D 705 -29.15 43.52 -36.19
CA ALA D 705 -30.43 43.37 -35.50
C ALA D 705 -30.24 43.05 -34.03
N PHE D 706 -29.31 42.14 -33.70
CA PHE D 706 -29.06 41.81 -32.31
C PHE D 706 -28.55 43.02 -31.53
N ALA D 707 -27.60 43.76 -32.12
CA ALA D 707 -27.08 44.95 -31.47
C ALA D 707 -28.17 45.99 -31.32
N ARG D 708 -29.05 46.12 -32.32
CA ARG D 708 -30.13 47.09 -32.24
C ARG D 708 -31.14 46.71 -31.17
N LEU D 709 -31.32 45.42 -30.93
CA LEU D 709 -32.24 44.99 -29.88
C LEU D 709 -31.67 45.27 -28.49
N GLU D 710 -30.38 44.99 -28.31
CA GLU D 710 -29.73 45.39 -27.05
C GLU D 710 -29.76 46.92 -26.90
N GLU D 711 -29.61 47.63 -28.01
CA GLU D 711 -29.70 49.09 -28.04
C GLU D 711 -31.08 49.59 -27.63
N GLY D 712 -32.15 48.94 -28.10
CA GLY D 712 -33.49 49.31 -27.71
C GLY D 712 -33.74 49.01 -26.25
N HIS D 713 -33.17 47.92 -25.76
CA HIS D 713 -33.24 47.63 -24.33
C HIS D 713 -32.59 48.74 -23.52
N ASP D 714 -31.42 49.21 -23.98
CA ASP D 714 -30.76 50.33 -23.29
C ASP D 714 -31.56 51.62 -23.44
N LYS D 715 -32.20 51.83 -24.59
CA LYS D 715 -33.05 53.00 -24.78
C LYS D 715 -34.19 53.02 -23.78
N GLU D 716 -34.83 51.87 -23.58
CA GLU D 716 -35.83 51.75 -22.53
C GLU D 716 -35.25 51.99 -21.15
N ASP D 717 -34.08 51.41 -20.87
CA ASP D 717 -33.46 51.57 -19.55
C ASP D 717 -33.20 53.03 -19.24
N ARG D 718 -32.70 53.79 -20.21
CA ARG D 718 -32.41 55.20 -19.98
C ARG D 718 -33.67 56.08 -20.04
N GLU D 719 -34.74 55.60 -20.65
CA GLU D 719 -35.98 56.37 -20.76
C GLU D 719 -37.22 55.51 -20.63
N MET E 1 19.74 43.28 -35.95
CA MET E 1 20.39 43.49 -37.24
C MET E 1 20.96 42.14 -37.66
N ARG E 2 21.01 41.88 -38.97
CA ARG E 2 21.40 40.57 -39.47
C ARG E 2 22.82 40.24 -39.05
N LEU E 3 23.00 39.02 -38.53
CA LEU E 3 24.33 38.56 -38.12
C LEU E 3 25.09 38.03 -39.31
N SER E 4 26.31 38.51 -39.50
CA SER E 4 27.14 38.03 -40.58
C SER E 4 27.60 36.61 -40.30
N TYR E 5 28.09 35.93 -41.34
CA TYR E 5 28.56 34.57 -41.19
C TYR E 5 29.75 34.50 -40.24
N GLU E 6 30.68 35.46 -40.37
CA GLU E 6 31.83 35.48 -39.49
C GLU E 6 31.43 35.68 -38.05
N ALA E 7 30.45 36.55 -37.79
CA ALA E 7 29.91 36.71 -36.46
C ALA E 7 29.17 35.47 -35.97
N LEU E 8 28.81 34.56 -36.88
CA LEU E 8 28.13 33.33 -36.51
C LEU E 8 29.03 32.10 -36.59
N GLU E 9 30.17 32.19 -37.28
CA GLU E 9 31.07 31.05 -37.40
C GLU E 9 31.74 30.80 -36.06
N TRP E 10 31.38 29.71 -35.40
CA TRP E 10 31.88 29.39 -34.08
C TRP E 10 32.91 28.26 -34.08
N ARG E 11 32.95 27.46 -35.14
CA ARG E 11 33.83 26.31 -35.16
C ARG E 11 35.28 26.73 -35.19
N THR E 12 36.11 26.04 -34.41
CA THR E 12 37.53 26.32 -34.41
C THR E 12 38.14 25.82 -35.73
N PRO E 13 38.91 26.65 -36.44
CA PRO E 13 39.48 26.22 -37.71
C PRO E 13 40.41 25.03 -37.52
N ILE E 14 40.42 24.14 -38.51
CA ILE E 14 41.23 22.93 -38.49
C ILE E 14 42.54 23.19 -39.20
N GLU E 15 43.66 22.95 -38.51
CA GLU E 15 44.96 23.05 -39.15
C GLU E 15 45.17 21.93 -40.15
N ASN E 16 44.87 20.69 -39.75
CA ASN E 16 44.93 19.55 -40.65
C ASN E 16 44.13 18.41 -40.03
N SER E 17 43.44 17.66 -40.88
CA SER E 17 42.65 16.51 -40.43
C SER E 17 43.49 15.23 -40.41
N THR E 18 44.80 15.35 -40.29
CA THR E 18 45.71 14.21 -40.28
C THR E 18 46.74 14.46 -39.19
N GLU E 19 47.84 13.70 -39.21
CA GLU E 19 48.90 13.82 -38.22
C GLU E 19 48.34 13.55 -36.83
N PRO E 20 48.06 12.29 -36.49
CA PRO E 20 47.45 11.97 -35.19
C PRO E 20 48.09 12.69 -34.02
N VAL E 21 47.25 13.34 -33.21
CA VAL E 21 47.77 14.13 -32.11
C VAL E 21 48.39 13.24 -31.05
N SER E 22 49.40 13.76 -30.37
CA SER E 22 50.07 13.07 -29.26
C SER E 22 50.08 14.02 -28.09
N LEU E 23 49.15 13.82 -27.15
CA LEU E 23 49.00 14.70 -26.01
C LEU E 23 49.13 13.92 -24.71
N PRO E 24 49.73 14.51 -23.69
CA PRO E 24 49.86 13.82 -22.40
C PRO E 24 48.50 13.71 -21.72
N PRO E 25 48.29 12.68 -20.92
CA PRO E 25 47.03 12.54 -20.20
C PRO E 25 46.83 13.73 -19.26
N PRO E 26 45.63 14.28 -19.21
CA PRO E 26 45.37 15.44 -18.35
C PRO E 26 45.27 15.01 -16.90
N PRO E 27 45.45 15.93 -15.96
CA PRO E 27 45.28 15.58 -14.55
C PRO E 27 43.82 15.25 -14.27
N PRO E 28 43.56 14.37 -13.30
CA PRO E 28 42.16 14.08 -12.94
C PRO E 28 41.45 15.33 -12.48
N PHE E 29 40.15 15.38 -12.76
CA PHE E 29 39.32 16.56 -12.51
C PHE E 29 39.88 17.79 -13.21
N PHE E 30 40.32 17.60 -14.44
CA PHE E 30 40.77 18.74 -15.24
C PHE E 30 39.57 19.60 -15.60
N GLY E 31 39.70 20.91 -15.42
CA GLY E 31 38.59 21.81 -15.55
C GLY E 31 37.61 21.78 -14.40
N GLN E 32 37.81 20.89 -13.43
CA GLN E 32 36.96 20.79 -12.26
C GLN E 32 37.80 21.06 -11.01
N GLU E 33 38.58 22.15 -11.05
CA GLU E 33 39.49 22.45 -9.96
C GLU E 33 38.76 22.65 -8.63
N ARG E 34 37.51 23.11 -8.68
CA ARG E 34 36.74 23.24 -7.44
C ARG E 34 36.53 21.88 -6.78
N ALA E 35 36.07 20.90 -7.55
CA ALA E 35 35.88 19.56 -7.02
C ALA E 35 37.21 18.93 -6.62
N ARG E 36 38.26 19.18 -7.39
CA ARG E 36 39.58 18.64 -7.03
C ARG E 36 40.04 19.18 -5.69
N GLU E 37 39.89 20.50 -5.49
CA GLU E 37 40.31 21.11 -4.23
C GLU E 37 39.46 20.58 -3.07
N ALA E 38 38.15 20.47 -3.28
CA ALA E 38 37.29 19.95 -2.22
C ALA E 38 37.70 18.53 -1.85
N LEU E 39 37.97 17.70 -2.84
CA LEU E 39 38.33 16.32 -2.57
C LEU E 39 39.72 16.22 -1.95
N GLU E 40 40.64 17.10 -2.34
CA GLU E 40 41.95 17.14 -1.69
C GLU E 40 41.81 17.50 -0.21
N LEU E 41 40.96 18.48 0.08
CA LEU E 41 40.70 18.84 1.47
C LEU E 41 40.11 17.67 2.23
N ALA E 42 39.17 16.95 1.61
CA ALA E 42 38.57 15.80 2.27
C ALA E 42 39.59 14.71 2.53
N ILE E 43 40.47 14.45 1.57
CA ILE E 43 41.49 13.41 1.77
C ILE E 43 42.46 13.82 2.87
N ARG E 44 42.91 15.07 2.86
CA ARG E 44 43.86 15.52 3.87
C ARG E 44 43.25 15.50 5.27
N GLY E 45 42.03 15.99 5.41
CA GLY E 45 41.37 16.06 6.69
C GLY E 45 40.67 14.80 7.14
N GLY E 46 40.60 13.78 6.29
CA GLY E 46 39.92 12.55 6.68
C GLY E 46 38.43 12.70 6.80
N PHE E 47 37.84 13.70 6.16
CA PHE E 47 36.40 13.92 6.25
C PHE E 47 35.66 12.95 5.33
N HIS E 48 34.34 13.06 5.34
CA HIS E 48 33.48 12.40 4.39
C HIS E 48 32.98 13.43 3.39
N ALA E 49 33.26 13.20 2.11
CA ALA E 49 32.85 14.12 1.07
C ALA E 49 31.77 13.47 0.22
N TYR E 50 31.11 14.29 -0.60
CA TYR E 50 30.15 13.77 -1.56
C TYR E 50 30.33 14.50 -2.88
N LEU E 51 30.42 13.74 -3.96
CA LEU E 51 30.63 14.29 -5.30
C LEU E 51 29.28 14.58 -5.94
N VAL E 52 29.07 15.84 -6.31
CA VAL E 52 27.84 16.28 -6.94
C VAL E 52 28.15 16.75 -8.35
N GLY E 53 27.37 16.26 -9.31
CA GLY E 53 27.53 16.67 -10.69
C GLY E 53 26.42 16.13 -11.56
N PRO E 54 26.21 16.76 -12.71
CA PRO E 54 25.20 16.28 -13.65
C PRO E 54 25.50 14.85 -14.07
N PRO E 55 24.45 14.07 -14.36
CA PRO E 55 24.66 12.64 -14.64
C PRO E 55 25.50 12.42 -15.87
N SER E 56 26.22 11.29 -15.86
CA SER E 56 27.07 10.90 -16.98
C SER E 56 28.12 11.97 -17.28
N LEU E 57 29.00 12.18 -16.30
CA LEU E 57 30.04 13.18 -16.43
C LEU E 57 31.42 12.60 -16.14
N GLY E 58 31.51 11.34 -15.73
CA GLY E 58 32.78 10.73 -15.41
C GLY E 58 33.22 10.90 -13.98
N LYS E 59 32.30 11.22 -13.07
CA LYS E 59 32.66 11.44 -11.68
C LYS E 59 33.28 10.19 -11.07
N HIS E 60 32.68 9.03 -11.32
CA HIS E 60 33.18 7.80 -10.72
C HIS E 60 34.57 7.46 -11.22
N GLU E 61 34.78 7.49 -12.53
CA GLU E 61 36.08 7.12 -13.07
C GLU E 61 37.16 8.11 -12.66
N ALA E 62 36.86 9.41 -12.73
CA ALA E 62 37.84 10.42 -12.34
C ALA E 62 38.19 10.30 -10.86
N LEU E 63 37.17 10.11 -10.01
CA LEU E 63 37.41 9.97 -8.59
C LEU E 63 38.23 8.72 -8.29
N LEU E 64 37.91 7.60 -8.95
CA LEU E 64 38.67 6.38 -8.72
C LEU E 64 40.11 6.54 -9.16
N ALA E 65 40.35 7.16 -10.31
CA ALA E 65 41.72 7.40 -10.76
C ALA E 65 42.47 8.29 -9.78
N TYR E 66 41.84 9.37 -9.32
CA TYR E 66 42.51 10.26 -8.38
C TYR E 66 42.82 9.58 -7.06
N LEU E 67 41.89 8.78 -6.55
CA LEU E 67 42.15 8.07 -5.31
C LEU E 67 43.22 7.01 -5.48
N SER E 68 43.30 6.38 -6.65
CA SER E 68 44.42 5.50 -6.94
C SER E 68 45.73 6.27 -6.94
N THR E 69 45.72 7.51 -7.42
CA THR E 69 46.91 8.36 -7.35
C THR E 69 47.31 8.63 -5.91
N GLN E 70 46.34 8.72 -5.00
CA GLN E 70 46.64 9.00 -3.61
C GLN E 70 47.41 7.84 -2.96
N SER E 71 47.84 8.06 -1.73
CA SER E 71 48.55 7.06 -0.95
C SER E 71 48.22 7.25 0.52
N VAL E 72 48.35 6.17 1.28
CA VAL E 72 48.02 6.19 2.70
C VAL E 72 48.87 5.12 3.39
N GLU E 73 48.97 5.22 4.71
CA GLU E 73 49.65 4.19 5.49
C GLU E 73 48.94 2.86 5.30
N THR E 74 49.69 1.78 5.43
CA THR E 74 49.15 0.44 5.20
C THR E 74 47.99 0.18 6.16
N PRO E 75 46.80 -0.13 5.66
CA PRO E 75 45.66 -0.35 6.55
C PRO E 75 45.90 -1.57 7.42
N PRO E 76 45.54 -1.49 8.70
CA PRO E 76 45.69 -2.65 9.58
C PRO E 76 44.75 -3.78 9.16
N ASP E 77 45.21 -5.01 9.34
CA ASP E 77 44.41 -6.17 8.98
C ASP E 77 43.28 -6.36 9.99
N LEU E 78 42.07 -5.93 9.64
CA LEU E 78 40.94 -6.08 10.54
C LEU E 78 40.35 -7.48 10.42
N LEU E 79 39.71 -7.92 11.51
CA LEU E 79 39.14 -9.26 11.56
C LEU E 79 38.16 -9.31 12.74
N TYR E 80 37.32 -10.33 12.72
CA TYR E 80 36.37 -10.58 13.80
C TYR E 80 36.99 -11.50 14.84
N VAL E 81 36.83 -11.16 16.10
CA VAL E 81 37.24 -11.99 17.23
C VAL E 81 35.99 -12.33 18.04
N PRO E 82 35.76 -13.59 18.36
CA PRO E 82 34.63 -13.96 19.22
C PRO E 82 34.93 -13.66 20.68
N LEU E 83 34.30 -12.62 21.23
CA LEU E 83 34.47 -12.32 22.63
C LEU E 83 33.78 -13.37 23.51
N SER E 84 32.84 -14.11 22.93
CA SER E 84 32.26 -15.28 23.57
C SER E 84 31.89 -16.26 22.47
N GLU E 85 31.06 -17.23 22.84
CA GLU E 85 30.51 -18.14 21.83
C GLU E 85 29.54 -17.42 20.90
N ARG E 86 29.11 -16.22 21.28
CA ARG E 86 28.14 -15.44 20.52
C ARG E 86 28.58 -14.00 20.31
N LYS E 87 29.32 -13.41 21.24
CA LYS E 87 29.73 -12.02 21.16
C LYS E 87 30.96 -11.92 20.28
N VAL E 88 30.90 -11.07 19.26
CA VAL E 88 32.03 -10.89 18.35
C VAL E 88 32.28 -9.40 18.16
N ALA E 89 33.55 -9.06 17.99
CA ALA E 89 33.96 -7.67 17.77
C ALA E 89 35.00 -7.63 16.66
N VAL E 90 35.06 -6.49 15.98
CA VAL E 90 36.00 -6.29 14.88
C VAL E 90 37.31 -5.81 15.46
N LEU E 91 38.35 -6.61 15.32
CA LEU E 91 39.67 -6.31 15.87
C LEU E 91 40.63 -5.98 14.73
N THR E 92 41.34 -4.86 14.87
CA THR E 92 42.30 -4.40 13.87
C THR E 92 43.70 -4.66 14.37
N LEU E 93 44.50 -5.36 13.57
CA LEU E 93 45.86 -5.71 13.90
C LEU E 93 46.83 -5.20 12.84
N PRO E 94 48.10 -4.97 13.18
CA PRO E 94 49.07 -4.56 12.17
C PRO E 94 49.22 -5.60 11.08
N SER E 95 49.54 -5.13 9.88
CA SER E 95 49.59 -6.01 8.72
C SER E 95 50.59 -7.14 8.92
N GLY E 96 50.21 -8.33 8.45
CA GLY E 96 51.04 -9.52 8.59
C GLY E 96 50.85 -10.28 9.88
N GLN E 97 50.44 -9.62 10.96
CA GLN E 97 50.23 -10.29 12.24
C GLN E 97 49.01 -11.19 12.23
N GLU E 98 48.14 -11.08 11.22
CA GLU E 98 46.90 -11.85 11.21
C GLU E 98 47.17 -13.34 11.12
N ILE E 99 48.08 -13.75 10.24
CA ILE E 99 48.39 -15.17 10.12
C ILE E 99 49.11 -15.67 11.36
N HIS E 100 49.97 -14.83 11.95
CA HIS E 100 50.65 -15.22 13.18
C HIS E 100 49.65 -15.42 14.30
N LEU E 101 48.68 -14.52 14.43
CA LEU E 101 47.65 -14.70 15.45
C LEU E 101 46.77 -15.90 15.15
N ALA E 102 46.53 -16.19 13.87
CA ALA E 102 45.72 -17.35 13.52
C ALA E 102 46.40 -18.65 13.95
N GLU E 103 47.68 -18.80 13.61
CA GLU E 103 48.40 -20.00 14.04
C GLU E 103 48.55 -20.04 15.56
N ALA E 104 48.72 -18.87 16.18
CA ALA E 104 48.83 -18.81 17.63
C ALA E 104 47.55 -19.27 18.31
N VAL E 105 46.39 -18.81 17.83
CA VAL E 105 45.14 -19.24 18.46
C VAL E 105 44.85 -20.69 18.11
N GLU E 106 45.34 -21.18 16.97
CA GLU E 106 45.23 -22.61 16.70
C GLU E 106 45.98 -23.41 17.75
N GLY E 107 47.21 -23.00 18.06
CA GLY E 107 47.95 -23.66 19.12
C GLY E 107 47.29 -23.52 20.48
N LEU E 108 46.73 -22.35 20.76
CA LEU E 108 46.05 -22.11 22.03
C LEU E 108 44.82 -22.99 22.17
N LEU E 109 44.07 -23.19 21.08
CA LEU E 109 42.95 -24.11 21.11
C LEU E 109 43.41 -25.55 21.29
N LEU E 110 44.52 -25.92 20.65
CA LEU E 110 45.09 -27.25 20.86
C LEU E 110 45.62 -27.43 22.27
N GLU E 111 45.88 -26.33 22.98
CA GLU E 111 46.36 -26.40 24.37
C GLU E 111 45.37 -27.06 25.31
N VAL E 112 44.18 -27.43 24.85
CA VAL E 112 43.25 -28.18 25.70
C VAL E 112 43.85 -29.54 26.05
N ASN E 113 44.62 -30.13 25.15
CA ASN E 113 45.33 -31.36 25.47
C ASN E 113 46.36 -31.14 26.56
N ARG E 114 47.11 -30.03 26.49
CA ARG E 114 48.04 -29.71 27.56
C ARG E 114 47.30 -29.53 28.88
N LEU E 115 46.15 -28.86 28.85
CA LEU E 115 45.40 -28.59 30.08
C LEU E 115 44.89 -29.88 30.72
N ASP E 116 44.22 -30.72 29.92
CA ASP E 116 43.64 -31.93 30.51
C ASP E 116 44.69 -33.02 30.74
N GLU E 117 45.91 -32.85 30.22
CA GLU E 117 47.01 -33.71 30.63
C GLU E 117 47.66 -33.21 31.91
N LEU E 118 47.70 -31.90 32.11
CA LEU E 118 48.08 -31.35 33.40
C LEU E 118 47.07 -31.72 34.48
N PHE E 119 45.82 -31.95 34.08
CA PHE E 119 44.78 -32.40 35.00
C PHE E 119 44.92 -33.87 35.39
N ARG E 120 46.08 -34.48 35.17
CA ARG E 120 46.38 -35.78 35.76
C ARG E 120 47.83 -35.86 36.22
N GLN E 121 48.45 -34.73 36.56
CA GLN E 121 49.86 -34.68 36.92
C GLN E 121 50.05 -34.92 38.42
N GLY E 122 51.31 -34.88 38.85
CA GLY E 122 51.61 -35.15 40.25
C GLY E 122 51.04 -34.10 41.19
N SER E 123 51.22 -32.82 40.87
CA SER E 123 50.65 -31.77 41.71
C SER E 123 49.13 -31.78 41.64
N PHE E 124 48.57 -32.12 40.48
CA PHE E 124 47.12 -32.28 40.38
C PHE E 124 46.62 -33.35 41.33
N LEU E 125 47.28 -34.50 41.32
CA LEU E 125 46.90 -35.57 42.24
C LEU E 125 47.08 -35.13 43.69
N ARG E 126 48.15 -34.40 43.99
CA ARG E 126 48.39 -33.99 45.37
C ARG E 126 47.31 -33.04 45.87
N GLU E 127 46.95 -32.04 45.07
CA GLU E 127 45.95 -31.07 45.52
C GLU E 127 44.55 -31.69 45.55
N LYS E 128 44.23 -32.50 44.55
CA LYS E 128 42.94 -33.20 44.61
C LYS E 128 42.87 -34.13 45.80
N THR E 129 43.97 -34.80 46.14
CA THR E 129 43.98 -35.67 47.30
C THR E 129 43.90 -34.90 48.61
N GLN E 130 44.48 -33.69 48.69
CA GLN E 130 44.35 -32.95 49.94
C GLN E 130 42.94 -32.39 50.12
N LEU E 131 42.32 -31.90 49.04
CA LEU E 131 40.91 -31.50 49.15
C LEU E 131 40.01 -32.68 49.44
N GLU E 132 40.23 -33.80 48.76
CA GLU E 132 39.50 -35.02 49.05
C GLU E 132 39.78 -35.51 50.45
N ALA E 133 40.96 -35.19 51.00
CA ALA E 133 41.27 -35.59 52.36
C ALA E 133 40.54 -34.74 53.39
N ARG E 134 40.35 -33.46 53.08
CA ARG E 134 39.49 -32.63 53.94
C ARG E 134 38.06 -33.17 53.95
N PHE E 135 37.50 -33.37 52.75
CA PHE E 135 36.14 -33.93 52.69
C PHE E 135 36.10 -35.34 53.25
N LYS E 136 37.22 -36.07 53.16
CA LYS E 136 37.27 -37.45 53.62
C LYS E 136 37.35 -37.52 55.14
N GLU E 137 38.04 -36.58 55.77
CA GLU E 137 38.04 -36.55 57.23
C GLU E 137 36.69 -36.07 57.74
N ALA E 138 36.00 -35.21 57.00
CA ALA E 138 34.61 -34.90 57.36
C ALA E 138 33.74 -36.14 57.31
N ARG E 139 33.77 -36.86 56.18
CA ARG E 139 33.01 -38.10 56.05
C ARG E 139 33.44 -39.14 57.07
N GLU E 140 34.73 -39.20 57.41
CA GLU E 140 35.21 -40.12 58.43
C GLU E 140 34.63 -39.80 59.79
N GLN E 141 34.85 -38.57 60.29
CA GLN E 141 34.31 -38.23 61.60
C GLN E 141 32.81 -38.50 61.66
N GLN E 142 32.10 -38.29 60.54
CA GLN E 142 30.70 -38.73 60.48
C GLN E 142 30.59 -40.24 60.68
N LEU E 143 31.42 -41.00 59.97
CA LEU E 143 31.34 -42.46 60.01
C LEU E 143 31.63 -43.00 61.41
N GLU E 144 32.70 -42.51 62.03
CA GLU E 144 33.06 -42.94 63.38
C GLU E 144 32.07 -42.47 64.43
N ALA E 145 31.48 -41.28 64.27
CA ALA E 145 30.41 -40.87 65.18
C ALA E 145 29.23 -41.82 65.07
N LEU E 146 28.85 -42.20 63.85
CA LEU E 146 27.79 -43.18 63.69
C LEU E 146 28.19 -44.56 64.20
N ARG E 147 29.47 -44.91 64.06
CA ARG E 147 29.96 -46.19 64.57
C ARG E 147 29.83 -46.27 66.08
N ARG E 148 30.24 -45.22 66.79
CA ARG E 148 30.11 -45.22 68.25
C ARG E 148 28.64 -45.12 68.66
N GLU E 149 27.82 -44.42 67.87
CA GLU E 149 26.39 -44.40 68.14
C GLU E 149 25.78 -45.79 68.06
N ALA E 150 26.17 -46.56 67.03
CA ALA E 150 25.67 -47.92 66.88
C ALA E 150 26.23 -48.83 67.96
N GLN E 151 27.50 -48.66 68.31
CA GLN E 151 28.14 -49.48 69.34
C GLN E 151 27.69 -49.12 70.74
N GLU E 152 26.97 -48.01 70.91
CA GLU E 152 26.36 -47.74 72.22
C GLU E 152 25.39 -48.84 72.61
N ALA E 153 24.59 -49.31 71.65
CA ALA E 153 23.69 -50.43 71.85
C ALA E 153 24.31 -51.76 71.44
N GLY E 154 25.53 -51.76 70.92
CA GLY E 154 26.20 -52.99 70.53
C GLY E 154 25.87 -53.45 69.13
N PHE E 155 25.92 -52.53 68.16
CA PHE E 155 25.61 -52.82 66.77
C PHE E 155 26.83 -52.54 65.90
N ALA E 156 27.07 -53.42 64.94
CA ALA E 156 28.20 -53.31 64.02
C ALA E 156 27.76 -52.67 62.71
N LEU E 157 28.73 -52.11 61.99
CA LEU E 157 28.49 -51.39 60.76
C LEU E 157 29.21 -52.05 59.60
N SER E 158 28.58 -52.02 58.42
CA SER E 158 29.19 -52.41 57.16
C SER E 158 28.64 -51.48 56.07
N THR E 159 29.35 -50.37 55.83
CA THR E 159 28.96 -49.44 54.79
C THR E 159 29.62 -49.81 53.47
N ASN E 160 28.95 -49.48 52.37
CA ASN E 160 29.41 -49.78 51.02
C ASN E 160 29.56 -48.50 50.20
N GLY E 161 30.02 -47.43 50.84
CA GLY E 161 30.17 -46.16 50.16
C GLY E 161 28.91 -45.32 50.20
N GLU E 162 28.17 -45.29 49.10
CA GLU E 162 26.90 -44.57 49.07
C GLU E 162 25.89 -45.19 50.05
N ARG E 163 25.83 -46.51 50.09
CA ARG E 163 24.89 -47.19 50.98
C ARG E 163 25.41 -47.17 52.40
N LEU E 164 24.57 -46.73 53.33
CA LEU E 164 24.88 -46.74 54.75
C LEU E 164 23.95 -47.71 55.46
N GLU E 165 24.53 -48.68 56.15
CA GLU E 165 23.75 -49.69 56.85
C GLU E 165 24.60 -50.26 57.98
N LEU E 166 23.91 -50.88 58.94
CA LEU E 166 24.57 -51.45 60.11
C LEU E 166 24.04 -52.86 60.33
N THR E 167 24.90 -53.73 60.85
CA THR E 167 24.55 -55.13 61.07
C THR E 167 24.34 -55.39 62.57
N GLY E 168 23.30 -56.15 62.88
CA GLY E 168 22.98 -56.50 64.24
C GLY E 168 21.57 -56.98 64.41
N PRO E 169 21.38 -58.01 65.23
CA PRO E 169 20.03 -58.55 65.44
C PRO E 169 19.14 -57.58 66.20
N GLY E 170 17.84 -57.68 65.92
CA GLY E 170 16.86 -56.84 66.57
C GLY E 170 16.78 -55.46 65.96
N PRO E 171 15.70 -54.73 66.26
CA PRO E 171 15.57 -53.38 65.72
C PRO E 171 16.53 -52.41 66.39
N VAL E 172 17.12 -51.53 65.59
CA VAL E 172 18.03 -50.51 66.10
C VAL E 172 17.20 -49.40 66.73
N PRO E 173 17.76 -48.61 67.66
CA PRO E 173 17.00 -47.50 68.23
C PRO E 173 16.60 -46.48 67.17
N ALA E 174 15.48 -45.81 67.44
CA ALA E 174 14.99 -44.79 66.51
C ALA E 174 15.99 -43.66 66.35
N GLU E 175 16.62 -43.24 67.45
CA GLU E 175 17.67 -42.24 67.37
C GLU E 175 18.85 -42.73 66.54
N LEU E 176 19.14 -44.03 66.58
CA LEU E 176 20.21 -44.58 65.76
C LEU E 176 19.89 -44.45 64.28
N SER E 177 18.64 -44.75 63.88
CA SER E 177 18.26 -44.59 62.48
C SER E 177 18.23 -43.13 62.07
N ALA E 178 17.79 -42.25 62.98
CA ALA E 178 17.81 -40.82 62.69
C ALA E 178 19.23 -40.33 62.45
N ARG E 179 20.18 -40.78 63.29
CA ARG E 179 21.58 -40.42 63.07
C ARG E 179 22.11 -41.03 61.79
N LEU E 180 21.70 -42.25 61.45
CA LEU E 180 22.10 -42.87 60.19
C LEU E 180 21.69 -42.00 59.00
N GLU E 181 20.43 -41.59 58.97
CA GLU E 181 19.95 -40.73 57.88
C GLU E 181 20.61 -39.36 57.89
N GLU E 182 20.82 -38.76 59.05
CA GLU E 182 21.50 -37.47 59.11
C GLU E 182 22.92 -37.57 58.57
N VAL E 183 23.65 -38.62 58.94
CA VAL E 183 25.00 -38.82 58.44
C VAL E 183 24.98 -39.06 56.94
N THR E 184 24.01 -39.83 56.44
CA THR E 184 23.90 -40.05 55.01
C THR E 184 23.67 -38.75 54.26
N LEU E 185 22.74 -37.93 54.74
CA LEU E 185 22.47 -36.65 54.10
C LEU E 185 23.69 -35.75 54.11
N GLY E 186 24.38 -35.69 55.27
CA GLY E 186 25.58 -34.88 55.35
C GLY E 186 26.67 -35.36 54.43
N SER E 187 26.84 -36.69 54.32
CA SER E 187 27.88 -37.24 53.45
C SER E 187 27.59 -36.93 51.99
N LEU E 188 26.34 -37.11 51.55
CA LEU E 188 26.00 -36.77 50.18
C LEU E 188 26.13 -35.27 49.90
N ALA E 189 25.72 -34.42 50.85
CA ALA E 189 25.93 -32.99 50.66
C ALA E 189 27.40 -32.67 50.51
N ALA E 190 28.23 -33.08 51.48
CA ALA E 190 29.66 -32.81 51.42
C ALA E 190 30.26 -33.36 50.14
N SER E 191 29.74 -34.48 49.63
CA SER E 191 30.16 -34.96 48.32
C SER E 191 29.87 -33.91 47.25
N ALA E 192 28.65 -33.37 47.26
CA ALA E 192 28.28 -32.36 46.26
C ALA E 192 29.22 -31.16 46.31
N GLU E 193 29.46 -30.63 47.52
CA GLU E 193 30.42 -29.53 47.62
C GLU E 193 31.83 -29.95 47.27
N LEU E 194 32.19 -31.24 47.38
CA LEU E 194 33.54 -31.59 46.96
C LEU E 194 33.66 -31.60 45.44
N GLU E 195 32.62 -32.04 44.72
CA GLU E 195 32.70 -31.86 43.26
C GLU E 195 32.73 -30.38 42.91
N VAL E 196 31.94 -29.55 43.60
CA VAL E 196 31.94 -28.12 43.31
C VAL E 196 33.33 -27.53 43.54
N ALA E 197 33.97 -27.90 44.66
CA ALA E 197 35.28 -27.37 45.00
C ALA E 197 36.36 -27.86 44.05
N LEU E 198 36.31 -29.13 43.63
CA LEU E 198 37.30 -29.60 42.68
C LEU E 198 37.12 -28.94 41.32
N ARG E 199 35.88 -28.68 40.92
CA ARG E 199 35.64 -27.93 39.70
C ARG E 199 36.23 -26.53 39.79
N ARG E 200 36.02 -25.86 40.93
CA ARG E 200 36.58 -24.52 41.11
C ARG E 200 38.10 -24.54 41.10
N LEU E 201 38.70 -25.55 41.73
CA LEU E 201 40.16 -25.66 41.75
C LEU E 201 40.70 -25.92 40.35
N ARG E 202 40.02 -26.76 39.57
CA ARG E 202 40.42 -27.00 38.19
C ARG E 202 40.33 -25.72 37.37
N ARG E 203 39.27 -24.93 37.59
CA ARG E 203 39.16 -23.65 36.91
C ARG E 203 40.29 -22.71 37.30
N ASP E 204 40.65 -22.67 38.58
CA ASP E 204 41.74 -21.81 39.04
C ASP E 204 43.06 -22.22 38.41
N TRP E 205 43.34 -23.52 38.34
CA TRP E 205 44.60 -23.97 37.75
C TRP E 205 44.61 -23.76 36.25
N ALA E 206 43.46 -23.88 35.59
CA ALA E 206 43.37 -23.52 34.19
C ALA E 206 43.69 -22.04 34.00
N LEU E 207 43.15 -21.21 34.89
CA LEU E 207 43.46 -19.78 34.84
C LEU E 207 44.95 -19.53 34.97
N HIS E 208 45.60 -20.21 35.93
CA HIS E 208 47.04 -20.02 36.13
C HIS E 208 47.84 -20.48 34.92
N TYR E 209 47.60 -21.71 34.46
CA TYR E 209 48.38 -22.25 33.35
C TYR E 209 48.16 -21.46 32.08
N LEU E 210 46.93 -21.03 31.82
CA LEU E 210 46.66 -20.26 30.62
C LEU E 210 47.13 -18.82 30.74
N ASN E 211 47.23 -18.27 31.96
CA ASN E 211 47.94 -17.00 32.13
C ASN E 211 49.40 -17.17 31.73
N ASN E 212 50.02 -18.27 32.18
CA ASN E 212 51.40 -18.54 31.80
C ASN E 212 51.55 -18.68 30.29
N ARG E 213 50.62 -19.38 29.65
CA ARG E 213 50.70 -19.60 28.20
C ARG E 213 50.22 -18.42 27.39
N PHE E 214 49.55 -17.44 28.00
CA PHE E 214 48.94 -16.33 27.29
C PHE E 214 49.72 -15.03 27.45
N GLU E 215 50.50 -14.88 28.52
CA GLU E 215 51.30 -13.66 28.65
C GLU E 215 52.23 -13.43 27.48
N PRO E 216 52.96 -14.42 26.95
CA PRO E 216 53.65 -14.20 25.67
C PRO E 216 52.70 -13.83 24.55
N LEU E 217 51.51 -14.41 24.53
CA LEU E 217 50.50 -14.00 23.55
C LEU E 217 50.01 -12.60 23.82
N PHE E 218 49.89 -12.22 25.11
CA PHE E 218 49.46 -10.87 25.45
C PHE E 218 50.46 -9.83 24.95
N GLN E 219 51.76 -10.09 25.15
CA GLN E 219 52.76 -9.13 24.69
C GLN E 219 52.95 -9.18 23.18
N ARG E 220 52.71 -10.34 22.57
CA ARG E 220 52.87 -10.44 21.12
C ARG E 220 51.78 -9.68 20.38
N PHE E 221 50.57 -9.61 20.94
CA PHE E 221 49.45 -8.93 20.31
C PHE E 221 48.85 -7.98 21.34
N PRO E 222 49.46 -6.81 21.54
CA PRO E 222 49.04 -5.93 22.64
C PRO E 222 47.60 -5.48 22.57
N GLN E 223 47.06 -5.22 21.38
CA GLN E 223 45.71 -4.72 21.24
C GLN E 223 44.68 -5.82 21.05
N ALA E 224 45.09 -7.08 21.05
CA ALA E 224 44.17 -8.21 21.05
C ALA E 224 43.88 -8.71 22.45
N ARG E 225 43.99 -7.83 23.46
CA ARG E 225 43.89 -8.26 24.85
C ARG E 225 42.51 -8.86 25.14
N ALA E 226 41.46 -8.22 24.64
CA ALA E 226 40.11 -8.66 24.95
C ALA E 226 39.84 -10.06 24.43
N TYR E 227 40.22 -10.33 23.17
CA TYR E 227 39.96 -11.64 22.60
C TYR E 227 40.75 -12.73 23.32
N LEU E 228 42.02 -12.44 23.64
CA LEU E 228 42.83 -13.42 24.33
C LEU E 228 42.30 -13.71 25.73
N GLU E 229 41.91 -12.67 26.47
CA GLU E 229 41.36 -12.92 27.81
C GLU E 229 40.03 -13.65 27.73
N ALA E 230 39.21 -13.37 26.70
CA ALA E 230 37.98 -14.10 26.52
C ALA E 230 38.25 -15.58 26.22
N LEU E 231 39.24 -15.85 25.38
CA LEU E 231 39.62 -17.24 25.10
C LEU E 231 40.12 -17.93 26.35
N ARG E 232 40.91 -17.23 27.17
CA ARG E 232 41.38 -17.80 28.42
C ARG E 232 40.22 -18.11 29.36
N ALA E 233 39.24 -17.22 29.45
CA ALA E 233 38.06 -17.48 30.27
C ALA E 233 37.28 -18.68 29.73
N ARG E 234 37.17 -18.79 28.40
CA ARG E 234 36.49 -19.94 27.81
C ARG E 234 37.22 -21.24 28.12
N LEU E 235 38.55 -21.22 28.08
CA LEU E 235 39.31 -22.41 28.45
C LEU E 235 39.14 -22.75 29.92
N ALA E 236 39.06 -21.73 30.78
CA ALA E 236 38.78 -21.97 32.19
C ALA E 236 37.42 -22.61 32.38
N ARG E 237 36.41 -22.15 31.62
CA ARG E 237 35.10 -22.78 31.67
C ARG E 237 35.15 -24.21 31.17
N TYR E 238 35.90 -24.46 30.10
CA TYR E 238 36.14 -25.82 29.63
C TYR E 238 36.70 -26.69 30.74
N ALA E 239 37.67 -26.17 31.50
CA ALA E 239 38.28 -26.95 32.56
C ALA E 239 37.29 -27.22 33.69
N GLU E 240 36.57 -26.19 34.14
CA GLU E 240 35.73 -26.34 35.31
C GLU E 240 34.50 -27.19 35.02
N THR E 241 33.90 -27.02 33.85
CA THR E 241 32.62 -27.65 33.55
C THR E 241 32.74 -28.84 32.62
N GLY E 242 33.80 -28.92 31.82
CA GLY E 242 33.84 -29.90 30.75
C GLY E 242 33.03 -29.51 29.55
N GLU E 243 32.62 -28.26 29.45
CA GLU E 243 31.84 -27.76 28.33
C GLU E 243 32.63 -27.92 27.03
N PRO E 244 32.04 -28.53 26.00
CA PRO E 244 32.78 -28.74 24.75
C PRO E 244 33.18 -27.41 24.11
N LEU E 245 34.34 -27.41 23.48
CA LEU E 245 34.89 -26.22 22.85
C LEU E 245 35.13 -26.52 21.37
N ASP E 246 34.68 -25.62 20.50
CA ASP E 246 34.84 -25.81 19.08
C ASP E 246 35.75 -24.74 18.49
N PRO E 247 36.72 -25.12 17.66
CA PRO E 247 37.60 -24.14 17.03
C PRO E 247 36.87 -23.28 16.02
N ALA E 248 35.84 -23.85 15.39
CA ALA E 248 35.09 -23.12 14.38
C ALA E 248 34.38 -21.90 14.94
N GLN E 249 34.15 -21.86 16.25
CA GLN E 249 33.52 -20.73 16.91
C GLN E 249 34.52 -19.84 17.62
N TRP E 250 35.80 -20.20 17.63
CA TRP E 250 36.83 -19.43 18.32
C TRP E 250 38.05 -19.19 17.41
N ARG E 251 37.85 -19.25 16.11
CA ARG E 251 38.90 -18.94 15.13
C ARG E 251 38.59 -17.59 14.52
N PRO E 252 39.46 -16.59 14.67
CA PRO E 252 39.19 -15.27 14.09
C PRO E 252 39.01 -15.36 12.58
N ASN E 253 38.06 -14.59 12.07
CA ASN E 253 37.69 -14.64 10.66
C ASN E 253 38.45 -13.55 9.91
N LEU E 254 39.20 -13.95 8.89
CA LEU E 254 40.02 -13.02 8.12
C LEU E 254 39.12 -12.15 7.26
N LEU E 255 39.04 -10.86 7.58
CA LEU E 255 38.22 -9.94 6.79
C LEU E 255 38.98 -9.43 5.58
N THR E 256 40.07 -8.71 5.81
CA THR E 256 40.82 -8.08 4.73
C THR E 256 42.29 -8.07 5.09
N SER E 257 43.14 -8.44 4.14
CA SER E 257 44.58 -8.43 4.35
C SER E 257 45.14 -7.06 3.95
N SER E 258 46.46 -6.94 3.92
CA SER E 258 47.09 -5.68 3.59
C SER E 258 46.88 -5.35 2.10
N SER E 259 46.77 -4.05 1.83
CA SER E 259 46.72 -3.53 0.47
C SER E 259 48.02 -2.85 0.08
N SER E 260 49.10 -3.13 0.80
CA SER E 260 50.43 -2.54 0.59
C SER E 260 50.44 -1.03 0.75
N GLY E 261 49.39 -0.45 1.31
CA GLY E 261 49.35 0.99 1.53
C GLY E 261 49.04 1.80 0.29
N THR E 262 49.82 1.60 -0.78
CA THR E 262 49.64 2.34 -2.03
C THR E 262 49.38 1.33 -3.13
N PRO E 263 48.25 1.41 -3.85
CA PRO E 263 47.20 2.43 -3.66
C PRO E 263 46.35 2.17 -2.43
N PRO E 264 45.70 3.21 -1.91
CA PRO E 264 44.82 3.00 -0.76
C PRO E 264 43.70 2.06 -1.11
N PRO E 265 43.22 1.29 -0.13
CA PRO E 265 42.13 0.35 -0.43
C PRO E 265 40.85 1.07 -0.78
N ILE E 266 40.47 1.04 -2.04
CA ILE E 266 39.26 1.67 -2.54
C ILE E 266 38.27 0.59 -2.91
N VAL E 267 37.06 0.71 -2.38
CA VAL E 267 35.99 -0.22 -2.76
C VAL E 267 34.76 0.57 -3.19
N TYR E 268 34.50 0.58 -4.49
CA TYR E 268 33.29 1.19 -5.03
C TYR E 268 32.19 0.13 -5.01
N GLU E 269 31.05 0.48 -4.42
CA GLU E 269 29.92 -0.43 -4.29
C GLU E 269 28.70 0.25 -4.89
N PRO E 270 28.49 0.15 -6.20
CA PRO E 270 27.32 0.77 -6.81
C PRO E 270 26.01 0.16 -6.34
N TYR E 271 26.01 -1.08 -5.87
CA TYR E 271 24.83 -1.71 -5.32
C TYR E 271 24.86 -1.55 -3.80
N ALA E 272 24.60 -0.32 -3.36
CA ALA E 272 24.63 0.00 -1.95
C ALA E 272 23.43 -0.63 -1.24
N THR E 273 23.61 -1.83 -0.72
CA THR E 273 22.56 -2.52 0.02
C THR E 273 23.17 -3.09 1.29
N ALA E 274 22.33 -3.27 2.30
CA ALA E 274 22.81 -3.71 3.62
C ALA E 274 23.63 -4.98 3.58
N PRO E 275 23.22 -6.07 2.91
CA PRO E 275 24.06 -7.27 2.89
C PRO E 275 25.42 -7.04 2.26
N ARG E 276 25.51 -6.18 1.25
CA ARG E 276 26.79 -5.92 0.60
C ARG E 276 27.55 -4.79 1.27
N LEU E 277 26.86 -3.87 1.94
CA LEU E 277 27.55 -2.80 2.65
C LEU E 277 28.14 -3.30 3.95
N PHE E 278 27.30 -3.81 4.85
CA PHE E 278 27.74 -4.20 6.18
C PHE E 278 28.13 -5.67 6.28
N GLY E 279 28.13 -6.39 5.17
CA GLY E 279 28.48 -7.80 5.18
C GLY E 279 27.29 -8.69 5.49
N ARG E 280 27.54 -9.99 5.41
CA ARG E 280 26.51 -10.99 5.66
C ARG E 280 27.00 -12.01 6.65
N LEU E 281 26.06 -12.52 7.44
CA LEU E 281 26.32 -13.60 8.39
C LEU E 281 25.71 -14.87 7.81
N ASP E 282 26.56 -15.84 7.50
CA ASP E 282 26.10 -17.09 6.91
C ASP E 282 25.54 -18.01 7.97
N TYR E 283 24.94 -19.11 7.52
CA TYR E 283 24.26 -20.06 8.39
C TYR E 283 24.38 -21.45 7.80
N LEU E 284 25.37 -22.22 8.29
CA LEU E 284 25.53 -23.60 7.87
C LEU E 284 24.64 -24.47 8.74
N VAL E 285 23.79 -25.28 8.09
CA VAL E 285 22.83 -26.12 8.80
C VAL E 285 23.49 -27.47 9.02
N ASP E 286 24.30 -27.57 10.07
CA ASP E 286 24.93 -28.83 10.43
C ASP E 286 24.06 -29.60 11.41
N ARG E 287 23.92 -30.91 11.16
CA ARG E 287 23.12 -31.80 12.00
C ARG E 287 21.66 -31.36 12.07
N GLY E 288 21.25 -30.44 11.19
CA GLY E 288 19.89 -29.94 11.17
C GLY E 288 19.66 -28.64 11.89
N VAL E 289 20.66 -28.11 12.59
CA VAL E 289 20.54 -26.84 13.31
C VAL E 289 21.25 -25.76 12.51
N TRP E 290 20.61 -24.59 12.41
CA TRP E 290 21.24 -23.45 11.75
C TRP E 290 22.31 -22.88 12.68
N SER E 291 23.38 -23.63 12.91
CA SER E 291 24.42 -23.25 13.85
C SER E 291 25.40 -22.32 13.16
N THR E 292 25.57 -21.13 13.70
CA THR E 292 26.48 -20.14 13.19
C THR E 292 27.65 -19.96 14.17
N ASN E 293 28.66 -19.23 13.71
CA ASN E 293 29.84 -18.98 14.52
C ASN E 293 30.52 -17.73 14.00
N VAL E 294 31.69 -17.40 14.55
CA VAL E 294 32.44 -16.25 14.09
C VAL E 294 33.01 -16.47 12.69
N SER E 295 33.08 -17.73 12.24
CA SER E 295 33.69 -18.04 10.95
C SER E 295 32.75 -17.86 9.77
N LEU E 296 31.47 -17.53 10.01
CA LEU E 296 30.50 -17.40 8.93
C LEU E 296 30.06 -15.96 8.71
N ILE E 297 30.91 -14.99 9.05
CA ILE E 297 30.65 -13.59 8.75
C ILE E 297 31.50 -13.20 7.56
N ARG E 298 30.85 -12.65 6.53
CA ARG E 298 31.54 -12.27 5.32
C ARG E 298 31.67 -10.75 5.25
N PRO E 299 32.84 -10.21 4.95
CA PRO E 299 33.00 -8.75 4.98
C PRO E 299 32.14 -8.07 3.93
N GLY E 300 31.67 -6.88 4.26
CA GLY E 300 30.98 -6.02 3.32
C GLY E 300 31.91 -4.96 2.75
N ALA E 301 31.31 -4.00 2.06
CA ALA E 301 32.09 -2.89 1.52
C ALA E 301 32.76 -2.09 2.62
N VAL E 302 32.03 -1.87 3.73
CA VAL E 302 32.57 -1.11 4.85
C VAL E 302 33.79 -1.80 5.44
N HIS E 303 33.74 -3.12 5.57
CA HIS E 303 34.85 -3.85 6.20
C HIS E 303 36.13 -3.78 5.38
N ARG E 304 36.05 -3.85 4.05
CA ARG E 304 37.22 -3.75 3.21
C ARG E 304 37.54 -2.32 2.80
N ALA E 305 36.73 -1.36 3.23
CA ALA E 305 37.04 0.05 3.05
C ALA E 305 37.90 0.62 4.17
N GLN E 306 38.21 -0.18 5.19
CA GLN E 306 38.94 0.33 6.35
C GLN E 306 40.33 0.80 5.95
N GLY E 307 40.71 1.98 6.43
CA GLY E 307 41.97 2.59 6.06
C GLY E 307 41.98 3.26 4.72
N GLY E 308 40.92 3.12 3.93
CA GLY E 308 40.88 3.70 2.60
C GLY E 308 39.64 4.52 2.37
N TYR E 309 38.96 4.28 1.25
CA TYR E 309 37.80 5.05 0.86
C TYR E 309 36.69 4.12 0.40
N LEU E 310 35.46 4.48 0.70
CA LEU E 310 34.28 3.73 0.30
C LEU E 310 33.44 4.62 -0.61
N ILE E 311 33.41 4.28 -1.89
CA ILE E 311 32.67 5.06 -2.87
C ILE E 311 31.26 4.48 -2.98
N LEU E 312 30.26 5.32 -2.80
CA LEU E 312 28.87 4.92 -2.87
C LEU E 312 28.08 5.91 -3.70
N ASP E 313 26.95 5.44 -4.24
CA ASP E 313 26.07 6.27 -5.03
C ASP E 313 24.88 6.70 -4.18
N ALA E 314 24.54 7.99 -4.23
CA ALA E 314 23.43 8.50 -3.44
C ALA E 314 22.12 7.82 -3.82
N LEU E 315 21.91 7.60 -5.11
CA LEU E 315 20.71 6.90 -5.55
C LEU E 315 20.66 5.47 -5.02
N SER E 316 21.82 4.79 -4.97
CA SER E 316 21.85 3.44 -4.44
C SER E 316 21.59 3.39 -2.95
N LEU E 317 21.68 4.52 -2.25
CA LEU E 317 21.32 4.58 -0.84
C LEU E 317 19.86 4.96 -0.66
N LYS E 318 19.37 5.92 -1.45
CA LYS E 318 17.96 6.29 -1.38
C LYS E 318 17.04 5.16 -1.81
N ARG E 319 17.39 4.45 -2.88
CA ARG E 319 16.53 3.42 -3.47
C ARG E 319 16.52 2.14 -2.65
N GLU E 320 17.67 1.70 -2.16
CA GLU E 320 17.75 0.48 -1.35
C GLU E 320 17.37 0.73 0.10
N GLY E 321 17.12 1.97 0.48
CA GLY E 321 16.63 2.28 1.81
C GLY E 321 17.63 2.00 2.91
N THR E 322 18.89 1.78 2.55
CA THR E 322 19.94 1.51 3.52
C THR E 322 20.64 2.77 3.99
N TRP E 323 20.07 3.95 3.71
CA TRP E 323 20.69 5.19 4.13
C TRP E 323 20.70 5.33 5.64
N GLU E 324 19.59 4.98 6.30
CA GLU E 324 19.53 5.10 7.76
C GLU E 324 20.52 4.17 8.43
N ALA E 325 20.57 2.91 7.98
CA ALA E 325 21.53 1.97 8.55
C ALA E 325 22.95 2.44 8.29
N PHE E 326 23.21 2.97 7.09
CA PHE E 326 24.55 3.45 6.78
C PHE E 326 24.94 4.61 7.68
N LYS E 327 24.03 5.56 7.90
CA LYS E 327 24.39 6.71 8.71
C LYS E 327 24.48 6.36 10.18
N ARG E 328 23.74 5.36 10.65
CA ARG E 328 23.94 4.89 12.02
C ARG E 328 25.20 4.05 12.16
N ALA E 329 25.68 3.46 11.06
CA ALA E 329 26.99 2.81 11.09
C ALA E 329 28.11 3.84 11.07
N LEU E 330 27.87 4.99 10.45
CA LEU E 330 28.87 6.05 10.41
C LEU E 330 28.95 6.78 11.75
N ARG E 331 27.81 7.29 12.22
CA ARG E 331 27.80 8.09 13.45
C ARG E 331 28.16 7.24 14.66
N ASN E 332 27.50 6.10 14.83
CA ASN E 332 27.62 5.29 16.03
C ASN E 332 28.57 4.11 15.86
N GLY E 333 29.20 3.98 14.70
CA GLY E 333 30.05 2.83 14.45
C GLY E 333 29.31 1.51 14.51
N GLN E 334 28.04 1.51 14.10
CA GLN E 334 27.18 0.34 14.23
C GLN E 334 27.09 -0.38 12.90
N VAL E 335 28.10 -1.21 12.61
CA VAL E 335 28.11 -2.05 11.43
C VAL E 335 27.71 -3.45 11.87
N GLU E 336 26.60 -3.95 11.34
CA GLU E 336 26.08 -5.25 11.73
C GLU E 336 25.92 -6.13 10.49
N PRO E 337 26.54 -7.30 10.45
CA PRO E 337 26.25 -8.24 9.36
C PRO E 337 24.79 -8.66 9.37
N VAL E 338 24.08 -8.41 8.28
CA VAL E 338 22.64 -8.66 8.26
C VAL E 338 22.38 -10.16 8.23
N THR E 339 21.25 -10.55 8.82
CA THR E 339 20.82 -11.94 8.85
C THR E 339 19.36 -12.01 8.42
N GLU E 340 18.99 -13.14 7.83
CA GLU E 340 17.60 -13.35 7.44
C GLU E 340 16.73 -13.45 8.69
N PRO E 341 15.46 -13.04 8.59
CA PRO E 341 14.58 -13.09 9.77
C PRO E 341 14.36 -14.50 10.30
N GLN E 342 14.56 -15.52 9.46
CA GLN E 342 14.40 -16.90 9.90
C GLN E 342 15.51 -17.34 10.86
N ALA E 343 16.56 -16.54 11.00
CA ALA E 343 17.74 -16.95 11.76
C ALA E 343 17.35 -17.31 13.19
N PRO E 344 17.79 -18.45 13.71
CA PRO E 344 17.44 -18.84 15.08
C PRO E 344 18.17 -18.02 16.12
N ALA E 345 19.36 -17.54 15.77
CA ALA E 345 20.18 -16.73 16.65
C ALA E 345 21.02 -15.79 15.81
N GLY E 346 21.73 -14.89 16.47
CA GLY E 346 22.57 -13.94 15.78
C GLY E 346 23.79 -13.52 16.58
N LEU E 347 24.95 -13.49 15.92
CA LEU E 347 26.16 -13.05 16.58
C LEU E 347 26.02 -11.59 17.00
N GLU E 348 26.35 -11.30 18.25
CA GLU E 348 26.25 -9.93 18.76
C GLU E 348 27.55 -9.20 18.44
N VAL E 349 27.49 -8.40 17.38
CA VAL E 349 28.65 -7.63 16.94
C VAL E 349 28.77 -6.35 17.76
N GLU E 350 29.93 -6.14 18.36
CA GLU E 350 30.18 -4.86 19.02
C GLU E 350 30.25 -3.73 17.99
N PRO E 351 29.81 -2.54 18.39
CA PRO E 351 30.04 -1.36 17.55
C PRO E 351 31.52 -1.21 17.24
N PHE E 352 31.83 -0.93 15.98
CA PHE E 352 33.20 -0.87 15.52
C PHE E 352 33.54 0.54 15.04
N PRO E 353 34.63 1.14 15.54
CA PRO E 353 35.02 2.46 15.04
C PRO E 353 35.30 2.42 13.55
N ILE E 354 34.89 3.48 12.86
CA ILE E 354 34.95 3.55 11.40
C ILE E 354 36.18 4.36 11.02
N GLN E 355 37.08 3.73 10.27
CA GLN E 355 38.31 4.38 9.81
C GLN E 355 38.25 4.79 8.35
N MET E 356 37.23 4.34 7.61
CA MET E 356 37.11 4.65 6.20
C MET E 356 36.62 6.08 5.99
N GLN E 357 36.84 6.59 4.79
CA GLN E 357 36.31 7.89 4.37
C GLN E 357 35.37 7.64 3.20
N VAL E 358 34.08 7.69 3.46
CA VAL E 358 33.08 7.43 2.43
C VAL E 358 32.93 8.68 1.58
N ILE E 359 32.85 8.47 0.26
CA ILE E 359 32.72 9.56 -0.71
C ILE E 359 31.51 9.24 -1.56
N LEU E 360 30.37 9.84 -1.22
CA LEU E 360 29.17 9.64 -2.01
C LEU E 360 29.30 10.32 -3.36
N VAL E 361 28.69 9.71 -4.37
CA VAL E 361 28.64 10.26 -5.71
C VAL E 361 27.19 10.26 -6.17
N GLY E 362 26.75 11.34 -6.80
CA GLY E 362 25.40 11.38 -7.30
C GLY E 362 25.10 12.72 -7.93
N THR E 363 23.96 12.76 -8.61
CA THR E 363 23.48 13.98 -9.23
C THR E 363 22.95 14.93 -8.18
N PRO E 364 22.82 16.23 -8.49
CA PRO E 364 22.20 17.15 -7.54
C PRO E 364 20.81 16.72 -7.11
N GLU E 365 20.04 16.12 -8.02
CA GLU E 365 18.73 15.61 -7.66
C GLU E 365 18.85 14.39 -6.74
N ALA E 366 19.90 13.58 -6.92
CA ALA E 366 20.09 12.42 -6.06
C ALA E 366 20.53 12.79 -4.66
N PHE E 367 20.91 14.04 -4.42
CA PHE E 367 21.33 14.50 -3.11
C PHE E 367 20.37 15.47 -2.46
N GLU E 368 19.62 16.26 -3.25
CA GLU E 368 18.63 17.14 -2.66
C GLU E 368 17.54 16.37 -1.94
N GLY E 369 17.27 15.13 -2.36
CA GLY E 369 16.40 14.25 -1.61
C GLY E 369 17.07 13.57 -0.44
N LEU E 370 18.36 13.83 -0.26
CA LEU E 370 19.11 13.28 0.86
C LEU E 370 19.73 14.38 1.72
N GLU E 371 19.71 15.63 1.26
CA GLU E 371 20.19 16.77 2.04
C GLU E 371 19.22 17.18 3.14
N GLU E 372 17.97 16.72 3.08
CA GLU E 372 16.98 17.09 4.08
C GLU E 372 17.22 16.43 5.43
N ASP E 373 18.14 15.47 5.49
CA ASP E 373 18.48 14.81 6.74
C ASP E 373 19.66 15.54 7.38
N PRO E 374 19.49 16.13 8.56
CA PRO E 374 20.61 16.84 9.19
C PRO E 374 21.79 15.93 9.48
N ALA E 375 21.52 14.63 9.64
CA ALA E 375 22.61 13.68 9.81
C ALA E 375 23.52 13.63 8.59
N PHE E 376 22.94 13.78 7.40
CA PHE E 376 23.77 13.85 6.18
C PHE E 376 24.63 15.11 6.20
N SER E 377 24.02 16.27 6.48
CA SER E 377 24.77 17.51 6.47
C SER E 377 25.84 17.55 7.56
N GLU E 378 25.66 16.80 8.64
CA GLU E 378 26.68 16.75 9.68
C GLU E 378 27.73 15.68 9.42
N LEU E 379 27.39 14.64 8.65
CA LEU E 379 28.37 13.61 8.35
C LEU E 379 29.21 13.96 7.13
N PHE E 380 28.59 14.58 6.13
CA PHE E 380 29.26 14.91 4.87
C PHE E 380 29.39 16.42 4.79
N ARG E 381 30.55 16.94 5.18
CA ARG E 381 30.80 18.37 5.22
C ARG E 381 31.37 18.90 3.92
N ILE E 382 32.11 18.09 3.18
CA ILE E 382 32.81 18.53 1.97
C ILE E 382 31.92 18.25 0.77
N ARG E 383 31.61 19.30 0.02
CA ARG E 383 30.78 19.19 -1.18
C ARG E 383 31.66 19.41 -2.40
N ALA E 384 31.85 18.36 -3.18
CA ALA E 384 32.66 18.42 -4.40
C ALA E 384 31.72 18.53 -5.58
N GLU E 385 31.55 19.74 -6.11
CA GLU E 385 30.65 20.00 -7.22
C GLU E 385 31.43 20.00 -8.53
N PHE E 386 30.93 19.24 -9.50
CA PHE E 386 31.49 19.24 -10.85
C PHE E 386 30.74 20.26 -11.69
N SER E 387 31.47 21.18 -12.29
CA SER E 387 30.84 22.14 -13.18
C SER E 387 30.27 21.42 -14.39
N PRO E 388 29.03 21.70 -14.78
CA PRO E 388 28.48 21.08 -15.99
C PRO E 388 29.26 21.45 -17.24
N THR E 389 29.83 22.65 -17.30
CA THR E 389 30.57 23.11 -18.47
C THR E 389 31.94 23.64 -18.03
N LEU E 390 32.97 23.23 -18.78
CA LEU E 390 34.31 23.79 -18.66
C LEU E 390 34.47 24.96 -19.61
N PRO E 391 35.39 25.89 -19.33
CA PRO E 391 35.63 26.98 -20.28
C PRO E 391 36.20 26.45 -21.58
N ALA E 392 35.85 27.11 -22.67
CA ALA E 392 36.37 26.75 -23.99
C ALA E 392 37.72 27.43 -24.19
N SER E 393 38.80 26.70 -23.93
CA SER E 393 40.13 27.22 -24.05
C SER E 393 40.99 26.20 -24.78
N PRO E 394 42.04 26.63 -25.48
CA PRO E 394 42.93 25.64 -26.12
C PRO E 394 43.53 24.67 -25.13
N GLU E 395 43.78 25.09 -23.89
CA GLU E 395 44.23 24.17 -22.87
C GLU E 395 43.17 23.12 -22.57
N ASN E 396 41.90 23.53 -22.52
CA ASN E 396 40.82 22.57 -22.29
C ASN E 396 40.70 21.60 -23.46
N CYS E 397 40.84 22.08 -24.69
CA CYS E 397 40.79 21.20 -25.85
C CYS E 397 41.94 20.20 -25.82
N THR E 398 43.14 20.67 -25.46
CA THR E 398 44.29 19.78 -25.36
C THR E 398 44.07 18.74 -24.27
N ALA E 399 43.50 19.15 -23.13
CA ALA E 399 43.21 18.21 -22.07
C ALA E 399 42.19 17.18 -22.50
N LEU E 400 41.16 17.61 -23.23
CA LEU E 400 40.17 16.67 -23.76
C LEU E 400 40.81 15.68 -24.72
N GLY E 401 41.69 16.17 -25.59
CA GLY E 401 42.38 15.28 -26.50
C GLY E 401 43.26 14.28 -25.78
N GLY E 402 43.97 14.73 -24.76
CA GLY E 402 44.79 13.82 -23.97
C GLY E 402 43.94 12.78 -23.26
N TRP E 403 42.79 13.20 -22.74
CA TRP E 403 41.90 12.26 -22.08
C TRP E 403 41.39 11.21 -23.05
N LEU E 404 41.02 11.64 -24.26
CA LEU E 404 40.54 10.71 -25.27
C LEU E 404 41.64 9.74 -25.67
N LEU E 405 42.87 10.25 -25.84
CA LEU E 405 43.99 9.37 -26.17
C LEU E 405 44.27 8.38 -25.05
N ALA E 406 44.05 8.79 -23.79
CA ALA E 406 44.23 7.88 -22.69
C ALA E 406 43.23 6.74 -22.72
N GLN E 407 42.02 6.99 -23.22
CA GLN E 407 41.01 5.94 -23.31
C GLN E 407 41.42 4.83 -24.29
N GLY E 408 42.22 5.15 -25.30
CA GLY E 408 42.61 4.17 -26.30
C GLY E 408 42.20 4.58 -27.69
N PHE E 409 41.66 5.79 -27.83
CA PHE E 409 41.23 6.29 -29.13
C PHE E 409 42.45 6.71 -29.95
N GLN E 410 42.18 7.09 -31.20
CA GLN E 410 43.21 7.60 -32.11
C GLN E 410 42.66 8.88 -32.74
N LEU E 411 43.08 10.02 -32.23
CA LEU E 411 42.59 11.31 -32.68
C LEU E 411 43.51 11.90 -33.73
N THR E 412 42.93 12.39 -34.81
CA THR E 412 43.62 13.34 -35.65
C THR E 412 43.37 14.75 -35.13
N GLN E 413 44.16 15.70 -35.60
CA GLN E 413 43.98 17.08 -35.17
C GLN E 413 42.60 17.59 -35.55
N GLY E 414 42.17 17.32 -36.78
CA GLY E 414 40.83 17.69 -37.18
C GLY E 414 39.75 16.95 -36.42
N GLY E 415 39.97 15.67 -36.13
CA GLY E 415 39.00 14.92 -35.34
C GLY E 415 38.87 15.46 -33.93
N LEU E 416 39.99 15.78 -33.30
CA LEU E 416 39.93 16.41 -31.98
C LEU E 416 39.25 17.75 -32.04
N THR E 417 39.52 18.54 -33.09
CA THR E 417 38.87 19.83 -33.24
C THR E 417 37.36 19.67 -33.37
N ARG E 418 36.91 18.71 -34.17
CA ARG E 418 35.48 18.49 -34.34
C ARG E 418 34.84 18.00 -33.06
N LEU E 419 35.52 17.10 -32.34
CA LEU E 419 34.98 16.63 -31.06
C LEU E 419 34.87 17.76 -30.06
N TYR E 420 35.88 18.64 -30.01
CA TYR E 420 35.83 19.77 -29.09
C TYR E 420 34.74 20.75 -29.48
N ASP E 421 34.54 20.97 -30.78
CA ASP E 421 33.42 21.81 -31.21
C ASP E 421 32.08 21.20 -30.84
N GLU E 422 31.94 19.88 -30.99
CA GLU E 422 30.71 19.23 -30.58
C GLU E 422 30.49 19.34 -29.08
N ALA E 423 31.56 19.24 -28.31
CA ALA E 423 31.45 19.43 -26.87
C ALA E 423 30.98 20.84 -26.54
N ARG E 424 31.51 21.84 -27.26
CA ARG E 424 31.03 23.20 -27.08
C ARG E 424 29.55 23.33 -27.45
N ARG E 425 29.14 22.64 -28.51
CA ARG E 425 27.74 22.69 -28.93
C ARG E 425 26.84 22.04 -27.90
N MET E 426 27.29 20.96 -27.27
CA MET E 426 26.50 20.30 -26.23
C MET E 426 26.21 21.26 -25.09
N ALA E 427 27.20 22.04 -24.69
CA ALA E 427 27.02 23.06 -23.66
C ALA E 427 26.20 24.24 -24.15
N GLU E 428 25.90 24.32 -25.44
CA GLU E 428 25.14 25.41 -26.04
C GLU E 428 25.79 26.76 -25.80
N GLN E 429 27.12 26.79 -25.69
CA GLN E 429 27.86 28.02 -25.45
C GLN E 429 29.06 28.04 -26.38
N ARG E 430 29.36 29.23 -26.92
CA ARG E 430 30.53 29.38 -27.76
C ARG E 430 31.82 29.47 -26.95
N ASP E 431 31.73 29.78 -25.66
CA ASP E 431 32.89 29.92 -24.81
C ASP E 431 32.97 28.89 -23.70
N ARG E 432 32.06 27.92 -23.68
CA ARG E 432 32.10 26.83 -22.71
C ARG E 432 31.95 25.52 -23.45
N MET E 433 32.65 24.50 -22.96
CA MET E 433 32.59 23.17 -23.55
C MET E 433 32.05 22.19 -22.52
N ASP E 434 31.16 21.31 -22.98
CA ASP E 434 30.44 20.42 -22.07
C ASP E 434 31.41 19.50 -21.34
N ALA E 435 31.23 19.40 -20.02
CA ALA E 435 32.13 18.63 -19.17
C ALA E 435 31.75 17.16 -19.10
N ARG E 436 30.62 16.76 -19.67
CA ARG E 436 30.25 15.35 -19.62
C ARG E 436 31.19 14.55 -20.51
N LEU E 437 32.27 14.04 -19.92
CA LEU E 437 33.28 13.37 -20.70
C LEU E 437 32.81 12.04 -21.26
N VAL E 438 31.86 11.38 -20.61
CA VAL E 438 31.41 10.09 -21.14
C VAL E 438 30.49 10.29 -22.35
N GLU E 439 29.77 11.41 -22.43
CA GLU E 439 29.03 11.72 -23.64
C GLU E 439 29.97 11.88 -24.83
N ILE E 440 31.06 12.62 -24.63
CA ILE E 440 32.06 12.78 -25.67
C ILE E 440 32.73 11.46 -25.98
N ARG E 441 32.93 10.61 -24.96
CA ARG E 441 33.52 9.30 -25.20
C ARG E 441 32.60 8.43 -26.03
N ALA E 442 31.29 8.49 -25.77
CA ALA E 442 30.33 7.72 -26.57
C ALA E 442 30.33 8.21 -28.02
N LEU E 443 30.34 9.53 -28.21
CA LEU E 443 30.43 10.06 -29.57
C LEU E 443 31.74 9.64 -30.23
N ALA E 444 32.83 9.59 -29.47
CA ALA E 444 34.11 9.13 -30.00
C ALA E 444 34.04 7.67 -30.41
N GLU E 445 33.38 6.83 -29.62
CA GLU E 445 33.24 5.43 -30.00
C GLU E 445 32.43 5.28 -31.28
N GLU E 446 31.34 6.06 -31.38
CA GLU E 446 30.53 6.02 -32.60
C GLU E 446 31.35 6.45 -33.80
N ALA E 447 32.11 7.54 -33.66
CA ALA E 447 32.93 8.01 -34.77
C ALA E 447 34.05 7.04 -35.10
N ALA E 448 34.59 6.35 -34.10
CA ALA E 448 35.64 5.38 -34.35
C ALA E 448 35.12 4.19 -35.14
N VAL E 449 33.94 3.67 -34.78
CA VAL E 449 33.39 2.57 -35.55
C VAL E 449 32.87 3.03 -36.91
N LEU E 450 32.57 4.33 -37.06
CA LEU E 450 32.23 4.86 -38.37
C LEU E 450 33.45 5.23 -39.21
N GLY E 451 34.63 5.26 -38.61
CA GLY E 451 35.83 5.63 -39.34
C GLY E 451 36.89 4.55 -39.33
N GLY E 452 36.53 3.37 -38.88
CA GLY E 452 37.44 2.23 -38.87
C GLY E 452 38.39 2.18 -37.70
N GLY E 453 38.33 3.13 -36.79
CA GLY E 453 39.21 3.12 -35.63
C GLY E 453 39.96 4.42 -35.45
N LEU E 454 39.89 5.30 -36.45
CA LEU E 454 40.55 6.59 -36.41
C LEU E 454 39.52 7.70 -36.32
N LEU E 455 39.67 8.59 -35.35
CA LEU E 455 38.72 9.67 -35.13
C LEU E 455 39.08 10.85 -36.02
N THR E 456 38.70 10.73 -37.29
CA THR E 456 38.88 11.81 -38.24
C THR E 456 37.74 12.81 -38.11
N ALA E 457 38.01 14.06 -38.50
CA ALA E 457 36.96 15.08 -38.50
C ALA E 457 35.77 14.64 -39.32
N GLU E 458 36.03 14.01 -40.48
CA GLU E 458 34.94 13.44 -41.27
C GLU E 458 34.24 12.33 -40.51
N SER E 459 35.00 11.50 -39.79
CA SER E 459 34.39 10.44 -39.00
C SER E 459 33.51 11.00 -37.89
N VAL E 460 33.95 12.06 -37.22
CA VAL E 460 33.15 12.66 -36.17
C VAL E 460 31.89 13.30 -36.75
N GLU E 461 32.02 13.97 -37.89
CA GLU E 461 30.83 14.52 -38.54
C GLU E 461 29.87 13.43 -38.94
N GLN E 462 30.39 12.30 -39.43
CA GLN E 462 29.55 11.16 -39.76
C GLN E 462 28.82 10.64 -38.54
N ALA E 463 29.52 10.54 -37.41
CA ALA E 463 28.87 10.07 -36.19
C ALA E 463 27.78 11.03 -35.74
N ILE E 464 28.04 12.33 -35.83
CA ILE E 464 27.02 13.32 -35.46
C ILE E 464 25.81 13.21 -36.37
N ALA E 465 26.03 13.09 -37.67
CA ALA E 465 24.91 12.99 -38.61
C ALA E 465 24.13 11.70 -38.38
N ALA E 466 24.82 10.59 -38.13
CA ALA E 466 24.13 9.33 -37.88
C ALA E 466 23.32 9.40 -36.59
N ARG E 467 23.87 10.02 -35.55
CA ARG E 467 23.13 10.17 -34.31
C ARG E 467 21.90 11.06 -34.49
N GLU E 468 22.03 12.12 -35.28
CA GLU E 468 20.87 12.96 -35.58
C GLU E 468 19.82 12.22 -36.39
N HIS E 469 20.25 11.41 -37.35
CA HIS E 469 19.32 10.70 -38.22
C HIS E 469 18.65 9.54 -37.51
N ARG E 470 19.31 8.92 -36.53
CA ARG E 470 18.70 7.83 -35.79
C ARG E 470 17.52 8.27 -34.95
N SER E 471 17.42 9.56 -34.64
CA SER E 471 16.30 10.10 -33.89
C SER E 471 15.54 11.14 -34.71
N PHE E 472 15.62 11.03 -36.03
CA PHE E 472 15.01 11.99 -36.93
C PHE E 472 13.62 11.59 -37.40
N LEU E 473 13.11 10.43 -36.96
CA LEU E 473 11.83 9.95 -37.45
C LEU E 473 10.71 10.94 -37.13
N SER E 474 10.69 11.45 -35.90
CA SER E 474 9.63 12.38 -35.51
C SER E 474 9.69 13.64 -36.35
N GLU E 475 10.88 14.19 -36.53
CA GLU E 475 11.03 15.40 -37.32
C GLU E 475 10.76 15.13 -38.80
N GLU E 476 11.11 13.94 -39.28
CA GLU E 476 10.79 13.57 -40.66
C GLU E 476 9.28 13.52 -40.87
N GLU E 477 8.55 12.93 -39.92
CA GLU E 477 7.10 12.89 -40.03
C GLU E 477 6.50 14.29 -39.95
N PHE E 478 7.05 15.15 -39.08
CA PHE E 478 6.58 16.51 -39.02
C PHE E 478 6.81 17.24 -40.33
N LEU E 479 7.97 17.04 -40.94
CA LEU E 479 8.26 17.66 -42.23
C LEU E 479 7.31 17.17 -43.30
N ARG E 480 7.02 15.86 -43.32
CA ARG E 480 6.07 15.33 -44.28
C ARG E 480 4.68 15.93 -44.06
N ALA E 481 4.27 16.06 -42.81
CA ALA E 481 2.97 16.65 -42.52
C ALA E 481 2.90 18.10 -42.98
N VAL E 482 3.97 18.86 -42.75
CA VAL E 482 3.99 20.25 -43.21
C VAL E 482 3.94 20.33 -44.72
N GLN E 483 4.67 19.45 -45.40
CA GLN E 483 4.67 19.44 -46.87
C GLN E 483 3.29 19.10 -47.42
N GLU E 484 2.62 18.13 -46.80
CA GLU E 484 1.31 17.69 -47.26
C GLU E 484 0.22 18.72 -47.00
N GLY E 485 0.50 19.77 -46.23
CA GLY E 485 -0.51 20.74 -45.84
C GLY E 485 -1.28 20.37 -44.61
N VAL E 486 -0.97 19.24 -43.97
CA VAL E 486 -1.66 18.85 -42.74
C VAL E 486 -1.44 19.90 -41.66
N ILE E 487 -0.19 20.34 -41.50
CA ILE E 487 0.16 21.41 -40.57
C ILE E 487 0.52 22.61 -41.43
N ARG E 488 -0.42 23.51 -41.64
CA ARG E 488 -0.21 24.61 -42.57
C ARG E 488 0.74 25.63 -41.97
N LEU E 489 1.91 25.77 -42.57
CA LEU E 489 2.89 26.78 -42.21
C LEU E 489 3.25 27.59 -43.45
N ARG E 490 3.56 28.86 -43.24
CA ARG E 490 3.95 29.75 -44.32
C ARG E 490 5.37 30.21 -44.05
N THR E 491 6.32 29.71 -44.84
CA THR E 491 7.69 30.17 -44.81
C THR E 491 7.95 31.25 -45.85
N THR E 492 6.90 31.70 -46.53
CA THR E 492 6.98 32.80 -47.50
C THR E 492 5.77 33.70 -47.31
N GLY E 493 5.86 34.89 -47.87
CA GLY E 493 4.73 35.81 -47.86
C GLY E 493 4.62 36.59 -46.56
N ARG E 494 3.61 37.45 -46.52
CA ARG E 494 3.37 38.36 -45.40
C ARG E 494 1.91 38.26 -44.98
N ALA E 495 1.68 37.82 -43.74
CA ALA E 495 0.35 37.65 -43.20
C ALA E 495 0.19 38.44 -41.91
N VAL E 496 -1.02 38.94 -41.69
CA VAL E 496 -1.32 39.79 -40.55
C VAL E 496 -1.60 38.93 -39.33
N GLY E 497 -0.90 39.21 -38.23
CA GLY E 497 -1.15 38.51 -36.99
C GLY E 497 -0.64 37.09 -36.94
N GLU E 498 0.12 36.65 -37.94
CA GLU E 498 0.63 35.30 -38.02
C GLU E 498 2.15 35.32 -37.87
N VAL E 499 2.65 34.51 -36.95
CA VAL E 499 4.08 34.46 -36.65
C VAL E 499 4.48 33.01 -36.46
N ASN E 500 5.61 32.63 -37.03
CA ASN E 500 6.13 31.26 -36.90
C ASN E 500 6.96 31.17 -35.62
N SER E 501 6.28 30.90 -34.52
CA SER E 501 6.97 30.67 -33.27
C SER E 501 7.79 29.39 -33.34
N LEU E 502 8.86 29.35 -32.56
CA LEU E 502 9.77 28.21 -32.52
C LEU E 502 9.54 27.42 -31.24
N VAL E 503 9.34 26.12 -31.38
CA VAL E 503 9.00 25.23 -30.28
C VAL E 503 9.97 24.07 -30.26
N VAL E 504 10.45 23.72 -29.08
CA VAL E 504 11.37 22.61 -28.90
C VAL E 504 10.63 21.44 -28.28
N VAL E 505 10.65 20.29 -28.97
CA VAL E 505 9.91 19.14 -28.45
C VAL E 505 10.73 18.41 -27.40
N GLU E 506 10.04 17.61 -26.59
CA GLU E 506 10.68 16.78 -25.59
C GLU E 506 11.25 15.53 -26.22
N ALA E 507 11.57 14.53 -25.38
CA ALA E 507 12.07 13.24 -25.82
C ALA E 507 13.52 13.34 -26.26
N ALA E 508 14.09 12.23 -26.73
CA ALA E 508 15.47 12.10 -27.19
C ALA E 508 15.81 13.24 -28.15
N PRO E 509 17.12 13.48 -28.48
CA PRO E 509 17.62 14.87 -28.60
C PRO E 509 16.63 15.88 -29.15
N TYR E 510 16.51 16.99 -28.43
CA TYR E 510 15.42 17.94 -28.62
C TYR E 510 15.49 18.52 -30.03
N TRP E 511 14.42 18.33 -30.80
CA TRP E 511 14.30 18.95 -32.10
C TRP E 511 13.39 20.16 -32.03
N GLY E 512 13.89 21.30 -32.51
CA GLY E 512 13.04 22.45 -32.67
C GLY E 512 12.18 22.33 -33.91
N ARG E 513 11.03 23.01 -33.89
CA ARG E 513 10.14 23.02 -35.04
C ARG E 513 9.24 24.22 -34.93
N PRO E 514 8.96 24.90 -36.04
CA PRO E 514 8.08 26.07 -35.98
C PRO E 514 6.67 25.68 -35.59
N ALA E 515 6.02 26.60 -34.89
CA ALA E 515 4.60 26.45 -34.55
C ALA E 515 3.91 27.75 -34.91
N ARG E 516 2.90 27.66 -35.77
CA ARG E 516 2.18 28.85 -36.18
C ARG E 516 1.48 29.48 -34.99
N LEU E 517 1.56 30.81 -34.93
CA LEU E 517 0.93 31.58 -33.86
C LEU E 517 0.06 32.63 -34.51
N THR E 518 -1.20 32.69 -34.12
CA THR E 518 -2.14 33.66 -34.67
C THR E 518 -2.68 34.53 -33.56
N ALA E 519 -2.67 35.84 -33.79
CA ALA E 519 -3.27 36.80 -32.88
C ALA E 519 -4.33 37.59 -33.63
N ARG E 520 -5.50 37.73 -33.03
CA ARG E 520 -6.61 38.47 -33.62
C ARG E 520 -7.06 39.56 -32.67
N ALA E 521 -7.21 40.77 -33.18
CA ALA E 521 -7.56 41.93 -32.39
C ALA E 521 -9.03 42.26 -32.63
N ALA E 522 -9.81 42.32 -31.57
CA ALA E 522 -11.21 42.69 -31.64
C ALA E 522 -11.51 43.78 -30.62
N PRO E 523 -12.45 44.66 -30.90
CA PRO E 523 -12.82 45.67 -29.91
C PRO E 523 -13.40 45.02 -28.66
N GLY E 524 -13.16 45.65 -27.52
CA GLY E 524 -13.61 45.11 -26.26
C GLY E 524 -12.73 45.58 -25.12
N ARG E 525 -13.23 45.45 -23.89
CA ARG E 525 -12.43 45.83 -22.73
C ARG E 525 -11.20 44.94 -22.64
N ASP E 526 -10.11 45.51 -22.14
CA ASP E 526 -8.80 44.86 -22.17
C ASP E 526 -8.86 43.44 -21.64
N HIS E 527 -8.57 42.49 -22.53
CA HIS E 527 -8.48 41.08 -22.15
C HIS E 527 -7.60 40.40 -23.19
N LEU E 528 -6.32 40.24 -22.90
CA LEU E 528 -5.42 39.56 -23.83
C LEU E 528 -5.53 38.08 -23.55
N ILE E 529 -6.31 37.38 -24.38
CA ILE E 529 -6.70 36.00 -24.13
C ILE E 529 -5.63 35.07 -24.68
N SER E 530 -5.12 34.19 -23.83
CA SER E 530 -4.21 33.14 -24.25
C SER E 530 -5.02 31.86 -24.40
N ILE E 531 -5.38 31.53 -25.64
CA ILE E 531 -6.23 30.38 -25.90
C ILE E 531 -5.58 29.09 -25.41
N ASP E 532 -4.27 28.94 -25.61
CA ASP E 532 -3.59 27.74 -25.15
C ASP E 532 -3.50 27.68 -23.63
N ARG E 533 -3.67 28.80 -22.93
CA ARG E 533 -3.64 28.76 -21.47
C ARG E 533 -5.02 28.48 -20.89
N GLU E 534 -6.04 29.19 -21.38
CA GLU E 534 -7.39 28.96 -20.89
C GLU E 534 -7.86 27.56 -21.20
N ALA E 535 -7.41 26.99 -22.32
CA ALA E 535 -7.72 25.60 -22.62
C ALA E 535 -7.04 24.65 -21.66
N GLY E 536 -6.09 25.12 -20.86
CA GLY E 536 -5.37 24.28 -19.93
C GLY E 536 -4.08 23.71 -20.47
N LEU E 537 -3.68 24.09 -21.67
CA LEU E 537 -2.45 23.58 -22.27
C LEU E 537 -1.23 24.40 -21.85
N GLY E 538 -1.39 25.72 -21.75
CA GLY E 538 -0.27 26.56 -21.36
C GLY E 538 0.13 26.33 -19.91
N GLY E 539 1.42 26.26 -19.67
CA GLY E 539 1.93 26.04 -18.33
C GLY E 539 2.01 27.32 -17.53
N GLN E 540 2.63 27.20 -16.36
CA GLN E 540 2.75 28.36 -15.46
C GLN E 540 3.61 29.44 -16.09
N ILE E 541 4.79 29.07 -16.60
CA ILE E 541 5.68 30.05 -17.19
C ILE E 541 5.10 30.63 -18.47
N PHE E 542 4.36 29.82 -19.24
CA PHE E 542 3.67 30.34 -20.42
C PHE E 542 2.66 31.41 -20.04
N HIS E 543 1.88 31.16 -18.98
CA HIS E 543 0.95 32.16 -18.49
C HIS E 543 1.68 33.39 -17.97
N LYS E 544 2.83 33.20 -17.33
CA LYS E 544 3.63 34.34 -16.88
C LYS E 544 4.06 35.20 -18.07
N ALA E 545 4.49 34.56 -19.15
CA ALA E 545 4.88 35.31 -20.35
C ALA E 545 3.69 36.06 -20.93
N VAL E 546 2.53 35.40 -20.97
CA VAL E 546 1.33 36.03 -21.51
C VAL E 546 0.98 37.27 -20.69
N LEU E 547 0.99 37.13 -19.37
CA LEU E 547 0.69 38.26 -18.49
C LEU E 547 1.74 39.36 -18.63
N THR E 548 3.00 38.97 -18.79
CA THR E 548 4.08 39.95 -18.94
C THR E 548 3.86 40.82 -20.17
N LEU E 549 3.61 40.18 -21.31
CA LEU E 549 3.41 40.96 -22.53
C LEU E 549 2.08 41.70 -22.49
N ALA E 550 1.08 41.17 -21.78
CA ALA E 550 -0.16 41.89 -21.60
C ALA E 550 0.08 43.19 -20.82
N GLY E 551 0.89 43.11 -19.77
CA GLY E 551 1.22 44.31 -19.02
C GLY E 551 2.04 45.30 -19.84
N TYR E 552 2.96 44.78 -20.66
CA TYR E 552 3.70 45.67 -21.55
C TYR E 552 2.77 46.39 -22.50
N LEU E 553 1.80 45.68 -23.07
CA LEU E 553 0.86 46.30 -23.99
C LEU E 553 -0.02 47.31 -23.26
N ARG E 554 -0.45 46.98 -22.05
CA ARG E 554 -1.27 47.91 -21.27
C ARG E 554 -0.53 49.21 -21.00
N SER E 555 0.73 49.11 -20.57
CA SER E 555 1.47 50.29 -20.17
C SER E 555 2.11 51.02 -21.34
N ARG E 556 2.21 50.38 -22.50
CA ARG E 556 2.88 51.01 -23.63
C ARG E 556 1.95 51.96 -24.36
N TYR E 557 0.66 51.63 -24.43
CA TYR E 557 -0.33 52.41 -25.15
C TYR E 557 -1.32 52.98 -24.14
N ILE E 558 -1.29 54.30 -23.96
CA ILE E 558 -1.90 54.92 -22.79
C ILE E 558 -2.87 56.00 -23.24
N GLU E 559 -2.84 56.33 -24.54
CA GLU E 559 -3.63 57.48 -24.99
C GLU E 559 -5.13 57.17 -25.05
N HIS E 560 -5.56 56.02 -24.56
CA HIS E 560 -6.95 55.73 -24.24
C HIS E 560 -7.02 55.28 -22.79
N GLY E 561 -8.14 54.73 -22.39
CA GLY E 561 -8.24 54.20 -21.04
C GLY E 561 -7.54 52.86 -20.97
N SER E 562 -8.21 51.85 -20.43
CA SER E 562 -7.66 50.50 -20.52
C SER E 562 -7.51 50.13 -21.99
N LEU E 563 -6.66 49.13 -22.25
CA LEU E 563 -6.38 48.69 -23.61
C LEU E 563 -7.68 48.38 -24.34
N PRO E 564 -8.04 49.17 -25.36
CA PRO E 564 -9.37 49.04 -25.96
C PRO E 564 -9.56 47.84 -26.86
N VAL E 565 -8.66 46.85 -26.80
CA VAL E 565 -8.74 45.68 -27.66
C VAL E 565 -8.61 44.42 -26.81
N THR E 566 -9.14 43.33 -27.36
CA THR E 566 -8.92 41.99 -26.81
C THR E 566 -8.18 41.17 -27.85
N ILE E 567 -7.10 40.51 -27.43
CA ILE E 567 -6.22 39.79 -28.33
C ILE E 567 -6.29 38.32 -27.98
N SER E 568 -6.52 37.49 -29.00
CA SER E 568 -6.62 36.04 -28.83
C SER E 568 -5.37 35.40 -29.44
N LEU E 569 -4.63 34.66 -28.63
CA LEU E 569 -3.38 34.05 -29.03
C LEU E 569 -3.52 32.54 -28.98
N ALA E 570 -3.26 31.88 -30.10
CA ALA E 570 -3.41 30.43 -30.17
C ALA E 570 -2.29 29.82 -30.98
N PHE E 571 -1.77 28.69 -30.51
CA PHE E 571 -0.84 27.87 -31.27
C PHE E 571 -1.65 26.92 -32.13
N GLU E 572 -1.63 27.14 -33.45
CA GLU E 572 -2.40 26.28 -34.33
C GLU E 572 -1.77 24.90 -34.43
N GLN E 573 -2.62 23.87 -34.54
CA GLN E 573 -2.18 22.48 -34.53
C GLN E 573 -1.34 22.18 -33.29
N ASN E 574 -1.75 22.72 -32.15
CA ASN E 574 -0.96 22.54 -30.92
C ASN E 574 -1.25 21.19 -30.28
N TYR E 575 -2.47 21.01 -29.79
CA TYR E 575 -2.99 19.76 -29.24
C TYR E 575 -2.14 19.19 -28.11
N VAL E 576 -1.14 19.94 -27.62
CA VAL E 576 -0.22 19.47 -26.60
C VAL E 576 0.07 20.64 -25.65
N SER E 577 0.36 20.29 -24.41
CA SER E 577 0.64 21.30 -23.39
C SER E 577 1.87 22.12 -23.74
N ILE E 578 1.80 23.42 -23.47
CA ILE E 578 2.87 24.38 -23.77
C ILE E 578 3.51 24.79 -22.45
N GLU E 579 4.83 24.82 -22.41
CA GLU E 579 5.56 25.20 -21.21
C GLU E 579 6.67 26.17 -21.56
N GLY E 580 6.80 27.23 -20.76
CA GLY E 580 7.96 28.10 -20.81
C GLY E 580 7.62 29.49 -21.29
N ASP E 581 8.55 30.42 -20.99
CA ASP E 581 8.52 31.78 -21.49
C ASP E 581 9.59 31.85 -22.57
N SER E 582 9.20 31.44 -23.76
CA SER E 582 10.10 31.14 -24.85
C SER E 582 9.63 31.76 -26.16
N ALA E 583 8.32 31.99 -26.29
CA ALA E 583 7.74 32.67 -27.45
C ALA E 583 7.13 34.02 -27.09
N GLY E 584 7.60 34.64 -26.01
CA GLY E 584 7.06 35.93 -25.63
C GLY E 584 7.20 36.99 -26.71
N LEU E 585 8.37 37.04 -27.35
CA LEU E 585 8.59 38.02 -28.41
C LEU E 585 7.66 37.75 -29.59
N ALA E 586 7.50 36.48 -29.97
CA ALA E 586 6.62 36.13 -31.08
C ALA E 586 5.18 36.52 -30.76
N GLU E 587 4.74 36.22 -29.54
CA GLU E 587 3.39 36.59 -29.13
C GLU E 587 3.21 38.10 -29.18
N LEU E 588 4.20 38.84 -28.68
CA LEU E 588 4.08 40.30 -28.65
C LEU E 588 4.02 40.88 -30.06
N VAL E 589 4.88 40.41 -30.97
CA VAL E 589 4.88 40.97 -32.31
C VAL E 589 3.60 40.57 -33.05
N ALA E 590 3.10 39.35 -32.83
CA ALA E 590 1.85 38.96 -33.45
C ALA E 590 0.70 39.83 -32.94
N ALA E 591 0.66 40.08 -31.64
CA ALA E 591 -0.38 40.93 -31.08
C ALA E 591 -0.30 42.35 -31.63
N LEU E 592 0.92 42.88 -31.74
CA LEU E 592 1.08 44.23 -32.28
C LEU E 592 0.64 44.29 -33.73
N SER E 593 0.96 43.27 -34.52
CA SER E 593 0.53 43.24 -35.92
C SER E 593 -0.99 43.17 -36.01
N ALA E 594 -1.61 42.33 -35.17
CA ALA E 594 -3.06 42.23 -35.16
C ALA E 594 -3.69 43.56 -34.79
N ILE E 595 -3.11 44.26 -33.83
CA ILE E 595 -3.63 45.56 -33.42
C ILE E 595 -3.51 46.56 -34.56
N GLY E 596 -2.34 46.65 -35.16
CA GLY E 596 -2.08 47.64 -36.18
C GLY E 596 -2.32 47.20 -37.61
N ASN E 597 -2.84 45.98 -37.82
CA ASN E 597 -3.07 45.44 -39.16
C ASN E 597 -1.77 45.43 -39.96
N LEU E 598 -0.69 44.96 -39.32
CA LEU E 598 0.63 44.97 -39.93
C LEU E 598 0.92 43.60 -40.52
N PRO E 599 1.08 43.48 -41.84
CA PRO E 599 1.47 42.19 -42.41
C PRO E 599 2.89 41.82 -42.05
N LEU E 600 3.07 40.69 -41.38
CA LEU E 600 4.39 40.27 -40.93
C LEU E 600 5.01 39.28 -41.89
N ARG E 601 6.29 39.48 -42.18
CA ARG E 601 7.03 38.57 -43.04
C ARG E 601 7.01 37.17 -42.46
N GLN E 602 6.33 36.25 -43.13
CA GLN E 602 6.21 34.88 -42.64
C GLN E 602 7.51 34.09 -42.77
N ASP E 603 8.47 34.58 -43.54
CA ASP E 603 9.70 33.84 -43.76
C ASP E 603 10.60 33.84 -42.52
N LEU E 604 10.37 34.76 -41.58
CA LEU E 604 11.18 34.86 -40.38
C LEU E 604 10.46 34.22 -39.20
N ALA E 605 11.12 33.27 -38.56
CA ALA E 605 10.64 32.71 -37.30
C ALA E 605 11.10 33.58 -36.15
N VAL E 606 10.24 33.76 -35.17
CA VAL E 606 10.49 34.66 -34.06
C VAL E 606 10.53 33.86 -32.77
N THR E 607 11.63 33.97 -32.04
CA THR E 607 11.78 33.33 -30.74
C THR E 607 12.27 34.37 -29.74
N GLY E 608 12.36 33.95 -28.48
CA GLY E 608 12.86 34.84 -27.46
C GLY E 608 11.80 35.34 -26.50
N ALA E 609 12.12 35.34 -25.21
CA ALA E 609 11.22 35.89 -24.21
C ALA E 609 11.31 37.41 -24.22
N VAL E 610 10.29 38.03 -23.64
CA VAL E 610 10.24 39.49 -23.51
C VAL E 610 9.79 39.82 -22.11
N ASP E 611 10.37 40.89 -21.54
CA ASP E 611 9.92 41.40 -20.27
C ASP E 611 8.87 42.47 -20.50
N GLN E 612 8.25 42.95 -19.43
CA GLN E 612 7.12 43.84 -19.52
C GLN E 612 7.52 45.30 -19.72
N THR E 613 8.80 45.56 -19.99
CA THR E 613 9.23 46.86 -20.47
C THR E 613 9.58 46.84 -21.95
N GLY E 614 9.39 45.70 -22.62
CA GLY E 614 9.65 45.60 -24.04
C GLY E 614 11.09 45.35 -24.40
N LYS E 615 11.72 44.39 -23.73
CA LYS E 615 13.10 44.01 -24.00
C LYS E 615 13.17 42.52 -24.20
N VAL E 616 13.76 42.08 -25.31
CA VAL E 616 13.85 40.66 -25.61
C VAL E 616 14.83 40.00 -24.65
N LEU E 617 14.42 38.86 -24.08
CA LEU E 617 15.21 38.17 -23.08
C LEU E 617 15.74 36.87 -23.66
N ALA E 618 16.82 36.37 -23.07
CA ALA E 618 17.44 35.16 -23.59
C ALA E 618 16.53 33.95 -23.40
N VAL E 619 16.74 32.95 -24.25
CA VAL E 619 15.98 31.70 -24.22
C VAL E 619 16.94 30.53 -24.38
N GLY E 620 16.44 29.34 -24.09
CA GLY E 620 17.24 28.14 -24.15
C GLY E 620 17.02 27.35 -25.43
N ALA E 621 17.98 26.48 -25.73
CA ALA E 621 17.93 25.61 -26.90
C ALA E 621 17.73 26.42 -28.18
N ILE E 622 18.45 27.53 -28.28
CA ILE E 622 18.33 28.38 -29.46
C ILE E 622 18.85 27.67 -30.71
N ASN E 623 19.86 26.81 -30.55
CA ASN E 623 20.36 26.03 -31.67
C ASN E 623 19.27 25.14 -32.24
N ALA E 624 18.53 24.45 -31.36
CA ALA E 624 17.47 23.58 -31.82
C ALA E 624 16.39 24.36 -32.56
N LYS E 625 16.01 25.52 -32.03
CA LYS E 625 14.99 26.33 -32.68
C LYS E 625 15.43 26.78 -34.07
N VAL E 626 16.64 27.34 -34.17
CA VAL E 626 17.10 27.85 -35.45
C VAL E 626 17.25 26.73 -36.46
N GLU E 627 17.84 25.61 -36.03
CA GLU E 627 18.04 24.48 -36.95
C GLU E 627 16.71 23.88 -37.38
N GLY E 628 15.72 23.81 -36.47
CA GLY E 628 14.43 23.29 -36.87
C GLY E 628 13.73 24.18 -37.87
N PHE E 629 13.76 25.50 -37.65
CA PHE E 629 13.16 26.37 -38.65
C PHE E 629 13.89 26.31 -39.99
N PHE E 630 15.21 26.20 -39.95
CA PHE E 630 15.94 26.04 -41.21
C PHE E 630 15.58 24.73 -41.89
N ARG E 631 15.38 23.66 -41.12
CA ARG E 631 14.97 22.38 -41.69
C ARG E 631 13.63 22.51 -42.39
N VAL E 632 12.67 23.15 -41.74
CA VAL E 632 11.35 23.31 -42.34
C VAL E 632 11.44 24.19 -43.59
N CYS E 633 12.21 25.28 -43.53
CA CYS E 633 12.36 26.13 -44.71
C CYS E 633 13.00 25.38 -45.86
N LYS E 634 14.01 24.58 -45.58
CA LYS E 634 14.67 23.79 -46.62
C LYS E 634 13.71 22.76 -47.21
N ALA E 635 12.89 22.13 -46.37
CA ALA E 635 11.92 21.16 -46.87
C ALA E 635 10.94 21.81 -47.83
N LEU E 636 10.47 23.01 -47.50
CA LEU E 636 9.64 23.78 -48.41
C LEU E 636 10.44 24.48 -49.49
N GLY E 637 11.77 24.41 -49.45
CA GLY E 637 12.60 25.08 -50.41
C GLY E 637 13.02 26.46 -49.96
N LEU E 638 14.32 26.67 -49.79
CA LEU E 638 14.81 27.95 -49.29
C LEU E 638 14.48 29.07 -50.29
N SER E 639 13.88 30.14 -49.78
CA SER E 639 13.49 31.26 -50.63
C SER E 639 14.57 32.32 -50.75
N GLY E 640 15.69 32.17 -50.04
CA GLY E 640 16.73 33.17 -50.05
C GLY E 640 16.49 34.34 -49.13
N THR E 641 15.38 34.37 -48.41
CA THR E 641 15.11 35.44 -47.46
C THR E 641 14.61 34.94 -46.11
N GLN E 642 14.35 33.65 -45.95
CA GLN E 642 13.90 33.13 -44.67
C GLN E 642 14.98 33.30 -43.61
N GLY E 643 14.55 33.56 -42.38
CA GLY E 643 15.50 33.77 -41.31
C GLY E 643 14.86 33.51 -39.96
N VAL E 644 15.63 33.76 -38.91
CA VAL E 644 15.19 33.60 -37.53
C VAL E 644 15.52 34.87 -36.77
N ILE E 645 14.55 35.38 -36.02
CA ILE E 645 14.76 36.52 -35.14
C ILE E 645 14.93 35.98 -33.73
N LEU E 646 16.11 36.17 -33.17
CA LEU E 646 16.44 35.59 -31.87
C LEU E 646 17.02 36.68 -30.96
N PRO E 647 17.00 36.48 -29.64
CA PRO E 647 17.47 37.53 -28.73
C PRO E 647 18.94 37.83 -28.95
N GLU E 648 19.30 39.10 -28.83
CA GLU E 648 20.71 39.50 -28.89
C GLU E 648 21.51 38.82 -27.79
N ALA E 649 20.88 38.52 -26.67
CA ALA E 649 21.54 37.90 -25.53
C ALA E 649 21.91 36.44 -25.78
N ASN E 650 21.44 35.83 -26.87
CA ASN E 650 21.75 34.44 -27.15
C ASN E 650 22.87 34.26 -28.16
N LEU E 651 23.58 35.33 -28.53
CA LEU E 651 24.66 35.19 -29.48
C LEU E 651 25.74 34.25 -28.98
N ALA E 652 26.03 34.28 -27.68
CA ALA E 652 27.00 33.36 -27.12
C ALA E 652 26.52 31.91 -27.13
N ASN E 653 25.24 31.69 -27.41
CA ASN E 653 24.69 30.34 -27.47
C ASN E 653 24.47 29.83 -28.89
N LEU E 654 24.74 30.66 -29.90
CA LEU E 654 24.51 30.27 -31.28
C LEU E 654 25.68 29.44 -31.78
N THR E 655 25.60 28.13 -31.61
CA THR E 655 26.54 27.18 -32.18
C THR E 655 25.77 26.38 -33.22
N LEU E 656 25.65 26.93 -34.42
CA LEU E 656 24.81 26.34 -35.45
C LEU E 656 25.56 25.23 -36.19
N ARG E 657 24.80 24.33 -36.81
CA ARG E 657 25.39 23.24 -37.57
C ARG E 657 26.03 23.77 -38.85
N ALA E 658 26.74 22.88 -39.53
CA ALA E 658 27.50 23.27 -40.72
C ALA E 658 26.57 23.78 -41.81
N GLU E 659 25.45 23.10 -42.04
CA GLU E 659 24.57 23.45 -43.14
C GLU E 659 23.92 24.82 -42.91
N VAL E 660 23.49 25.10 -41.68
CA VAL E 660 22.90 26.40 -41.40
C VAL E 660 23.91 27.51 -41.61
N LEU E 661 25.14 27.31 -41.15
CA LEU E 661 26.18 28.31 -41.34
C LEU E 661 26.48 28.52 -42.82
N GLU E 662 26.52 27.44 -43.60
CA GLU E 662 26.74 27.57 -45.03
C GLU E 662 25.61 28.34 -45.69
N ALA E 663 24.37 28.07 -45.27
CA ALA E 663 23.24 28.82 -45.82
C ALA E 663 23.33 30.30 -45.47
N VAL E 664 23.74 30.61 -44.24
CA VAL E 664 23.91 32.01 -43.86
C VAL E 664 24.99 32.67 -44.69
N ARG E 665 26.10 31.97 -44.90
CA ARG E 665 27.19 32.51 -45.70
C ARG E 665 26.74 32.76 -47.14
N ALA E 666 25.96 31.83 -47.70
CA ALA E 666 25.46 31.99 -49.06
C ALA E 666 24.35 33.02 -49.15
N GLY E 667 23.83 33.50 -48.02
CA GLY E 667 22.71 34.43 -48.04
C GLY E 667 21.36 33.80 -48.21
N GLN E 668 21.29 32.47 -48.21
CA GLN E 668 20.03 31.74 -48.34
C GLN E 668 19.27 31.69 -47.03
N PHE E 669 19.87 32.11 -45.93
CA PHE E 669 19.24 32.05 -44.62
C PHE E 669 19.83 33.15 -43.74
N HIS E 670 18.99 33.83 -42.97
CA HIS E 670 19.43 34.95 -42.16
C HIS E 670 19.23 34.65 -40.69
N ILE E 671 19.98 35.36 -39.86
CA ILE E 671 19.86 35.27 -38.42
C ILE E 671 19.86 36.70 -37.89
N TYR E 672 18.69 37.17 -37.45
CA TYR E 672 18.56 38.51 -36.89
C TYR E 672 18.66 38.44 -35.39
N ALA E 673 19.37 39.41 -34.80
CA ALA E 673 19.53 39.49 -33.36
C ALA E 673 18.96 40.82 -32.88
N VAL E 674 18.05 40.76 -31.92
CA VAL E 674 17.42 41.95 -31.36
C VAL E 674 17.46 41.85 -29.84
N GLU E 675 17.34 43.01 -29.20
CA GLU E 675 17.21 43.08 -27.76
C GLU E 675 15.90 43.70 -27.29
N THR E 676 15.22 44.46 -28.13
CA THR E 676 13.90 44.99 -27.83
C THR E 676 12.90 44.51 -28.87
N ALA E 677 11.64 44.38 -28.44
CA ALA E 677 10.60 43.93 -29.36
C ALA E 677 10.34 44.93 -30.46
N GLU E 678 10.71 46.19 -30.24
CA GLU E 678 10.57 47.20 -31.28
C GLU E 678 11.34 46.80 -32.52
N GLN E 679 12.59 46.33 -32.35
CA GLN E 679 13.39 45.91 -33.49
C GLN E 679 12.79 44.69 -34.17
N ALA E 680 12.30 43.73 -33.39
CA ALA E 680 11.72 42.53 -34.00
C ALA E 680 10.51 42.88 -34.85
N LEU E 681 9.65 43.77 -34.34
CA LEU E 681 8.50 44.19 -35.13
C LEU E 681 8.94 44.97 -36.37
N GLU E 682 9.97 45.81 -36.24
CA GLU E 682 10.46 46.55 -37.39
C GLU E 682 10.97 45.60 -38.46
N ILE E 683 11.66 44.54 -38.06
CA ILE E 683 12.17 43.57 -39.02
C ILE E 683 11.03 42.82 -39.69
N LEU E 684 10.08 42.32 -38.88
CA LEU E 684 9.01 41.50 -39.43
C LEU E 684 8.13 42.32 -40.37
N ALA E 685 7.64 43.46 -39.91
CA ALA E 685 6.78 44.28 -40.75
C ALA E 685 7.54 44.98 -41.87
N GLY E 686 8.87 44.95 -41.83
CA GLY E 686 9.64 45.55 -42.91
C GLY E 686 9.56 47.06 -42.97
N ALA E 687 9.22 47.71 -41.86
CA ALA E 687 9.12 49.15 -41.80
C ALA E 687 9.82 49.65 -40.53
N ARG E 688 9.92 50.96 -40.40
CA ARG E 688 10.52 51.60 -39.24
C ARG E 688 9.42 52.06 -38.30
N MET E 689 9.57 51.72 -37.02
CA MET E 689 8.54 52.03 -36.03
C MET E 689 8.37 53.54 -35.89
N GLU E 690 9.44 54.24 -35.54
CA GLU E 690 9.38 55.69 -35.49
C GLU E 690 9.35 56.27 -36.90
N GLY E 691 8.82 57.47 -37.01
CA GLY E 691 8.77 58.13 -38.30
C GLY E 691 7.35 58.14 -38.88
N PHE E 692 7.17 58.99 -39.87
CA PHE E 692 5.87 59.14 -40.52
C PHE E 692 5.59 57.94 -41.41
N ARG E 693 4.31 57.53 -41.47
CA ARG E 693 3.90 56.19 -41.89
C ARG E 693 4.68 55.11 -41.12
N GLY E 694 4.90 55.34 -39.83
CA GLY E 694 5.63 54.38 -39.04
C GLY E 694 4.76 53.24 -38.54
N LEU E 695 5.43 52.21 -38.02
CA LEU E 695 4.70 51.11 -37.40
C LEU E 695 3.96 51.55 -36.15
N GLN E 696 4.59 52.42 -35.35
CA GLN E 696 3.93 52.92 -34.15
C GLN E 696 2.69 53.74 -34.51
N GLU E 697 2.79 54.56 -35.57
CA GLU E 697 1.63 55.32 -36.00
C GLU E 697 0.51 54.40 -36.44
N LYS E 698 0.82 53.34 -37.18
CA LYS E 698 -0.21 52.40 -37.61
C LYS E 698 -0.82 51.68 -36.41
N ILE E 699 -0.01 51.30 -35.43
CA ILE E 699 -0.54 50.61 -34.26
C ILE E 699 -1.47 51.52 -33.47
N ARG E 700 -1.07 52.79 -33.29
CA ARG E 700 -1.94 53.71 -32.56
C ARG E 700 -3.20 54.01 -33.36
N ALA E 701 -3.10 54.03 -34.70
CA ALA E 701 -4.29 54.22 -35.52
C ALA E 701 -5.24 53.02 -35.37
N GLY E 702 -4.70 51.81 -35.32
CA GLY E 702 -5.54 50.64 -35.11
C GLY E 702 -6.21 50.65 -33.75
N LEU E 703 -5.46 51.00 -32.71
CA LEU E 703 -6.06 51.12 -31.39
C LEU E 703 -7.14 52.20 -31.36
N GLU E 704 -6.88 53.32 -32.04
CA GLU E 704 -7.87 54.38 -32.11
C GLU E 704 -9.13 53.92 -32.83
N ALA E 705 -8.96 53.14 -33.89
CA ALA E 705 -10.12 52.61 -34.61
C ALA E 705 -10.93 51.68 -33.74
N PHE E 706 -10.27 50.78 -33.01
CA PHE E 706 -10.99 49.88 -32.11
C PHE E 706 -11.72 50.66 -31.03
N ALA E 707 -11.06 51.67 -30.46
CA ALA E 707 -11.69 52.50 -29.44
C ALA E 707 -12.89 53.25 -30.01
N ARG E 708 -12.77 53.77 -31.23
CA ARG E 708 -13.90 54.48 -31.84
C ARG E 708 -15.04 53.54 -32.17
N LEU E 709 -14.73 52.27 -32.45
CA LEU E 709 -15.82 51.33 -32.71
C LEU E 709 -16.57 50.98 -31.44
N GLU E 710 -15.85 50.75 -30.34
CA GLU E 710 -16.54 50.59 -29.06
C GLU E 710 -17.29 51.86 -28.69
N GLU E 711 -16.72 53.01 -29.01
CA GLU E 711 -17.33 54.30 -28.78
C GLU E 711 -18.62 54.49 -29.57
N GLY E 712 -18.65 54.06 -30.82
CA GLY E 712 -19.85 54.11 -31.64
C GLY E 712 -20.91 53.15 -31.12
N HIS E 713 -20.47 52.00 -30.62
CA HIS E 713 -21.42 51.08 -29.98
C HIS E 713 -22.06 51.75 -28.77
N ASP E 714 -21.26 52.44 -27.96
CA ASP E 714 -21.81 53.17 -26.82
C ASP E 714 -22.70 54.33 -27.27
N LYS E 715 -22.34 55.00 -28.37
CA LYS E 715 -23.17 56.07 -28.92
C LYS E 715 -24.55 55.55 -29.31
N GLU E 716 -24.59 54.40 -29.97
CA GLU E 716 -25.86 53.75 -30.25
C GLU E 716 -26.60 53.37 -28.98
N ASP E 717 -25.89 52.81 -27.99
CA ASP E 717 -26.55 52.39 -26.76
C ASP E 717 -27.21 53.57 -26.06
N ARG E 718 -26.52 54.71 -25.99
CA ARG E 718 -27.09 55.88 -25.34
C ARG E 718 -28.13 56.59 -26.19
N GLU E 719 -28.11 56.39 -27.52
CA GLU E 719 -29.06 57.05 -28.41
C GLU E 719 -29.49 56.14 -29.56
N MET F 1 19.07 56.16 6.04
CA MET F 1 20.27 56.96 5.91
C MET F 1 21.46 56.00 5.86
N ARG F 2 22.52 56.39 5.15
CA ARG F 2 23.63 55.47 4.92
C ARG F 2 24.28 55.08 6.24
N LEU F 3 24.54 53.78 6.40
CA LEU F 3 25.19 53.28 7.59
C LEU F 3 26.70 53.41 7.45
N SER F 4 27.35 54.01 8.45
CA SER F 4 28.79 54.13 8.42
C SER F 4 29.43 52.77 8.66
N TYR F 5 30.72 52.68 8.34
CA TYR F 5 31.44 51.42 8.53
C TYR F 5 31.49 51.02 10.00
N GLU F 6 31.73 52.01 10.87
CA GLU F 6 31.77 51.71 12.31
C GLU F 6 30.43 51.21 12.80
N ALA F 7 29.33 51.80 12.30
CA ALA F 7 28.01 51.29 12.62
C ALA F 7 27.75 49.91 12.03
N LEU F 8 28.56 49.49 11.06
CA LEU F 8 28.41 48.17 10.45
C LEU F 8 29.48 47.18 10.89
N GLU F 9 30.60 47.64 11.42
CA GLU F 9 31.67 46.75 11.84
C GLU F 9 31.21 45.96 13.06
N TRP F 10 30.95 44.67 12.88
CA TRP F 10 30.44 43.82 13.93
C TRP F 10 31.48 42.90 14.53
N ARG F 11 32.59 42.67 13.84
CA ARG F 11 33.59 41.71 14.30
C ARG F 11 34.26 42.20 15.57
N THR F 12 34.45 41.29 16.51
CA THR F 12 35.17 41.63 17.73
C THR F 12 36.64 41.83 17.41
N PRO F 13 37.25 42.94 17.83
CA PRO F 13 38.66 43.17 17.51
C PRO F 13 39.55 42.09 18.12
N ILE F 14 40.63 41.77 17.40
CA ILE F 14 41.56 40.73 17.82
C ILE F 14 42.72 41.37 18.56
N GLU F 15 42.98 40.92 19.79
CA GLU F 15 44.14 41.40 20.53
C GLU F 15 45.43 40.88 19.91
N ASN F 16 45.48 39.58 19.62
CA ASN F 16 46.62 38.99 18.95
C ASN F 16 46.20 37.63 18.38
N SER F 17 46.70 37.32 17.18
CA SER F 17 46.42 36.05 16.54
C SER F 17 47.38 34.94 16.96
N THR F 18 48.00 35.09 18.12
CA THR F 18 48.98 34.14 18.62
C THR F 18 48.69 33.93 20.11
N GLU F 19 49.66 33.34 20.82
CA GLU F 19 49.53 33.06 22.26
C GLU F 19 48.32 32.16 22.49
N PRO F 20 48.44 30.85 22.18
CA PRO F 20 47.30 29.94 22.30
C PRO F 20 46.54 30.09 23.61
N VAL F 21 45.22 30.24 23.51
CA VAL F 21 44.40 30.48 24.69
C VAL F 21 44.39 29.23 25.57
N SER F 22 44.32 29.47 26.88
CA SER F 22 44.20 28.40 27.88
C SER F 22 42.96 28.71 28.72
N LEU F 23 41.87 28.03 28.42
CA LEU F 23 40.61 28.29 29.10
C LEU F 23 40.08 27.01 29.75
N PRO F 24 39.46 27.12 30.92
CA PRO F 24 38.89 25.93 31.56
C PRO F 24 37.68 25.44 30.81
N PRO F 25 37.42 24.14 30.82
CA PRO F 25 36.22 23.61 30.16
C PRO F 25 34.96 24.21 30.75
N PRO F 26 33.99 24.58 29.91
CA PRO F 26 32.77 25.18 30.41
C PRO F 26 31.86 24.14 31.03
N PRO F 27 30.92 24.53 31.88
CA PRO F 27 29.97 23.56 32.42
C PRO F 27 29.07 23.04 31.31
N PRO F 28 28.58 21.80 31.43
CA PRO F 28 27.65 21.29 30.42
C PRO F 28 26.40 22.14 30.36
N PHE F 29 25.83 22.23 29.15
CA PHE F 29 24.70 23.09 28.87
C PHE F 29 25.01 24.55 29.21
N PHE F 30 26.23 24.99 28.87
CA PHE F 30 26.58 26.38 29.04
C PHE F 30 25.79 27.23 28.05
N GLY F 31 25.20 28.31 28.56
CA GLY F 31 24.29 29.10 27.76
C GLY F 31 22.93 28.47 27.58
N GLN F 32 22.73 27.26 28.08
CA GLN F 32 21.44 26.57 27.99
C GLN F 32 20.94 26.29 29.40
N GLU F 33 20.95 27.32 30.25
CA GLU F 33 20.60 27.13 31.65
C GLU F 33 19.16 26.65 31.81
N ARG F 34 18.28 26.97 30.86
CA ARG F 34 16.91 26.46 30.93
C ARG F 34 16.89 24.95 30.83
N ALA F 35 17.59 24.39 29.83
CA ALA F 35 17.66 22.95 29.70
C ALA F 35 18.38 22.32 30.87
N ARG F 36 19.42 22.96 31.40
CA ARG F 36 20.13 22.42 32.55
C ARG F 36 19.21 22.35 33.76
N GLU F 37 18.44 23.41 34.01
CA GLU F 37 17.53 23.41 35.15
C GLU F 37 16.44 22.36 34.98
N ALA F 38 15.88 22.25 33.77
CA ALA F 38 14.85 21.24 33.52
C ALA F 38 15.40 19.84 33.76
N LEU F 39 16.60 19.57 33.24
CA LEU F 39 17.16 18.24 33.39
C LEU F 39 17.56 17.97 34.83
N GLU F 40 18.01 18.99 35.57
CA GLU F 40 18.29 18.83 36.99
C GLU F 40 17.03 18.45 37.74
N LEU F 41 15.91 19.12 37.41
CA LEU F 41 14.63 18.79 38.02
C LEU F 41 14.23 17.36 37.70
N ALA F 42 14.45 16.94 36.46
CA ALA F 42 14.11 15.57 36.07
C ALA F 42 14.96 14.56 36.83
N ILE F 43 16.26 14.83 37.00
CA ILE F 43 17.12 13.91 37.72
C ILE F 43 16.72 13.84 39.19
N ARG F 44 16.46 15.00 39.81
CA ARG F 44 16.10 15.01 41.22
C ARG F 44 14.77 14.31 41.47
N GLY F 45 13.78 14.59 40.64
CA GLY F 45 12.46 14.01 40.80
C GLY F 45 12.26 12.65 40.20
N GLY F 46 13.24 12.13 39.47
CA GLY F 46 13.09 10.83 38.85
C GLY F 46 12.07 10.79 37.74
N PHE F 47 11.80 11.93 37.11
CA PHE F 47 10.81 11.98 36.04
C PHE F 47 11.42 11.49 34.73
N HIS F 48 10.61 11.50 33.68
CA HIS F 48 11.07 11.28 32.32
C HIS F 48 11.07 12.63 31.61
N ALA F 49 12.22 13.01 31.07
CA ALA F 49 12.36 14.28 30.38
C ALA F 49 12.61 14.03 28.90
N TYR F 50 12.46 15.08 28.10
CA TYR F 50 12.79 14.99 26.69
C TYR F 50 13.53 16.26 26.28
N LEU F 51 14.66 16.08 25.60
CA LEU F 51 15.49 17.19 25.18
C LEU F 51 15.05 17.67 23.80
N VAL F 52 14.68 18.94 23.70
CA VAL F 52 14.23 19.53 22.44
C VAL F 52 15.23 20.61 22.04
N GLY F 53 15.67 20.55 20.79
CA GLY F 53 16.57 21.55 20.27
C GLY F 53 16.78 21.39 18.78
N PRO F 54 17.22 22.46 18.13
CA PRO F 54 17.50 22.40 16.70
C PRO F 54 18.54 21.34 16.40
N PRO F 55 18.48 20.72 15.23
CA PRO F 55 19.36 19.59 14.93
C PRO F 55 20.82 20.02 14.91
N SER F 56 21.69 19.07 15.25
CA SER F 56 23.13 19.27 15.27
C SER F 56 23.50 20.43 16.19
N LEU F 57 23.23 20.23 17.48
CA LEU F 57 23.52 21.24 18.47
C LEU F 57 24.36 20.68 19.62
N GLY F 58 24.62 19.38 19.64
CA GLY F 58 25.37 18.78 20.71
C GLY F 58 24.54 18.31 21.88
N LYS F 59 23.24 18.12 21.70
CA LYS F 59 22.37 17.71 22.79
C LYS F 59 22.79 16.37 23.36
N HIS F 60 23.09 15.41 22.49
CA HIS F 60 23.45 14.07 22.95
C HIS F 60 24.75 14.10 23.75
N GLU F 61 25.79 14.74 23.21
CA GLU F 61 27.07 14.75 23.91
C GLU F 61 27.00 15.52 25.23
N ALA F 62 26.35 16.69 25.22
CA ALA F 62 26.23 17.47 26.44
C ALA F 62 25.43 16.71 27.50
N LEU F 63 24.32 16.08 27.08
CA LEU F 63 23.52 15.32 28.02
C LEU F 63 24.29 14.13 28.57
N LEU F 64 25.03 13.42 27.72
CA LEU F 64 25.80 12.28 28.20
C LEU F 64 26.88 12.72 29.18
N ALA F 65 27.57 13.82 28.89
CA ALA F 65 28.58 14.31 29.81
C ALA F 65 27.96 14.72 31.14
N TYR F 66 26.83 15.42 31.09
CA TYR F 66 26.19 15.86 32.33
C TYR F 66 25.70 14.68 33.16
N LEU F 67 25.13 13.66 32.51
CA LEU F 67 24.69 12.48 33.24
C LEU F 67 25.87 11.70 33.79
N SER F 68 27.00 11.69 33.09
CA SER F 68 28.21 11.11 33.67
C SER F 68 28.65 11.88 34.90
N THR F 69 28.47 13.20 34.90
CA THR F 69 28.75 13.99 36.08
C THR F 69 27.85 13.61 37.25
N GLN F 70 26.62 13.21 36.98
CA GLN F 70 25.69 12.83 38.02
C GLN F 70 26.16 11.55 38.73
N SER F 71 25.45 11.21 39.81
CA SER F 71 25.71 10.01 40.57
C SER F 71 24.41 9.49 41.14
N VAL F 72 24.37 8.19 41.43
CA VAL F 72 23.17 7.54 41.94
C VAL F 72 23.61 6.34 42.76
N GLU F 73 22.69 5.83 43.58
CA GLU F 73 22.96 4.61 44.32
C GLU F 73 23.23 3.46 43.36
N THR F 74 24.01 2.49 43.81
CA THR F 74 24.41 1.38 42.97
C THR F 74 23.17 0.64 42.48
N PRO F 75 22.95 0.51 41.18
CA PRO F 75 21.76 -0.17 40.68
C PRO F 75 21.77 -1.64 41.08
N PRO F 76 20.62 -2.18 41.48
CA PRO F 76 20.55 -3.60 41.81
C PRO F 76 20.79 -4.47 40.58
N ASP F 77 21.42 -5.61 40.80
CA ASP F 77 21.68 -6.53 39.71
C ASP F 77 20.40 -7.24 39.28
N LEU F 78 19.78 -6.78 38.20
CA LEU F 78 18.55 -7.39 37.72
C LEU F 78 18.87 -8.62 36.89
N LEU F 79 17.93 -9.55 36.86
CA LEU F 79 18.10 -10.81 36.15
C LEU F 79 16.74 -11.46 35.97
N TYR F 80 16.68 -12.43 35.06
CA TYR F 80 15.48 -13.21 34.82
C TYR F 80 15.48 -14.47 35.68
N VAL F 81 14.37 -14.73 36.33
CA VAL F 81 14.14 -15.96 37.08
C VAL F 81 12.99 -16.71 36.43
N PRO F 82 13.15 -17.99 36.13
CA PRO F 82 12.02 -18.78 35.59
C PRO F 82 11.06 -19.16 36.70
N LEU F 83 9.89 -18.51 36.71
CA LEU F 83 8.85 -18.88 37.66
C LEU F 83 8.28 -20.24 37.31
N SER F 84 8.46 -20.69 36.07
CA SER F 84 8.11 -22.04 35.66
C SER F 84 9.03 -22.43 34.52
N GLU F 85 8.67 -23.51 33.83
CA GLU F 85 9.36 -23.84 32.59
C GLU F 85 9.00 -22.87 31.48
N ARG F 86 8.01 -22.00 31.71
CA ARG F 86 7.52 -21.06 30.70
C ARG F 86 7.38 -19.64 31.23
N LYS F 87 7.14 -19.47 32.53
CA LYS F 87 6.96 -18.17 33.14
C LYS F 87 8.29 -17.66 33.64
N VAL F 88 8.67 -16.45 33.21
CA VAL F 88 9.90 -15.81 33.66
C VAL F 88 9.58 -14.38 34.08
N ALA F 89 10.28 -13.92 35.11
CA ALA F 89 10.11 -12.56 35.62
C ALA F 89 11.48 -11.95 35.86
N VAL F 90 11.54 -10.62 35.78
CA VAL F 90 12.78 -9.88 35.99
C VAL F 90 12.92 -9.63 37.48
N LEU F 91 13.93 -10.24 38.10
CA LEU F 91 14.17 -10.13 39.53
C LEU F 91 15.38 -9.26 39.78
N THR F 92 15.23 -8.28 40.67
CA THR F 92 16.30 -7.34 41.01
C THR F 92 16.86 -7.71 42.38
N LEU F 93 18.18 -7.88 42.45
CA LEU F 93 18.87 -8.25 43.66
C LEU F 93 19.97 -7.26 43.99
N PRO F 94 20.36 -7.13 45.25
CA PRO F 94 21.47 -6.23 45.59
C PRO F 94 22.76 -6.66 44.91
N SER F 95 23.60 -5.68 44.61
CA SER F 95 24.81 -5.92 43.83
C SER F 95 25.70 -6.94 44.52
N GLY F 96 26.30 -7.81 43.70
CA GLY F 96 27.15 -8.87 44.19
C GLY F 96 26.44 -10.15 44.57
N GLN F 97 25.18 -10.08 44.97
CA GLN F 97 24.43 -11.27 45.33
C GLN F 97 24.10 -12.16 44.13
N GLU F 98 24.27 -11.65 42.91
CA GLU F 98 23.87 -12.41 41.73
C GLU F 98 24.70 -13.68 41.57
N ILE F 99 26.02 -13.57 41.75
CA ILE F 99 26.87 -14.75 41.64
C ILE F 99 26.61 -15.72 42.78
N HIS F 100 26.36 -15.19 43.98
CA HIS F 100 26.03 -16.04 45.12
C HIS F 100 24.74 -16.81 44.86
N LEU F 101 23.72 -16.13 44.33
CA LEU F 101 22.48 -16.82 44.01
C LEU F 101 22.67 -17.81 42.87
N ALA F 102 23.55 -17.50 41.92
CA ALA F 102 23.82 -18.43 40.83
C ALA F 102 24.43 -19.73 41.34
N GLU F 103 25.48 -19.62 42.17
CA GLU F 103 26.07 -20.84 42.72
C GLU F 103 25.10 -21.54 43.66
N ALA F 104 24.28 -20.78 44.38
CA ALA F 104 23.30 -21.39 45.27
C ALA F 104 22.27 -22.19 44.49
N VAL F 105 21.75 -21.65 43.39
CA VAL F 105 20.76 -22.40 42.61
C VAL F 105 21.44 -23.55 41.88
N GLU F 106 22.73 -23.43 41.56
CA GLU F 106 23.45 -24.58 41.02
C GLU F 106 23.46 -25.72 42.02
N GLY F 107 23.78 -25.41 43.29
CA GLY F 107 23.73 -26.43 44.32
C GLY F 107 22.33 -26.98 44.54
N LEU F 108 21.32 -26.10 44.48
CA LEU F 108 19.94 -26.51 44.66
C LEU F 108 19.48 -27.45 43.54
N LEU F 109 19.92 -27.18 42.31
CA LEU F 109 19.63 -28.09 41.21
C LEU F 109 20.37 -29.41 41.38
N LEU F 110 21.61 -29.37 41.85
CA LEU F 110 22.32 -30.62 42.14
C LEU F 110 21.69 -31.38 43.30
N GLU F 111 20.89 -30.71 44.14
CA GLU F 111 20.21 -31.37 45.25
C GLU F 111 19.23 -32.46 44.80
N VAL F 112 19.02 -32.65 43.49
CA VAL F 112 18.21 -33.76 43.04
C VAL F 112 18.84 -35.09 43.43
N ASN F 113 20.17 -35.14 43.45
CA ASN F 113 20.86 -36.34 43.93
C ASN F 113 20.58 -36.57 45.41
N ARG F 114 20.61 -35.50 46.22
CA ARG F 114 20.25 -35.63 47.62
C ARG F 114 18.82 -36.15 47.77
N LEU F 115 17.90 -35.63 46.95
CA LEU F 115 16.50 -36.00 47.06
C LEU F 115 16.29 -37.46 46.70
N ASP F 116 16.82 -37.90 45.55
CA ASP F 116 16.59 -39.28 45.14
C ASP F 116 17.47 -40.27 45.89
N GLU F 117 18.44 -39.78 46.67
CA GLU F 117 19.12 -40.67 47.61
C GLU F 117 18.37 -40.76 48.93
N LEU F 118 17.73 -39.66 49.36
CA LEU F 118 16.80 -39.74 50.48
C LEU F 118 15.62 -40.64 50.14
N PHE F 119 15.30 -40.77 48.85
CA PHE F 119 14.25 -41.67 48.40
C PHE F 119 14.65 -43.14 48.43
N ARG F 120 15.75 -43.48 49.12
CA ARG F 120 16.04 -44.88 49.42
C ARG F 120 16.57 -45.03 50.85
N GLN F 121 16.19 -44.15 51.76
CA GLN F 121 16.72 -44.15 53.12
C GLN F 121 15.84 -44.97 54.05
N GLY F 122 16.22 -44.99 55.33
CA GLY F 122 15.52 -45.83 56.30
C GLY F 122 14.08 -45.39 56.52
N SER F 123 13.86 -44.09 56.74
CA SER F 123 12.50 -43.60 56.91
C SER F 123 11.69 -43.75 55.63
N PHE F 124 12.34 -43.57 54.49
CA PHE F 124 11.68 -43.83 53.21
C PHE F 124 11.17 -45.26 53.14
N LEU F 125 12.05 -46.22 53.42
CA LEU F 125 11.64 -47.63 53.37
C LEU F 125 10.55 -47.90 54.39
N ARG F 126 10.65 -47.31 55.58
CA ARG F 126 9.65 -47.58 56.62
C ARG F 126 8.27 -47.09 56.22
N GLU F 127 8.18 -45.86 55.72
CA GLU F 127 6.86 -45.31 55.39
C GLU F 127 6.30 -45.91 54.12
N LYS F 128 7.16 -46.16 53.12
CA LYS F 128 6.68 -46.91 51.96
C LYS F 128 6.19 -48.30 52.36
N THR F 129 6.87 -48.95 53.31
CA THR F 129 6.40 -50.27 53.75
C THR F 129 5.10 -50.18 54.53
N GLN F 130 4.88 -49.10 55.30
CA GLN F 130 3.60 -49.03 56.02
C GLN F 130 2.44 -48.72 55.08
N LEU F 131 2.65 -47.85 54.10
CA LEU F 131 1.60 -47.62 53.10
C LEU F 131 1.35 -48.86 52.26
N GLU F 132 2.44 -49.51 51.81
CA GLU F 132 2.31 -50.78 51.11
C GLU F 132 1.68 -51.84 51.98
N ALA F 133 1.82 -51.72 53.30
CA ALA F 133 1.21 -52.69 54.21
C ALA F 133 -0.29 -52.44 54.33
N ARG F 134 -0.71 -51.19 54.29
CA ARG F 134 -2.14 -50.89 54.22
C ARG F 134 -2.75 -51.47 52.95
N PHE F 135 -2.15 -51.14 51.81
CA PHE F 135 -2.65 -51.69 50.55
C PHE F 135 -2.49 -53.21 50.51
N LYS F 136 -1.50 -53.74 51.22
CA LYS F 136 -1.22 -55.16 51.21
C LYS F 136 -2.22 -55.92 52.06
N GLU F 137 -2.65 -55.33 53.18
CA GLU F 137 -3.71 -55.96 53.96
C GLU F 137 -5.04 -55.88 53.24
N ALA F 138 -5.27 -54.81 52.46
CA ALA F 138 -6.45 -54.79 51.60
C ALA F 138 -6.41 -55.94 50.59
N ARG F 139 -5.29 -56.05 49.85
CA ARG F 139 -5.13 -57.14 48.90
C ARG F 139 -5.19 -58.50 49.58
N GLU F 140 -4.65 -58.62 50.80
CA GLU F 140 -4.71 -59.87 51.54
C GLU F 140 -6.15 -60.24 51.87
N GLN F 141 -6.88 -59.37 52.59
CA GLN F 141 -8.26 -59.70 52.93
C GLN F 141 -9.06 -60.07 51.68
N GLN F 142 -8.76 -59.42 50.55
CA GLN F 142 -9.34 -59.88 49.27
C GLN F 142 -8.92 -61.32 48.96
N LEU F 143 -7.62 -61.61 49.10
CA LEU F 143 -7.11 -62.93 48.74
C LEU F 143 -7.70 -64.02 49.61
N GLU F 144 -7.74 -63.81 50.93
CA GLU F 144 -8.31 -64.78 51.85
C GLU F 144 -9.82 -64.91 51.70
N ALA F 145 -10.53 -63.82 51.41
CA ALA F 145 -11.96 -63.95 51.10
C ALA F 145 -12.17 -64.82 49.88
N LEU F 146 -11.36 -64.62 48.84
CA LEU F 146 -11.46 -65.49 47.67
C LEU F 146 -11.03 -66.92 47.98
N ARG F 147 -10.05 -67.08 48.88
CA ARG F 147 -9.60 -68.42 49.28
C ARG F 147 -10.73 -69.19 49.96
N ARG F 148 -11.42 -68.55 50.91
CA ARG F 148 -12.52 -69.22 51.58
C ARG F 148 -13.70 -69.42 50.63
N GLU F 149 -13.90 -68.50 49.68
CA GLU F 149 -14.92 -68.70 48.67
C GLU F 149 -14.63 -69.94 47.83
N ALA F 150 -13.37 -70.12 47.43
CA ALA F 150 -13.00 -71.29 46.65
C ALA F 150 -13.07 -72.56 47.49
N GLN F 151 -12.66 -72.49 48.76
CA GLN F 151 -12.68 -73.63 49.65
C GLN F 151 -14.08 -73.99 50.12
N GLU F 152 -15.07 -73.13 49.86
CA GLU F 152 -16.45 -73.52 50.12
C GLU F 152 -16.84 -74.75 49.30
N ALA F 153 -16.43 -74.78 48.03
CA ALA F 153 -16.64 -75.94 47.17
C ALA F 153 -15.45 -76.89 47.16
N GLY F 154 -14.38 -76.56 47.88
CA GLY F 154 -13.21 -77.42 47.95
C GLY F 154 -12.22 -77.21 46.82
N PHE F 155 -11.87 -75.96 46.57
CA PHE F 155 -10.94 -75.60 45.50
C PHE F 155 -9.74 -74.87 46.08
N ALA F 156 -8.55 -75.20 45.57
CA ALA F 156 -7.31 -74.60 46.01
C ALA F 156 -6.90 -73.46 45.09
N LEU F 157 -6.05 -72.57 45.62
CA LEU F 157 -5.61 -71.38 44.91
C LEU F 157 -4.10 -71.39 44.73
N SER F 158 -3.66 -70.87 43.59
CA SER F 158 -2.24 -70.59 43.32
C SER F 158 -2.17 -69.31 42.50
N THR F 159 -2.04 -68.17 43.18
CA THR F 159 -1.91 -66.90 42.50
C THR F 159 -0.44 -66.58 42.25
N ASN F 160 -0.19 -65.81 41.18
CA ASN F 160 1.15 -65.44 40.77
C ASN F 160 1.29 -63.93 40.72
N GLY F 161 0.67 -63.23 41.66
CA GLY F 161 0.72 -61.78 41.70
C GLY F 161 -0.38 -61.15 40.88
N GLU F 162 -0.04 -60.67 39.68
CA GLU F 162 -1.05 -60.11 38.80
C GLU F 162 -2.06 -61.16 38.36
N ARG F 163 -1.58 -62.36 38.04
CA ARG F 163 -2.48 -63.44 37.61
C ARG F 163 -3.20 -64.04 38.81
N LEU F 164 -4.52 -64.12 38.72
CA LEU F 164 -5.34 -64.76 39.74
C LEU F 164 -5.97 -66.01 39.15
N GLU F 165 -5.73 -67.14 39.79
CA GLU F 165 -6.27 -68.42 39.31
C GLU F 165 -6.35 -69.38 40.49
N LEU F 166 -7.18 -70.41 40.31
CA LEU F 166 -7.38 -71.42 41.35
C LEU F 166 -7.27 -72.80 40.74
N THR F 167 -6.79 -73.75 41.54
CA THR F 167 -6.58 -75.12 41.07
C THR F 167 -7.65 -76.04 41.65
N GLY F 168 -8.16 -76.93 40.80
CA GLY F 168 -9.16 -77.88 41.20
C GLY F 168 -9.89 -78.49 40.02
N PRO F 169 -10.16 -79.79 40.09
CA PRO F 169 -10.87 -80.45 39.00
C PRO F 169 -12.32 -80.00 38.89
N GLY F 170 -12.83 -80.05 37.67
CA GLY F 170 -14.19 -79.67 37.39
C GLY F 170 -14.37 -78.17 37.30
N PRO F 171 -15.50 -77.73 36.73
CA PRO F 171 -15.75 -76.30 36.63
C PRO F 171 -16.07 -75.68 37.97
N VAL F 172 -15.52 -74.49 38.21
CA VAL F 172 -15.77 -73.75 39.44
C VAL F 172 -17.16 -73.12 39.35
N PRO F 173 -17.81 -72.81 40.47
CA PRO F 173 -19.12 -72.14 40.41
C PRO F 173 -19.02 -70.78 39.72
N ALA F 174 -20.12 -70.38 39.09
CA ALA F 174 -20.16 -69.09 38.40
C ALA F 174 -19.94 -67.94 39.39
N GLU F 175 -20.53 -68.04 40.58
CA GLU F 175 -20.28 -67.04 41.60
C GLU F 175 -18.81 -67.01 42.01
N LEU F 176 -18.14 -68.17 41.99
CA LEU F 176 -16.71 -68.20 42.30
C LEU F 176 -15.91 -67.43 41.27
N SER F 177 -16.21 -67.59 39.98
CA SER F 177 -15.51 -66.85 38.95
C SER F 177 -15.83 -65.36 39.02
N ALA F 178 -17.09 -65.02 39.34
CA ALA F 178 -17.45 -63.62 39.50
C ALA F 178 -16.66 -62.98 40.63
N ARG F 179 -16.53 -63.70 41.76
CA ARG F 179 -15.73 -63.20 42.87
C ARG F 179 -14.25 -63.10 42.49
N LEU F 180 -13.76 -64.06 41.71
CA LEU F 180 -12.39 -64.01 41.22
C LEU F 180 -12.14 -62.72 40.44
N GLU F 181 -13.01 -62.43 39.47
CA GLU F 181 -12.86 -61.20 38.69
C GLU F 181 -13.05 -59.95 39.51
N GLU F 182 -14.00 -59.93 40.45
CA GLU F 182 -14.18 -58.77 41.31
C GLU F 182 -12.94 -58.51 42.16
N VAL F 183 -12.35 -59.57 42.71
CA VAL F 183 -11.14 -59.42 43.51
C VAL F 183 -9.98 -58.95 42.64
N THR F 184 -9.88 -59.47 41.41
CA THR F 184 -8.83 -59.02 40.51
C THR F 184 -8.96 -57.53 40.19
N LEU F 185 -10.18 -57.09 39.88
CA LEU F 185 -10.40 -55.68 39.58
C LEU F 185 -10.08 -54.81 40.79
N GLY F 186 -10.52 -55.24 41.97
CA GLY F 186 -10.22 -54.47 43.17
C GLY F 186 -8.73 -54.41 43.46
N SER F 187 -8.02 -55.52 43.24
CA SER F 187 -6.59 -55.54 43.50
C SER F 187 -5.84 -54.61 42.55
N LEU F 188 -6.18 -54.66 41.26
CA LEU F 188 -5.54 -53.74 40.31
C LEU F 188 -5.89 -52.28 40.60
N ALA F 189 -7.14 -51.99 40.96
CA ALA F 189 -7.48 -50.63 41.34
C ALA F 189 -6.66 -50.17 42.53
N ALA F 190 -6.70 -50.93 43.63
CA ALA F 190 -5.94 -50.56 44.82
C ALA F 190 -4.45 -50.42 44.51
N SER F 191 -3.95 -51.21 43.57
CA SER F 191 -2.59 -51.00 43.10
C SER F 191 -2.43 -49.60 42.51
N ALA F 192 -3.36 -49.21 41.64
CA ALA F 192 -3.27 -47.90 41.00
C ALA F 192 -3.27 -46.79 42.05
N GLU F 193 -4.21 -46.85 43.01
CA GLU F 193 -4.18 -45.85 44.07
C GLU F 193 -2.94 -45.96 44.95
N LEU F 194 -2.28 -47.12 45.03
CA LEU F 194 -1.07 -47.14 45.83
C LEU F 194 0.08 -46.44 45.11
N GLU F 195 0.17 -46.58 43.78
CA GLU F 195 1.17 -45.75 43.09
C GLU F 195 0.84 -44.27 43.23
N VAL F 196 -0.44 -43.92 43.12
CA VAL F 196 -0.83 -42.51 43.26
C VAL F 196 -0.44 -41.99 44.65
N ALA F 197 -0.74 -42.77 45.69
CA ALA F 197 -0.44 -42.36 47.06
C ALA F 197 1.06 -42.28 47.32
N LEU F 198 1.85 -43.21 46.79
CA LEU F 198 3.29 -43.13 46.99
C LEU F 198 3.88 -41.94 46.25
N ARG F 199 3.34 -41.62 45.07
CA ARG F 199 3.77 -40.42 44.36
C ARG F 199 3.48 -39.17 45.19
N ARG F 200 2.27 -39.08 45.74
CA ARG F 200 1.92 -37.92 46.57
C ARG F 200 2.80 -37.84 47.81
N LEU F 201 3.08 -38.99 48.43
CA LEU F 201 3.92 -39.02 49.62
C LEU F 201 5.35 -38.60 49.32
N ARG F 202 5.88 -39.05 48.19
CA ARG F 202 7.21 -38.61 47.76
C ARG F 202 7.22 -37.11 47.49
N ARG F 203 6.14 -36.59 46.92
CA ARG F 203 6.03 -35.14 46.74
C ARG F 203 6.04 -34.41 48.09
N ASP F 204 5.34 -34.97 49.08
CA ASP F 204 5.30 -34.35 50.39
C ASP F 204 6.67 -34.32 51.04
N TRP F 205 7.42 -35.42 50.94
CA TRP F 205 8.78 -35.44 51.47
C TRP F 205 9.71 -34.52 50.70
N ALA F 206 9.52 -34.42 49.38
CA ALA F 206 10.29 -33.44 48.63
C ALA F 206 10.01 -32.03 49.15
N LEU F 207 8.74 -31.73 49.40
CA LEU F 207 8.38 -30.43 49.96
C LEU F 207 9.06 -30.20 51.29
N HIS F 208 9.03 -31.20 52.17
CA HIS F 208 9.64 -31.04 53.50
C HIS F 208 11.15 -30.83 53.41
N TYR F 209 11.84 -31.73 52.70
CA TYR F 209 13.30 -31.66 52.62
C TYR F 209 13.75 -30.39 51.91
N LEU F 210 13.04 -29.98 50.87
CA LEU F 210 13.43 -28.76 50.17
C LEU F 210 13.04 -27.52 50.93
N ASN F 211 12.01 -27.57 51.78
CA ASN F 211 11.79 -26.48 52.73
C ASN F 211 12.97 -26.35 53.67
N ASN F 212 13.46 -27.49 54.17
CA ASN F 212 14.63 -27.46 55.04
C ASN F 212 15.84 -26.88 54.33
N ARG F 213 16.05 -27.27 53.07
CA ARG F 213 17.21 -26.80 52.32
C ARG F 213 17.02 -25.41 51.73
N PHE F 214 15.80 -24.88 51.73
CA PHE F 214 15.48 -23.60 51.09
C PHE F 214 15.29 -22.47 52.08
N GLU F 215 14.93 -22.77 53.32
CA GLU F 215 14.78 -21.70 54.32
C GLU F 215 16.07 -20.88 54.49
N PRO F 216 17.26 -21.48 54.59
CA PRO F 216 18.48 -20.66 54.51
C PRO F 216 18.57 -19.87 53.21
N LEU F 217 18.13 -20.46 52.09
CA LEU F 217 18.09 -19.71 50.84
C LEU F 217 17.02 -18.64 50.89
N PHE F 218 15.90 -18.90 51.57
CA PHE F 218 14.86 -17.88 51.70
C PHE F 218 15.38 -16.66 52.46
N GLN F 219 16.08 -16.89 53.57
CA GLN F 219 16.59 -15.77 54.35
C GLN F 219 17.79 -15.11 53.68
N ARG F 220 18.57 -15.87 52.91
CA ARG F 220 19.73 -15.30 52.24
C ARG F 220 19.32 -14.36 51.12
N PHE F 221 18.21 -14.64 50.44
CA PHE F 221 17.71 -13.83 49.34
C PHE F 221 16.25 -13.51 49.62
N PRO F 222 15.98 -12.50 50.45
CA PRO F 222 14.59 -12.26 50.88
C PRO F 222 13.63 -11.94 49.75
N GLN F 223 14.08 -11.23 48.71
CA GLN F 223 13.19 -10.84 47.63
C GLN F 223 13.22 -11.82 46.46
N ALA F 224 13.99 -12.90 46.54
CA ALA F 224 13.94 -13.98 45.58
C ALA F 224 12.96 -15.07 46.00
N ARG F 225 11.94 -14.71 46.79
CA ARG F 225 11.04 -15.72 47.36
C ARG F 225 10.26 -16.43 46.27
N ALA F 226 9.76 -15.69 45.27
CA ALA F 226 8.92 -16.29 44.24
C ALA F 226 9.70 -17.33 43.43
N TYR F 227 10.90 -16.97 42.97
CA TYR F 227 11.69 -17.91 42.20
C TYR F 227 12.10 -19.12 43.04
N LEU F 228 12.44 -18.89 44.30
CA LEU F 228 12.86 -19.99 45.17
C LEU F 228 11.72 -20.97 45.39
N GLU F 229 10.51 -20.45 45.68
CA GLU F 229 9.39 -21.36 45.88
C GLU F 229 8.98 -22.04 44.59
N ALA F 230 9.13 -21.36 43.44
CA ALA F 230 8.87 -22.01 42.16
C ALA F 230 9.83 -23.16 41.92
N LEU F 231 11.12 -22.95 42.23
CA LEU F 231 12.10 -24.02 42.10
C LEU F 231 11.77 -25.18 43.04
N ARG F 232 11.35 -24.87 44.27
CA ARG F 232 10.97 -25.91 45.21
C ARG F 232 9.79 -26.72 44.70
N ALA F 233 8.78 -26.03 44.14
CA ALA F 233 7.63 -26.74 43.57
C ALA F 233 8.04 -27.60 42.39
N ARG F 234 8.96 -27.09 41.55
CA ARG F 234 9.45 -27.88 40.43
C ARG F 234 10.18 -29.12 40.91
N LEU F 235 10.96 -29.00 41.98
CA LEU F 235 11.64 -30.17 42.54
C LEU F 235 10.64 -31.16 43.13
N ALA F 236 9.57 -30.65 43.74
CA ALA F 236 8.51 -31.53 44.24
C ALA F 236 7.84 -32.29 43.09
N ARG F 237 7.62 -31.60 41.97
CA ARG F 237 7.07 -32.27 40.79
C ARG F 237 8.05 -33.31 40.25
N TYR F 238 9.34 -32.98 40.23
CA TYR F 238 10.36 -33.95 39.87
C TYR F 238 10.26 -35.20 40.74
N ALA F 239 10.08 -35.02 42.04
CA ALA F 239 10.00 -36.16 42.94
C ALA F 239 8.75 -36.98 42.69
N GLU F 240 7.58 -36.32 42.59
CA GLU F 240 6.33 -37.06 42.50
C GLU F 240 6.18 -37.75 41.16
N THR F 241 6.59 -37.10 40.08
CA THR F 241 6.31 -37.61 38.74
C THR F 241 7.52 -38.25 38.07
N GLY F 242 8.73 -37.88 38.48
CA GLY F 242 9.91 -38.26 37.72
C GLY F 242 10.15 -37.41 36.49
N GLU F 243 9.45 -36.29 36.37
CA GLU F 243 9.59 -35.38 35.24
C GLU F 243 11.03 -34.87 35.15
N PRO F 244 11.69 -34.99 34.00
CA PRO F 244 13.07 -34.54 33.89
C PRO F 244 13.21 -33.05 34.14
N LEU F 245 14.33 -32.68 34.77
CA LEU F 245 14.61 -31.30 35.12
C LEU F 245 15.91 -30.88 34.45
N ASP F 246 15.89 -29.71 33.82
CA ASP F 246 17.07 -29.21 33.13
C ASP F 246 17.57 -27.93 33.79
N PRO F 247 18.87 -27.85 34.07
CA PRO F 247 19.42 -26.62 34.67
C PRO F 247 19.36 -25.45 33.70
N ALA F 248 19.44 -25.74 32.41
CA ALA F 248 19.42 -24.69 31.39
C ALA F 248 18.12 -23.90 31.39
N GLN F 249 17.04 -24.49 31.92
CA GLN F 249 15.76 -23.81 32.00
C GLN F 249 15.48 -23.27 33.40
N TRP F 250 16.38 -23.52 34.37
CA TRP F 250 16.17 -23.07 35.73
C TRP F 250 17.41 -22.37 36.28
N ARG F 251 18.25 -21.85 35.41
CA ARG F 251 19.42 -21.05 35.79
C ARG F 251 19.12 -19.59 35.50
N PRO F 252 19.10 -18.73 36.51
CA PRO F 252 18.82 -17.31 36.25
C PRO F 252 19.82 -16.71 35.28
N ASN F 253 19.31 -15.86 34.39
CA ASN F 253 20.12 -15.28 33.32
C ASN F 253 20.63 -13.91 33.77
N LEU F 254 21.95 -13.75 33.75
CA LEU F 254 22.58 -12.51 34.20
C LEU F 254 22.32 -11.41 33.19
N LEU F 255 21.52 -10.42 33.58
CA LEU F 255 21.23 -9.30 32.69
C LEU F 255 22.32 -8.24 32.75
N THR F 256 22.50 -7.63 33.91
CA THR F 256 23.44 -6.53 34.08
C THR F 256 24.01 -6.58 35.48
N SER F 257 25.33 -6.44 35.58
CA SER F 257 26.01 -6.42 36.86
C SER F 257 26.03 -4.99 37.40
N SER F 258 26.76 -4.78 38.49
CA SER F 258 26.85 -3.46 39.09
C SER F 258 27.62 -2.50 38.19
N SER F 259 27.25 -1.22 38.26
CA SER F 259 27.97 -0.15 37.59
C SER F 259 28.72 0.73 38.60
N SER F 260 28.94 0.22 39.81
CA SER F 260 29.61 0.93 40.90
C SER F 260 28.90 2.20 41.31
N GLY F 261 27.65 2.40 40.87
CA GLY F 261 26.89 3.57 41.27
C GLY F 261 27.26 4.82 40.52
N THR F 262 28.53 5.19 40.54
CA THR F 262 29.02 6.39 39.89
C THR F 262 30.07 5.98 38.86
N PRO F 263 29.90 6.31 37.57
CA PRO F 263 28.75 7.06 37.04
C PRO F 263 27.49 6.20 36.94
N PRO F 264 26.32 6.84 36.91
CA PRO F 264 25.08 6.08 36.78
C PRO F 264 25.07 5.32 35.47
N PRO F 265 24.42 4.16 35.43
CA PRO F 265 24.38 3.39 34.18
C PRO F 265 23.59 4.11 33.11
N ILE F 266 24.29 4.63 32.11
CA ILE F 266 23.69 5.33 30.99
C ILE F 266 23.81 4.48 29.75
N VAL F 267 22.70 4.26 29.07
CA VAL F 267 22.74 3.54 27.80
C VAL F 267 22.01 4.33 26.73
N TYR F 268 22.76 4.96 25.85
CA TYR F 268 22.20 5.66 24.70
C TYR F 268 21.99 4.64 23.59
N GLU F 269 20.77 4.59 23.05
CA GLU F 269 20.40 3.64 22.02
C GLU F 269 19.84 4.41 20.84
N PRO F 270 20.68 4.92 19.94
CA PRO F 270 20.17 5.63 18.76
C PRO F 270 19.36 4.74 17.85
N TYR F 271 19.65 3.44 17.80
CA TYR F 271 18.87 2.49 17.02
C TYR F 271 17.74 1.95 17.90
N ALA F 272 16.80 2.84 18.22
CA ALA F 272 15.71 2.50 19.12
C ALA F 272 14.71 1.60 18.43
N THR F 273 14.98 0.30 18.44
CA THR F 273 14.09 -0.69 17.87
C THR F 273 13.74 -1.72 18.94
N ALA F 274 12.61 -2.39 18.75
CA ALA F 274 12.10 -3.32 19.75
C ALA F 274 13.10 -4.40 20.14
N PRO F 275 13.76 -5.11 19.22
CA PRO F 275 14.74 -6.12 19.66
C PRO F 275 15.89 -5.55 20.48
N ARG F 276 16.31 -4.33 20.19
CA ARG F 276 17.41 -3.72 20.95
C ARG F 276 16.91 -2.96 22.17
N LEU F 277 15.66 -2.50 22.15
CA LEU F 277 15.11 -1.82 23.31
C LEU F 277 14.73 -2.82 24.40
N PHE F 278 13.84 -3.75 24.08
CA PHE F 278 13.31 -4.68 25.06
C PHE F 278 14.06 -6.00 25.12
N GLY F 279 15.14 -6.14 24.37
CA GLY F 279 15.90 -7.36 24.35
C GLY F 279 15.33 -8.38 23.37
N ARG F 280 16.02 -9.50 23.28
CA ARG F 280 15.66 -10.55 22.33
C ARG F 280 15.62 -11.90 23.03
N LEU F 281 14.74 -12.77 22.54
CA LEU F 281 14.68 -14.17 22.93
C LEU F 281 15.32 -15.00 21.84
N ASP F 282 16.42 -15.68 22.18
CA ASP F 282 17.09 -16.54 21.22
C ASP F 282 16.38 -17.89 21.15
N TYR F 283 16.79 -18.70 20.17
CA TYR F 283 16.18 -19.99 19.92
C TYR F 283 17.25 -20.95 19.43
N LEU F 284 17.78 -21.76 20.34
CA LEU F 284 18.74 -22.79 19.98
C LEU F 284 17.99 -24.03 19.54
N VAL F 285 18.29 -24.51 18.33
CA VAL F 285 17.57 -25.64 17.75
C VAL F 285 18.36 -26.90 18.11
N ASP F 286 18.11 -27.41 19.31
CA ASP F 286 18.74 -28.64 19.76
C ASP F 286 17.86 -29.84 19.43
N ARG F 287 18.49 -30.89 18.90
CA ARG F 287 17.80 -32.12 18.52
C ARG F 287 16.73 -31.86 17.46
N GLY F 288 16.72 -30.68 16.86
CA GLY F 288 15.75 -30.32 15.85
C GLY F 288 14.59 -29.48 16.34
N VAL F 289 14.43 -29.34 17.65
CA VAL F 289 13.35 -28.53 18.23
C VAL F 289 13.90 -27.16 18.59
N TRP F 290 13.14 -26.12 18.28
CA TRP F 290 13.53 -24.76 18.65
C TRP F 290 13.28 -24.56 20.13
N SER F 291 14.00 -25.28 20.97
CA SER F 291 13.77 -25.27 22.41
C SER F 291 14.43 -24.03 23.01
N THR F 292 13.65 -23.23 23.72
CA THR F 292 14.12 -22.05 24.41
C THR F 292 14.02 -22.26 25.91
N ASN F 293 14.65 -21.36 26.65
CA ASN F 293 14.67 -21.45 28.11
C ASN F 293 14.89 -20.05 28.67
N VAL F 294 15.06 -19.96 29.99
CA VAL F 294 15.33 -18.69 30.63
C VAL F 294 16.73 -18.19 30.29
N SER F 295 17.62 -19.06 29.80
CA SER F 295 18.99 -18.68 29.53
C SER F 295 19.17 -17.99 28.18
N LEU F 296 18.11 -17.87 27.39
CA LEU F 296 18.21 -17.29 26.05
C LEU F 296 17.49 -15.96 25.94
N ILE F 297 17.34 -15.23 27.04
CA ILE F 297 16.79 -13.88 27.00
C ILE F 297 17.95 -12.91 27.13
N ARG F 298 18.07 -12.00 26.17
CA ARG F 298 19.17 -11.05 26.15
C ARG F 298 18.70 -9.66 26.54
N PRO F 299 19.42 -8.95 27.39
CA PRO F 299 18.96 -7.63 27.81
C PRO F 299 18.92 -6.66 26.64
N GLY F 300 17.93 -5.77 26.66
CA GLY F 300 17.87 -4.66 25.76
C GLY F 300 18.42 -3.40 26.40
N ALA F 301 18.15 -2.27 25.75
CA ALA F 301 18.54 -0.99 26.33
C ALA F 301 17.81 -0.76 27.65
N VAL F 302 16.53 -1.12 27.71
CA VAL F 302 15.75 -0.94 28.93
C VAL F 302 16.32 -1.74 30.08
N HIS F 303 16.73 -2.98 29.84
CA HIS F 303 17.23 -3.83 30.91
C HIS F 303 18.53 -3.31 31.53
N ARG F 304 19.44 -2.78 30.73
CA ARG F 304 20.68 -2.23 31.25
C ARG F 304 20.56 -0.76 31.59
N ALA F 305 19.39 -0.15 31.38
CA ALA F 305 19.13 1.20 31.83
C ALA F 305 18.60 1.24 33.26
N GLN F 306 18.37 0.09 33.89
CA GLN F 306 17.75 0.06 35.21
C GLN F 306 18.65 0.73 36.24
N GLY F 307 18.04 1.59 37.05
CA GLY F 307 18.77 2.37 38.03
C GLY F 307 19.46 3.59 37.47
N GLY F 308 19.48 3.76 36.15
CA GLY F 308 20.15 4.88 35.54
C GLY F 308 19.27 5.64 34.57
N TYR F 309 19.77 5.89 33.37
CA TYR F 309 19.06 6.67 32.38
C TYR F 309 19.14 5.99 31.02
N LEU F 310 18.06 6.09 30.27
CA LEU F 310 17.97 5.52 28.93
C LEU F 310 17.78 6.67 27.95
N ILE F 311 18.80 6.94 27.15
CA ILE F 311 18.75 8.02 26.18
C ILE F 311 18.25 7.46 24.86
N LEU F 312 17.20 8.06 24.31
CA LEU F 312 16.63 7.63 23.05
C LEU F 312 16.37 8.85 22.17
N ASP F 313 16.32 8.61 20.87
CA ASP F 313 16.05 9.65 19.89
C ASP F 313 14.57 9.58 19.50
N ALA F 314 13.93 10.75 19.45
CA ALA F 314 12.52 10.79 19.10
C ALA F 314 12.29 10.27 17.68
N LEU F 315 13.18 10.61 16.76
CA LEU F 315 13.06 10.12 15.39
C LEU F 315 13.19 8.61 15.33
N SER F 316 14.09 8.02 16.11
CA SER F 316 14.26 6.57 16.10
C SER F 316 13.04 5.83 16.59
N LEU F 317 12.19 6.48 17.39
CA LEU F 317 10.94 5.89 17.85
C LEU F 317 9.80 6.15 16.88
N LYS F 318 9.67 7.39 16.42
CA LYS F 318 8.60 7.73 15.50
C LYS F 318 8.75 7.06 14.15
N ARG F 319 9.99 6.76 13.75
CA ARG F 319 10.27 6.15 12.45
C ARG F 319 10.16 4.63 12.48
N GLU F 320 10.68 3.99 13.52
CA GLU F 320 10.72 2.54 13.57
C GLU F 320 9.49 1.93 14.23
N GLY F 321 8.52 2.74 14.60
CA GLY F 321 7.22 2.24 15.01
C GLY F 321 7.19 1.56 16.35
N THR F 322 8.27 1.64 17.11
CA THR F 322 8.35 1.04 18.44
C THR F 322 7.90 2.00 19.52
N TRP F 323 7.28 3.12 19.15
CA TRP F 323 6.84 4.08 20.15
C TRP F 323 5.72 3.52 21.01
N GLU F 324 4.78 2.80 20.40
CA GLU F 324 3.66 2.23 21.16
C GLU F 324 4.15 1.15 22.12
N ALA F 325 5.06 0.28 21.65
CA ALA F 325 5.62 -0.73 22.54
C ALA F 325 6.40 -0.08 23.67
N PHE F 326 7.12 0.99 23.37
CA PHE F 326 7.89 1.68 24.40
C PHE F 326 6.98 2.31 25.44
N LYS F 327 5.92 2.99 25.00
CA LYS F 327 5.01 3.63 25.95
C LYS F 327 4.23 2.62 26.77
N ARG F 328 3.90 1.46 26.20
CA ARG F 328 3.25 0.43 27.00
C ARG F 328 4.23 -0.29 27.93
N ALA F 329 5.52 -0.26 27.60
CA ALA F 329 6.52 -0.76 28.55
C ALA F 329 6.78 0.24 29.67
N LEU F 330 6.57 1.53 29.39
CA LEU F 330 6.75 2.56 30.42
C LEU F 330 5.55 2.60 31.36
N ARG F 331 4.35 2.77 30.80
CA ARG F 331 3.16 2.91 31.63
C ARG F 331 2.85 1.64 32.40
N ASN F 332 2.83 0.51 31.71
CA ASN F 332 2.39 -0.75 32.29
C ASN F 332 3.54 -1.67 32.69
N GLY F 333 4.78 -1.21 32.54
CA GLY F 333 5.91 -2.08 32.84
C GLY F 333 5.96 -3.32 31.99
N GLN F 334 5.54 -3.23 30.73
CA GLN F 334 5.40 -4.39 29.85
C GLN F 334 6.60 -4.44 28.91
N VAL F 335 7.71 -4.98 29.40
CA VAL F 335 8.90 -5.19 28.59
C VAL F 335 8.90 -6.64 28.15
N GLU F 336 8.72 -6.87 26.86
CA GLU F 336 8.61 -8.21 26.31
C GLU F 336 9.77 -8.46 25.35
N PRO F 337 10.71 -9.32 25.68
CA PRO F 337 11.76 -9.70 24.72
C PRO F 337 11.14 -10.23 23.44
N VAL F 338 11.35 -9.53 22.33
CA VAL F 338 10.63 -9.84 21.10
C VAL F 338 11.11 -11.17 20.54
N THR F 339 10.22 -11.85 19.81
CA THR F 339 10.51 -13.12 19.17
C THR F 339 10.07 -13.05 17.72
N GLU F 340 10.77 -13.80 16.87
CA GLU F 340 10.36 -13.91 15.48
C GLU F 340 9.03 -14.66 15.39
N PRO F 341 8.19 -14.33 14.40
CA PRO F 341 6.85 -14.91 14.35
C PRO F 341 6.81 -16.42 14.22
N GLN F 342 7.85 -17.05 13.67
CA GLN F 342 7.86 -18.49 13.49
C GLN F 342 8.11 -19.24 14.79
N ALA F 343 8.24 -18.54 15.91
CA ALA F 343 8.60 -19.17 17.17
C ALA F 343 7.57 -20.23 17.55
N PRO F 344 7.99 -21.45 17.85
CA PRO F 344 7.02 -22.49 18.23
C PRO F 344 6.42 -22.23 19.60
N ALA F 345 7.16 -21.51 20.44
CA ALA F 345 6.70 -21.15 21.77
C ALA F 345 7.44 -19.88 22.20
N GLY F 346 7.05 -19.35 23.34
CA GLY F 346 7.69 -18.15 23.86
C GLY F 346 7.59 -18.04 25.36
N LEU F 347 8.68 -17.65 26.02
CA LEU F 347 8.66 -17.47 27.46
C LEU F 347 7.68 -16.38 27.83
N GLU F 348 6.83 -16.65 28.82
CA GLU F 348 5.86 -15.67 29.29
C GLU F 348 6.54 -14.79 30.32
N VAL F 349 7.02 -13.63 29.84
CA VAL F 349 7.75 -12.70 30.69
C VAL F 349 6.74 -11.86 31.48
N GLU F 350 6.82 -11.94 32.81
CA GLU F 350 5.95 -11.20 33.70
C GLU F 350 6.24 -9.70 33.62
N PRO F 351 5.22 -8.85 33.70
CA PRO F 351 5.45 -7.41 33.66
C PRO F 351 6.43 -6.97 34.75
N PHE F 352 7.35 -6.09 34.37
CA PHE F 352 8.44 -5.68 35.25
C PHE F 352 8.38 -4.19 35.52
N PRO F 353 8.42 -3.78 36.79
CA PRO F 353 8.45 -2.35 37.11
C PRO F 353 9.68 -1.69 36.51
N ILE F 354 9.51 -0.45 36.06
CA ILE F 354 10.55 0.29 35.37
C ILE F 354 11.18 1.27 36.35
N GLN F 355 12.49 1.13 36.54
CA GLN F 355 13.24 2.00 37.44
C GLN F 355 14.07 3.04 36.70
N MET F 356 14.23 2.90 35.38
CA MET F 356 15.03 3.82 34.60
C MET F 356 14.31 5.15 34.40
N GLN F 357 15.09 6.16 34.05
CA GLN F 357 14.56 7.47 33.66
C GLN F 357 14.94 7.72 32.21
N VAL F 358 13.99 7.58 31.32
CA VAL F 358 14.25 7.76 29.90
C VAL F 358 14.28 9.24 29.57
N ILE F 359 15.24 9.63 28.75
CA ILE F 359 15.43 11.02 28.35
C ILE F 359 15.44 11.05 26.83
N LEU F 360 14.30 11.37 26.22
CA LEU F 360 14.24 11.46 24.77
C LEU F 360 15.00 12.69 24.29
N VAL F 361 15.61 12.56 23.12
CA VAL F 361 16.32 13.67 22.47
C VAL F 361 15.82 13.77 21.04
N GLY F 362 15.55 14.98 20.60
CA GLY F 362 15.12 15.17 19.23
C GLY F 362 14.83 16.62 18.94
N THR F 363 14.66 16.90 17.66
CA THR F 363 14.32 18.23 17.20
C THR F 363 12.87 18.55 17.51
N PRO F 364 12.49 19.83 17.51
CA PRO F 364 11.07 20.17 17.72
C PRO F 364 10.16 19.50 16.72
N GLU F 365 10.61 19.34 15.47
CA GLU F 365 9.82 18.61 14.48
C GLU F 365 9.74 17.14 14.82
N ALA F 366 10.81 16.56 15.38
CA ALA F 366 10.78 15.15 15.76
C ALA F 366 9.88 14.88 16.95
N PHE F 367 9.44 15.91 17.66
CA PHE F 367 8.57 15.74 18.81
C PHE F 367 7.15 16.21 18.58
N GLU F 368 6.94 17.22 17.73
CA GLU F 368 5.58 17.64 17.41
C GLU F 368 4.80 16.53 16.72
N GLY F 369 5.48 15.61 16.05
CA GLY F 369 4.85 14.41 15.55
C GLY F 369 4.68 13.33 16.59
N LEU F 370 5.13 13.58 17.81
CA LEU F 370 4.98 12.64 18.91
C LEU F 370 4.27 13.27 20.10
N GLU F 371 4.07 14.59 20.10
CA GLU F 371 3.33 15.27 21.14
C GLU F 371 1.82 15.07 21.03
N GLU F 372 1.33 14.63 19.87
CA GLU F 372 -0.09 14.44 19.67
C GLU F 372 -0.66 13.27 20.46
N ASP F 373 0.21 12.43 21.03
CA ASP F 373 -0.21 11.32 21.87
C ASP F 373 -0.30 11.80 23.31
N PRO F 374 -1.48 11.80 23.92
CA PRO F 374 -1.60 12.27 25.30
C PRO F 374 -0.75 11.48 26.28
N ALA F 375 -0.52 10.19 25.97
CA ALA F 375 0.32 9.38 26.83
C ALA F 375 1.76 9.87 26.82
N PHE F 376 2.21 10.48 25.72
CA PHE F 376 3.53 11.10 25.72
C PHE F 376 3.57 12.28 26.68
N SER F 377 2.56 13.15 26.61
CA SER F 377 2.52 14.31 27.51
C SER F 377 2.34 13.91 28.96
N GLU F 378 1.75 12.75 29.23
CA GLU F 378 1.62 12.28 30.60
C GLU F 378 2.84 11.53 31.09
N LEU F 379 3.63 10.95 30.17
CA LEU F 379 4.84 10.22 30.58
C LEU F 379 6.03 11.16 30.68
N PHE F 380 6.14 12.09 29.75
CA PHE F 380 7.28 13.01 29.68
C PHE F 380 6.79 14.40 30.07
N ARG F 381 6.97 14.75 31.34
CA ARG F 381 6.49 16.02 31.87
C ARG F 381 7.53 17.13 31.76
N ILE F 382 8.81 16.79 31.79
CA ILE F 382 9.88 17.77 31.80
C ILE F 382 10.33 18.02 30.36
N ARG F 383 10.26 19.28 29.93
CA ARG F 383 10.67 19.67 28.59
C ARG F 383 11.95 20.49 28.70
N ALA F 384 13.06 19.92 28.21
CA ALA F 384 14.36 20.58 28.23
C ALA F 384 14.61 21.15 26.84
N GLU F 385 14.40 22.46 26.69
CA GLU F 385 14.57 23.13 25.41
C GLU F 385 15.94 23.78 25.34
N PHE F 386 16.65 23.54 24.23
CA PHE F 386 17.92 24.18 23.97
C PHE F 386 17.67 25.42 23.12
N SER F 387 18.14 26.57 23.59
CA SER F 387 18.00 27.79 22.81
C SER F 387 18.84 27.67 21.54
N PRO F 388 18.27 27.99 20.38
CA PRO F 388 19.07 27.95 19.15
C PRO F 388 20.24 28.92 19.17
N THR F 389 20.12 30.05 19.86
CA THR F 389 21.17 31.05 19.93
C THR F 389 21.45 31.41 21.38
N LEU F 390 22.73 31.44 21.74
CA LEU F 390 23.20 31.97 23.01
C LEU F 390 23.50 33.45 22.88
N PRO F 391 23.44 34.21 23.98
CA PRO F 391 23.81 35.62 23.91
C PRO F 391 25.28 35.78 23.56
N ALA F 392 25.58 36.85 22.82
CA ALA F 392 26.96 37.15 22.46
C ALA F 392 27.59 37.95 23.59
N SER F 393 28.34 37.26 24.45
CA SER F 393 28.96 37.89 25.59
C SER F 393 30.39 37.36 25.69
N PRO F 394 31.31 38.14 26.26
CA PRO F 394 32.68 37.62 26.43
C PRO F 394 32.73 36.34 27.23
N GLU F 395 31.82 36.18 28.21
CA GLU F 395 31.74 34.91 28.93
C GLU F 395 31.36 33.77 28.00
N ASN F 396 30.42 34.03 27.09
CA ASN F 396 30.03 32.99 26.13
C ASN F 396 31.17 32.65 25.19
N CYS F 397 31.93 33.66 24.75
CA CYS F 397 33.08 33.39 23.90
C CYS F 397 34.14 32.59 24.63
N THR F 398 34.39 32.91 25.90
CA THR F 398 35.35 32.15 26.69
C THR F 398 34.87 30.72 26.89
N ALA F 399 33.57 30.54 27.12
CA ALA F 399 33.03 29.18 27.26
C ALA F 399 33.18 28.40 25.97
N LEU F 400 32.93 29.05 24.83
CA LEU F 400 33.11 28.39 23.54
C LEU F 400 34.57 28.00 23.34
N GLY F 401 35.49 28.89 23.69
CA GLY F 401 36.90 28.55 23.58
C GLY F 401 37.29 27.40 24.46
N GLY F 402 36.80 27.38 25.69
CA GLY F 402 37.07 26.26 26.58
C GLY F 402 36.50 24.96 26.05
N TRP F 403 35.30 25.02 25.47
CA TRP F 403 34.70 23.82 24.89
C TRP F 403 35.54 23.30 23.73
N LEU F 404 36.00 24.22 22.87
CA LEU F 404 36.84 23.81 21.75
C LEU F 404 38.15 23.21 22.23
N LEU F 405 38.76 23.82 23.25
CA LEU F 405 40.00 23.28 23.80
C LEU F 405 39.77 21.91 24.43
N ALA F 406 38.59 21.67 24.98
CA ALA F 406 38.27 20.37 25.54
C ALA F 406 38.20 19.30 24.45
N GLN F 407 37.75 19.67 23.26
CA GLN F 407 37.68 18.73 22.15
C GLN F 407 39.05 18.22 21.72
N GLY F 408 40.09 19.01 21.93
CA GLY F 408 41.43 18.64 21.51
C GLY F 408 42.01 19.62 20.50
N PHE F 409 41.30 20.70 20.25
CA PHE F 409 41.77 21.72 19.31
C PHE F 409 42.87 22.56 19.94
N GLN F 410 43.46 23.43 19.13
CA GLN F 410 44.49 24.37 19.58
C GLN F 410 44.10 25.75 19.06
N LEU F 411 43.49 26.55 19.92
CA LEU F 411 43.01 27.88 19.55
C LEU F 411 44.04 28.94 19.87
N THR F 412 44.26 29.83 18.91
CA THR F 412 44.87 31.10 19.22
C THR F 412 43.78 32.09 19.60
N GLN F 413 44.19 33.21 20.21
CA GLN F 413 43.21 34.22 20.59
C GLN F 413 42.47 34.75 19.37
N GLY F 414 43.21 35.05 18.29
CA GLY F 414 42.56 35.47 17.06
C GLY F 414 41.70 34.39 16.45
N GLY F 415 42.14 33.13 16.51
CA GLY F 415 41.34 32.05 15.98
C GLY F 415 40.04 31.87 16.75
N LEU F 416 40.10 31.94 18.08
CA LEU F 416 38.89 31.89 18.88
C LEU F 416 37.98 33.07 18.56
N THR F 417 38.57 34.25 18.40
CA THR F 417 37.76 35.42 18.07
C THR F 417 37.06 35.25 16.74
N ARG F 418 37.76 34.73 15.74
CA ARG F 418 37.14 34.52 14.43
C ARG F 418 36.07 33.45 14.48
N LEU F 419 36.31 32.37 15.24
CA LEU F 419 35.30 31.33 15.37
C LEU F 419 34.05 31.87 16.07
N TYR F 420 34.24 32.69 17.10
CA TYR F 420 33.11 33.29 17.81
C TYR F 420 32.35 34.25 16.91
N ASP F 421 33.07 35.03 16.09
CA ASP F 421 32.39 35.89 15.13
C ASP F 421 31.62 35.09 14.11
N GLU F 422 32.17 33.97 13.65
CA GLU F 422 31.44 33.12 12.71
C GLU F 422 30.21 32.52 13.37
N ALA F 423 30.31 32.16 14.65
CA ALA F 423 29.15 31.67 15.37
C ALA F 423 28.07 32.75 15.47
N ARG F 424 28.48 33.99 15.72
CA ARG F 424 27.53 35.10 15.70
C ARG F 424 26.89 35.26 14.33
N ARG F 425 27.68 35.09 13.28
CA ARG F 425 27.15 35.23 11.92
C ARG F 425 26.17 34.12 11.58
N MET F 426 26.41 32.91 12.07
CA MET F 426 25.50 31.80 11.82
C MET F 426 24.13 32.11 12.40
N ALA F 427 24.09 32.68 13.60
CA ALA F 427 22.84 33.09 14.21
C ALA F 427 22.24 34.33 13.55
N GLU F 428 22.96 34.96 12.62
CA GLU F 428 22.50 36.15 11.92
C GLU F 428 22.16 37.29 12.88
N GLN F 429 22.83 37.35 14.01
CA GLN F 429 22.59 38.39 15.01
C GLN F 429 23.92 38.92 15.50
N ARG F 430 23.98 40.23 15.71
CA ARG F 430 25.19 40.84 16.25
C ARG F 430 25.32 40.64 17.75
N ASP F 431 24.22 40.33 18.44
CA ASP F 431 24.23 40.15 19.89
C ASP F 431 23.93 38.73 20.31
N ARG F 432 23.79 37.79 19.38
CA ARG F 432 23.58 36.39 19.71
C ARG F 432 24.56 35.56 18.92
N MET F 433 25.00 34.45 19.51
CA MET F 433 25.93 33.53 18.87
C MET F 433 25.27 32.17 18.75
N ASP F 434 25.49 31.53 17.60
CA ASP F 434 24.81 30.27 17.30
C ASP F 434 25.19 29.20 18.30
N ALA F 435 24.20 28.49 18.82
CA ALA F 435 24.42 27.48 19.84
C ALA F 435 24.74 26.11 19.28
N ARG F 436 24.69 25.93 17.96
CA ARG F 436 25.00 24.64 17.38
C ARG F 436 26.49 24.39 17.50
N LEU F 437 26.90 23.75 18.60
CA LEU F 437 28.32 23.58 18.88
C LEU F 437 28.99 22.63 17.90
N VAL F 438 28.26 21.68 17.32
CA VAL F 438 28.91 20.75 16.40
C VAL F 438 29.14 21.42 15.05
N GLU F 439 28.33 22.41 14.67
CA GLU F 439 28.64 23.19 13.48
C GLU F 439 29.95 23.93 13.63
N ILE F 440 30.13 24.58 14.78
CA ILE F 440 31.39 25.26 15.07
C ILE F 440 32.52 24.26 15.17
N ARG F 441 32.26 23.07 15.70
CA ARG F 441 33.30 22.04 15.76
C ARG F 441 33.72 21.58 14.37
N ALA F 442 32.76 21.44 13.45
CA ALA F 442 33.09 21.06 12.08
C ALA F 442 33.91 22.16 11.41
N LEU F 443 33.52 23.42 11.60
CA LEU F 443 34.31 24.51 11.06
C LEU F 443 35.71 24.53 11.68
N ALA F 444 35.82 24.21 12.97
CA ALA F 444 37.11 24.14 13.62
C ALA F 444 37.97 23.02 13.04
N GLU F 445 37.37 21.87 12.74
CA GLU F 445 38.13 20.79 12.12
C GLU F 445 38.63 21.19 10.74
N GLU F 446 37.76 21.85 9.96
CA GLU F 446 38.18 22.33 8.64
C GLU F 446 39.33 23.32 8.77
N ALA F 447 39.22 24.27 9.68
CA ALA F 447 40.28 25.25 9.86
C ALA F 447 41.55 24.61 10.39
N ALA F 448 41.43 23.57 11.22
CA ALA F 448 42.60 22.89 11.74
C ALA F 448 43.36 22.17 10.63
N VAL F 449 42.64 21.47 9.75
CA VAL F 449 43.33 20.81 8.65
C VAL F 449 43.80 21.80 7.60
N LEU F 450 43.21 23.01 7.55
CA LEU F 450 43.74 24.04 6.67
C LEU F 450 44.87 24.84 7.30
N GLY F 451 45.11 24.68 8.60
CA GLY F 451 46.15 25.43 9.27
C GLY F 451 47.21 24.55 9.88
N GLY F 452 47.17 23.25 9.58
CA GLY F 452 48.15 22.32 10.08
C GLY F 452 47.90 21.79 11.48
N GLY F 453 46.82 22.22 12.13
CA GLY F 453 46.51 21.74 13.45
C GLY F 453 46.29 22.86 14.44
N LEU F 454 46.58 24.09 14.04
CA LEU F 454 46.42 25.26 14.88
C LEU F 454 45.30 26.14 14.31
N LEU F 455 44.35 26.49 15.16
CA LEU F 455 43.19 27.28 14.74
C LEU F 455 43.54 28.76 14.80
N THR F 456 44.28 29.20 13.80
CA THR F 456 44.61 30.61 13.67
C THR F 456 43.45 31.36 13.03
N ALA F 457 43.37 32.67 13.29
CA ALA F 457 42.36 33.49 12.67
C ALA F 457 42.43 33.39 11.15
N GLU F 458 43.65 33.39 10.60
CA GLU F 458 43.81 33.17 9.18
C GLU F 458 43.34 31.78 8.77
N SER F 459 43.60 30.78 9.61
CA SER F 459 43.12 29.43 9.31
C SER F 459 41.60 29.36 9.30
N VAL F 460 40.96 30.02 10.25
CA VAL F 460 39.50 30.02 10.28
C VAL F 460 38.92 30.76 9.08
N GLU F 461 39.53 31.89 8.71
CA GLU F 461 39.08 32.60 7.52
C GLU F 461 39.26 31.75 6.27
N GLN F 462 40.37 31.00 6.21
CA GLN F 462 40.59 30.10 5.09
C GLN F 462 39.52 29.02 5.03
N ALA F 463 39.17 28.45 6.19
CA ALA F 463 38.13 27.43 6.22
C ALA F 463 36.79 28.00 5.78
N ILE F 464 36.47 29.21 6.22
CA ILE F 464 35.21 29.84 5.82
C ILE F 464 35.19 30.08 4.32
N ALA F 465 36.29 30.60 3.77
CA ALA F 465 36.35 30.86 2.34
C ALA F 465 36.27 29.57 1.54
N ALA F 466 36.94 28.51 2.00
CA ALA F 466 36.87 27.24 1.30
C ALA F 466 35.47 26.65 1.34
N ARG F 467 34.80 26.76 2.49
CA ARG F 467 33.43 26.28 2.58
C ARG F 467 32.50 27.06 1.68
N GLU F 468 32.68 28.38 1.58
CA GLU F 468 31.89 29.18 0.66
C GLU F 468 32.17 28.83 -0.79
N HIS F 469 33.43 28.57 -1.13
CA HIS F 469 33.80 28.28 -2.51
C HIS F 469 33.39 26.87 -2.94
N ARG F 470 33.33 25.94 -2.00
CA ARG F 470 32.91 24.58 -2.34
C ARG F 470 31.46 24.51 -2.76
N SER F 471 30.65 25.51 -2.39
CA SER F 471 29.25 25.57 -2.77
C SER F 471 28.96 26.80 -3.62
N PHE F 472 29.99 27.32 -4.29
CA PHE F 472 29.89 28.54 -5.07
C PHE F 472 29.58 28.30 -6.53
N LEU F 473 29.46 27.04 -6.96
CA LEU F 473 29.26 26.76 -8.38
C LEU F 473 27.99 27.40 -8.91
N SER F 474 26.89 27.29 -8.15
CA SER F 474 25.63 27.87 -8.58
C SER F 474 25.74 29.38 -8.72
N GLU F 475 26.35 30.02 -7.73
CA GLU F 475 26.50 31.47 -7.79
C GLU F 475 27.49 31.88 -8.86
N GLU F 476 28.53 31.07 -9.09
CA GLU F 476 29.46 31.35 -10.18
C GLU F 476 28.76 31.30 -11.53
N GLU F 477 27.91 30.30 -11.73
CA GLU F 477 27.16 30.21 -12.97
C GLU F 477 26.18 31.38 -13.11
N PHE F 478 25.55 31.78 -12.02
CA PHE F 478 24.65 32.94 -12.08
C PHE F 478 25.42 34.20 -12.44
N LEU F 479 26.62 34.37 -11.87
CA LEU F 479 27.43 35.53 -12.19
C LEU F 479 27.84 35.53 -13.66
N ARG F 480 28.22 34.35 -14.17
CA ARG F 480 28.57 34.26 -15.58
C ARG F 480 27.38 34.59 -16.46
N ALA F 481 26.20 34.09 -16.10
CA ALA F 481 25.00 34.39 -16.88
C ALA F 481 24.70 35.89 -16.87
N VAL F 482 24.84 36.53 -15.71
CA VAL F 482 24.60 37.97 -15.64
C VAL F 482 25.62 38.73 -16.49
N GLN F 483 26.89 38.32 -16.44
CA GLN F 483 27.91 38.98 -17.23
C GLN F 483 27.65 38.83 -18.72
N GLU F 484 27.22 37.64 -19.14
CA GLU F 484 26.97 37.38 -20.55
C GLU F 484 25.73 38.09 -21.09
N GLY F 485 24.92 38.69 -20.21
CA GLY F 485 23.68 39.30 -20.63
C GLY F 485 22.49 38.35 -20.68
N VAL F 486 22.69 37.07 -20.32
CA VAL F 486 21.58 36.12 -20.29
C VAL F 486 20.52 36.57 -19.30
N ILE F 487 20.95 36.99 -18.11
CA ILE F 487 20.06 37.54 -17.10
C ILE F 487 20.40 39.02 -17.00
N ARG F 488 19.63 39.86 -17.71
CA ARG F 488 19.98 41.27 -17.81
C ARG F 488 19.68 41.96 -16.48
N LEU F 489 20.73 42.44 -15.83
CA LEU F 489 20.61 43.25 -14.62
C LEU F 489 21.36 44.55 -14.82
N ARG F 490 20.86 45.60 -14.20
CA ARG F 490 21.49 46.92 -14.27
C ARG F 490 21.93 47.30 -12.87
N THR F 491 23.24 47.30 -12.63
CA THR F 491 23.80 47.81 -11.39
C THR F 491 24.26 49.24 -11.52
N THR F 492 23.94 49.90 -12.63
CA THR F 492 24.23 51.31 -12.85
C THR F 492 23.03 51.96 -13.53
N GLY F 493 22.99 53.27 -13.47
CA GLY F 493 21.97 54.03 -14.17
C GLY F 493 20.63 54.02 -13.44
N ARG F 494 19.66 54.68 -14.06
CA ARG F 494 18.33 54.85 -13.50
C ARG F 494 17.30 54.36 -14.51
N ALA F 495 16.43 53.45 -14.07
CA ALA F 495 15.35 52.92 -14.88
C ALA F 495 14.03 53.09 -14.15
N VAL F 496 12.99 53.46 -14.91
CA VAL F 496 11.67 53.73 -14.35
C VAL F 496 10.96 52.43 -14.07
N GLY F 497 10.48 52.26 -12.85
CA GLY F 497 9.73 51.07 -12.50
C GLY F 497 10.54 49.81 -12.42
N GLU F 498 11.86 49.91 -12.37
CA GLU F 498 12.74 48.76 -12.35
C GLU F 498 13.57 48.78 -11.07
N VAL F 499 13.52 47.67 -10.33
CA VAL F 499 14.18 47.57 -9.03
C VAL F 499 14.88 46.23 -8.93
N ASN F 500 16.10 46.24 -8.39
CA ASN F 500 16.87 45.02 -8.18
C ASN F 500 16.48 44.41 -6.84
N SER F 501 15.41 43.61 -6.86
CA SER F 501 15.02 42.88 -5.67
C SER F 501 16.07 41.84 -5.31
N LEU F 502 16.15 41.53 -4.02
CA LEU F 502 17.12 40.57 -3.52
C LEU F 502 16.40 39.27 -3.16
N VAL F 503 16.91 38.16 -3.68
CA VAL F 503 16.28 36.86 -3.54
C VAL F 503 17.30 35.88 -3.01
N VAL F 504 16.89 35.04 -2.06
CA VAL F 504 17.75 34.03 -1.46
C VAL F 504 17.35 32.67 -1.99
N VAL F 505 18.30 31.93 -2.55
CA VAL F 505 17.97 30.62 -3.11
C VAL F 505 18.01 29.56 -2.03
N GLU F 506 17.35 28.44 -2.31
CA GLU F 506 17.37 27.28 -1.44
C GLU F 506 18.68 26.52 -1.60
N ALA F 507 18.69 25.28 -1.09
CA ALA F 507 19.84 24.37 -1.21
C ALA F 507 20.95 24.76 -0.24
N ALA F 508 22.06 24.03 -0.27
CA ALA F 508 23.23 24.21 0.59
C ALA F 508 23.65 25.67 0.58
N PRO F 509 24.53 26.14 1.53
CA PRO F 509 24.34 27.45 2.16
C PRO F 509 23.73 28.54 1.28
N TYR F 510 22.70 29.19 1.80
CA TYR F 510 21.81 30.04 1.01
C TYR F 510 22.60 31.20 0.44
N TRP F 511 22.61 31.31 -0.89
CA TRP F 511 23.22 32.44 -1.57
C TRP F 511 22.14 33.42 -2.01
N GLY F 512 22.29 34.67 -1.60
CA GLY F 512 21.45 35.71 -2.13
C GLY F 512 21.88 36.12 -3.52
N ARG F 513 20.94 36.63 -4.30
CA ARG F 513 21.24 37.11 -5.64
C ARG F 513 20.15 38.07 -6.05
N PRO F 514 20.51 39.17 -6.71
CA PRO F 514 19.49 40.12 -7.15
C PRO F 514 18.58 39.51 -8.19
N ALA F 515 17.31 39.92 -8.14
CA ALA F 515 16.33 39.54 -9.16
C ALA F 515 15.68 40.82 -9.64
N ARG F 516 15.73 41.07 -10.94
CA ARG F 516 15.14 42.28 -11.48
C ARG F 516 13.63 42.27 -11.28
N LEU F 517 13.09 43.43 -10.93
CA LEU F 517 11.66 43.58 -10.70
C LEU F 517 11.20 44.74 -11.57
N THR F 518 10.13 44.53 -12.34
CA THR F 518 9.59 45.56 -13.20
C THR F 518 8.12 45.78 -12.85
N ALA F 519 7.75 47.06 -12.73
CA ALA F 519 6.36 47.45 -12.51
C ALA F 519 5.96 48.43 -13.60
N ARG F 520 4.81 48.20 -14.22
CA ARG F 520 4.29 49.05 -15.28
C ARG F 520 2.91 49.55 -14.88
N ALA F 521 2.69 50.85 -15.03
CA ALA F 521 1.44 51.50 -14.64
C ALA F 521 0.63 51.81 -15.90
N ALA F 522 -0.60 51.31 -15.94
CA ALA F 522 -1.51 51.57 -17.03
C ALA F 522 -2.84 52.04 -16.48
N PRO F 523 -3.57 52.88 -17.22
CA PRO F 523 -4.90 53.28 -16.76
C PRO F 523 -5.83 52.09 -16.71
N GLY F 524 -6.77 52.13 -15.77
CA GLY F 524 -7.69 51.05 -15.59
C GLY F 524 -8.20 50.99 -14.17
N ARG F 525 -9.29 50.26 -13.93
CA ARG F 525 -9.80 50.13 -12.58
C ARG F 525 -8.80 49.39 -11.71
N ASP F 526 -8.77 49.76 -10.43
CA ASP F 526 -7.74 49.30 -9.51
C ASP F 526 -7.54 47.80 -9.57
N HIS F 527 -6.35 47.39 -9.99
CA HIS F 527 -5.99 45.98 -10.01
C HIS F 527 -4.47 45.90 -9.99
N LEU F 528 -3.90 45.66 -8.83
CA LEU F 528 -2.45 45.53 -8.71
C LEU F 528 -2.10 44.08 -9.01
N ILE F 529 -1.69 43.81 -10.25
CA ILE F 529 -1.52 42.46 -10.75
C ILE F 529 -0.13 41.96 -10.37
N SER F 530 -0.08 40.83 -9.69
CA SER F 530 1.19 40.16 -9.38
C SER F 530 1.36 39.04 -10.40
N ILE F 531 2.17 39.30 -11.43
CA ILE F 531 2.34 38.34 -12.52
C ILE F 531 2.91 37.03 -12.01
N ASP F 532 3.86 37.08 -11.08
CA ASP F 532 4.42 35.86 -10.52
C ASP F 532 3.43 35.10 -9.65
N ARG F 533 2.38 35.77 -9.17
CA ARG F 533 1.38 35.07 -8.36
C ARG F 533 0.29 34.47 -9.22
N GLU F 534 -0.26 35.25 -10.16
CA GLU F 534 -1.31 34.73 -11.02
C GLU F 534 -0.80 33.60 -11.89
N ALA F 535 0.48 33.63 -12.25
CA ALA F 535 1.07 32.51 -12.96
C ALA F 535 1.17 31.27 -12.08
N GLY F 536 0.96 31.40 -10.79
CA GLY F 536 1.05 30.28 -9.87
C GLY F 536 2.41 30.09 -9.24
N LEU F 537 3.35 31.01 -9.47
CA LEU F 537 4.68 30.89 -8.89
C LEU F 537 4.76 31.52 -7.51
N GLY F 538 4.07 32.65 -7.30
CA GLY F 538 4.10 33.29 -5.99
C GLY F 538 3.38 32.46 -4.95
N GLY F 539 3.98 32.35 -3.77
CA GLY F 539 3.40 31.58 -2.70
C GLY F 539 2.37 32.38 -1.92
N GLN F 540 1.92 31.78 -0.81
CA GLN F 540 0.90 32.41 0.01
C GLN F 540 1.41 33.71 0.63
N ILE F 541 2.61 33.68 1.20
CA ILE F 541 3.17 34.87 1.82
C ILE F 541 3.49 35.94 0.79
N PHE F 542 3.95 35.53 -0.40
CA PHE F 542 4.18 36.49 -1.47
C PHE F 542 2.89 37.20 -1.86
N HIS F 543 1.80 36.43 -1.99
CA HIS F 543 0.51 37.03 -2.28
C HIS F 543 0.04 37.94 -1.15
N LYS F 544 0.32 37.56 0.10
CA LYS F 544 0.00 38.41 1.23
C LYS F 544 0.73 39.74 1.13
N ALA F 545 2.01 39.70 0.77
CA ALA F 545 2.78 40.94 0.60
C ALA F 545 2.20 41.79 -0.52
N VAL F 546 1.84 41.15 -1.64
CA VAL F 546 1.28 41.88 -2.77
C VAL F 546 -0.01 42.57 -2.36
N LEU F 547 -0.89 41.84 -1.67
CA LEU F 547 -2.15 42.42 -1.22
C LEU F 547 -1.92 43.52 -0.20
N THR F 548 -0.92 43.35 0.67
CA THR F 548 -0.62 44.36 1.68
C THR F 548 -0.21 45.67 1.02
N LEU F 549 0.71 45.61 0.08
CA LEU F 549 1.15 46.83 -0.58
C LEU F 549 0.06 47.39 -1.48
N ALA F 550 -0.81 46.52 -2.03
CA ALA F 550 -1.95 47.00 -2.80
C ALA F 550 -2.90 47.81 -1.91
N GLY F 551 -3.15 47.31 -0.70
CA GLY F 551 -3.98 48.06 0.23
C GLY F 551 -3.34 49.36 0.67
N TYR F 552 -2.01 49.33 0.88
CA TYR F 552 -1.31 50.57 1.20
C TYR F 552 -1.47 51.60 0.08
N LEU F 553 -1.32 51.16 -1.17
CA LEU F 553 -1.48 52.06 -2.29
C LEU F 553 -2.91 52.57 -2.40
N ARG F 554 -3.89 51.69 -2.16
CA ARG F 554 -5.29 52.10 -2.22
C ARG F 554 -5.57 53.19 -1.19
N SER F 555 -5.11 52.98 0.05
CA SER F 555 -5.44 53.91 1.12
C SER F 555 -4.54 55.14 1.14
N ARG F 556 -3.39 55.09 0.46
CA ARG F 556 -2.47 56.21 0.50
C ARG F 556 -2.89 57.34 -0.43
N TYR F 557 -3.48 56.99 -1.58
CA TYR F 557 -3.86 57.97 -2.59
C TYR F 557 -5.37 57.93 -2.73
N ILE F 558 -6.02 59.00 -2.31
CA ILE F 558 -7.45 58.99 -2.05
C ILE F 558 -8.12 60.09 -2.85
N GLU F 559 -7.33 60.98 -3.46
CA GLU F 559 -7.92 62.14 -4.10
C GLU F 559 -8.61 61.81 -5.43
N HIS F 560 -8.74 60.53 -5.75
CA HIS F 560 -9.65 60.02 -6.77
C HIS F 560 -10.52 58.95 -6.13
N GLY F 561 -11.23 58.20 -6.96
CA GLY F 561 -12.03 57.11 -6.42
C GLY F 561 -11.12 55.94 -6.10
N SER F 562 -11.48 54.75 -6.56
CA SER F 562 -10.55 53.64 -6.46
C SER F 562 -9.27 53.98 -7.21
N LEU F 563 -8.18 53.28 -6.86
CA LEU F 563 -6.88 53.53 -7.45
C LEU F 563 -6.98 53.50 -8.96
N PRO F 564 -6.79 54.64 -9.64
CA PRO F 564 -7.07 54.73 -11.07
C PRO F 564 -6.03 54.05 -11.97
N VAL F 565 -5.15 53.22 -11.42
CA VAL F 565 -4.12 52.56 -12.19
C VAL F 565 -4.14 51.07 -11.91
N THR F 566 -3.63 50.30 -12.87
CA THR F 566 -3.35 48.89 -12.69
C THR F 566 -1.84 48.69 -12.83
N ILE F 567 -1.26 47.99 -11.86
CA ILE F 567 0.19 47.82 -11.78
C ILE F 567 0.51 46.35 -11.97
N SER F 568 1.43 46.06 -12.89
CA SER F 568 1.87 44.70 -13.18
C SER F 568 3.24 44.51 -12.57
N LEU F 569 3.38 43.51 -11.72
CA LEU F 569 4.63 43.23 -11.02
C LEU F 569 5.14 41.87 -11.42
N ALA F 570 6.36 41.82 -11.94
CA ALA F 570 6.93 40.56 -12.41
C ALA F 570 8.41 40.48 -12.07
N PHE F 571 8.83 39.31 -11.62
CA PHE F 571 10.25 39.00 -11.47
C PHE F 571 10.77 38.51 -12.80
N GLU F 572 11.63 39.29 -13.44
CA GLU F 572 12.12 38.90 -14.75
C GLU F 572 13.11 37.75 -14.64
N GLN F 573 13.09 36.87 -15.64
CA GLN F 573 13.87 35.63 -15.62
C GLN F 573 13.63 34.83 -14.34
N ASN F 574 12.38 34.76 -13.90
CA ASN F 574 12.07 34.13 -12.62
C ASN F 574 12.04 32.61 -12.78
N TYR F 575 11.06 32.12 -13.53
CA TYR F 575 10.91 30.71 -13.91
C TYR F 575 10.85 29.76 -12.73
N VAL F 576 10.71 30.26 -11.50
CA VAL F 576 10.74 29.42 -10.30
C VAL F 576 9.73 29.97 -9.30
N SER F 577 9.13 29.06 -8.54
CA SER F 577 8.15 29.44 -7.54
C SER F 577 8.76 30.41 -6.52
N ILE F 578 8.00 31.45 -6.19
CA ILE F 578 8.43 32.49 -5.26
C ILE F 578 7.74 32.26 -3.93
N GLU F 579 8.50 32.27 -2.84
CA GLU F 579 7.95 32.14 -1.50
C GLU F 579 8.59 33.19 -0.60
N GLY F 580 7.77 33.83 0.22
CA GLY F 580 8.26 34.74 1.23
C GLY F 580 7.92 36.19 0.91
N ASP F 581 8.06 37.02 1.94
CA ASP F 581 7.82 38.45 1.86
C ASP F 581 9.13 39.17 2.20
N SER F 582 9.97 39.36 1.18
CA SER F 582 11.22 40.06 1.33
C SER F 582 11.30 41.25 0.40
N ALA F 583 10.50 41.25 -0.67
CA ALA F 583 10.53 42.27 -1.70
C ALA F 583 9.30 43.16 -1.66
N GLY F 584 8.60 43.19 -0.54
CA GLY F 584 7.47 44.10 -0.43
C GLY F 584 7.88 45.55 -0.60
N LEU F 585 8.99 45.94 0.02
CA LEU F 585 9.49 47.31 -0.17
C LEU F 585 9.91 47.54 -1.60
N ALA F 586 10.60 46.58 -2.21
CA ALA F 586 11.03 46.72 -3.59
C ALA F 586 9.81 46.81 -4.52
N GLU F 587 8.82 45.97 -4.30
CA GLU F 587 7.60 46.03 -5.10
C GLU F 587 6.91 47.37 -4.93
N LEU F 588 6.83 47.87 -3.70
CA LEU F 588 6.14 49.12 -3.45
C LEU F 588 6.86 50.28 -4.13
N VAL F 589 8.18 50.34 -4.02
CA VAL F 589 8.91 51.45 -4.63
C VAL F 589 8.86 51.36 -6.15
N ALA F 590 8.92 50.15 -6.69
CA ALA F 590 8.79 49.98 -8.14
C ALA F 590 7.43 50.44 -8.63
N ALA F 591 6.37 50.07 -7.90
CA ALA F 591 5.03 50.49 -8.28
C ALA F 591 4.89 52.00 -8.20
N LEU F 592 5.45 52.61 -7.14
CA LEU F 592 5.37 54.05 -7.02
C LEU F 592 6.12 54.76 -8.13
N SER F 593 7.28 54.24 -8.51
CA SER F 593 8.03 54.82 -9.62
C SER F 593 7.27 54.69 -10.92
N ALA F 594 6.67 53.52 -11.16
CA ALA F 594 5.87 53.34 -12.37
C ALA F 594 4.70 54.30 -12.40
N ILE F 595 4.06 54.51 -11.26
CA ILE F 595 2.93 55.44 -11.20
C ILE F 595 3.40 56.86 -11.49
N GLY F 596 4.47 57.29 -10.83
CA GLY F 596 4.94 58.65 -10.96
C GLY F 596 5.99 58.90 -12.02
N ASN F 597 6.33 57.88 -12.82
CA ASN F 597 7.38 57.99 -13.82
C ASN F 597 8.70 58.42 -13.19
N LEU F 598 9.06 57.76 -12.09
CA LEU F 598 10.24 58.12 -11.33
C LEU F 598 11.40 57.22 -11.70
N PRO F 599 12.46 57.72 -12.31
CA PRO F 599 13.63 56.88 -12.58
C PRO F 599 14.34 56.48 -11.30
N LEU F 600 14.41 55.18 -11.03
CA LEU F 600 15.01 54.70 -9.79
C LEU F 600 16.46 54.29 -10.03
N ARG F 601 17.33 54.70 -9.11
CA ARG F 601 18.73 54.33 -9.18
C ARG F 601 18.89 52.81 -9.18
N GLN F 602 19.34 52.26 -10.30
CA GLN F 602 19.48 50.82 -10.41
C GLN F 602 20.67 50.28 -9.63
N ASP F 603 21.55 51.13 -9.15
CA ASP F 603 22.73 50.67 -8.42
C ASP F 603 22.36 50.17 -7.02
N LEU F 604 21.20 50.54 -6.51
CA LEU F 604 20.78 50.13 -5.17
C LEU F 604 19.79 48.98 -5.26
N ALA F 605 20.10 47.89 -4.56
CA ALA F 605 19.17 46.79 -4.40
C ALA F 605 18.26 47.08 -3.21
N VAL F 606 16.99 46.69 -3.33
CA VAL F 606 15.99 46.99 -2.33
C VAL F 606 15.43 45.68 -1.79
N THR F 607 15.46 45.54 -0.47
CA THR F 607 14.87 44.41 0.21
C THR F 607 14.01 44.92 1.36
N GLY F 608 13.32 44.00 2.03
CA GLY F 608 12.52 44.38 3.17
C GLY F 608 11.02 44.28 2.94
N ALA F 609 10.31 43.73 3.90
CA ALA F 609 8.86 43.67 3.84
C ALA F 609 8.27 45.01 4.24
N VAL F 610 7.00 45.21 3.89
CA VAL F 610 6.29 46.43 4.22
C VAL F 610 4.88 46.06 4.69
N ASP F 611 4.38 46.81 5.67
CA ASP F 611 3.00 46.68 6.09
C ASP F 611 2.15 47.71 5.35
N GLN F 612 0.83 47.58 5.44
CA GLN F 612 -0.06 48.40 4.64
C GLN F 612 -0.25 49.80 5.20
N THR F 613 0.60 50.21 6.15
CA THR F 613 0.69 51.61 6.54
C THR F 613 1.95 52.27 5.99
N GLY F 614 2.73 51.55 5.20
CA GLY F 614 3.92 52.11 4.58
C GLY F 614 5.11 52.17 5.51
N LYS F 615 5.41 51.07 6.19
CA LYS F 615 6.55 51.00 7.09
C LYS F 615 7.32 49.72 6.81
N VAL F 616 8.64 49.84 6.62
CA VAL F 616 9.46 48.70 6.24
C VAL F 616 9.58 47.75 7.43
N LEU F 617 9.43 46.46 7.16
CA LEU F 617 9.44 45.44 8.19
C LEU F 617 10.69 44.59 8.03
N ALA F 618 11.09 43.95 9.13
CA ALA F 618 12.31 43.16 9.11
C ALA F 618 12.16 41.95 8.20
N VAL F 619 13.30 41.48 7.68
CA VAL F 619 13.35 40.31 6.81
C VAL F 619 14.52 39.42 7.25
N GLY F 620 14.50 38.19 6.76
CA GLY F 620 15.49 37.21 7.13
C GLY F 620 16.59 37.06 6.08
N ALA F 621 17.71 36.49 6.53
CA ALA F 621 18.86 36.25 5.67
C ALA F 621 19.32 37.53 4.97
N ILE F 622 19.37 38.61 5.74
CA ILE F 622 19.79 39.89 5.18
C ILE F 622 21.26 39.85 4.77
N ASN F 623 22.08 39.09 5.50
CA ASN F 623 23.48 38.95 5.12
C ASN F 623 23.61 38.34 3.73
N ALA F 624 22.84 37.28 3.46
CA ALA F 624 22.90 36.64 2.16
C ALA F 624 22.50 37.61 1.06
N LYS F 625 21.43 38.38 1.28
CA LYS F 625 20.98 39.33 0.26
C LYS F 625 22.03 40.38 -0.02
N VAL F 626 22.57 41.01 1.02
CA VAL F 626 23.53 42.08 0.84
C VAL F 626 24.79 41.55 0.17
N GLU F 627 25.28 40.39 0.63
CA GLU F 627 26.50 39.84 0.05
C GLU F 627 26.29 39.40 -1.38
N GLY F 628 25.11 38.86 -1.72
CA GLY F 628 24.85 38.50 -3.10
C GLY F 628 24.80 39.70 -4.03
N PHE F 629 24.14 40.78 -3.59
CA PHE F 629 24.15 41.97 -4.42
C PHE F 629 25.55 42.55 -4.56
N PHE F 630 26.33 42.53 -3.48
CA PHE F 630 27.71 43.01 -3.61
C PHE F 630 28.52 42.13 -4.54
N ARG F 631 28.28 40.81 -4.52
CA ARG F 631 28.97 39.91 -5.43
C ARG F 631 28.65 40.26 -6.88
N VAL F 632 27.36 40.47 -7.17
CA VAL F 632 26.98 40.80 -8.53
C VAL F 632 27.55 42.15 -8.95
N CYS F 633 27.52 43.14 -8.05
CA CYS F 633 28.09 44.44 -8.38
C CYS F 633 29.59 44.35 -8.64
N LYS F 634 30.30 43.58 -7.83
CA LYS F 634 31.72 43.39 -8.04
C LYS F 634 32.01 42.68 -9.35
N ALA F 635 31.19 41.69 -9.70
CA ALA F 635 31.38 40.99 -10.96
C ALA F 635 31.22 41.95 -12.14
N LEU F 636 30.23 42.83 -12.08
CA LEU F 636 30.08 43.87 -13.09
C LEU F 636 31.02 45.05 -12.86
N GLY F 637 31.79 45.04 -11.78
CA GLY F 637 32.68 46.14 -11.47
C GLY F 637 32.03 47.18 -10.59
N LEU F 638 32.60 47.40 -9.41
CA LEU F 638 31.99 48.34 -8.47
C LEU F 638 32.05 49.76 -9.01
N SER F 639 30.90 50.42 -9.02
CA SER F 639 30.80 51.77 -9.55
C SER F 639 31.09 52.84 -8.50
N GLY F 640 31.29 52.46 -7.25
CA GLY F 640 31.49 53.42 -6.19
C GLY F 640 30.22 54.04 -5.64
N THR F 641 29.06 53.66 -6.16
CA THR F 641 27.78 54.15 -5.64
C THR F 641 26.75 53.06 -5.42
N GLN F 642 27.03 51.81 -5.80
CA GLN F 642 26.07 50.74 -5.58
C GLN F 642 25.88 50.50 -4.09
N GLY F 643 24.66 50.13 -3.72
CA GLY F 643 24.35 49.90 -2.33
C GLY F 643 23.13 49.01 -2.19
N VAL F 644 22.73 48.78 -0.94
CA VAL F 644 21.56 47.99 -0.61
C VAL F 644 20.69 48.78 0.35
N ILE F 645 19.40 48.84 0.07
CA ILE F 645 18.42 49.46 0.95
C ILE F 645 17.76 48.33 1.74
N LEU F 646 17.95 48.33 3.05
CA LEU F 646 17.45 47.24 3.89
C LEU F 646 16.69 47.83 5.08
N PRO F 647 15.82 47.04 5.73
CA PRO F 647 15.03 47.60 6.83
C PRO F 647 15.91 48.06 7.98
N GLU F 648 15.50 49.16 8.61
CA GLU F 648 16.19 49.63 9.80
C GLU F 648 16.16 48.60 10.91
N ALA F 649 15.12 47.77 10.94
CA ALA F 649 14.97 46.75 11.96
C ALA F 649 15.95 45.60 11.81
N ASN F 650 16.70 45.53 10.72
CA ASN F 650 17.65 44.45 10.50
C ASN F 650 19.09 44.82 10.83
N LEU F 651 19.31 45.99 11.44
CA LEU F 651 20.68 46.38 11.80
C LEU F 651 21.32 45.39 12.73
N ALA F 652 20.56 44.83 13.67
CA ALA F 652 21.10 43.82 14.56
C ALA F 652 21.42 42.52 13.84
N ASN F 653 20.98 42.35 12.59
CA ASN F 653 21.25 41.15 11.84
C ASN F 653 22.35 41.33 10.79
N LEU F 654 22.88 42.54 10.63
CA LEU F 654 23.88 42.81 9.62
C LEU F 654 25.25 42.37 10.12
N THR F 655 25.61 41.12 9.84
CA THR F 655 26.95 40.61 10.10
C THR F 655 27.57 40.29 8.74
N LEU F 656 28.14 41.32 8.11
CA LEU F 656 28.64 41.19 6.75
C LEU F 656 30.05 40.62 6.74
N ARG F 657 30.45 40.07 5.59
CA ARG F 657 31.79 39.52 5.45
C ARG F 657 32.82 40.64 5.43
N ALA F 658 34.09 40.23 5.45
CA ALA F 658 35.19 41.19 5.50
C ALA F 658 35.21 42.06 4.25
N GLU F 659 35.01 41.46 3.08
CA GLU F 659 35.11 42.21 1.83
C GLU F 659 34.02 43.26 1.71
N VAL F 660 32.79 42.92 2.09
CA VAL F 660 31.70 43.90 2.04
C VAL F 660 31.97 45.06 2.98
N LEU F 661 32.45 44.75 4.20
CA LEU F 661 32.75 45.80 5.15
C LEU F 661 33.88 46.69 4.66
N GLU F 662 34.90 46.10 4.04
CA GLU F 662 35.98 46.90 3.48
C GLU F 662 35.48 47.79 2.36
N ALA F 663 34.58 47.27 1.52
CA ALA F 663 34.01 48.10 0.47
C ALA F 663 33.20 49.25 1.05
N VAL F 664 32.45 49.00 2.12
CA VAL F 664 31.70 50.07 2.76
C VAL F 664 32.64 51.11 3.34
N ARG F 665 33.72 50.66 3.97
CA ARG F 665 34.70 51.60 4.54
C ARG F 665 35.34 52.45 3.45
N ALA F 666 35.67 51.82 2.33
CA ALA F 666 36.27 52.55 1.21
C ALA F 666 35.27 53.43 0.48
N GLY F 667 33.97 53.29 0.78
CA GLY F 667 32.96 54.06 0.05
C GLY F 667 32.57 53.46 -1.28
N GLN F 668 33.08 52.27 -1.62
CA GLN F 668 32.75 51.61 -2.86
C GLN F 668 31.40 50.90 -2.80
N PHE F 669 30.79 50.82 -1.63
CA PHE F 669 29.53 50.12 -1.45
C PHE F 669 28.79 50.72 -0.26
N HIS F 670 27.48 50.91 -0.39
CA HIS F 670 26.71 51.57 0.65
C HIS F 670 25.69 50.62 1.23
N ILE F 671 25.24 50.93 2.43
CA ILE F 671 24.19 50.18 3.10
C ILE F 671 23.23 51.19 3.70
N TYR F 672 22.08 51.38 3.05
CA TYR F 672 21.07 52.30 3.54
C TYR F 672 20.07 51.54 4.41
N ALA F 673 19.65 52.19 5.50
CA ALA F 673 18.69 51.60 6.41
C ALA F 673 17.48 52.52 6.50
N VAL F 674 16.30 51.96 6.27
CA VAL F 674 15.05 52.72 6.31
C VAL F 674 14.04 51.94 7.14
N GLU F 675 13.05 52.67 7.65
CA GLU F 675 11.93 52.06 8.34
C GLU F 675 10.59 52.29 7.66
N THR F 676 10.50 53.29 6.77
CA THR F 676 9.30 53.52 5.97
C THR F 676 9.66 53.52 4.50
N ALA F 677 8.71 53.09 3.67
CA ALA F 677 8.94 53.04 2.23
C ALA F 677 9.16 54.43 1.65
N GLU F 678 8.69 55.46 2.35
CA GLU F 678 8.89 56.83 1.89
C GLU F 678 10.38 57.13 1.75
N GLN F 679 11.17 56.74 2.77
CA GLN F 679 12.61 56.96 2.73
C GLN F 679 13.26 56.15 1.61
N ALA F 680 12.82 54.90 1.43
CA ALA F 680 13.41 54.07 0.38
C ALA F 680 13.17 54.67 -1.00
N LEU F 681 11.96 55.16 -1.26
CA LEU F 681 11.70 55.80 -2.53
C LEU F 681 12.50 57.09 -2.67
N GLU F 682 12.64 57.85 -1.57
CA GLU F 682 13.44 59.07 -1.64
C GLU F 682 14.89 58.75 -2.00
N ILE F 683 15.43 57.68 -1.44
CA ILE F 683 16.81 57.29 -1.74
C ILE F 683 16.93 56.86 -3.19
N LEU F 684 16.02 55.98 -3.63
CA LEU F 684 16.13 55.42 -4.97
C LEU F 684 15.96 56.50 -6.04
N ALA F 685 14.89 57.29 -5.94
CA ALA F 685 14.67 58.32 -6.94
C ALA F 685 15.61 59.50 -6.78
N GLY F 686 16.37 59.57 -5.69
CA GLY F 686 17.33 60.64 -5.52
C GLY F 686 16.71 61.99 -5.31
N ALA F 687 15.46 62.04 -4.85
CA ALA F 687 14.77 63.29 -4.58
C ALA F 687 14.13 63.21 -3.21
N ARG F 688 13.51 64.31 -2.78
CA ARG F 688 12.86 64.40 -1.49
C ARG F 688 11.36 64.30 -1.69
N MET F 689 10.71 63.44 -0.91
CA MET F 689 9.30 63.15 -1.10
C MET F 689 8.47 64.41 -0.96
N GLU F 690 8.44 64.99 0.23
CA GLU F 690 7.72 66.24 0.44
C GLU F 690 8.50 67.40 -0.17
N GLY F 691 7.78 68.48 -0.44
CA GLY F 691 8.38 69.67 -0.99
C GLY F 691 7.97 69.91 -2.43
N PHE F 692 8.24 71.12 -2.90
CA PHE F 692 7.95 71.47 -4.28
C PHE F 692 8.79 70.62 -5.22
N ARG F 693 8.17 70.19 -6.33
CA ARG F 693 8.80 69.27 -7.28
C ARG F 693 9.27 68.00 -6.57
N GLY F 694 8.49 67.55 -5.60
CA GLY F 694 8.84 66.37 -4.83
C GLY F 694 8.34 65.09 -5.46
N LEU F 695 8.77 63.97 -4.89
CA LEU F 695 8.32 62.67 -5.40
C LEU F 695 6.82 62.50 -5.22
N GLN F 696 6.28 62.95 -4.08
CA GLN F 696 4.85 62.81 -3.84
C GLN F 696 4.05 63.62 -4.85
N GLU F 697 4.52 64.83 -5.16
CA GLU F 697 3.83 65.66 -6.16
C GLU F 697 3.82 64.97 -7.51
N LYS F 698 4.94 64.36 -7.90
CA LYS F 698 5.00 63.71 -9.20
C LYS F 698 4.14 62.45 -9.22
N ILE F 699 4.10 61.69 -8.13
CA ILE F 699 3.23 60.52 -8.07
C ILE F 699 1.77 60.94 -8.16
N ARG F 700 1.40 62.01 -7.47
CA ARG F 700 0.04 62.53 -7.56
C ARG F 700 -0.27 62.99 -8.98
N ALA F 701 0.68 63.65 -9.64
CA ALA F 701 0.47 64.08 -11.02
C ALA F 701 0.31 62.88 -11.95
N GLY F 702 1.07 61.81 -11.72
CA GLY F 702 0.92 60.63 -12.54
C GLY F 702 -0.43 59.96 -12.36
N LEU F 703 -0.88 59.85 -11.11
CA LEU F 703 -2.22 59.30 -10.87
C LEU F 703 -3.28 60.19 -11.49
N GLU F 704 -3.11 61.51 -11.39
CA GLU F 704 -4.06 62.42 -12.01
C GLU F 704 -4.10 62.24 -13.52
N ALA F 705 -2.94 62.04 -14.14
CA ALA F 705 -2.89 61.81 -15.58
C ALA F 705 -3.59 60.51 -15.96
N PHE F 706 -3.36 59.44 -15.19
CA PHE F 706 -4.03 58.18 -15.49
C PHE F 706 -5.54 58.29 -15.36
N ALA F 707 -6.02 58.91 -14.28
CA ALA F 707 -7.45 59.13 -14.13
C ALA F 707 -7.99 60.04 -15.21
N ARG F 708 -7.19 61.03 -15.62
CA ARG F 708 -7.58 61.93 -16.69
C ARG F 708 -7.80 61.17 -17.99
N LEU F 709 -6.90 60.24 -18.29
CA LEU F 709 -7.02 59.47 -19.52
C LEU F 709 -8.23 58.53 -19.46
N GLU F 710 -8.45 57.91 -18.30
CA GLU F 710 -9.63 57.05 -18.18
C GLU F 710 -10.92 57.84 -18.34
N GLU F 711 -11.01 59.02 -17.71
CA GLU F 711 -12.23 59.79 -17.86
C GLU F 711 -12.35 60.41 -19.24
N GLY F 712 -11.24 60.62 -19.94
CA GLY F 712 -11.28 61.04 -21.33
C GLY F 712 -11.83 59.95 -22.22
N HIS F 713 -11.45 58.72 -21.92
CA HIS F 713 -12.04 57.57 -22.60
C HIS F 713 -13.55 57.53 -22.33
N ASP F 714 -13.95 57.79 -21.09
CA ASP F 714 -15.38 57.88 -20.78
C ASP F 714 -16.06 59.04 -21.51
N LYS F 715 -15.37 60.18 -21.63
CA LYS F 715 -15.90 61.34 -22.35
C LYS F 715 -16.16 60.98 -23.81
N GLU F 716 -15.21 60.30 -24.44
CA GLU F 716 -15.43 59.79 -25.78
C GLU F 716 -16.59 58.81 -25.84
N ASP F 717 -16.69 57.90 -24.88
CA ASP F 717 -17.77 56.92 -24.87
C ASP F 717 -19.14 57.60 -24.80
N ARG F 718 -19.27 58.62 -23.94
CA ARG F 718 -20.55 59.31 -23.82
C ARG F 718 -20.81 60.27 -24.96
N GLU F 719 -19.78 60.70 -25.67
CA GLU F 719 -19.95 61.64 -26.78
C GLU F 719 -19.01 61.33 -27.94
P PO4 G . -6.83 7.87 32.19
O1 PO4 G . -7.75 9.10 31.94
O2 PO4 G . -7.62 6.78 32.95
O3 PO4 G . -5.62 8.33 33.05
O4 PO4 G . -6.20 7.16 30.49
N1 BO2 H . -1.39 30.41 16.14
C2 BO2 H . -2.17 31.26 15.46
C3 BO2 H . -1.65 32.18 14.59
N4 BO2 H . -0.34 32.28 14.37
C5 BO2 H . 0.44 31.42 15.04
C6 BO2 H . -0.08 30.50 15.91
C7 BO2 H . -3.65 31.19 15.70
O8 BO2 H . -4.43 31.87 15.03
N9 BO2 H . -4.02 30.37 16.68
C10 BO2 H . -5.39 30.31 17.16
C11 BO2 H . -5.53 29.24 18.25
C12 BO2 H . -6.92 29.10 18.81
C13 BO2 H . -7.11 28.83 20.15
C14 BO2 H . -8.39 28.70 20.67
C15 BO2 H . -9.49 28.82 19.86
C16 BO2 H . -9.31 29.09 18.52
C17 BO2 H . -8.04 29.22 17.99
C18 BO2 H . -5.84 31.67 17.70
O19 BO2 H . -5.50 32.04 18.81
N20 BO2 H . -6.59 32.42 16.89
C21 BO2 H . -7.33 33.58 17.38
C22 BO2 H . -8.07 34.28 16.24
C23 BO2 H . -7.18 35.00 15.23
C24 BO2 H . -8.02 35.65 14.14
C25 BO2 H . -6.32 36.04 15.92
B26 BO2 H . -8.39 33.10 18.43
O27 BO2 H . -7.98 32.80 19.70
O28 BO2 H . -9.69 32.94 18.08
P PO4 I . -29.96 -8.18 13.42
O1 PO4 I . -30.78 -7.06 12.72
O2 PO4 I . -30.47 -9.57 12.97
O3 PO4 I . -30.14 -8.04 14.97
O4 PO4 I . -28.08 -8.00 12.96
N1 BO2 J . -24.55 19.41 14.12
C2 BO2 J . -24.86 20.36 13.23
C3 BO2 J . -24.42 21.67 13.38
N4 BO2 J . -23.65 22.04 14.40
C5 BO2 J . -23.34 21.08 15.28
C6 BO2 J . -23.78 19.80 15.14
C7 BO2 J . -25.74 19.98 12.08
O8 BO2 J . -25.94 20.77 11.16
N9 BO2 J . -26.31 18.79 12.17
C10 BO2 J . -27.42 18.39 11.34
C11 BO2 J . -27.85 16.96 11.66
C12 BO2 J . -29.05 16.48 10.87
C13 BO2 J . -29.97 15.63 11.44
C14 BO2 J . -31.08 15.19 10.72
C15 BO2 J . -31.25 15.58 9.41
C16 BO2 J . -30.33 16.41 8.83
C17 BO2 J . -29.23 16.86 9.55
C18 BO2 J . -28.58 19.36 11.53
O19 BO2 J . -29.05 19.57 12.64
N20 BO2 J . -29.07 19.93 10.42
C21 BO2 J . -30.08 20.97 10.45
C22 BO2 J . -29.68 22.14 9.54
C23 BO2 J . -29.39 23.45 10.25
C24 BO2 J . -29.24 24.59 9.24
C25 BO2 J . -30.47 23.79 11.26
B26 BO2 J . -31.48 20.35 10.02
O27 BO2 J . -32.33 19.92 10.99
O28 BO2 J . -31.79 20.20 8.72
P PO4 K . -23.37 -15.44 -18.90
O1 PO4 K . -23.90 -14.18 -19.67
O2 PO4 K . -22.79 -16.45 -19.92
O3 PO4 K . -24.55 -16.09 -18.13
O4 PO4 K . -21.99 -14.89 -17.66
N1 BO2 L . -32.31 9.18 -8.36
C2 BO2 L . -32.18 10.42 -8.85
C3 BO2 L . -32.39 11.53 -8.05
N4 BO2 L . -32.72 11.42 -6.76
C5 BO2 L . -32.85 10.18 -6.29
C6 BO2 L . -32.66 9.08 -7.08
C7 BO2 L . -31.81 10.57 -10.29
O8 BO2 L . -31.62 11.68 -10.78
N9 BO2 L . -31.74 9.43 -10.98
C10 BO2 L . -31.57 9.41 -12.41
C11 BO2 L . -31.48 7.97 -12.93
C12 BO2 L . -31.27 7.86 -14.42
C13 BO2 L . -31.87 6.84 -15.14
C14 BO2 L . -31.68 6.73 -16.51
C15 BO2 L . -30.89 7.65 -17.17
C16 BO2 L . -30.28 8.66 -16.46
C17 BO2 L . -30.47 8.77 -15.10
C18 BO2 L . -32.72 10.15 -13.09
O19 BO2 L . -33.89 9.93 -12.79
N20 BO2 L . -32.37 11.04 -14.03
C21 BO2 L . -33.35 11.80 -14.79
C22 BO2 L . -32.99 13.30 -14.79
C23 BO2 L . -33.42 14.05 -13.53
C24 BO2 L . -33.15 15.55 -13.70
C25 BO2 L . -34.88 13.81 -13.23
B26 BO2 L . -33.47 11.22 -16.26
O27 BO2 L . -34.31 10.19 -16.51
O28 BO2 L . -32.69 11.70 -17.26
P PO4 M . 6.29 -6.66 -32.57
O1 PO4 M . 6.05 -5.24 -33.15
O2 PO4 M . 7.75 -7.09 -32.86
O3 PO4 M . 5.31 -7.65 -33.25
O4 PO4 M . 5.98 -6.65 -30.65
N1 BO2 N . -16.33 9.75 -28.72
C2 BO2 N . -16.49 11.08 -28.71
C3 BO2 N . -17.66 11.67 -28.32
N4 BO2 N . -18.72 10.96 -27.92
C5 BO2 N . -18.56 9.63 -27.92
C6 BO2 N . -17.38 9.04 -28.30
C7 BO2 N . -15.34 11.92 -29.17
O8 BO2 N . -15.36 13.14 -29.07
N9 BO2 N . -14.32 11.25 -29.72
C10 BO2 N . -13.23 11.90 -30.40
C11 BO2 N . -12.22 10.86 -30.89
C12 BO2 N . -11.01 11.44 -31.57
C13 BO2 N . -10.40 10.79 -32.63
C14 BO2 N . -9.29 11.32 -33.26
C15 BO2 N . -8.77 12.51 -32.83
C16 BO2 N . -9.34 13.18 -31.78
C17 BO2 N . -10.46 12.65 -31.16
C18 BO2 N . -13.74 12.73 -31.57
O19 BO2 N . -14.32 12.20 -32.52
N20 BO2 N . -13.55 14.05 -31.51
C21 BO2 N . -13.80 14.94 -32.63
C22 BO2 N . -14.12 16.36 -32.17
C23 BO2 N . -15.49 16.53 -31.53
C24 BO2 N . -15.67 17.97 -31.04
C25 BO2 N . -16.59 16.17 -32.50
B26 BO2 N . -12.54 14.98 -33.58
O27 BO2 N . -12.36 14.01 -34.51
O28 BO2 N . -11.61 15.95 -33.43
P PO4 O . 29.41 9.43 -13.82
O1 PO4 O . 29.07 10.94 -13.94
O2 PO4 O . 30.63 9.24 -12.87
O3 PO4 O . 29.77 8.87 -15.23
O4 PO4 O . 27.87 8.48 -13.11
N1 BO2 P . 6.99 20.60 -26.62
C2 BO2 P . 6.37 21.77 -26.43
C3 BO2 P . 5.19 22.07 -27.08
N4 BO2 P . 4.60 21.22 -27.92
C5 BO2 P . 5.22 20.05 -28.10
C6 BO2 P . 6.40 19.75 -27.46
C7 BO2 P . 7.00 22.76 -25.50
O8 BO2 P . 6.44 23.82 -25.24
N9 BO2 P . 8.21 22.42 -25.05
C10 BO2 P . 9.12 23.39 -24.49
C11 BO2 P . 10.45 22.74 -24.13
C12 BO2 P . 11.43 23.66 -23.45
C13 BO2 P . 12.80 23.51 -23.65
C14 BO2 P . 13.70 24.35 -23.03
C15 BO2 P . 13.25 25.36 -22.21
C16 BO2 P . 11.91 25.53 -22.00
C17 BO2 P . 11.00 24.68 -22.62
C18 BO2 P . 9.33 24.52 -25.51
O19 BO2 P . 9.65 24.27 -26.66
N20 BO2 P . 9.15 25.77 -25.07
C21 BO2 P . 8.86 26.86 -25.99
C22 BO2 P . 7.63 27.64 -25.50
C23 BO2 P . 6.57 27.94 -26.56
C24 BO2 P . 5.60 29.00 -26.06
C25 BO2 P . 7.19 28.35 -27.87
B26 BO2 P . 10.14 27.79 -26.16
O27 BO2 P . 10.16 28.78 -27.09
O28 BO2 P . 11.23 27.56 -25.39
P PO4 Q . 22.83 16.66 18.51
O1 PO4 Q . 22.19 18.07 18.44
O2 PO4 Q . 22.90 16.19 20.00
O3 PO4 Q . 24.28 16.72 17.93
O4 PO4 Q . 21.76 15.40 17.49
N1 BO2 R . 14.57 31.11 -4.28
C2 BO2 R . 13.53 31.93 -4.44
C3 BO2 R . 13.08 32.30 -5.70
N4 BO2 R . 13.67 31.84 -6.81
C5 BO2 R . 14.70 31.02 -6.63
C6 BO2 R . 15.15 30.67 -5.39
C7 BO2 R . 12.85 32.46 -3.22
O8 BO2 R . 11.86 33.18 -3.29
N9 BO2 R . 13.43 32.12 -2.06
C10 BO2 R . 13.02 32.69 -0.80
C11 BO2 R . 13.83 32.10 0.36
C12 BO2 R . 13.44 32.62 1.72
C13 BO2 R . 14.40 32.82 2.70
C14 BO2 R . 14.05 33.30 3.96
C15 BO2 R . 12.73 33.58 4.24
C16 BO2 R . 11.76 33.37 3.28
C17 BO2 R . 12.12 32.90 2.03
C18 BO2 R . 13.18 34.22 -0.82
O19 BO2 R . 14.21 34.74 -1.22
N20 BO2 R . 12.13 34.92 -0.38
C21 BO2 R . 12.13 36.37 -0.32
C22 BO2 R . 10.86 36.95 -0.97
C23 BO2 R . 10.91 37.04 -2.50
C24 BO2 R . 9.67 37.76 -3.03
C25 BO2 R . 12.16 37.76 -2.94
B26 BO2 R . 12.30 36.85 1.19
O27 BO2 R . 13.53 36.98 1.71
O28 BO2 R . 11.21 37.07 1.96
#